data_7PLI
#
_entry.id   7PLI
#
_cell.length_a   58.643
_cell.length_b   121.599
_cell.length_c   122.417
_cell.angle_alpha   97.157
_cell.angle_beta   92.426
_cell.angle_gamma   103.438
#
_symmetry.space_group_name_H-M   'P 1'
#
loop_
_entity.id
_entity.type
_entity.pdbx_description
1 polymer 'ATP-dependent RNA helicase DbpA'
2 polymer "RNA (5'-D(*(POP))-R(P*GP*GP*AP*CP*AP*UP*AP*UP*GP*GP*CP*UP*GP*UP*UP*CP*GP*CP*CP*AP*UP*U)-3')"
3 non-polymer "ADENOSINE-5'-DIPHOSPHATE"
4 non-polymer 'BERYLLIUM TRIFLUORIDE ION'
5 non-polymer 'MAGNESIUM ION'
6 water water
#
loop_
_entity_poly.entity_id
_entity_poly.type
_entity_poly.pdbx_seq_one_letter_code
_entity_poly.pdbx_strand_id
1 'polypeptide(L)'
;GGMTAFSTLNVLPPAQLTNLNELGYLTMTPVQAAALPAILAGKDVRVQAKTGSGKTAAFGLGLLQQIDASLFQTQALVLC
PTRELADQVAGELRRLARFLPNTKILTLCGGQPFGMQRDSLQHAPHIIVATPGRLLDHLQKGTVSLDALNTLVMDEADRM
LDMGFSDAIDDVIRFAPASRQTLLFSATWPEAIAAISGRVQRDPLAIEIDSTDALPPIEQQFYETSSKGKIPLLQRLLSL
HQPSSCVVFCNTKKDCQAVCDALNEVGQSALSLHGDLEQRDRDQTLVRFANGSARVLVATDVAARGLDIKSLELVVNFEL
AWDPEVHVHRIGRTARAGNSGLAISFCAPEEAQRANIISDMLQIKLNWQTPPANSSIATLEAEMATLCIDGGKKAKMRPG
DVLGALTGDIGLDGADIGKIAVHPAHVYVAVRQAVAHKAWKQLQGGKIKGKTCRVRLLK
;
A,B,E,J,I,F
2 'polyribonucleotide' (POP)GGACAUAUGGCUGUUCGCCAUUU D,C,G,L,K,H
#
# COMPACT_ATOMS: atom_id res chain seq x y z
N MET A 3 -1.46 -0.78 -44.26
CA MET A 3 -2.79 -1.16 -44.70
C MET A 3 -3.05 -2.64 -44.41
N THR A 4 -4.14 -2.91 -43.70
CA THR A 4 -4.41 -4.24 -43.19
C THR A 4 -4.93 -5.17 -44.28
N ALA A 5 -4.54 -6.44 -44.20
CA ALA A 5 -5.02 -7.47 -45.11
C ALA A 5 -6.46 -7.89 -44.82
N PHE A 6 -6.99 -7.54 -43.64
CA PHE A 6 -8.38 -7.87 -43.32
C PHE A 6 -9.37 -7.24 -44.28
N SER A 7 -8.96 -6.22 -45.04
CA SER A 7 -9.85 -5.61 -46.02
C SER A 7 -10.26 -6.62 -47.10
N THR A 8 -9.42 -7.62 -47.36
CA THR A 8 -9.73 -8.62 -48.38
C THR A 8 -10.96 -9.45 -48.03
N LEU A 9 -11.46 -9.37 -46.79
CA LEU A 9 -12.69 -10.06 -46.43
C LEU A 9 -13.94 -9.38 -46.99
N ASN A 10 -13.86 -8.09 -47.31
CA ASN A 10 -14.96 -7.34 -47.94
C ASN A 10 -16.23 -7.34 -47.11
N VAL A 11 -16.09 -7.27 -45.78
CA VAL A 11 -17.25 -7.25 -44.89
C VAL A 11 -17.09 -6.17 -43.83
N LEU A 12 -15.88 -6.03 -43.30
CA LEU A 12 -15.66 -5.15 -42.17
C LEU A 12 -15.87 -3.70 -42.58
N PRO A 13 -16.52 -2.90 -41.74
CA PRO A 13 -16.73 -1.48 -42.07
C PRO A 13 -15.41 -0.72 -42.05
N PRO A 14 -15.34 0.45 -42.68
CA PRO A 14 -14.07 1.19 -42.72
C PRO A 14 -13.55 1.55 -41.34
N ALA A 15 -14.44 1.87 -40.40
CA ALA A 15 -13.99 2.20 -39.06
C ALA A 15 -13.21 1.06 -38.42
N GLN A 16 -13.64 -0.19 -38.68
CA GLN A 16 -12.91 -1.33 -38.13
C GLN A 16 -11.59 -1.55 -38.84
N LEU A 17 -11.52 -1.29 -40.15
CA LEU A 17 -10.26 -1.40 -40.88
C LEU A 17 -9.25 -0.39 -40.36
N THR A 18 -9.69 0.84 -40.10
CA THR A 18 -8.80 1.83 -39.51
C THR A 18 -8.35 1.40 -38.12
N ASN A 19 -9.28 0.85 -37.32
CA ASN A 19 -8.93 0.37 -35.99
C ASN A 19 -7.87 -0.72 -36.06
N LEU A 20 -8.06 -1.69 -36.95
CA LEU A 20 -7.08 -2.77 -37.09
C LEU A 20 -5.73 -2.24 -37.53
N ASN A 21 -5.73 -1.21 -38.38
CA ASN A 21 -4.47 -0.61 -38.82
C ASN A 21 -3.75 0.06 -37.66
N GLU A 22 -4.50 0.77 -36.82
CA GLU A 22 -3.92 1.42 -35.65
C GLU A 22 -3.47 0.40 -34.61
N LEU A 23 -4.14 -0.76 -34.54
CA LEU A 23 -3.80 -1.78 -33.57
C LEU A 23 -2.64 -2.67 -33.99
N GLY A 24 -2.22 -2.63 -35.25
CA GLY A 24 -1.16 -3.49 -35.72
C GLY A 24 -1.58 -4.81 -36.32
N TYR A 25 -2.88 -5.05 -36.51
CA TYR A 25 -3.34 -6.27 -37.19
C TYR A 25 -3.24 -6.04 -38.70
N LEU A 26 -2.02 -6.18 -39.21
CA LEU A 26 -1.73 -5.91 -40.61
C LEU A 26 -1.82 -7.16 -41.49
N THR A 27 -1.61 -8.35 -40.93
CA THR A 27 -1.74 -9.59 -41.66
C THR A 27 -2.69 -10.50 -40.92
N MET A 28 -3.52 -11.22 -41.67
CA MET A 28 -4.38 -12.24 -41.11
C MET A 28 -3.59 -13.50 -40.80
N THR A 29 -3.79 -14.05 -39.61
CA THR A 29 -3.25 -15.36 -39.32
C THR A 29 -4.06 -16.41 -40.07
N PRO A 30 -3.53 -17.63 -40.21
CA PRO A 30 -4.29 -18.68 -40.92
C PRO A 30 -5.70 -18.90 -40.40
N VAL A 31 -5.86 -19.03 -39.08
CA VAL A 31 -7.20 -19.29 -38.53
C VAL A 31 -8.12 -18.12 -38.80
N GLN A 32 -7.59 -16.90 -38.78
CA GLN A 32 -8.41 -15.74 -39.12
C GLN A 32 -8.81 -15.76 -40.59
N ALA A 33 -7.88 -16.06 -41.48
CA ALA A 33 -8.20 -16.14 -42.91
C ALA A 33 -9.15 -17.27 -43.23
N ALA A 34 -9.06 -18.39 -42.50
CA ALA A 34 -9.84 -19.57 -42.83
C ALA A 34 -11.25 -19.55 -42.24
N ALA A 35 -11.43 -18.90 -41.09
CA ALA A 35 -12.69 -18.97 -40.37
C ALA A 35 -13.53 -17.70 -40.43
N LEU A 36 -12.92 -16.54 -40.62
CA LEU A 36 -13.69 -15.30 -40.56
C LEU A 36 -14.77 -15.17 -41.64
N PRO A 37 -14.54 -15.51 -42.92
CA PRO A 37 -15.64 -15.42 -43.89
C PRO A 37 -16.89 -16.19 -43.49
N ALA A 38 -16.74 -17.42 -43.00
CA ALA A 38 -17.89 -18.21 -42.59
C ALA A 38 -18.57 -17.59 -41.38
N ILE A 39 -17.78 -17.11 -40.41
CA ILE A 39 -18.35 -16.52 -39.21
C ILE A 39 -19.10 -15.24 -39.55
N LEU A 40 -18.50 -14.39 -40.38
CA LEU A 40 -19.17 -13.16 -40.81
C LEU A 40 -20.43 -13.45 -41.60
N ALA A 41 -20.53 -14.62 -42.23
CA ALA A 41 -21.74 -15.02 -42.93
C ALA A 41 -22.79 -15.66 -42.03
N GLY A 42 -22.51 -15.82 -40.74
CA GLY A 42 -23.49 -16.32 -39.80
C GLY A 42 -23.47 -17.82 -39.58
N LYS A 43 -22.45 -18.52 -40.03
CA LYS A 43 -22.39 -19.97 -39.92
C LYS A 43 -21.80 -20.38 -38.57
N ASP A 44 -22.27 -21.53 -38.07
CA ASP A 44 -21.62 -22.17 -36.93
C ASP A 44 -20.34 -22.85 -37.41
N VAL A 45 -19.27 -22.71 -36.63
CA VAL A 45 -17.99 -23.28 -36.98
C VAL A 45 -17.37 -23.97 -35.78
N ARG A 46 -16.64 -25.05 -36.05
CA ARG A 46 -15.74 -25.67 -35.09
C ARG A 46 -14.32 -25.58 -35.65
N VAL A 47 -13.47 -24.82 -34.97
CA VAL A 47 -12.16 -24.46 -35.49
C VAL A 47 -11.09 -25.16 -34.67
N GLN A 48 -10.06 -25.67 -35.35
CA GLN A 48 -8.88 -26.24 -34.72
C GLN A 48 -7.62 -25.59 -35.32
N ALA A 49 -6.96 -24.74 -34.54
CA ALA A 49 -5.71 -24.12 -34.93
C ALA A 49 -4.76 -24.10 -33.74
N LYS A 50 -3.46 -24.11 -34.03
CA LYS A 50 -2.46 -24.24 -32.98
C LYS A 50 -2.49 -23.04 -32.03
N THR A 51 -1.82 -23.19 -30.89
CA THR A 51 -1.83 -22.17 -29.85
C THR A 51 -1.10 -20.91 -30.30
N GLY A 52 -1.56 -19.77 -29.79
CA GLY A 52 -0.92 -18.50 -30.07
C GLY A 52 -0.99 -18.07 -31.51
N SER A 53 -2.01 -18.51 -32.24
CA SER A 53 -2.14 -18.17 -33.66
C SER A 53 -3.32 -17.25 -33.94
N GLY A 54 -3.91 -16.66 -32.91
CA GLY A 54 -4.86 -15.59 -33.10
C GLY A 54 -6.33 -15.98 -33.11
N LYS A 55 -6.73 -17.06 -32.44
CA LYS A 55 -8.12 -17.47 -32.44
C LYS A 55 -9.03 -16.43 -31.79
N THR A 56 -8.51 -15.69 -30.80
CA THR A 56 -9.33 -14.72 -30.09
C THR A 56 -9.90 -13.67 -31.05
N ALA A 57 -9.04 -13.09 -31.88
CA ALA A 57 -9.52 -12.12 -32.86
C ALA A 57 -10.38 -12.78 -33.94
N ALA A 58 -10.16 -14.07 -34.19
CA ALA A 58 -10.98 -14.77 -35.17
C ALA A 58 -12.45 -14.74 -34.80
N PHE A 59 -12.79 -15.16 -33.58
CA PHE A 59 -14.19 -15.08 -33.17
C PHE A 59 -14.56 -13.70 -32.64
N GLY A 60 -13.57 -12.90 -32.23
CA GLY A 60 -13.88 -11.57 -31.75
C GLY A 60 -14.33 -10.65 -32.86
N LEU A 61 -13.58 -10.60 -33.96
CA LEU A 61 -14.00 -9.83 -35.13
C LEU A 61 -15.34 -10.34 -35.67
N GLY A 62 -15.54 -11.65 -35.61
CA GLY A 62 -16.79 -12.25 -36.03
C GLY A 62 -18.01 -11.74 -35.26
N LEU A 63 -17.98 -11.87 -33.94
CA LEU A 63 -19.15 -11.49 -33.14
C LEU A 63 -19.34 -9.98 -33.11
N LEU A 64 -18.26 -9.22 -33.23
CA LEU A 64 -18.37 -7.77 -33.21
C LEU A 64 -19.10 -7.23 -34.44
N GLN A 65 -19.05 -7.96 -35.55
CA GLN A 65 -19.75 -7.50 -36.75
C GLN A 65 -21.26 -7.51 -36.55
N GLN A 66 -21.78 -8.33 -35.63
CA GLN A 66 -23.20 -8.40 -35.32
C GLN A 66 -23.55 -7.75 -33.98
N ILE A 67 -22.89 -6.65 -33.64
CA ILE A 67 -23.21 -5.91 -32.43
C ILE A 67 -23.90 -4.61 -32.84
N ASP A 68 -25.09 -4.37 -32.29
CA ASP A 68 -25.81 -3.11 -32.45
C ASP A 68 -25.64 -2.32 -31.16
N ALA A 69 -24.88 -1.23 -31.23
CA ALA A 69 -24.60 -0.45 -30.03
C ALA A 69 -25.86 0.25 -29.51
N SER A 70 -26.81 0.56 -30.39
CA SER A 70 -28.04 1.22 -29.98
C SER A 70 -28.97 0.30 -29.20
N LEU A 71 -28.85 -1.01 -29.37
CA LEU A 71 -29.69 -1.98 -28.66
C LEU A 71 -28.98 -2.34 -27.37
N PHE A 72 -29.47 -1.82 -26.25
CA PHE A 72 -28.81 -2.01 -24.96
C PHE A 72 -29.28 -3.31 -24.30
N GLN A 73 -28.98 -4.40 -24.99
CA GLN A 73 -29.16 -5.75 -24.47
C GLN A 73 -27.93 -6.58 -24.84
N THR A 74 -27.77 -7.71 -24.16
CA THR A 74 -26.62 -8.59 -24.39
C THR A 74 -26.78 -9.33 -25.71
N GLN A 75 -25.82 -9.18 -26.61
CA GLN A 75 -25.90 -9.75 -27.95
C GLN A 75 -24.84 -10.79 -28.25
N ALA A 76 -23.73 -10.83 -27.52
CA ALA A 76 -22.70 -11.86 -27.70
C ALA A 76 -22.22 -12.34 -26.34
N LEU A 77 -21.96 -13.64 -26.23
CA LEU A 77 -21.50 -14.26 -24.99
C LEU A 77 -20.32 -15.19 -25.27
N VAL A 78 -19.22 -15.00 -24.55
CA VAL A 78 -18.02 -15.83 -24.67
C VAL A 78 -17.82 -16.58 -23.35
N LEU A 79 -17.62 -17.89 -23.45
CA LEU A 79 -17.39 -18.74 -22.29
C LEU A 79 -15.94 -19.19 -22.26
N CYS A 80 -15.31 -19.07 -21.09
CA CYS A 80 -13.92 -19.43 -20.88
C CYS A 80 -13.79 -20.36 -19.67
N PRO A 81 -12.76 -21.21 -19.64
CA PRO A 81 -12.62 -22.15 -18.52
C PRO A 81 -11.99 -21.56 -17.27
N THR A 82 -11.32 -20.41 -17.34
CA THR A 82 -10.66 -19.82 -16.19
C THR A 82 -10.93 -18.32 -16.13
N ARG A 83 -10.89 -17.77 -14.92
CA ARG A 83 -11.18 -16.35 -14.73
C ARG A 83 -10.15 -15.46 -15.41
N GLU A 84 -8.86 -15.79 -15.28
CA GLU A 84 -7.82 -14.96 -15.87
C GLU A 84 -7.93 -14.95 -17.40
N LEU A 85 -8.27 -16.09 -17.98
CA LEU A 85 -8.47 -16.15 -19.43
C LEU A 85 -9.69 -15.32 -19.85
N ALA A 86 -10.77 -15.38 -19.06
CA ALA A 86 -11.96 -14.60 -19.37
C ALA A 86 -11.65 -13.11 -19.40
N ASP A 87 -10.92 -12.61 -18.39
CA ASP A 87 -10.54 -11.19 -18.39
C ASP A 87 -9.63 -10.86 -19.56
N GLN A 88 -8.74 -11.79 -19.93
CA GLN A 88 -7.83 -11.53 -21.05
C GLN A 88 -8.60 -11.42 -22.36
N VAL A 89 -9.55 -12.33 -22.59
CA VAL A 89 -10.32 -12.29 -23.82
C VAL A 89 -11.18 -11.03 -23.88
N ALA A 90 -11.76 -10.64 -22.74
CA ALA A 90 -12.54 -9.41 -22.69
C ALA A 90 -11.65 -8.20 -22.97
N GLY A 91 -10.42 -8.22 -22.46
CA GLY A 91 -9.49 -7.12 -22.74
C GLY A 91 -9.18 -6.98 -24.21
N GLU A 92 -8.97 -8.09 -24.92
CA GLU A 92 -8.67 -7.99 -26.35
C GLU A 92 -9.93 -7.66 -27.16
N LEU A 93 -11.10 -8.12 -26.72
CA LEU A 93 -12.33 -7.72 -27.40
C LEU A 93 -12.54 -6.21 -27.32
N ARG A 94 -12.21 -5.61 -26.17
CA ARG A 94 -12.37 -4.17 -26.02
C ARG A 94 -11.50 -3.39 -27.00
N ARG A 95 -10.27 -3.84 -27.23
CA ARG A 95 -9.42 -3.16 -28.20
C ARG A 95 -9.96 -3.34 -29.61
N LEU A 96 -10.50 -4.51 -29.91
CA LEU A 96 -11.12 -4.73 -31.22
C LEU A 96 -12.42 -3.97 -31.40
N ALA A 97 -13.09 -3.60 -30.30
CA ALA A 97 -14.38 -2.91 -30.38
C ALA A 97 -14.25 -1.38 -30.42
N ARG A 98 -13.03 -0.85 -30.47
CA ARG A 98 -12.82 0.60 -30.51
C ARG A 98 -13.50 1.27 -31.70
N PHE A 99 -13.68 0.53 -32.81
CA PHE A 99 -14.35 1.09 -33.97
C PHE A 99 -15.81 1.44 -33.67
N LEU A 100 -16.40 0.78 -32.68
CA LEU A 100 -17.81 0.95 -32.33
C LEU A 100 -17.89 1.63 -30.98
N PRO A 101 -18.09 2.96 -30.93
CA PRO A 101 -18.08 3.64 -29.63
C PRO A 101 -19.19 3.15 -28.72
N ASN A 102 -18.93 3.23 -27.41
CA ASN A 102 -19.91 2.89 -26.38
C ASN A 102 -20.32 1.42 -26.43
N THR A 103 -19.37 0.55 -26.76
CA THR A 103 -19.59 -0.89 -26.70
C THR A 103 -19.17 -1.35 -25.30
N LYS A 104 -20.14 -1.83 -24.52
CA LYS A 104 -19.87 -2.26 -23.16
C LYS A 104 -19.61 -3.77 -23.15
N ILE A 105 -18.39 -4.14 -22.77
CA ILE A 105 -17.99 -5.53 -22.62
C ILE A 105 -17.73 -5.78 -21.15
N LEU A 106 -18.50 -6.70 -20.56
CA LEU A 106 -18.44 -6.95 -19.13
C LEU A 106 -17.95 -8.36 -18.87
N THR A 107 -17.12 -8.51 -17.86
CA THR A 107 -16.61 -9.82 -17.44
C THR A 107 -17.40 -10.28 -16.22
N LEU A 108 -17.80 -11.55 -16.23
CA LEU A 108 -18.57 -12.14 -15.13
C LEU A 108 -17.85 -13.40 -14.65
N CYS A 109 -17.09 -13.27 -13.58
CA CYS A 109 -16.34 -14.37 -13.02
C CYS A 109 -16.49 -14.40 -11.51
N GLY A 110 -16.18 -15.55 -10.92
CA GLY A 110 -16.11 -15.66 -9.48
C GLY A 110 -14.91 -14.93 -8.93
N GLY A 111 -14.88 -14.80 -7.60
CA GLY A 111 -13.84 -14.04 -6.95
C GLY A 111 -14.14 -12.57 -6.78
N GLN A 112 -15.01 -12.01 -7.63
CA GLN A 112 -15.61 -10.68 -7.57
C GLN A 112 -16.88 -10.74 -6.74
N PRO A 113 -17.19 -9.70 -5.97
CA PRO A 113 -18.43 -9.72 -5.18
C PRO A 113 -19.64 -9.62 -6.11
N PHE A 114 -20.68 -10.39 -5.77
CA PHE A 114 -21.86 -10.46 -6.63
C PHE A 114 -22.54 -9.10 -6.77
N GLY A 115 -22.51 -8.29 -5.71
CA GLY A 115 -23.26 -7.04 -5.72
C GLY A 115 -22.79 -6.05 -6.77
N MET A 116 -21.49 -5.91 -6.97
CA MET A 116 -20.99 -4.96 -7.97
C MET A 116 -21.36 -5.41 -9.38
N GLN A 117 -21.41 -6.71 -9.62
CA GLN A 117 -21.85 -7.19 -10.94
C GLN A 117 -23.34 -6.94 -11.16
N ARG A 118 -24.17 -7.15 -10.12
CA ARG A 118 -25.59 -6.82 -10.27
C ARG A 118 -25.78 -5.35 -10.60
N ASP A 119 -25.02 -4.46 -9.94
CA ASP A 119 -25.15 -3.03 -10.21
C ASP A 119 -24.74 -2.70 -11.64
N SER A 120 -23.63 -3.27 -12.11
CA SER A 120 -23.19 -3.03 -13.47
C SER A 120 -24.18 -3.59 -14.49
N LEU A 121 -24.90 -4.65 -14.13
CA LEU A 121 -25.81 -5.30 -15.05
C LEU A 121 -27.14 -4.57 -15.23
N GLN A 122 -27.38 -3.48 -14.49
CA GLN A 122 -28.57 -2.68 -14.76
C GLN A 122 -28.46 -2.01 -16.12
N HIS A 123 -27.26 -1.57 -16.48
CA HIS A 123 -26.93 -1.22 -17.86
C HIS A 123 -26.41 -2.48 -18.53
N ALA A 124 -27.30 -3.18 -19.23
CA ALA A 124 -26.95 -4.48 -19.78
C ALA A 124 -25.76 -4.34 -20.74
N PRO A 125 -24.73 -5.15 -20.60
CA PRO A 125 -23.59 -5.05 -21.51
C PRO A 125 -23.93 -5.68 -22.86
N HIS A 126 -23.32 -5.12 -23.91
CA HIS A 126 -23.52 -5.70 -25.23
C HIS A 126 -22.91 -7.10 -25.31
N ILE A 127 -21.74 -7.28 -24.71
CA ILE A 127 -21.00 -8.53 -24.76
C ILE A 127 -20.64 -8.95 -23.34
N ILE A 128 -20.79 -10.23 -23.04
CA ILE A 128 -20.36 -10.82 -21.77
C ILE A 128 -19.30 -11.86 -22.07
N VAL A 129 -18.17 -11.76 -21.37
CA VAL A 129 -17.17 -12.83 -21.31
C VAL A 129 -17.20 -13.36 -19.88
N ALA A 130 -17.34 -14.67 -19.73
CA ALA A 130 -17.63 -15.21 -18.41
C ALA A 130 -17.12 -16.64 -18.29
N THR A 131 -16.93 -17.04 -17.03
CA THR A 131 -16.82 -18.43 -16.63
C THR A 131 -18.21 -18.94 -16.27
N PRO A 132 -18.46 -20.24 -16.46
CA PRO A 132 -19.85 -20.72 -16.35
C PRO A 132 -20.48 -20.52 -14.98
N GLY A 133 -19.71 -20.66 -13.91
CA GLY A 133 -20.25 -20.59 -12.56
C GLY A 133 -20.96 -19.29 -12.22
N ARG A 134 -20.24 -18.17 -12.25
CA ARG A 134 -20.84 -16.89 -11.90
C ARG A 134 -21.92 -16.48 -12.90
N LEU A 135 -21.72 -16.78 -14.18
CA LEU A 135 -22.74 -16.45 -15.18
C LEU A 135 -24.05 -17.17 -14.90
N LEU A 136 -23.97 -18.45 -14.57
CA LEU A 136 -25.18 -19.21 -14.26
C LEU A 136 -25.89 -18.63 -13.05
N ASP A 137 -25.12 -18.18 -12.06
CA ASP A 137 -25.70 -17.51 -10.90
C ASP A 137 -26.52 -16.29 -11.31
N HIS A 138 -25.94 -15.44 -12.18
CA HIS A 138 -26.65 -14.25 -12.63
C HIS A 138 -27.87 -14.61 -13.46
N LEU A 139 -27.78 -15.65 -14.29
CA LEU A 139 -28.92 -16.05 -15.12
C LEU A 139 -30.07 -16.54 -14.25
N GLN A 140 -29.78 -17.33 -13.22
CA GLN A 140 -30.82 -17.88 -12.37
C GLN A 140 -31.51 -16.81 -11.53
N LYS A 141 -30.81 -15.73 -11.22
CA LYS A 141 -31.38 -14.65 -10.43
C LYS A 141 -31.94 -13.52 -11.29
N GLY A 142 -31.89 -13.67 -12.61
CA GLY A 142 -32.53 -12.72 -13.51
C GLY A 142 -31.82 -11.40 -13.64
N THR A 143 -30.51 -11.37 -13.44
CA THR A 143 -29.72 -10.17 -13.65
C THR A 143 -29.09 -10.13 -15.05
N VAL A 144 -29.11 -11.25 -15.77
CA VAL A 144 -28.60 -11.34 -17.13
C VAL A 144 -29.68 -11.97 -18.01
N SER A 145 -29.90 -11.39 -19.19
CA SER A 145 -30.83 -11.91 -20.17
C SER A 145 -30.11 -12.18 -21.48
N LEU A 146 -30.35 -13.36 -22.05
CA LEU A 146 -29.79 -13.74 -23.35
C LEU A 146 -30.80 -13.64 -24.50
N ASP A 147 -31.91 -12.93 -24.30
CA ASP A 147 -32.97 -12.92 -25.32
C ASP A 147 -32.50 -12.33 -26.64
N ALA A 148 -31.60 -11.36 -26.61
CA ALA A 148 -31.13 -10.70 -27.82
C ALA A 148 -29.81 -11.29 -28.32
N LEU A 149 -29.50 -12.53 -27.93
CA LEU A 149 -28.20 -13.11 -28.26
C LEU A 149 -28.12 -13.43 -29.74
N ASN A 150 -27.11 -12.87 -30.39
CA ASN A 150 -26.74 -13.20 -31.77
C ASN A 150 -25.74 -14.35 -31.81
N THR A 151 -24.70 -14.28 -30.97
CA THR A 151 -23.57 -15.19 -31.06
C THR A 151 -23.19 -15.70 -29.68
N LEU A 152 -22.85 -16.99 -29.60
CA LEU A 152 -22.30 -17.58 -28.39
C LEU A 152 -20.99 -18.25 -28.77
N VAL A 153 -19.91 -17.86 -28.10
CA VAL A 153 -18.58 -18.39 -28.37
C VAL A 153 -18.13 -19.20 -27.17
N MET A 154 -17.59 -20.38 -27.43
CA MET A 154 -16.96 -21.21 -26.40
C MET A 154 -15.49 -21.32 -26.75
N ASP A 155 -14.67 -20.51 -26.09
CA ASP A 155 -13.23 -20.62 -26.22
C ASP A 155 -12.75 -21.84 -25.43
N GLU A 156 -11.65 -22.42 -25.90
CA GLU A 156 -11.15 -23.68 -25.35
C GLU A 156 -12.28 -24.70 -25.27
N ALA A 157 -12.97 -24.88 -26.41
CA ALA A 157 -14.29 -25.52 -26.40
C ALA A 157 -14.22 -26.99 -26.00
N ASP A 158 -13.09 -27.66 -26.23
CA ASP A 158 -12.98 -29.05 -25.79
C ASP A 158 -12.96 -29.15 -24.28
N ARG A 159 -12.46 -28.12 -23.59
CA ARG A 159 -12.53 -28.10 -22.14
C ARG A 159 -13.93 -27.74 -21.66
N MET A 160 -14.61 -26.83 -22.35
CA MET A 160 -15.95 -26.45 -21.94
C MET A 160 -16.96 -27.58 -22.15
N LEU A 161 -16.65 -28.55 -23.00
CA LEU A 161 -17.55 -29.65 -23.30
C LEU A 161 -17.15 -30.95 -22.59
N ASP A 162 -16.16 -30.91 -21.71
CA ASP A 162 -15.73 -32.12 -21.02
C ASP A 162 -16.72 -32.48 -19.91
N MET A 163 -16.38 -33.56 -19.18
CA MET A 163 -17.29 -34.06 -18.16
C MET A 163 -17.50 -33.05 -17.04
N GLY A 164 -16.47 -32.26 -16.73
CA GLY A 164 -16.56 -31.32 -15.64
C GLY A 164 -17.42 -30.10 -15.92
N PHE A 165 -17.48 -29.66 -17.18
CA PHE A 165 -18.21 -28.44 -17.52
C PHE A 165 -19.55 -28.68 -18.21
N SER A 166 -19.83 -29.91 -18.66
CA SER A 166 -20.99 -30.14 -19.53
C SER A 166 -22.29 -29.71 -18.87
N ASP A 167 -22.50 -30.07 -17.60
CA ASP A 167 -23.74 -29.72 -16.91
C ASP A 167 -23.90 -28.21 -16.81
N ALA A 168 -22.84 -27.52 -16.38
CA ALA A 168 -22.92 -26.06 -16.28
C ALA A 168 -23.14 -25.44 -17.65
N ILE A 169 -22.47 -25.97 -18.68
CA ILE A 169 -22.67 -25.46 -20.03
C ILE A 169 -24.11 -25.70 -20.49
N ASP A 170 -24.64 -26.90 -20.20
CA ASP A 170 -26.04 -27.18 -20.53
C ASP A 170 -26.99 -26.25 -19.80
N ASP A 171 -26.69 -25.96 -18.53
CA ASP A 171 -27.56 -25.08 -17.75
C ASP A 171 -27.58 -23.67 -18.33
N VAL A 172 -26.43 -23.21 -18.85
CA VAL A 172 -26.37 -21.87 -19.44
C VAL A 172 -27.15 -21.83 -20.75
N ILE A 173 -26.98 -22.86 -21.59
CA ILE A 173 -27.57 -22.86 -22.92
C ILE A 173 -29.10 -22.85 -22.87
N ARG A 174 -29.72 -23.40 -21.82
CA ARG A 174 -31.18 -23.28 -21.77
C ARG A 174 -31.62 -21.82 -21.66
N PHE A 175 -30.74 -20.95 -21.18
CA PHE A 175 -31.06 -19.53 -21.19
C PHE A 175 -30.82 -18.88 -22.54
N ALA A 176 -30.11 -19.57 -23.44
CA ALA A 176 -29.77 -18.97 -24.73
C ALA A 176 -30.82 -19.32 -25.78
N PRO A 177 -31.03 -18.43 -26.74
CA PRO A 177 -31.94 -18.75 -27.85
C PRO A 177 -31.36 -19.87 -28.70
N ALA A 178 -32.25 -20.64 -29.32
CA ALA A 178 -31.81 -21.66 -30.26
C ALA A 178 -31.34 -21.06 -31.59
N SER A 179 -31.95 -19.94 -32.00
CA SER A 179 -31.57 -19.26 -33.24
C SER A 179 -30.37 -18.37 -32.93
N ARG A 180 -29.19 -18.99 -32.89
CA ARG A 180 -27.95 -18.30 -32.55
C ARG A 180 -26.80 -18.87 -33.35
N GLN A 181 -25.80 -18.02 -33.61
CA GLN A 181 -24.53 -18.49 -34.12
C GLN A 181 -23.69 -19.02 -32.96
N THR A 182 -23.17 -20.24 -33.12
CA THR A 182 -22.36 -20.86 -32.08
C THR A 182 -20.98 -21.17 -32.63
N LEU A 183 -19.96 -20.57 -32.03
CA LEU A 183 -18.57 -20.70 -32.46
C LEU A 183 -17.81 -21.50 -31.41
N LEU A 184 -17.07 -22.51 -31.85
CA LEU A 184 -16.26 -23.34 -30.96
C LEU A 184 -14.82 -23.30 -31.46
N PHE A 185 -13.91 -22.85 -30.60
CA PHE A 185 -12.51 -22.68 -30.95
C PHE A 185 -11.65 -23.43 -29.95
N SER A 186 -10.62 -24.12 -30.44
CA SER A 186 -9.63 -24.74 -29.57
C SER A 186 -8.45 -25.22 -30.40
N ALA A 187 -7.32 -25.40 -29.73
CA ALA A 187 -6.15 -26.01 -30.34
C ALA A 187 -6.13 -27.53 -30.25
N THR A 188 -6.99 -28.12 -29.42
CA THR A 188 -7.05 -29.56 -29.24
C THR A 188 -8.50 -30.01 -29.29
N TRP A 189 -8.74 -31.15 -29.94
CA TRP A 189 -10.09 -31.70 -30.07
C TRP A 189 -10.02 -33.22 -29.97
N PRO A 190 -10.15 -33.76 -28.76
CA PRO A 190 -10.32 -35.22 -28.62
C PRO A 190 -11.54 -35.72 -29.36
N GLU A 191 -11.40 -36.86 -30.03
CA GLU A 191 -12.47 -37.40 -30.88
C GLU A 191 -13.78 -37.53 -30.13
N ALA A 192 -13.74 -37.96 -28.87
CA ALA A 192 -14.96 -38.08 -28.09
C ALA A 192 -15.65 -36.73 -27.94
N ILE A 193 -14.88 -35.69 -27.61
CA ILE A 193 -15.46 -34.36 -27.44
C ILE A 193 -15.90 -33.79 -28.78
N ALA A 194 -15.12 -34.00 -29.83
CA ALA A 194 -15.46 -33.45 -31.14
C ALA A 194 -16.71 -34.11 -31.72
N ALA A 195 -16.92 -35.40 -31.45
CA ALA A 195 -18.09 -36.09 -31.98
C ALA A 195 -19.37 -35.54 -31.39
N ILE A 196 -19.37 -35.19 -30.09
CA ILE A 196 -20.57 -34.66 -29.45
C ILE A 196 -20.68 -33.15 -29.56
N SER A 197 -19.69 -32.47 -30.15
CA SER A 197 -19.68 -31.01 -30.16
C SER A 197 -20.85 -30.42 -30.94
N GLY A 198 -21.47 -31.18 -31.84
CA GLY A 198 -22.61 -30.68 -32.58
C GLY A 198 -23.85 -30.47 -31.75
N ARG A 199 -23.89 -30.95 -30.49
CA ARG A 199 -25.07 -30.77 -29.65
C ARG A 199 -25.38 -29.32 -29.37
N VAL A 200 -24.40 -28.43 -29.44
CA VAL A 200 -24.56 -27.02 -29.12
C VAL A 200 -24.54 -26.15 -30.35
N GLN A 201 -24.49 -26.75 -31.53
CA GLN A 201 -24.37 -26.06 -32.81
C GLN A 201 -25.52 -26.44 -33.73
N ARG A 202 -25.67 -25.64 -34.78
CA ARG A 202 -26.68 -25.83 -35.82
C ARG A 202 -25.96 -25.81 -37.17
N ASP A 203 -25.84 -27.00 -37.82
CA ASP A 203 -25.20 -27.13 -39.13
C ASP A 203 -23.83 -26.48 -39.08
N PRO A 204 -22.86 -27.06 -38.36
CA PRO A 204 -21.53 -26.42 -38.24
C PRO A 204 -20.58 -26.84 -39.34
N LEU A 205 -19.73 -25.89 -39.71
CA LEU A 205 -18.62 -26.13 -40.62
C LEU A 205 -17.40 -26.52 -39.80
N ALA A 206 -16.75 -27.61 -40.19
CA ALA A 206 -15.52 -28.06 -39.54
C ALA A 206 -14.33 -27.43 -40.25
N ILE A 207 -13.58 -26.60 -39.52
CA ILE A 207 -12.41 -25.92 -40.05
C ILE A 207 -11.22 -26.37 -39.21
N GLU A 208 -10.58 -27.45 -39.64
CA GLU A 208 -9.45 -28.05 -38.93
C GLU A 208 -8.18 -27.81 -39.74
N ILE A 209 -7.56 -26.65 -39.52
CA ILE A 209 -6.42 -26.27 -40.33
C ILE A 209 -5.08 -26.74 -39.77
N ASP A 210 -5.02 -27.08 -38.48
CA ASP A 210 -3.81 -27.61 -37.86
C ASP A 210 -4.15 -28.94 -37.21
N SER A 211 -3.46 -29.99 -37.64
CA SER A 211 -3.58 -31.27 -36.98
C SER A 211 -3.01 -31.16 -35.56
N THR A 212 -3.32 -32.17 -34.74
CA THR A 212 -2.97 -32.09 -33.33
C THR A 212 -1.46 -32.07 -33.09
N ASP A 213 -0.65 -32.57 -34.01
CA ASP A 213 0.80 -32.57 -33.89
C ASP A 213 1.45 -31.36 -34.55
N ALA A 214 0.67 -30.40 -35.04
CA ALA A 214 1.22 -29.22 -35.71
C ALA A 214 1.37 -28.11 -34.69
N LEU A 215 2.47 -28.17 -33.94
CA LEU A 215 2.77 -27.23 -32.87
C LEU A 215 3.46 -25.98 -33.41
N PRO A 216 3.45 -24.89 -32.63
CA PRO A 216 4.35 -23.77 -32.92
C PRO A 216 5.80 -24.19 -32.73
N PRO A 217 6.77 -23.38 -33.17
CA PRO A 217 8.18 -23.79 -33.08
C PRO A 217 8.69 -23.88 -31.65
N ILE A 218 8.41 -25.00 -30.98
CA ILE A 218 8.81 -25.22 -29.59
C ILE A 218 9.87 -26.31 -29.55
N GLU A 219 11.06 -25.97 -29.05
CA GLU A 219 12.08 -26.96 -28.76
C GLU A 219 11.73 -27.62 -27.43
N GLN A 220 11.80 -28.95 -27.40
CA GLN A 220 11.44 -29.72 -26.21
C GLN A 220 12.63 -30.52 -25.70
N GLN A 221 12.85 -30.46 -24.38
CA GLN A 221 13.89 -31.22 -23.70
C GLN A 221 13.25 -31.97 -22.54
N PHE A 222 13.75 -33.18 -22.28
CA PHE A 222 13.23 -34.03 -21.21
C PHE A 222 14.34 -34.46 -20.28
N TYR A 223 14.06 -34.45 -18.98
CA TYR A 223 14.99 -34.85 -17.94
C TYR A 223 14.41 -35.99 -17.11
N GLU A 224 15.17 -37.08 -17.00
CA GLU A 224 14.88 -38.09 -16.00
C GLU A 224 15.30 -37.58 -14.62
N THR A 225 14.44 -37.78 -13.63
CA THR A 225 14.76 -37.37 -12.28
C THR A 225 13.81 -38.06 -11.31
N SER A 226 14.30 -38.35 -10.12
CA SER A 226 13.42 -38.74 -9.05
C SER A 226 12.57 -37.54 -8.63
N SER A 227 11.45 -37.82 -7.96
CA SER A 227 10.63 -36.74 -7.43
C SER A 227 11.42 -35.87 -6.46
N LYS A 228 12.31 -36.49 -5.69
CA LYS A 228 13.12 -35.74 -4.72
C LYS A 228 14.12 -34.82 -5.42
N GLY A 229 14.64 -35.22 -6.57
CA GLY A 229 15.59 -34.39 -7.27
C GLY A 229 15.02 -33.29 -8.14
N LYS A 230 13.69 -33.16 -8.20
CA LYS A 230 13.09 -32.22 -9.15
C LYS A 230 13.39 -30.77 -8.78
N ILE A 231 13.20 -30.41 -7.51
CA ILE A 231 13.40 -29.02 -7.11
C ILE A 231 14.87 -28.62 -7.24
N PRO A 232 15.84 -29.42 -6.76
CA PRO A 232 17.24 -29.06 -7.05
C PRO A 232 17.53 -28.97 -8.54
N LEU A 233 17.01 -29.90 -9.36
CA LEU A 233 17.21 -29.82 -10.80
C LEU A 233 16.63 -28.54 -11.37
N LEU A 234 15.40 -28.19 -10.97
CA LEU A 234 14.77 -26.97 -11.46
C LEU A 234 15.59 -25.73 -11.13
N GLN A 235 16.10 -25.65 -9.90
CA GLN A 235 16.90 -24.49 -9.51
C GLN A 235 18.17 -24.39 -10.35
N ARG A 236 18.80 -25.52 -10.64
CA ARG A 236 20.01 -25.53 -11.45
C ARG A 236 19.72 -25.24 -12.92
N LEU A 237 18.58 -25.72 -13.43
CA LEU A 237 18.24 -25.43 -14.82
C LEU A 237 17.88 -23.96 -15.02
N LEU A 238 17.20 -23.36 -14.04
CA LEU A 238 16.92 -21.93 -14.12
C LEU A 238 18.21 -21.12 -14.02
N SER A 239 19.19 -21.61 -13.25
CA SER A 239 20.49 -20.94 -13.19
C SER A 239 21.23 -21.06 -14.51
N LEU A 240 21.08 -22.19 -15.20
CA LEU A 240 21.77 -22.36 -16.48
C LEU A 240 21.17 -21.45 -17.55
N HIS A 241 19.85 -21.51 -17.73
CA HIS A 241 19.20 -20.83 -18.84
C HIS A 241 18.98 -19.35 -18.56
N GLN A 242 18.86 -18.97 -17.29
CA GLN A 242 18.60 -17.58 -16.85
C GLN A 242 17.45 -16.98 -17.66
N PRO A 243 16.28 -17.61 -17.73
CA PRO A 243 15.21 -17.08 -18.59
C PRO A 243 14.70 -15.74 -18.09
N SER A 244 14.41 -14.85 -19.03
CA SER A 244 13.77 -13.58 -18.67
C SER A 244 12.42 -13.81 -18.05
N SER A 245 11.70 -14.84 -18.51
CA SER A 245 10.42 -15.23 -17.94
C SER A 245 10.25 -16.73 -18.12
N CYS A 246 9.60 -17.36 -17.15
CA CYS A 246 9.45 -18.80 -17.14
C CYS A 246 8.18 -19.19 -16.39
N VAL A 247 7.45 -20.15 -16.93
CA VAL A 247 6.27 -20.71 -16.29
C VAL A 247 6.58 -22.16 -15.93
N VAL A 248 6.44 -22.50 -14.66
CA VAL A 248 6.65 -23.85 -14.16
C VAL A 248 5.29 -24.43 -13.79
N PHE A 249 4.94 -25.56 -14.41
CA PHE A 249 3.63 -26.18 -14.23
C PHE A 249 3.73 -27.36 -13.28
N CYS A 250 2.81 -27.43 -12.32
CA CYS A 250 2.68 -28.54 -11.40
C CYS A 250 1.28 -29.12 -11.48
N ASN A 251 1.13 -30.35 -11.03
CA ASN A 251 -0.15 -31.04 -11.09
C ASN A 251 -1.01 -30.83 -9.85
N THR A 252 -0.46 -30.27 -8.77
CA THR A 252 -1.23 -30.05 -7.55
C THR A 252 -0.95 -28.67 -7.00
N LYS A 253 -1.95 -28.11 -6.30
CA LYS A 253 -1.77 -26.82 -5.67
C LYS A 253 -0.72 -26.87 -4.57
N LYS A 254 -0.55 -28.04 -3.95
CA LYS A 254 0.45 -28.22 -2.91
C LYS A 254 1.85 -28.13 -3.49
N ASP A 255 2.12 -28.90 -4.56
CA ASP A 255 3.40 -28.83 -5.23
C ASP A 255 3.66 -27.43 -5.81
N CYS A 256 2.60 -26.77 -6.30
CA CYS A 256 2.75 -25.45 -6.87
C CYS A 256 3.32 -24.46 -5.85
N GLN A 257 2.72 -24.40 -4.66
CA GLN A 257 3.21 -23.46 -3.65
C GLN A 257 4.55 -23.89 -3.08
N ALA A 258 4.78 -25.20 -2.97
CA ALA A 258 6.06 -25.69 -2.47
C ALA A 258 7.21 -25.32 -3.39
N VAL A 259 7.01 -25.47 -4.70
CA VAL A 259 8.06 -25.11 -5.66
C VAL A 259 8.32 -23.61 -5.64
N CYS A 260 7.27 -22.80 -5.56
CA CYS A 260 7.44 -21.36 -5.48
C CYS A 260 8.26 -20.96 -4.27
N ASP A 261 7.98 -21.56 -3.10
CA ASP A 261 8.72 -21.21 -1.89
C ASP A 261 10.16 -21.67 -1.99
N ALA A 262 10.41 -22.82 -2.63
CA ALA A 262 11.77 -23.29 -2.80
C ALA A 262 12.57 -22.38 -3.73
N LEU A 263 11.93 -21.88 -4.78
CA LEU A 263 12.62 -20.96 -5.70
C LEU A 263 12.92 -19.63 -5.02
N ASN A 264 11.99 -19.13 -4.21
CA ASN A 264 12.23 -17.85 -3.55
C ASN A 264 13.27 -17.98 -2.44
N GLU A 265 13.46 -19.18 -1.91
CA GLU A 265 14.46 -19.39 -0.88
C GLU A 265 15.88 -19.28 -1.43
N VAL A 266 16.08 -19.62 -2.71
CA VAL A 266 17.39 -19.49 -3.34
C VAL A 266 17.50 -18.20 -4.15
N GLY A 267 16.53 -17.30 -4.03
CA GLY A 267 16.62 -16.00 -4.66
C GLY A 267 16.18 -15.94 -6.10
N GLN A 268 15.44 -16.93 -6.58
CA GLN A 268 14.93 -16.96 -7.95
C GLN A 268 13.49 -16.43 -7.91
N SER A 269 13.32 -15.16 -8.29
CA SER A 269 12.08 -14.41 -8.14
C SER A 269 10.88 -15.16 -8.70
N ALA A 270 10.01 -15.66 -7.82
CA ALA A 270 8.91 -16.52 -8.23
C ALA A 270 7.61 -16.12 -7.54
N LEU A 271 6.51 -16.21 -8.28
CA LEU A 271 5.16 -16.10 -7.76
C LEU A 271 4.40 -17.37 -8.09
N SER A 272 3.26 -17.57 -7.42
CA SER A 272 2.45 -18.75 -7.63
C SER A 272 1.05 -18.35 -8.10
N LEU A 273 0.43 -19.24 -8.86
CA LEU A 273 -0.91 -19.03 -9.42
C LEU A 273 -1.69 -20.33 -9.33
N HIS A 274 -2.67 -20.38 -8.44
CA HIS A 274 -3.50 -21.56 -8.29
C HIS A 274 -4.80 -21.17 -7.60
N GLY A 275 -5.73 -22.14 -7.56
CA GLY A 275 -7.11 -21.93 -7.14
C GLY A 275 -7.36 -21.73 -5.66
N ASP A 276 -6.37 -21.96 -4.80
CA ASP A 276 -6.51 -21.70 -3.36
C ASP A 276 -6.08 -20.30 -2.97
N LEU A 277 -5.59 -19.51 -3.93
CA LEU A 277 -5.20 -18.14 -3.68
C LEU A 277 -6.44 -17.24 -3.67
N GLU A 278 -6.34 -16.11 -2.94
CA GLU A 278 -7.37 -15.09 -3.05
C GLU A 278 -7.40 -14.59 -4.49
N GLN A 279 -8.59 -14.24 -4.97
CA GLN A 279 -8.71 -13.81 -6.37
C GLN A 279 -7.86 -12.57 -6.65
N ARG A 280 -7.78 -11.64 -5.69
CA ARG A 280 -6.93 -10.47 -5.87
C ARG A 280 -5.47 -10.87 -6.06
N ASP A 281 -5.01 -11.88 -5.33
CA ASP A 281 -3.64 -12.33 -5.49
C ASP A 281 -3.43 -12.99 -6.85
N ARG A 282 -4.43 -13.75 -7.34
CA ARG A 282 -4.33 -14.32 -8.67
C ARG A 282 -4.18 -13.23 -9.73
N ASP A 283 -5.00 -12.18 -9.63
CA ASP A 283 -4.94 -11.10 -10.62
C ASP A 283 -3.62 -10.34 -10.55
N GLN A 284 -3.17 -10.01 -9.33
CA GLN A 284 -1.93 -9.26 -9.18
C GLN A 284 -0.71 -10.09 -9.53
N THR A 285 -0.75 -11.41 -9.28
CA THR A 285 0.35 -12.26 -9.69
C THR A 285 0.51 -12.29 -11.20
N LEU A 286 -0.60 -12.40 -11.93
CA LEU A 286 -0.53 -12.43 -13.39
C LEU A 286 -0.05 -11.10 -13.93
N VAL A 287 -0.48 -9.98 -13.32
CA VAL A 287 0.01 -8.66 -13.72
C VAL A 287 1.52 -8.57 -13.53
N ARG A 288 2.01 -8.94 -12.35
CA ARG A 288 3.43 -8.78 -12.06
C ARG A 288 4.31 -9.71 -12.88
N PHE A 289 3.84 -10.93 -13.16
CA PHE A 289 4.63 -11.80 -14.01
C PHE A 289 4.67 -11.28 -15.43
N ALA A 290 3.54 -10.82 -15.95
CA ALA A 290 3.47 -10.35 -17.33
C ALA A 290 4.31 -9.09 -17.55
N ASN A 291 4.43 -8.23 -16.54
CA ASN A 291 5.13 -6.97 -16.73
C ASN A 291 6.60 -7.04 -16.31
N GLY A 292 7.09 -8.19 -15.88
CA GLY A 292 8.48 -8.35 -15.54
C GLY A 292 8.83 -8.14 -14.08
N SER A 293 7.84 -8.04 -13.20
CA SER A 293 8.07 -7.89 -11.77
C SER A 293 8.31 -9.23 -11.08
N ALA A 294 8.34 -10.31 -11.84
CA ALA A 294 8.72 -11.62 -11.34
C ALA A 294 9.32 -12.40 -12.49
N ARG A 295 10.31 -13.24 -12.19
CA ARG A 295 10.98 -13.99 -13.24
C ARG A 295 10.29 -15.31 -13.57
N VAL A 296 9.81 -16.01 -12.55
CA VAL A 296 9.22 -17.33 -12.71
C VAL A 296 7.80 -17.31 -12.17
N LEU A 297 6.88 -17.91 -12.91
CA LEU A 297 5.51 -18.13 -12.47
C LEU A 297 5.29 -19.63 -12.29
N VAL A 298 4.96 -20.04 -11.07
CA VAL A 298 4.65 -21.44 -10.77
C VAL A 298 3.12 -21.56 -10.72
N ALA A 299 2.57 -22.42 -11.56
CA ALA A 299 1.12 -22.48 -11.72
C ALA A 299 0.66 -23.92 -11.88
N THR A 300 -0.60 -24.16 -11.52
CA THR A 300 -1.33 -25.35 -11.91
C THR A 300 -1.93 -25.14 -13.28
N ASP A 301 -2.77 -26.07 -13.73
CA ASP A 301 -3.40 -25.96 -15.06
C ASP A 301 -4.42 -24.83 -15.14
N VAL A 302 -4.62 -24.03 -14.10
CA VAL A 302 -5.40 -22.79 -14.23
C VAL A 302 -4.75 -21.85 -15.25
N ALA A 303 -3.46 -22.03 -15.51
CA ALA A 303 -2.73 -21.23 -16.48
C ALA A 303 -2.35 -22.04 -17.72
N ALA A 304 -2.90 -23.24 -17.87
CA ALA A 304 -2.49 -24.09 -18.99
C ALA A 304 -3.01 -23.57 -20.33
N ARG A 305 -4.17 -22.93 -20.34
CA ARG A 305 -4.86 -22.60 -21.58
C ARG A 305 -5.00 -21.10 -21.76
N GLY A 306 -4.71 -20.64 -22.98
CA GLY A 306 -5.14 -19.34 -23.46
C GLY A 306 -4.35 -18.14 -22.96
N LEU A 307 -3.69 -18.23 -21.81
CA LEU A 307 -2.97 -17.08 -21.29
C LEU A 307 -1.88 -16.64 -22.27
N ASP A 308 -1.88 -15.34 -22.59
CA ASP A 308 -1.01 -14.79 -23.61
C ASP A 308 0.01 -13.86 -22.94
N ILE A 309 1.09 -14.46 -22.45
CA ILE A 309 2.19 -13.72 -21.85
C ILE A 309 3.22 -13.45 -22.94
N LYS A 310 3.51 -12.18 -23.18
CA LYS A 310 4.28 -11.78 -24.35
C LYS A 310 5.74 -12.20 -24.23
N SER A 311 6.25 -12.90 -25.25
CA SER A 311 7.65 -13.25 -25.36
C SER A 311 8.12 -14.12 -24.19
N LEU A 312 7.24 -15.01 -23.72
CA LEU A 312 7.61 -15.99 -22.70
C LEU A 312 8.74 -16.89 -23.21
N GLU A 313 9.84 -16.94 -22.45
CA GLU A 313 11.04 -17.61 -22.92
C GLU A 313 11.03 -19.11 -22.66
N LEU A 314 10.47 -19.56 -21.54
CA LEU A 314 10.66 -20.94 -21.14
C LEU A 314 9.43 -21.47 -20.41
N VAL A 315 9.03 -22.70 -20.74
CA VAL A 315 8.02 -23.44 -20.00
C VAL A 315 8.68 -24.70 -19.43
N VAL A 316 8.41 -24.98 -18.16
CA VAL A 316 8.91 -26.17 -17.49
C VAL A 316 7.73 -26.98 -16.96
N ASN A 317 7.69 -28.26 -17.32
CA ASN A 317 6.73 -29.20 -16.74
C ASN A 317 7.38 -29.86 -15.54
N PHE A 318 7.10 -29.32 -14.35
CA PHE A 318 7.58 -29.96 -13.12
C PHE A 318 7.08 -31.40 -13.03
N GLU A 319 5.81 -31.62 -13.37
CA GLU A 319 5.25 -32.95 -13.56
C GLU A 319 4.43 -32.94 -14.84
N LEU A 320 4.49 -34.03 -15.59
CA LEU A 320 3.72 -34.14 -16.81
C LEU A 320 2.23 -34.14 -16.51
N ALA A 321 1.46 -33.47 -17.36
CA ALA A 321 0.02 -33.38 -17.16
C ALA A 321 -0.65 -34.73 -17.30
N TRP A 322 -1.81 -34.88 -16.66
CA TRP A 322 -2.55 -36.13 -16.72
C TRP A 322 -2.95 -36.46 -18.14
N ASP A 323 -3.39 -35.45 -18.91
CA ASP A 323 -3.81 -35.67 -20.29
C ASP A 323 -2.79 -35.08 -21.26
N PRO A 324 -2.55 -35.75 -22.40
CA PRO A 324 -1.57 -35.20 -23.35
C PRO A 324 -2.00 -33.88 -23.97
N GLU A 325 -3.30 -33.65 -24.15
CA GLU A 325 -3.77 -32.37 -24.67
C GLU A 325 -3.35 -31.21 -23.78
N VAL A 326 -3.37 -31.41 -22.46
CA VAL A 326 -2.96 -30.34 -21.56
C VAL A 326 -1.49 -30.01 -21.73
N HIS A 327 -0.67 -31.03 -22.02
CA HIS A 327 0.73 -30.78 -22.31
C HIS A 327 0.90 -29.84 -23.50
N VAL A 328 0.07 -30.01 -24.53
CA VAL A 328 0.13 -29.14 -25.70
C VAL A 328 -0.21 -27.71 -25.32
N HIS A 329 -1.22 -27.52 -24.48
CA HIS A 329 -1.62 -26.18 -24.09
C HIS A 329 -0.57 -25.53 -23.19
N ARG A 330 0.06 -26.33 -22.32
CA ARG A 330 1.09 -25.80 -21.41
C ARG A 330 2.26 -25.22 -22.19
N ILE A 331 2.89 -26.05 -23.04
CA ILE A 331 4.04 -25.56 -23.80
C ILE A 331 3.62 -24.46 -24.77
N GLY A 332 2.33 -24.39 -25.10
CA GLY A 332 1.80 -23.31 -25.92
C GLY A 332 1.84 -21.95 -25.26
N ARG A 333 2.19 -21.86 -23.97
CA ARG A 333 2.35 -20.56 -23.34
C ARG A 333 3.53 -19.79 -23.93
N THR A 334 4.51 -20.50 -24.49
CA THR A 334 5.60 -19.89 -25.23
C THR A 334 5.40 -20.11 -26.73
N ALA A 335 6.27 -19.48 -27.51
CA ALA A 335 6.24 -19.55 -28.97
C ALA A 335 4.87 -19.14 -29.51
N ARG A 336 4.48 -17.91 -29.18
CA ARG A 336 3.22 -17.33 -29.59
C ARG A 336 3.44 -16.22 -30.60
N ALA A 337 2.44 -16.02 -31.46
CA ALA A 337 2.42 -14.91 -32.42
C ALA A 337 3.69 -14.88 -33.27
N GLY A 338 4.17 -16.06 -33.66
CA GLY A 338 5.29 -16.18 -34.55
C GLY A 338 6.62 -16.39 -33.86
N ASN A 339 6.66 -16.31 -32.54
CA ASN A 339 7.88 -16.50 -31.78
C ASN A 339 8.20 -17.99 -31.64
N SER A 340 9.44 -18.27 -31.23
CA SER A 340 9.88 -19.60 -30.85
C SER A 340 9.93 -19.73 -29.34
N GLY A 341 10.17 -20.95 -28.86
CA GLY A 341 10.25 -21.16 -27.42
C GLY A 341 10.84 -22.51 -27.08
N LEU A 342 11.15 -22.66 -25.80
CA LEU A 342 11.74 -23.87 -25.25
C LEU A 342 10.85 -24.40 -24.13
N ALA A 343 10.60 -25.71 -24.14
CA ALA A 343 9.78 -26.36 -23.13
C ALA A 343 10.54 -27.55 -22.56
N ILE A 344 10.90 -27.46 -21.28
CA ILE A 344 11.58 -28.55 -20.57
C ILE A 344 10.55 -29.31 -19.74
N SER A 345 10.66 -30.64 -19.72
CA SER A 345 9.75 -31.49 -18.96
C SER A 345 10.55 -32.44 -18.08
N PHE A 346 10.13 -32.56 -16.82
CA PHE A 346 10.71 -33.51 -15.89
C PHE A 346 9.91 -34.81 -15.91
N CYS A 347 10.60 -35.94 -15.80
CA CYS A 347 9.93 -37.25 -15.87
C CYS A 347 10.48 -38.17 -14.80
N ALA A 348 9.67 -38.46 -13.79
CA ALA A 348 9.97 -39.51 -12.83
C ALA A 348 9.51 -40.87 -13.39
N PRO A 349 10.00 -41.98 -12.82
CA PRO A 349 9.64 -43.29 -13.38
C PRO A 349 8.14 -43.55 -13.47
N GLU A 350 7.35 -43.02 -12.55
CA GLU A 350 5.91 -43.20 -12.59
C GLU A 350 5.26 -42.43 -13.74
N GLU A 351 5.93 -41.41 -14.27
CA GLU A 351 5.39 -40.55 -15.31
C GLU A 351 5.90 -40.92 -16.70
N ALA A 352 6.62 -42.04 -16.82
CA ALA A 352 7.16 -42.43 -18.11
C ALA A 352 6.07 -42.69 -19.13
N GLN A 353 4.96 -43.29 -18.72
CA GLN A 353 3.90 -43.61 -19.67
C GLN A 353 3.24 -42.34 -20.22
N ARG A 354 3.07 -41.31 -19.38
CA ARG A 354 2.55 -40.06 -19.91
C ARG A 354 3.48 -39.44 -20.95
N ALA A 355 4.79 -39.63 -20.77
CA ALA A 355 5.74 -39.15 -21.77
C ALA A 355 5.61 -39.91 -23.08
N ASN A 356 5.33 -41.21 -23.00
CA ASN A 356 5.16 -42.00 -24.21
C ASN A 356 3.90 -41.58 -24.97
N ILE A 357 2.80 -41.33 -24.24
CA ILE A 357 1.56 -40.90 -24.86
C ILE A 357 1.76 -39.57 -25.58
N ILE A 358 2.52 -38.66 -24.97
CA ILE A 358 2.83 -37.39 -25.60
C ILE A 358 3.67 -37.61 -26.85
N SER A 359 4.62 -38.54 -26.77
CA SER A 359 5.47 -38.86 -27.93
C SER A 359 4.65 -39.32 -29.12
N ASP A 360 3.73 -40.26 -28.90
CA ASP A 360 2.90 -40.77 -29.99
C ASP A 360 1.99 -39.68 -30.54
N MET A 361 1.25 -38.99 -29.68
CA MET A 361 0.26 -38.02 -30.15
C MET A 361 0.91 -36.92 -30.97
N LEU A 362 2.08 -36.44 -30.53
CA LEU A 362 2.76 -35.35 -31.22
C LEU A 362 3.72 -35.83 -32.30
N GLN A 363 3.96 -37.14 -32.41
CA GLN A 363 4.90 -37.70 -33.36
C GLN A 363 6.24 -36.96 -33.33
N ILE A 364 6.76 -36.82 -32.12
CA ILE A 364 8.05 -36.20 -31.86
C ILE A 364 8.91 -37.21 -31.10
N LYS A 365 10.22 -37.08 -31.29
CA LYS A 365 11.19 -37.89 -30.58
C LYS A 365 11.65 -37.13 -29.35
N LEU A 366 11.56 -37.76 -28.18
CA LEU A 366 11.89 -37.04 -26.96
C LEU A 366 13.41 -36.87 -26.87
N ASN A 367 13.84 -35.64 -26.65
CA ASN A 367 15.25 -35.33 -26.55
C ASN A 367 15.63 -35.39 -25.08
N TRP A 368 16.02 -36.57 -24.62
CA TRP A 368 16.40 -36.73 -23.23
C TRP A 368 17.76 -36.10 -23.00
N GLN A 369 17.85 -35.28 -21.95
CA GLN A 369 19.05 -34.53 -21.65
C GLN A 369 19.81 -35.14 -20.48
N THR A 370 21.12 -34.97 -20.50
CA THR A 370 21.96 -35.35 -19.38
C THR A 370 22.00 -34.20 -18.37
N PRO A 371 21.97 -34.50 -17.08
CA PRO A 371 21.80 -33.45 -16.07
C PRO A 371 22.97 -32.47 -16.10
N PRO A 372 22.77 -31.25 -15.60
CA PRO A 372 23.77 -30.20 -15.81
C PRO A 372 25.12 -30.54 -15.17
N ALA A 373 26.19 -30.01 -15.76
CA ALA A 373 27.53 -30.24 -15.24
C ALA A 373 27.79 -29.42 -13.98
N ASN A 374 27.31 -28.18 -13.95
CA ASN A 374 27.45 -27.33 -12.77
C ASN A 374 26.29 -27.56 -11.80
N SER A 375 26.63 -27.66 -10.53
CA SER A 375 25.62 -27.75 -9.48
C SER A 375 25.36 -26.41 -8.81
N SER A 376 25.90 -25.33 -9.36
CA SER A 376 25.76 -24.06 -8.67
C SER A 376 24.40 -23.48 -8.97
N ILE A 377 23.73 -23.02 -7.91
CA ILE A 377 22.40 -22.43 -7.99
C ILE A 377 22.54 -20.93 -7.88
N ALA A 378 22.29 -20.21 -8.98
CA ALA A 378 22.37 -18.76 -9.01
C ALA A 378 20.99 -18.15 -8.76
N THR A 379 21.00 -16.90 -8.30
CA THR A 379 19.78 -16.15 -8.05
C THR A 379 19.29 -15.47 -9.32
N LEU A 380 17.99 -15.17 -9.35
CA LEU A 380 17.37 -14.46 -10.47
C LEU A 380 16.55 -13.29 -9.93
N GLU A 381 17.03 -12.06 -10.08
CA GLU A 381 16.27 -10.89 -9.64
C GLU A 381 15.35 -10.39 -10.74
N ALA A 382 14.17 -9.93 -10.35
CA ALA A 382 13.25 -9.36 -11.32
C ALA A 382 13.67 -7.95 -11.67
N GLU A 383 13.56 -7.59 -12.95
CA GLU A 383 14.01 -6.27 -13.39
C GLU A 383 13.02 -5.16 -13.05
N MET A 384 11.75 -5.48 -12.84
CA MET A 384 10.74 -4.48 -12.62
C MET A 384 10.07 -4.66 -11.26
N ALA A 385 9.30 -3.64 -10.88
CA ALA A 385 8.41 -3.69 -9.73
C ALA A 385 7.10 -3.03 -10.13
N THR A 386 6.01 -3.43 -9.48
CA THR A 386 4.67 -3.03 -9.87
C THR A 386 4.10 -2.02 -8.87
N LEU A 387 3.71 -0.85 -9.38
CA LEU A 387 2.92 0.10 -8.63
C LEU A 387 1.43 -0.15 -8.89
N CYS A 388 0.63 -0.09 -7.83
CA CYS A 388 -0.82 -0.24 -7.94
C CYS A 388 -1.46 1.08 -7.52
N ILE A 389 -2.05 1.77 -8.48
CA ILE A 389 -2.71 3.05 -8.25
C ILE A 389 -4.22 2.80 -8.13
N ASP A 390 -4.86 3.47 -7.18
CA ASP A 390 -6.29 3.29 -6.97
C ASP A 390 -7.07 4.13 -7.97
N GLY A 391 -8.14 3.55 -8.50
CA GLY A 391 -8.98 4.25 -9.46
C GLY A 391 -9.37 3.40 -10.65
N GLY A 392 -8.43 3.18 -11.57
CA GLY A 392 -8.70 2.32 -12.72
C GLY A 392 -9.62 2.99 -13.73
N LYS A 393 -10.41 2.16 -14.43
CA LYS A 393 -11.34 2.71 -15.43
C LYS A 393 -12.49 3.46 -14.77
N LYS A 394 -12.85 3.11 -13.54
CA LYS A 394 -13.92 3.84 -12.86
C LYS A 394 -13.55 5.31 -12.68
N ALA A 395 -12.27 5.58 -12.44
CA ALA A 395 -11.79 6.95 -12.25
C ALA A 395 -11.28 7.57 -13.53
N LYS A 396 -11.56 6.94 -14.68
CA LYS A 396 -11.17 7.46 -15.99
C LYS A 396 -9.67 7.72 -16.09
N MET A 397 -8.87 6.91 -15.40
CA MET A 397 -7.42 7.02 -15.47
C MET A 397 -6.95 6.16 -16.63
N ARG A 398 -6.42 6.79 -17.66
CA ARG A 398 -5.92 6.09 -18.83
C ARG A 398 -4.39 6.08 -18.84
N PRO A 399 -3.77 5.15 -19.59
CA PRO A 399 -2.31 5.01 -19.53
C PRO A 399 -1.54 6.30 -19.77
N GLY A 400 -2.04 7.18 -20.63
CA GLY A 400 -1.37 8.45 -20.83
C GLY A 400 -1.32 9.31 -19.57
N ASP A 401 -2.35 9.22 -18.73
CA ASP A 401 -2.34 9.98 -17.48
C ASP A 401 -1.24 9.48 -16.55
N VAL A 402 -1.13 8.15 -16.39
CA VAL A 402 -0.09 7.61 -15.53
C VAL A 402 1.29 7.96 -16.06
N LEU A 403 1.50 7.72 -17.36
CA LEU A 403 2.80 8.04 -17.95
C LEU A 403 3.10 9.52 -17.87
N GLY A 404 2.09 10.36 -18.08
CA GLY A 404 2.30 11.80 -17.98
C GLY A 404 2.69 12.25 -16.59
N ALA A 405 2.01 11.70 -15.57
CA ALA A 405 2.35 12.05 -14.19
C ALA A 405 3.73 11.54 -13.80
N LEU A 406 4.06 10.32 -14.18
CA LEU A 406 5.34 9.74 -13.79
C LEU A 406 6.51 10.46 -14.44
N THR A 407 6.33 10.91 -15.69
CA THR A 407 7.41 11.54 -16.44
C THR A 407 7.55 13.03 -16.19
N GLY A 408 6.55 13.67 -15.61
CA GLY A 408 6.60 15.13 -15.46
C GLY A 408 7.22 15.62 -14.18
N ASP A 409 6.39 16.04 -13.24
CA ASP A 409 6.91 16.60 -11.98
C ASP A 409 7.63 15.53 -11.17
N ILE A 410 7.16 14.27 -11.23
CA ILE A 410 7.89 13.23 -10.53
C ILE A 410 9.22 12.94 -11.20
N GLY A 411 9.33 13.24 -12.50
CA GLY A 411 10.63 13.32 -13.14
C GLY A 411 11.30 12.01 -13.43
N LEU A 412 10.60 11.10 -14.11
CA LEU A 412 11.17 9.83 -14.50
C LEU A 412 11.37 9.78 -16.01
N ASP A 413 12.37 9.01 -16.43
CA ASP A 413 12.58 8.75 -17.84
C ASP A 413 11.49 7.81 -18.35
N GLY A 414 10.97 8.11 -19.54
CA GLY A 414 9.94 7.26 -20.14
C GLY A 414 10.41 5.85 -20.39
N ALA A 415 11.73 5.63 -20.46
CA ALA A 415 12.28 4.30 -20.66
C ALA A 415 12.37 3.51 -19.36
N ASP A 416 12.01 4.11 -18.22
CA ASP A 416 11.97 3.38 -16.95
C ASP A 416 10.59 2.84 -16.63
N ILE A 417 9.59 3.10 -17.48
CA ILE A 417 8.22 2.65 -17.25
C ILE A 417 7.88 1.59 -18.30
N GLY A 418 7.44 0.42 -17.81
CA GLY A 418 7.05 -0.67 -18.69
C GLY A 418 5.55 -0.74 -18.92
N LYS A 419 5.00 -1.95 -18.76
CA LYS A 419 3.59 -2.19 -19.02
C LYS A 419 2.70 -1.38 -18.09
N ILE A 420 1.67 -0.78 -18.65
CA ILE A 420 0.60 -0.13 -17.89
C ILE A 420 -0.68 -0.88 -18.21
N ALA A 421 -1.33 -1.41 -17.16
CA ALA A 421 -2.55 -2.21 -17.31
C ALA A 421 -3.67 -1.53 -16.54
N VAL A 422 -4.70 -1.08 -17.26
CA VAL A 422 -5.86 -0.45 -16.66
C VAL A 422 -6.91 -1.51 -16.38
N HIS A 423 -7.15 -1.77 -15.11
CA HIS A 423 -8.21 -2.65 -14.64
C HIS A 423 -9.42 -1.82 -14.21
N PRO A 424 -10.56 -2.46 -13.91
CA PRO A 424 -11.76 -1.66 -13.59
C PRO A 424 -11.60 -0.76 -12.37
N ALA A 425 -10.86 -1.16 -11.34
CA ALA A 425 -10.73 -0.34 -10.15
C ALA A 425 -9.30 0.08 -9.85
N HIS A 426 -8.31 -0.39 -10.60
CA HIS A 426 -6.92 -0.05 -10.34
C HIS A 426 -6.16 0.08 -11.66
N VAL A 427 -5.01 0.74 -11.59
CA VAL A 427 -4.07 0.80 -12.71
C VAL A 427 -2.72 0.31 -12.21
N TYR A 428 -2.15 -0.67 -12.89
CA TYR A 428 -0.86 -1.24 -12.53
C TYR A 428 0.21 -0.71 -13.47
N VAL A 429 1.33 -0.30 -12.91
CA VAL A 429 2.45 0.24 -13.67
C VAL A 429 3.71 -0.55 -13.32
N ALA A 430 4.49 -0.89 -14.33
CA ALA A 430 5.79 -1.51 -14.15
C ALA A 430 6.86 -0.45 -14.26
N VAL A 431 7.75 -0.38 -13.26
CA VAL A 431 8.86 0.55 -13.22
C VAL A 431 10.11 -0.24 -12.90
N ARG A 432 11.27 0.21 -13.42
CA ARG A 432 12.52 -0.46 -13.10
C ARG A 432 12.72 -0.51 -11.59
N GLN A 433 13.26 -1.64 -11.13
CA GLN A 433 13.37 -1.89 -9.69
C GLN A 433 14.14 -0.79 -8.96
N ALA A 434 15.20 -0.27 -9.59
CA ALA A 434 16.01 0.74 -8.93
C ALA A 434 15.26 2.05 -8.72
N VAL A 435 14.26 2.32 -9.56
CA VAL A 435 13.52 3.59 -9.50
C VAL A 435 12.14 3.41 -8.89
N ALA A 436 11.78 2.18 -8.51
CA ALA A 436 10.43 1.89 -8.05
C ALA A 436 10.10 2.61 -6.74
N HIS A 437 11.00 2.56 -5.77
CA HIS A 437 10.71 3.18 -4.47
C HIS A 437 10.56 4.69 -4.58
N LYS A 438 11.46 5.35 -5.31
CA LYS A 438 11.30 6.79 -5.52
C LYS A 438 10.00 7.11 -6.23
N ALA A 439 9.66 6.34 -7.26
CA ALA A 439 8.40 6.57 -7.98
C ALA A 439 7.20 6.45 -7.06
N TRP A 440 7.18 5.41 -6.21
CA TRP A 440 6.08 5.20 -5.28
C TRP A 440 5.92 6.39 -4.34
N LYS A 441 6.99 6.79 -3.68
CA LYS A 441 6.90 7.87 -2.70
C LYS A 441 6.54 9.19 -3.39
N GLN A 442 7.14 9.47 -4.55
CA GLN A 442 6.88 10.74 -5.23
C GLN A 442 5.49 10.79 -5.84
N LEU A 443 4.96 9.66 -6.30
CA LEU A 443 3.60 9.66 -6.83
C LEU A 443 2.56 9.65 -5.72
N GLN A 444 2.90 9.15 -4.53
CA GLN A 444 1.97 9.14 -3.41
C GLN A 444 1.61 10.55 -2.99
N GLY A 445 2.59 11.45 -2.91
CA GLY A 445 2.36 12.83 -2.58
C GLY A 445 2.28 13.76 -3.77
N GLY A 446 2.23 13.21 -4.98
CA GLY A 446 2.05 13.96 -6.20
C GLY A 446 0.59 13.97 -6.62
N LYS A 447 0.37 14.35 -7.88
CA LYS A 447 -0.99 14.38 -8.43
C LYS A 447 -0.98 13.77 -9.82
N ILE A 448 -2.00 12.95 -10.09
CA ILE A 448 -2.24 12.37 -11.40
C ILE A 448 -3.55 12.93 -11.91
N LYS A 449 -3.56 13.42 -13.15
CA LYS A 449 -4.77 13.94 -13.76
C LYS A 449 -5.36 15.11 -12.97
N GLY A 450 -4.51 15.90 -12.33
CA GLY A 450 -4.96 17.02 -11.53
C GLY A 450 -5.37 16.66 -10.12
N LYS A 451 -5.85 15.44 -9.93
CA LYS A 451 -6.35 14.95 -8.66
C LYS A 451 -5.25 14.19 -7.90
N THR A 452 -5.44 14.09 -6.59
CA THR A 452 -4.53 13.33 -5.74
C THR A 452 -4.81 11.84 -5.90
N CYS A 453 -3.78 11.01 -5.68
CA CYS A 453 -3.88 9.58 -5.90
C CYS A 453 -3.40 8.80 -4.67
N ARG A 454 -3.77 7.53 -4.63
CA ARG A 454 -3.31 6.56 -3.63
C ARG A 454 -2.54 5.45 -4.35
N VAL A 455 -1.26 5.30 -4.02
CA VAL A 455 -0.36 4.40 -4.73
C VAL A 455 0.20 3.36 -3.76
N ARG A 456 0.26 2.11 -4.22
CA ARG A 456 0.85 1.01 -3.44
C ARG A 456 2.03 0.41 -4.21
N LEU A 457 3.03 -0.09 -3.53
CA LEU A 457 4.16 -0.79 -4.12
C LEU A 457 4.03 -2.27 -3.79
N LEU A 458 3.82 -3.09 -4.82
CA LEU A 458 3.55 -4.49 -4.59
C LEU A 458 4.86 -5.25 -4.35
N LYS A 459 4.73 -6.43 -3.75
CA LYS A 459 5.92 -7.24 -3.46
C LYS A 459 6.50 -7.82 -4.74
N MET C 3 -16.96 -5.67 40.33
CA MET C 3 -18.14 -5.49 39.50
C MET C 3 -18.37 -4.00 39.22
N THR C 4 -18.98 -3.70 38.08
CA THR C 4 -19.17 -2.32 37.65
C THR C 4 -20.47 -1.76 38.22
N ALA C 5 -20.49 -0.44 38.40
CA ALA C 5 -21.65 0.24 38.97
C ALA C 5 -22.91 0.03 38.13
N PHE C 6 -22.77 -0.44 36.88
CA PHE C 6 -23.92 -0.74 36.06
C PHE C 6 -24.81 -1.82 36.66
N SER C 7 -24.28 -2.60 37.61
CA SER C 7 -25.09 -3.61 38.27
C SER C 7 -26.26 -2.99 39.03
N THR C 8 -26.10 -1.75 39.50
CA THR C 8 -27.18 -1.08 40.23
C THR C 8 -28.41 -0.83 39.38
N LEU C 9 -28.31 -0.99 38.06
CA LEU C 9 -29.49 -0.85 37.20
C LEU C 9 -30.43 -2.03 37.34
N ASN C 10 -29.92 -3.19 37.80
CA ASN C 10 -30.73 -4.38 38.06
C ASN C 10 -31.50 -4.85 36.84
N VAL C 11 -30.93 -4.66 35.65
CA VAL C 11 -31.61 -5.06 34.41
C VAL C 11 -30.66 -5.78 33.47
N LEU C 12 -29.42 -5.31 33.38
CA LEU C 12 -28.50 -5.84 32.38
C LEU C 12 -28.18 -7.30 32.67
N PRO C 13 -28.09 -8.15 31.64
CA PRO C 13 -27.79 -9.56 31.86
C PRO C 13 -26.37 -9.73 32.37
N PRO C 14 -26.06 -10.87 32.98
CA PRO C 14 -24.72 -11.05 33.57
C PRO C 14 -23.59 -10.95 32.56
N ALA C 15 -23.80 -11.48 31.35
CA ALA C 15 -22.76 -11.42 30.32
C ALA C 15 -22.41 -9.98 29.99
N GLN C 16 -23.39 -9.07 30.00
CA GLN C 16 -23.11 -7.67 29.72
C GLN C 16 -22.35 -7.00 30.86
N LEU C 17 -22.63 -7.39 32.11
CA LEU C 17 -21.89 -6.84 33.24
C LEU C 17 -20.41 -7.21 33.15
N THR C 18 -20.12 -8.46 32.77
CA THR C 18 -18.73 -8.86 32.54
C THR C 18 -18.14 -8.09 31.37
N ASN C 19 -18.93 -7.91 30.30
CA ASN C 19 -18.45 -7.18 29.14
C ASN C 19 -18.04 -5.76 29.51
N LEU C 20 -18.87 -5.08 30.29
CA LEU C 20 -18.57 -3.70 30.69
C LEU C 20 -17.28 -3.62 31.51
N ASN C 21 -17.03 -4.62 32.37
CA ASN C 21 -15.80 -4.61 33.15
C ASN C 21 -14.59 -4.82 32.27
N GLU C 22 -14.67 -5.74 31.30
CA GLU C 22 -13.51 -5.94 30.43
C GLU C 22 -13.30 -4.72 29.54
N LEU C 23 -14.37 -4.01 29.19
CA LEU C 23 -14.23 -2.85 28.32
C LEU C 23 -13.70 -1.63 29.06
N GLY C 24 -13.64 -1.68 30.39
CA GLY C 24 -13.22 -0.55 31.19
C GLY C 24 -14.33 0.35 31.66
N TYR C 25 -15.59 0.00 31.40
CA TYR C 25 -16.72 0.79 31.89
C TYR C 25 -17.00 0.37 33.32
N LEU C 26 -16.23 0.94 34.24
CA LEU C 26 -16.32 0.58 35.64
C LEU C 26 -17.29 1.47 36.40
N THR C 27 -17.51 2.69 35.91
CA THR C 27 -18.46 3.63 36.50
C THR C 27 -19.38 4.17 35.43
N MET C 28 -20.64 4.39 35.82
CA MET C 28 -21.60 5.06 34.95
C MET C 28 -21.31 6.55 34.90
N THR C 29 -21.32 7.11 33.69
CA THR C 29 -21.29 8.55 33.55
C THR C 29 -22.64 9.13 33.92
N PRO C 30 -22.74 10.45 34.15
CA PRO C 30 -24.03 11.04 34.53
C PRO C 30 -25.17 10.71 33.57
N VAL C 31 -24.98 10.89 32.26
CA VAL C 31 -26.07 10.64 31.33
C VAL C 31 -26.44 9.17 31.32
N GLN C 32 -25.46 8.29 31.49
CA GLN C 32 -25.75 6.86 31.60
C GLN C 32 -26.53 6.57 32.88
N ALA C 33 -26.07 7.12 34.00
CA ALA C 33 -26.77 6.92 35.27
C ALA C 33 -28.15 7.56 35.27
N ALA C 34 -28.31 8.69 34.57
CA ALA C 34 -29.57 9.44 34.62
C ALA C 34 -30.60 8.96 33.62
N ALA C 35 -30.17 8.43 32.47
CA ALA C 35 -31.10 8.09 31.39
C ALA C 35 -31.32 6.59 31.19
N LEU C 36 -30.37 5.74 31.58
CA LEU C 36 -30.50 4.31 31.31
C LEU C 36 -31.70 3.66 31.99
N PRO C 37 -32.04 3.94 33.26
CA PRO C 37 -33.24 3.30 33.83
C PRO C 37 -34.50 3.49 33.01
N ALA C 38 -34.76 4.71 32.51
CA ALA C 38 -35.95 4.93 31.71
C ALA C 38 -35.86 4.20 30.38
N ILE C 39 -34.69 4.20 29.75
CA ILE C 39 -34.54 3.54 28.46
C ILE C 39 -34.73 2.04 28.60
N LEU C 40 -34.10 1.44 29.61
CA LEU C 40 -34.25 0.02 29.86
C LEU C 40 -35.69 -0.35 30.19
N ALA C 41 -36.48 0.61 30.69
CA ALA C 41 -37.89 0.40 30.94
C ALA C 41 -38.75 0.60 29.69
N GLY C 42 -38.14 0.96 28.56
CA GLY C 42 -38.85 1.06 27.30
C GLY C 42 -39.42 2.42 26.99
N LYS C 43 -39.05 3.46 27.73
CA LYS C 43 -39.63 4.78 27.56
C LYS C 43 -38.87 5.56 26.49
N ASP C 44 -39.58 6.46 25.81
CA ASP C 44 -38.94 7.44 24.95
C ASP C 44 -38.30 8.53 25.79
N VAL C 45 -37.11 8.97 25.39
CA VAL C 45 -36.36 9.99 26.12
C VAL C 45 -35.82 11.01 25.15
N ARG C 46 -35.75 12.27 25.62
CA ARG C 46 -34.98 13.31 24.94
C ARG C 46 -33.90 13.76 25.92
N VAL C 47 -32.64 13.53 25.57
CA VAL C 47 -31.53 13.70 26.50
C VAL C 47 -30.68 14.88 26.06
N GLN C 48 -30.24 15.67 27.04
CA GLN C 48 -29.26 16.73 26.81
C GLN C 48 -28.13 16.53 27.82
N ALA C 49 -26.96 16.11 27.34
CA ALA C 49 -25.77 15.97 28.16
C ALA C 49 -24.57 16.49 27.38
N LYS C 50 -23.55 16.93 28.11
CA LYS C 50 -22.41 17.59 27.48
C LYS C 50 -21.65 16.63 26.58
N THR C 51 -20.77 17.19 25.75
CA THR C 51 -20.01 16.40 24.80
C THR C 51 -19.00 15.51 25.53
N GLY C 52 -18.73 14.34 24.92
CA GLY C 52 -17.75 13.42 25.45
C GLY C 52 -18.07 12.84 26.81
N SER C 53 -19.34 12.76 27.16
CA SER C 53 -19.75 12.27 28.47
C SER C 53 -20.46 10.91 28.41
N GLY C 54 -20.39 10.22 27.27
CA GLY C 54 -20.82 8.85 27.20
C GLY C 54 -22.23 8.60 26.68
N LYS C 55 -22.75 9.46 25.80
CA LYS C 55 -24.08 9.25 25.27
C LYS C 55 -24.19 7.98 24.43
N THR C 56 -23.12 7.61 23.72
CA THR C 56 -23.19 6.46 22.83
C THR C 56 -23.54 5.20 23.60
N ALA C 57 -22.84 4.94 24.70
CA ALA C 57 -23.17 3.78 25.52
C ALA C 57 -24.53 3.95 26.19
N ALA C 58 -24.95 5.19 26.43
CA ALA C 58 -26.27 5.43 27.01
C ALA C 58 -27.37 4.87 26.12
N PHE C 59 -27.37 5.23 24.82
CA PHE C 59 -28.36 4.63 23.93
C PHE C 59 -27.92 3.27 23.41
N GLY C 60 -26.62 2.95 23.46
CA GLY C 60 -26.19 1.65 22.99
C GLY C 60 -26.61 0.53 23.91
N LEU C 61 -26.36 0.69 25.22
CA LEU C 61 -26.84 -0.30 26.18
C LEU C 61 -28.35 -0.39 26.16
N GLY C 62 -29.03 0.74 25.93
CA GLY C 62 -30.47 0.75 25.84
C GLY C 62 -31.04 -0.13 24.73
N LEU C 63 -30.60 0.09 23.50
CA LEU C 63 -31.15 -0.65 22.38
C LEU C 63 -30.71 -2.11 22.38
N LEU C 64 -29.52 -2.39 22.92
CA LEU C 64 -29.04 -3.77 22.97
C LEU C 64 -29.85 -4.61 23.95
N GLN C 65 -30.47 -3.98 24.95
CA GLN C 65 -31.26 -4.71 25.92
C GLN C 65 -32.48 -5.36 25.27
N GLN C 66 -32.98 -4.78 24.18
CA GLN C 66 -34.15 -5.31 23.47
C GLN C 66 -33.79 -5.93 22.12
N ILE C 67 -32.65 -6.61 22.05
CA ILE C 67 -32.22 -7.28 20.84
C ILE C 67 -32.39 -8.79 21.03
N ASP C 68 -33.09 -9.42 20.09
CA ASP C 68 -33.26 -10.87 20.04
C ASP C 68 -32.32 -11.41 18.97
N ALA C 69 -31.29 -12.15 19.41
CA ALA C 69 -30.28 -12.62 18.47
C ALA C 69 -30.82 -13.73 17.56
N SER C 70 -31.80 -14.50 18.04
CA SER C 70 -32.37 -15.57 17.22
C SER C 70 -33.26 -15.02 16.11
N LEU C 71 -33.78 -13.80 16.28
CA LEU C 71 -34.63 -13.17 15.28
C LEU C 71 -33.77 -12.40 14.30
N PHE C 72 -33.61 -12.94 13.09
CA PHE C 72 -32.73 -12.33 12.10
C PHE C 72 -33.49 -11.30 11.26
N GLN C 73 -33.95 -10.26 11.96
CA GLN C 73 -34.54 -9.08 11.34
C GLN C 73 -33.98 -7.86 12.05
N THR C 74 -34.10 -6.70 11.40
CA THR C 74 -33.57 -5.46 11.96
C THR C 74 -34.47 -4.98 13.10
N GLN C 75 -33.88 -4.83 14.28
CA GLN C 75 -34.63 -4.49 15.49
C GLN C 75 -34.25 -3.14 16.08
N ALA C 76 -33.09 -2.59 15.74
CA ALA C 76 -32.67 -1.28 16.20
C ALA C 76 -32.05 -0.52 15.04
N LEU C 77 -32.31 0.78 14.98
CA LEU C 77 -31.80 1.66 13.95
C LEU C 77 -31.24 2.92 14.58
N VAL C 78 -29.98 3.26 14.27
CA VAL C 78 -29.34 4.46 14.77
C VAL C 78 -29.03 5.35 13.57
N LEU C 79 -29.45 6.62 13.65
CA LEU C 79 -29.24 7.58 12.58
C LEU C 79 -28.21 8.62 13.02
N CYS C 80 -27.25 8.90 12.14
CA CYS C 80 -26.18 9.86 12.39
C CYS C 80 -26.09 10.85 11.25
N PRO C 81 -25.59 12.06 11.52
CA PRO C 81 -25.52 13.08 10.47
C PRO C 81 -24.32 12.96 9.54
N THR C 82 -23.30 12.18 9.90
CA THR C 82 -22.10 12.05 9.06
C THR C 82 -21.69 10.58 9.00
N ARG C 83 -21.04 10.21 7.90
CA ARG C 83 -20.64 8.83 7.69
C ARG C 83 -19.60 8.37 8.71
N GLU C 84 -18.61 9.21 9.02
CA GLU C 84 -17.59 8.81 9.97
C GLU C 84 -18.18 8.58 11.36
N LEU C 85 -19.14 9.42 11.76
CA LEU C 85 -19.80 9.22 13.04
C LEU C 85 -20.61 7.94 13.06
N ALA C 86 -21.33 7.65 11.97
CA ALA C 86 -22.10 6.42 11.89
C ALA C 86 -21.21 5.19 12.07
N ASP C 87 -20.08 5.15 11.37
CA ASP C 87 -19.15 4.03 11.53
C ASP C 87 -18.59 3.99 12.94
N GLN C 88 -18.33 5.17 13.54
CA GLN C 88 -17.81 5.21 14.89
C GLN C 88 -18.82 4.67 15.88
N VAL C 89 -20.09 5.06 15.73
CA VAL C 89 -21.13 4.59 16.64
C VAL C 89 -21.31 3.08 16.52
N ALA C 90 -21.24 2.57 15.29
CA ALA C 90 -21.32 1.13 15.10
C ALA C 90 -20.12 0.42 15.71
N GLY C 91 -18.94 1.04 15.65
CA GLY C 91 -17.77 0.44 16.26
C GLY C 91 -17.93 0.22 17.76
N GLU C 92 -18.50 1.20 18.46
CA GLU C 92 -18.71 1.01 19.89
C GLU C 92 -19.89 0.10 20.17
N LEU C 93 -20.91 0.08 19.30
CA LEU C 93 -22.02 -0.85 19.48
C LEU C 93 -21.54 -2.30 19.40
N ARG C 94 -20.63 -2.60 18.48
CA ARG C 94 -20.11 -3.96 18.37
C ARG C 94 -19.35 -4.35 19.63
N ARG C 95 -18.60 -3.41 20.20
CA ARG C 95 -17.88 -3.68 21.44
C ARG C 95 -18.84 -3.90 22.60
N LEU C 96 -19.93 -3.14 22.64
CA LEU C 96 -20.96 -3.35 23.64
C LEU C 96 -21.77 -4.62 23.38
N ALA C 97 -21.81 -5.09 22.14
CA ALA C 97 -22.60 -6.26 21.77
C ALA C 97 -21.86 -7.58 21.94
N ARG C 98 -20.62 -7.55 22.44
CA ARG C 98 -19.87 -8.79 22.64
C ARG C 98 -20.59 -9.73 23.61
N PHE C 99 -21.40 -9.19 24.52
CA PHE C 99 -22.12 -10.05 25.46
C PHE C 99 -23.11 -10.96 24.73
N LEU C 100 -23.57 -10.55 23.55
CA LEU C 100 -24.58 -11.30 22.80
C LEU C 100 -23.94 -11.86 21.53
N PRO C 101 -23.53 -13.14 21.52
CA PRO C 101 -22.85 -13.68 20.35
C PRO C 101 -23.74 -13.62 19.11
N ASN C 102 -23.07 -13.52 17.95
CA ASN C 102 -23.74 -13.55 16.64
C ASN C 102 -24.69 -12.39 16.45
N THR C 103 -24.35 -11.22 17.00
CA THR C 103 -25.11 -9.99 16.76
C THR C 103 -24.50 -9.25 15.57
N LYS C 104 -25.28 -9.10 14.51
CA LYS C 104 -24.81 -8.44 13.29
C LYS C 104 -25.18 -6.97 13.32
N ILE C 105 -24.18 -6.10 13.36
CA ILE C 105 -24.37 -4.65 13.29
C ILE C 105 -23.75 -4.17 11.99
N LEU C 106 -24.59 -3.60 11.11
CA LEU C 106 -24.17 -3.16 9.79
C LEU C 106 -24.35 -1.66 9.65
N THR C 107 -23.39 -1.03 8.97
CA THR C 107 -23.44 0.39 8.66
C THR C 107 -23.91 0.59 7.22
N LEU C 108 -24.79 1.56 7.02
CA LEU C 108 -25.33 1.88 5.69
C LEU C 108 -25.07 3.36 5.44
N CYS C 109 -24.01 3.67 4.69
CA CYS C 109 -23.66 5.05 4.39
C CYS C 109 -23.31 5.17 2.92
N GLY C 110 -23.36 6.41 2.44
CA GLY C 110 -22.89 6.72 1.10
C GLY C 110 -21.38 6.66 1.02
N GLY C 111 -20.89 6.71 -0.21
CA GLY C 111 -19.46 6.58 -0.46
C GLY C 111 -18.99 5.16 -0.63
N GLN C 112 -19.72 4.18 -0.10
CA GLN C 112 -19.63 2.74 -0.20
C GLN C 112 -20.44 2.26 -1.41
N PRO C 113 -20.00 1.24 -2.15
CA PRO C 113 -20.80 0.79 -3.30
C PRO C 113 -22.09 0.13 -2.87
N PHE C 114 -23.17 0.42 -3.60
CA PHE C 114 -24.50 -0.04 -3.21
C PHE C 114 -24.61 -1.57 -3.26
N GLY C 115 -23.98 -2.20 -4.26
CA GLY C 115 -24.19 -3.63 -4.46
C GLY C 115 -23.67 -4.46 -3.31
N MET C 116 -22.50 -4.09 -2.78
CA MET C 116 -21.92 -4.80 -1.65
C MET C 116 -22.82 -4.71 -0.42
N GLN C 117 -23.48 -3.56 -0.23
CA GLN C 117 -24.44 -3.44 0.86
C GLN C 117 -25.67 -4.32 0.62
N ARG C 118 -26.14 -4.38 -0.61
CA ARG C 118 -27.28 -5.28 -0.90
C ARG C 118 -26.87 -6.71 -0.56
N ASP C 119 -25.65 -7.10 -0.92
CA ASP C 119 -25.21 -8.46 -0.66
C ASP C 119 -25.25 -8.79 0.83
N SER C 120 -24.75 -7.86 1.66
CA SER C 120 -24.74 -8.07 3.10
C SER C 120 -26.14 -8.11 3.68
N LEU C 121 -27.10 -7.43 3.05
CA LEU C 121 -28.46 -7.32 3.58
C LEU C 121 -29.31 -8.57 3.36
N GLN C 122 -28.79 -9.60 2.68
CA GLN C 122 -29.53 -10.86 2.61
C GLN C 122 -29.68 -11.48 3.99
N HIS C 123 -28.61 -11.43 4.78
CA HIS C 123 -28.68 -11.72 6.21
C HIS C 123 -29.00 -10.40 6.90
N ALA C 124 -30.26 -10.17 7.19
CA ALA C 124 -30.68 -8.88 7.73
C ALA C 124 -29.95 -8.63 9.04
N PRO C 125 -29.32 -7.47 9.21
CA PRO C 125 -28.61 -7.19 10.45
C PRO C 125 -29.60 -6.84 11.56
N HIS C 126 -29.21 -7.20 12.79
CA HIS C 126 -30.04 -6.86 13.94
C HIS C 126 -30.09 -5.36 14.14
N ILE C 127 -28.97 -4.67 13.96
CA ILE C 127 -28.85 -3.24 14.18
C ILE C 127 -28.27 -2.60 12.93
N ILE C 128 -28.83 -1.48 12.52
CA ILE C 128 -28.30 -0.66 11.44
C ILE C 128 -27.93 0.69 12.02
N VAL C 129 -26.70 1.13 11.76
CA VAL C 129 -26.29 2.51 11.98
C VAL C 129 -26.07 3.12 10.61
N ALA C 130 -26.69 4.27 10.36
CA ALA C 130 -26.74 4.76 8.99
C ALA C 130 -26.85 6.28 8.97
N THR C 131 -26.45 6.84 7.86
CA THR C 131 -26.80 8.19 7.47
C THR C 131 -28.09 8.15 6.65
N PRO C 132 -28.91 9.20 6.73
CA PRO C 132 -30.28 9.10 6.17
C PRO C 132 -30.34 8.82 4.68
N GLY C 133 -29.43 9.41 3.89
CA GLY C 133 -29.48 9.28 2.45
C GLY C 133 -29.43 7.86 1.93
N ARG C 134 -28.34 7.14 2.23
CA ARG C 134 -28.20 5.78 1.73
C ARG C 134 -29.24 4.84 2.34
N LEU C 135 -29.62 5.06 3.60
CA LEU C 135 -30.65 4.22 4.21
C LEU C 135 -31.98 4.34 3.48
N LEU C 136 -32.38 5.58 3.15
CA LEU C 136 -33.63 5.79 2.43
C LEU C 136 -33.61 5.11 1.07
N ASP C 137 -32.45 5.13 0.39
CA ASP C 137 -32.31 4.44 -0.88
C ASP C 137 -32.61 2.95 -0.71
N HIS C 138 -32.04 2.34 0.33
CA HIS C 138 -32.29 0.92 0.59
C HIS C 138 -33.76 0.67 0.94
N LEU C 139 -34.36 1.57 1.73
CA LEU C 139 -35.75 1.41 2.11
C LEU C 139 -36.67 1.49 0.90
N GLN C 140 -36.40 2.45 0.00
CA GLN C 140 -37.23 2.61 -1.18
C GLN C 140 -37.08 1.44 -2.15
N LYS C 141 -35.93 0.77 -2.14
CA LYS C 141 -35.70 -0.39 -2.98
C LYS C 141 -36.02 -1.71 -2.29
N GLY C 142 -36.46 -1.67 -1.03
CA GLY C 142 -36.93 -2.87 -0.36
C GLY C 142 -35.84 -3.83 0.05
N THR C 143 -34.62 -3.35 0.26
CA THR C 143 -33.54 -4.18 0.75
C THR C 143 -33.39 -4.10 2.26
N VAL C 144 -34.07 -3.16 2.90
CA VAL C 144 -34.08 -3.02 4.35
C VAL C 144 -35.53 -2.93 4.79
N SER C 145 -35.87 -3.66 5.86
CA SER C 145 -37.20 -3.62 6.44
C SER C 145 -37.09 -3.21 7.90
N LEU C 146 -37.92 -2.26 8.31
CA LEU C 146 -38.00 -1.83 9.69
C LEU C 146 -39.22 -2.41 10.39
N ASP C 147 -39.84 -3.43 9.80
CA ASP C 147 -41.10 -3.97 10.32
C ASP C 147 -40.93 -4.54 11.73
N ALA C 148 -39.76 -5.09 12.04
CA ALA C 148 -39.48 -5.67 13.34
C ALA C 148 -38.71 -4.71 14.26
N LEU C 149 -38.75 -3.41 13.97
CA LEU C 149 -37.94 -2.45 14.71
C LEU C 149 -38.48 -2.26 16.13
N ASN C 150 -37.63 -2.49 17.12
CA ASN C 150 -37.94 -2.16 18.52
C ASN C 150 -37.57 -0.72 18.87
N THR C 151 -36.38 -0.28 18.46
CA THR C 151 -35.83 0.97 18.93
C THR C 151 -35.29 1.80 17.76
N LEU C 152 -35.51 3.11 17.82
CA LEU C 152 -34.98 4.07 16.87
C LEU C 152 -34.20 5.12 17.63
N VAL C 153 -32.92 5.28 17.29
CA VAL C 153 -32.05 6.25 17.93
C VAL C 153 -31.66 7.30 16.91
N MET C 154 -31.75 8.57 17.30
CA MET C 154 -31.22 9.68 16.53
C MET C 154 -30.12 10.33 17.36
N ASP C 155 -28.87 9.98 17.05
CA ASP C 155 -27.75 10.66 17.66
C ASP C 155 -27.60 12.04 17.04
N GLU C 156 -27.08 12.98 17.82
CA GLU C 156 -27.01 14.37 17.41
C GLU C 156 -28.39 14.84 16.94
N ALA C 157 -29.39 14.61 17.79
CA ALA C 157 -30.78 14.68 17.33
C ALA C 157 -31.17 16.07 16.89
N ASP C 158 -30.53 17.11 17.43
CA ASP C 158 -30.85 18.47 16.99
C ASP C 158 -30.39 18.73 15.55
N ARG C 159 -29.32 18.07 15.11
CA ARG C 159 -28.93 18.21 13.71
C ARG C 159 -29.86 17.41 12.80
N MET C 160 -30.29 16.23 13.25
CA MET C 160 -31.15 15.38 12.44
C MET C 160 -32.55 15.95 12.25
N LEU C 161 -32.98 16.86 13.13
CA LEU C 161 -34.32 17.42 13.06
C LEU C 161 -34.34 18.84 12.51
N ASP C 162 -33.19 19.33 12.02
CA ASP C 162 -33.11 20.67 11.46
C ASP C 162 -33.68 20.71 10.05
N MET C 163 -33.62 21.89 9.44
CA MET C 163 -34.27 22.09 8.15
C MET C 163 -33.64 21.22 7.06
N GLY C 164 -32.33 20.98 7.15
CA GLY C 164 -31.65 20.21 6.13
C GLY C 164 -31.97 18.73 6.13
N PHE C 165 -32.25 18.16 7.30
CA PHE C 165 -32.51 16.73 7.41
C PHE C 165 -33.98 16.37 7.60
N SER C 166 -34.85 17.36 7.86
CA SER C 166 -36.22 17.06 8.28
C SER C 166 -36.95 16.18 7.27
N ASP C 167 -36.82 16.50 5.98
CA ASP C 167 -37.54 15.76 4.96
C ASP C 167 -37.11 14.29 4.92
N ALA C 168 -35.80 14.04 4.87
CA ALA C 168 -35.30 12.68 4.81
C ALA C 168 -35.64 11.88 6.06
N ILE C 169 -35.56 12.52 7.24
CA ILE C 169 -35.90 11.82 8.48
C ILE C 169 -37.36 11.41 8.46
N ASP C 170 -38.23 12.29 7.99
CA ASP C 170 -39.64 11.94 7.86
C ASP C 170 -39.83 10.79 6.89
N ASP C 171 -39.06 10.79 5.78
CA ASP C 171 -39.17 9.74 4.78
C ASP C 171 -38.75 8.40 5.36
N VAL C 172 -37.75 8.41 6.24
CA VAL C 172 -37.30 7.18 6.88
C VAL C 172 -38.35 6.68 7.87
N ILE C 173 -38.90 7.58 8.69
CA ILE C 173 -39.83 7.20 9.74
C ILE C 173 -41.10 6.59 9.16
N ARG C 174 -41.42 6.95 7.91
CA ARG C 174 -42.52 6.34 7.20
C ARG C 174 -42.34 4.84 7.01
N PHE C 175 -41.10 4.33 7.02
CA PHE C 175 -40.81 2.90 7.01
C PHE C 175 -40.83 2.25 8.40
N ALA C 176 -40.80 3.05 9.51
CA ALA C 176 -40.69 2.49 10.85
C ALA C 176 -42.06 2.28 11.48
N PRO C 177 -42.20 1.30 12.38
CA PRO C 177 -43.46 1.15 13.13
C PRO C 177 -43.68 2.34 14.06
N ALA C 178 -44.95 2.64 14.32
CA ALA C 178 -45.27 3.67 15.30
C ALA C 178 -45.03 3.17 16.73
N SER C 179 -45.24 1.88 16.97
CA SER C 179 -45.01 1.27 18.28
C SER C 179 -43.53 0.93 18.39
N ARG C 180 -42.73 1.94 18.70
CA ARG C 180 -41.28 1.79 18.79
C ARG C 180 -40.76 2.70 19.89
N GLN C 181 -39.65 2.29 20.48
CA GLN C 181 -38.90 3.18 21.38
C GLN C 181 -38.07 4.15 20.55
N THR C 182 -38.18 5.44 20.84
CA THR C 182 -37.44 6.47 20.12
C THR C 182 -36.60 7.26 21.11
N LEU C 183 -35.28 7.22 20.91
CA LEU C 183 -34.31 7.87 21.78
C LEU C 183 -33.65 9.02 21.03
N LEU C 184 -33.59 10.20 21.68
CA LEU C 184 -32.98 11.39 21.08
C LEU C 184 -31.89 11.91 22.00
N PHE C 185 -30.66 11.99 21.48
CA PHE C 185 -29.50 12.43 22.25
C PHE C 185 -28.80 13.58 21.55
N SER C 186 -28.38 14.57 22.33
CA SER C 186 -27.52 15.65 21.84
C SER C 186 -27.03 16.46 23.01
N ALA C 187 -25.93 17.18 22.80
CA ALA C 187 -25.41 18.14 23.76
C ALA C 187 -26.01 19.52 23.59
N THR C 188 -26.70 19.77 22.48
CA THR C 188 -27.28 21.07 22.18
C THR C 188 -28.72 20.86 21.73
N TRP C 189 -29.60 21.75 22.18
CA TRP C 189 -31.01 21.68 21.84
C TRP C 189 -31.57 23.09 21.66
N PRO C 190 -31.54 23.62 20.44
CA PRO C 190 -32.26 24.87 20.21
C PRO C 190 -33.74 24.65 20.54
N GLU C 191 -34.33 25.59 21.29
CA GLU C 191 -35.70 25.42 21.73
C GLU C 191 -36.66 25.21 20.56
N ALA C 192 -36.40 25.89 19.44
CA ALA C 192 -37.23 25.69 18.26
C ALA C 192 -37.18 24.23 17.81
N ILE C 193 -35.98 23.65 17.78
CA ILE C 193 -35.86 22.24 17.40
C ILE C 193 -36.43 21.34 18.50
N ALA C 194 -36.22 21.72 19.77
CA ALA C 194 -36.73 20.90 20.87
C ALA C 194 -38.24 20.90 20.93
N ALA C 195 -38.88 22.01 20.56
CA ALA C 195 -40.34 22.08 20.60
C ALA C 195 -40.98 21.12 19.60
N ILE C 196 -40.38 21.00 18.40
CA ILE C 196 -40.92 20.11 17.38
C ILE C 196 -40.39 18.67 17.49
N SER C 197 -39.51 18.39 18.45
CA SER C 197 -38.90 17.07 18.56
C SER C 197 -39.90 16.00 18.97
N GLY C 198 -41.01 16.38 19.60
CA GLY C 198 -42.00 15.40 20.00
C GLY C 198 -42.74 14.75 18.85
N ARG C 199 -42.58 15.26 17.64
CA ARG C 199 -43.28 14.71 16.46
C ARG C 199 -42.85 13.29 16.15
N VAL C 200 -41.67 12.87 16.59
CA VAL C 200 -41.15 11.56 16.28
C VAL C 200 -41.14 10.64 17.51
N GLN C 201 -41.70 11.10 18.62
CA GLN C 201 -41.68 10.36 19.87
C GLN C 201 -43.09 10.12 20.39
N ARG C 202 -43.19 9.26 21.39
CA ARG C 202 -44.46 8.94 22.03
C ARG C 202 -44.32 9.18 23.54
N ASP C 203 -44.88 10.31 24.01
CA ASP C 203 -44.90 10.75 25.40
C ASP C 203 -43.51 10.65 25.99
N PRO C 204 -42.57 11.49 25.56
CA PRO C 204 -41.16 11.34 25.97
C PRO C 204 -40.80 12.02 27.28
N LEU C 205 -39.82 11.43 27.95
CA LEU C 205 -39.21 12.02 29.13
C LEU C 205 -38.06 12.93 28.72
N ALA C 206 -38.07 14.15 29.24
CA ALA C 206 -36.98 15.10 29.02
C ALA C 206 -35.94 14.94 30.14
N ILE C 207 -34.73 14.55 29.77
CA ILE C 207 -33.64 14.35 30.72
C ILE C 207 -32.53 15.30 30.29
N GLU C 208 -32.59 16.53 30.81
CA GLU C 208 -31.67 17.61 30.46
C GLU C 208 -30.78 17.86 31.68
N ILE C 209 -29.69 17.11 31.78
CA ILE C 209 -28.82 17.19 32.95
C ILE C 209 -27.71 18.23 32.80
N ASP C 210 -27.39 18.65 31.59
CA ASP C 210 -26.38 19.68 31.35
C ASP C 210 -27.02 20.81 30.56
N SER C 211 -27.01 22.01 31.14
CA SER C 211 -27.41 23.17 30.37
C SER C 211 -26.39 23.41 29.26
N THR C 212 -26.78 24.23 28.29
CA THR C 212 -25.93 24.39 27.11
C THR C 212 -24.59 25.03 27.46
N ASP C 213 -24.51 25.74 28.59
CA ASP C 213 -23.26 26.34 29.03
C ASP C 213 -22.47 25.43 29.97
N ALA C 214 -22.92 24.20 30.19
CA ALA C 214 -22.24 23.28 31.10
C ALA C 214 -21.27 22.43 30.27
N LEU C 215 -20.13 23.04 29.96
CA LEU C 215 -19.13 22.41 29.11
C LEU C 215 -18.20 21.52 29.91
N PRO C 216 -17.49 20.62 29.25
CA PRO C 216 -16.34 19.96 29.89
C PRO C 216 -15.25 20.97 30.19
N PRO C 217 -14.23 20.60 30.97
CA PRO C 217 -13.18 21.58 31.31
C PRO C 217 -12.35 21.99 30.09
N ILE C 218 -12.87 22.92 29.31
CA ILE C 218 -12.21 23.41 28.10
C ILE C 218 -11.77 24.85 28.34
N GLU C 219 -10.47 25.09 28.25
CA GLU C 219 -9.94 26.45 28.26
C GLU C 219 -10.07 27.06 26.87
N GLN C 220 -10.55 28.30 26.80
CA GLN C 220 -10.78 28.99 25.54
C GLN C 220 -9.93 30.25 25.45
N GLN C 221 -9.28 30.44 24.30
CA GLN C 221 -8.50 31.63 24.00
C GLN C 221 -8.95 32.19 22.67
N PHE C 222 -8.95 33.52 22.55
CA PHE C 222 -9.39 34.20 21.34
C PHE C 222 -8.33 35.16 20.84
N TYR C 223 -8.12 35.17 19.53
CA TYR C 223 -7.16 36.05 18.87
C TYR C 223 -7.86 36.92 17.85
N GLU C 224 -7.66 38.23 17.95
CA GLU C 224 -8.02 39.11 16.85
C GLU C 224 -6.99 38.98 15.74
N THR C 225 -7.46 38.90 14.50
CA THR C 225 -6.55 38.74 13.37
C THR C 225 -7.30 39.08 12.10
N SER C 226 -6.56 39.60 11.12
CA SER C 226 -7.12 39.72 9.79
C SER C 226 -7.28 38.32 9.19
N SER C 227 -8.14 38.23 8.18
CA SER C 227 -8.27 36.97 7.44
C SER C 227 -6.94 36.59 6.80
N LYS C 228 -6.20 37.58 6.32
CA LYS C 228 -4.89 37.32 5.71
C LYS C 228 -3.87 36.82 6.72
N GLY C 229 -3.97 37.29 7.97
CA GLY C 229 -3.03 36.86 8.98
C GLY C 229 -3.37 35.55 9.66
N LYS C 230 -4.45 34.89 9.27
CA LYS C 230 -4.90 33.69 10.00
C LYS C 230 -3.92 32.54 9.84
N ILE C 231 -3.50 32.25 8.61
CA ILE C 231 -2.63 31.10 8.35
C ILE C 231 -1.26 31.29 9.00
N PRO C 232 -0.57 32.43 8.84
CA PRO C 232 0.69 32.60 9.58
C PRO C 232 0.53 32.50 11.09
N LEU C 233 -0.55 33.05 11.65
CA LEU C 233 -0.79 32.92 13.08
C LEU C 233 -0.95 31.46 13.48
N LEU C 234 -1.72 30.70 12.70
CA LEU C 234 -1.92 29.29 12.99
C LEU C 234 -0.60 28.52 12.98
N GLN C 235 0.24 28.77 11.98
CA GLN C 235 1.54 28.09 11.93
C GLN C 235 2.40 28.42 13.14
N ARG C 236 2.34 29.67 13.59
CA ARG C 236 3.11 30.09 14.75
C ARG C 236 2.54 29.52 16.03
N LEU C 237 1.21 29.43 16.14
CA LEU C 237 0.61 28.88 17.35
C LEU C 237 0.86 27.38 17.46
N LEU C 238 0.82 26.66 16.34
CA LEU C 238 1.15 25.25 16.36
C LEU C 238 2.63 25.02 16.64
N SER C 239 3.50 25.91 16.17
CA SER C 239 4.93 25.79 16.48
C SER C 239 5.17 26.06 17.96
N LEU C 240 4.43 27.00 18.55
CA LEU C 240 4.58 27.29 19.98
C LEU C 240 4.08 26.13 20.83
N HIS C 241 2.85 25.67 20.57
CA HIS C 241 2.18 24.71 21.45
C HIS C 241 2.65 23.28 21.23
N GLN C 242 3.11 22.93 20.03
CA GLN C 242 3.50 21.58 19.67
C GLN C 242 2.50 20.52 20.12
N PRO C 243 1.22 20.64 19.76
CA PRO C 243 0.23 19.67 20.23
C PRO C 243 0.51 18.31 19.61
N SER C 244 0.35 17.26 20.42
CA SER C 244 0.43 15.91 19.88
C SER C 244 -0.64 15.66 18.84
N SER C 245 -1.82 16.27 19.02
CA SER C 245 -2.90 16.18 18.06
C SER C 245 -3.70 17.48 18.12
N CYS C 246 -4.23 17.88 16.96
CA CYS C 246 -4.96 19.14 16.85
C CYS C 246 -5.96 19.04 15.72
N VAL C 247 -7.16 19.58 15.95
CA VAL C 247 -8.19 19.68 14.92
C VAL C 247 -8.43 21.16 14.63
N VAL C 248 -8.27 21.54 13.37
CA VAL C 248 -8.50 22.91 12.92
C VAL C 248 -9.77 22.91 12.09
N PHE C 249 -10.74 23.72 12.49
CA PHE C 249 -12.06 23.77 11.85
C PHE C 249 -12.15 24.98 10.93
N CYS C 250 -12.67 24.75 9.72
CA CYS C 250 -12.93 25.81 8.76
C CYS C 250 -14.39 25.78 8.34
N ASN C 251 -14.87 26.90 7.80
CA ASN C 251 -16.26 27.03 7.40
C ASN C 251 -16.53 26.63 5.96
N THR C 252 -15.51 26.45 5.14
CA THR C 252 -15.69 26.08 3.74
C THR C 252 -14.72 24.98 3.36
N LYS C 253 -15.11 24.16 2.38
CA LYS C 253 -14.22 23.11 1.91
C LYS C 253 -12.96 23.67 1.24
N LYS C 254 -13.05 24.85 0.62
CA LYS C 254 -11.85 25.45 0.02
C LYS C 254 -10.85 25.89 1.07
N ASP C 255 -11.31 26.63 2.07
CA ASP C 255 -10.42 27.05 3.14
C ASP C 255 -9.82 25.85 3.86
N CYS C 256 -10.61 24.78 4.00
CA CYS C 256 -10.10 23.57 4.65
C CYS C 256 -8.88 23.00 3.93
N GLN C 257 -8.98 22.84 2.60
CA GLN C 257 -7.87 22.30 1.86
C GLN C 257 -6.71 23.29 1.76
N ALA C 258 -7.01 24.59 1.65
CA ALA C 258 -5.94 25.58 1.57
C ALA C 258 -5.11 25.62 2.84
N VAL C 259 -5.77 25.58 4.01
CA VAL C 259 -5.04 25.59 5.27
C VAL C 259 -4.20 24.33 5.42
N CYS C 260 -4.77 23.17 5.05
CA CYS C 260 -4.03 21.92 5.13
C CYS C 260 -2.76 21.98 4.28
N ASP C 261 -2.87 22.50 3.05
CA ASP C 261 -1.70 22.55 2.18
C ASP C 261 -0.67 23.56 2.71
N ALA C 262 -1.12 24.66 3.29
CA ALA C 262 -0.19 25.62 3.88
C ALA C 262 0.51 25.03 5.09
N LEU C 263 -0.19 24.23 5.87
CA LEU C 263 0.43 23.58 7.02
C LEU C 263 1.49 22.57 6.57
N ASN C 264 1.22 21.86 5.47
CA ASN C 264 2.18 20.89 4.97
C ASN C 264 3.36 21.57 4.31
N GLU C 265 3.20 22.81 3.85
CA GLU C 265 4.31 23.54 3.23
C GLU C 265 5.37 23.92 4.25
N VAL C 266 4.99 24.12 5.51
CA VAL C 266 5.95 24.41 6.57
C VAL C 266 6.31 23.16 7.37
N GLY C 267 5.87 21.98 6.91
CA GLY C 267 6.30 20.75 7.54
C GLY C 267 5.51 20.33 8.75
N GLN C 268 4.30 20.88 8.94
CA GLN C 268 3.44 20.53 10.06
C GLN C 268 2.44 19.49 9.59
N SER C 269 2.72 18.23 9.94
CA SER C 269 2.01 17.05 9.43
C SER C 269 0.50 17.20 9.52
N ALA C 270 -0.16 17.42 8.38
CA ALA C 270 -1.58 17.73 8.38
C ALA C 270 -2.32 16.94 7.31
N LEU C 271 -3.54 16.52 7.65
CA LEU C 271 -4.49 15.94 6.72
C LEU C 271 -5.76 16.78 6.71
N SER C 272 -6.59 16.58 5.69
CA SER C 272 -7.84 17.30 5.57
C SER C 272 -9.01 16.33 5.51
N LEU C 273 -10.16 16.78 5.98
CA LEU C 273 -11.38 15.96 6.02
C LEU C 273 -12.55 16.85 5.62
N HIS C 274 -13.10 16.63 4.43
CA HIS C 274 -14.23 17.40 3.95
C HIS C 274 -14.95 16.62 2.85
N GLY C 275 -16.13 17.11 2.48
CA GLY C 275 -17.06 16.39 1.62
C GLY C 275 -16.64 16.27 0.17
N ASP C 276 -15.65 17.03 -0.28
CA ASP C 276 -15.14 16.92 -1.63
C ASP C 276 -14.08 15.85 -1.77
N LEU C 277 -13.69 15.20 -0.68
CA LEU C 277 -12.75 14.10 -0.74
C LEU C 277 -13.48 12.81 -1.14
N GLU C 278 -12.72 11.91 -1.76
CA GLU C 278 -13.23 10.57 -1.98
C GLU C 278 -13.41 9.90 -0.62
N GLN C 279 -14.44 9.05 -0.50
CA GLN C 279 -14.76 8.49 0.82
C GLN C 279 -13.59 7.68 1.38
N ARG C 280 -12.87 6.95 0.51
CA ARG C 280 -11.71 6.21 0.98
C ARG C 280 -10.67 7.14 1.59
N ASP C 281 -10.50 8.33 1.01
CA ASP C 281 -9.58 9.29 1.58
C ASP C 281 -10.09 9.81 2.91
N ARG C 282 -11.39 10.01 3.03
CA ARG C 282 -11.97 10.43 4.30
C ARG C 282 -11.72 9.39 5.40
N ASP C 283 -11.95 8.12 5.09
CA ASP C 283 -11.77 7.06 6.09
C ASP C 283 -10.31 6.92 6.49
N GLN C 284 -9.42 6.89 5.50
CA GLN C 284 -8.00 6.73 5.81
C GLN C 284 -7.42 7.96 6.48
N THR C 285 -7.94 9.15 6.17
CA THR C 285 -7.51 10.36 6.87
C THR C 285 -7.89 10.29 8.36
N LEU C 286 -9.12 9.86 8.66
CA LEU C 286 -9.52 9.76 10.05
C LEU C 286 -8.72 8.69 10.79
N VAL C 287 -8.46 7.57 10.11
CA VAL C 287 -7.63 6.53 10.72
C VAL C 287 -6.25 7.06 11.06
N ARG C 288 -5.58 7.70 10.09
CA ARG C 288 -4.21 8.12 10.33
C ARG C 288 -4.13 9.23 11.37
N PHE C 289 -5.12 10.13 11.40
CA PHE C 289 -5.10 11.17 12.43
C PHE C 289 -5.34 10.55 13.81
N ALA C 290 -6.30 9.63 13.91
CA ALA C 290 -6.65 9.06 15.21
C ALA C 290 -5.51 8.25 15.81
N ASN C 291 -4.70 7.60 14.98
CA ASN C 291 -3.64 6.73 15.49
C ASN C 291 -2.28 7.44 15.57
N GLY C 292 -2.20 8.72 15.23
CA GLY C 292 -0.96 9.45 15.37
C GLY C 292 -0.08 9.52 14.14
N SER C 293 -0.60 9.13 12.97
CA SER C 293 0.17 9.24 11.73
C SER C 293 0.08 10.63 11.12
N ALA C 294 -0.61 11.55 11.77
CA ALA C 294 -0.63 12.95 11.39
C ALA C 294 -0.87 13.78 12.64
N ARG C 295 -0.29 14.97 12.68
CA ARG C 295 -0.38 15.82 13.86
C ARG C 295 -1.63 16.70 13.84
N VAL C 296 -2.00 17.21 12.68
CA VAL C 296 -3.11 18.17 12.56
C VAL C 296 -4.15 17.60 11.61
N LEU C 297 -5.42 17.72 12.00
CA LEU C 297 -6.54 17.41 11.12
C LEU C 297 -7.27 18.71 10.82
N VAL C 298 -7.33 19.06 9.54
CA VAL C 298 -8.07 20.24 9.09
C VAL C 298 -9.40 19.76 8.52
N ALA C 299 -10.50 20.25 9.08
CA ALA C 299 -11.80 19.71 8.73
C ALA C 299 -12.84 20.83 8.64
N THR C 300 -13.87 20.56 7.86
CA THR C 300 -15.11 21.32 7.92
C THR C 300 -15.97 20.75 9.04
N ASP C 301 -17.21 21.21 9.16
CA ASP C 301 -18.09 20.74 10.22
C ASP C 301 -18.54 19.30 10.03
N VAL C 302 -18.04 18.59 9.01
CA VAL C 302 -18.25 17.15 8.92
C VAL C 302 -17.64 16.43 10.11
N ALA C 303 -16.69 17.07 10.80
CA ALA C 303 -16.06 16.50 11.99
C ALA C 303 -16.46 17.24 13.27
N ALA C 304 -17.47 18.11 13.19
CA ALA C 304 -17.82 18.92 14.36
C ALA C 304 -18.52 18.08 15.43
N ARG C 305 -19.26 17.05 15.05
CA ARG C 305 -20.14 16.34 15.97
C ARG C 305 -19.68 14.90 16.16
N GLY C 306 -19.67 14.46 17.42
CA GLY C 306 -19.63 13.06 17.75
C GLY C 306 -18.30 12.34 17.63
N LEU C 307 -17.40 12.83 16.77
CA LEU C 307 -16.13 12.15 16.58
C LEU C 307 -15.36 12.09 17.90
N ASP C 308 -14.91 10.89 18.24
CA ASP C 308 -14.26 10.62 19.53
C ASP C 308 -12.80 10.26 19.29
N ILE C 309 -11.96 11.29 19.20
CA ILE C 309 -10.51 11.12 19.05
C ILE C 309 -9.89 11.15 20.44
N LYS C 310 -9.14 10.11 20.78
CA LYS C 310 -8.66 9.94 22.14
C LYS C 310 -7.61 10.99 22.49
N SER C 311 -7.84 11.71 23.60
CA SER C 311 -6.87 12.63 24.18
C SER C 311 -6.45 13.73 23.21
N LEU C 312 -7.39 14.21 22.40
CA LEU C 312 -7.12 15.33 21.52
C LEU C 312 -6.71 16.56 22.32
N GLU C 313 -5.54 17.10 22.02
CA GLU C 313 -4.94 18.15 22.84
C GLU C 313 -5.44 19.55 22.50
N LEU C 314 -5.74 19.84 21.24
CA LEU C 314 -5.99 21.22 20.85
C LEU C 314 -7.04 21.29 19.76
N VAL C 315 -7.97 22.22 19.91
CA VAL C 315 -8.93 22.58 18.87
C VAL C 315 -8.69 24.03 18.49
N VAL C 316 -8.64 24.30 17.19
CA VAL C 316 -8.48 25.66 16.67
C VAL C 316 -9.66 25.96 15.77
N ASN C 317 -10.35 27.07 16.04
CA ASN C 317 -11.39 27.57 15.14
C ASN C 317 -10.74 28.57 14.20
N PHE C 318 -10.35 28.11 13.02
CA PHE C 318 -9.83 29.00 12.00
C PHE C 318 -10.83 30.11 11.68
N GLU C 319 -12.10 29.75 11.54
CA GLU C 319 -13.19 30.71 11.47
C GLU C 319 -14.30 30.24 12.40
N LEU C 320 -14.92 31.18 13.09
CA LEU C 320 -16.01 30.84 13.99
C LEU C 320 -17.19 30.28 13.19
N ALA C 321 -17.82 29.26 13.75
CA ALA C 321 -18.95 28.63 13.07
C ALA C 321 -20.11 29.60 12.96
N TRP C 322 -20.96 29.37 11.95
CA TRP C 322 -22.11 30.23 11.73
C TRP C 322 -23.04 30.21 12.94
N ASP C 323 -23.26 29.03 13.54
CA ASP C 323 -24.15 28.92 14.69
C ASP C 323 -23.37 28.64 15.97
N PRO C 324 -23.81 29.20 17.10
CA PRO C 324 -23.08 28.97 18.36
C PRO C 324 -23.09 27.51 18.83
N GLU C 325 -24.17 26.76 18.57
CA GLU C 325 -24.19 25.36 18.95
C GLU C 325 -23.09 24.57 18.26
N VAL C 326 -22.79 24.90 16.99
CA VAL C 326 -21.72 24.19 16.30
C VAL C 326 -20.39 24.47 16.97
N HIS C 327 -20.20 25.68 17.50
CA HIS C 327 -19.00 25.99 18.27
C HIS C 327 -18.87 25.07 19.48
N VAL C 328 -19.98 24.78 20.16
CA VAL C 328 -19.94 23.87 21.32
C VAL C 328 -19.48 22.49 20.89
N HIS C 329 -19.97 22.00 19.76
CA HIS C 329 -19.61 20.67 19.30
C HIS C 329 -18.16 20.64 18.82
N ARG C 330 -17.69 21.72 18.19
CA ARG C 330 -16.31 21.78 17.72
C ARG C 330 -15.33 21.66 18.88
N ILE C 331 -15.44 22.56 19.86
CA ILE C 331 -14.52 22.51 21.00
C ILE C 331 -14.73 21.24 21.81
N GLY C 332 -15.90 20.61 21.69
CA GLY C 332 -16.16 19.33 22.34
C GLY C 332 -15.34 18.17 21.82
N ARG C 333 -14.60 18.36 20.71
CA ARG C 333 -13.71 17.30 20.25
C ARG C 333 -12.57 17.04 21.22
N THR C 334 -12.21 18.03 22.03
CA THR C 334 -11.24 17.86 23.10
C THR C 334 -11.96 17.78 24.45
N ALA C 335 -11.19 17.47 25.49
CA ALA C 335 -11.70 17.34 26.86
C ALA C 335 -12.86 16.35 26.93
N ARG C 336 -12.58 15.12 26.52
CA ARG C 336 -13.56 14.04 26.49
C ARG C 336 -13.25 13.02 27.58
N ALA C 337 -14.30 12.35 28.05
CA ALA C 337 -14.18 11.23 28.97
C ALA C 337 -13.32 11.58 30.20
N GLY C 338 -13.50 12.82 30.68
CA GLY C 338 -12.83 13.28 31.88
C GLY C 338 -11.56 14.06 31.65
N ASN C 339 -11.08 14.14 30.42
CA ASN C 339 -9.86 14.91 30.16
C ASN C 339 -10.15 16.41 30.08
N SER C 340 -9.06 17.18 30.05
CA SER C 340 -9.10 18.60 29.77
C SER C 340 -8.69 18.87 28.32
N GLY C 341 -8.84 20.13 27.91
CA GLY C 341 -8.45 20.49 26.55
C GLY C 341 -8.37 22.00 26.39
N LEU C 342 -7.79 22.40 25.26
CA LEU C 342 -7.60 23.79 24.91
C LEU C 342 -8.27 24.06 23.57
N ALA C 343 -9.01 25.17 23.49
CA ALA C 343 -9.69 25.56 22.25
C ALA C 343 -9.34 27.00 21.94
N ILE C 344 -8.58 27.21 20.87
CA ILE C 344 -8.20 28.53 20.39
C ILE C 344 -9.12 28.92 19.23
N SER C 345 -9.56 30.17 19.21
CA SER C 345 -10.44 30.65 18.16
C SER C 345 -9.87 31.92 17.53
N PHE C 346 -9.87 31.97 16.20
CA PHE C 346 -9.49 33.18 15.47
C PHE C 346 -10.74 34.00 15.18
N CYS C 347 -10.60 35.32 15.26
CA CYS C 347 -11.73 36.22 15.07
C CYS C 347 -11.31 37.39 14.19
N ALA C 348 -11.83 37.42 12.96
CA ALA C 348 -11.69 38.60 12.13
C ALA C 348 -12.78 39.60 12.48
N PRO C 349 -12.62 40.88 12.11
CA PRO C 349 -13.61 41.89 12.51
C PRO C 349 -15.04 41.56 12.08
N GLU C 350 -15.21 40.89 10.94
CA GLU C 350 -16.53 40.50 10.48
C GLU C 350 -17.12 39.40 11.35
N GLU C 351 -16.28 38.68 12.09
CA GLU C 351 -16.68 37.55 12.90
C GLU C 351 -16.81 37.91 14.38
N ALA C 352 -16.66 39.19 14.72
CA ALA C 352 -16.79 39.63 16.11
C ALA C 352 -18.19 39.36 16.65
N GLN C 353 -19.20 39.51 15.78
CA GLN C 353 -20.59 39.28 16.20
C GLN C 353 -20.81 37.83 16.61
N ARG C 354 -20.19 36.90 15.89
CA ARG C 354 -20.30 35.50 16.29
C ARG C 354 -19.60 35.22 17.62
N ALA C 355 -18.51 35.94 17.90
CA ALA C 355 -17.83 35.73 19.19
C ALA C 355 -18.69 36.20 20.35
N ASN C 356 -19.45 37.29 20.15
CA ASN C 356 -20.32 37.78 21.21
C ASN C 356 -21.47 36.82 21.49
N ILE C 357 -22.06 36.25 20.43
CA ILE C 357 -23.16 35.30 20.62
C ILE C 357 -22.68 34.07 21.40
N ILE C 358 -21.46 33.61 21.11
CA ILE C 358 -20.87 32.52 21.88
C ILE C 358 -20.66 32.96 23.33
N SER C 359 -20.26 34.21 23.51
CA SER C 359 -20.04 34.75 24.86
C SER C 359 -21.29 34.66 25.71
N ASP C 360 -22.44 35.09 25.18
CA ASP C 360 -23.69 35.02 25.93
C ASP C 360 -24.11 33.57 26.20
N MET C 361 -24.19 32.76 25.14
CA MET C 361 -24.72 31.41 25.28
C MET C 361 -23.91 30.59 26.28
N LEU C 362 -22.58 30.72 26.25
CA LEU C 362 -21.73 29.93 27.13
C LEU C 362 -21.49 30.60 28.49
N GLN C 363 -22.00 31.81 28.71
CA GLN C 363 -21.80 32.54 29.96
C GLN C 363 -20.32 32.60 30.34
N ILE C 364 -19.50 32.96 29.35
CA ILE C 364 -18.06 33.11 29.55
C ILE C 364 -17.63 34.49 29.08
N LYS C 365 -16.56 34.99 29.69
CA LYS C 365 -15.88 36.20 29.24
C LYS C 365 -14.69 35.80 28.37
N LEU C 366 -14.59 36.39 27.19
CA LEU C 366 -13.59 35.96 26.21
C LEU C 366 -12.20 36.38 26.64
N ASN C 367 -11.26 35.44 26.62
CA ASN C 367 -9.88 35.68 27.00
C ASN C 367 -9.10 36.01 25.74
N TRP C 368 -9.02 37.29 25.41
CA TRP C 368 -8.32 37.72 24.20
C TRP C 368 -6.81 37.67 24.43
N GLN C 369 -6.10 37.05 23.49
CA GLN C 369 -4.67 36.84 23.58
C GLN C 369 -3.93 37.78 22.62
N THR C 370 -2.73 38.18 23.01
CA THR C 370 -1.84 38.88 22.11
C THR C 370 -0.99 37.89 21.31
N PRO C 371 -0.78 38.14 20.02
CA PRO C 371 -0.13 37.13 19.17
C PRO C 371 1.28 36.83 19.63
N PRO C 372 1.85 35.70 19.21
CA PRO C 372 3.16 35.30 19.74
C PRO C 372 4.23 36.32 19.38
N ALA C 373 5.16 36.52 20.31
CA ALA C 373 6.21 37.55 20.23
C ALA C 373 6.73 37.83 18.82
N SER C 375 7.68 35.38 16.34
CA SER C 375 7.92 33.96 16.54
C SER C 375 8.14 33.21 15.23
N SER C 376 9.02 32.22 15.28
CA SER C 376 9.40 31.42 14.12
C SER C 376 8.43 30.24 13.92
N ILE C 377 8.39 29.75 12.69
CA ILE C 377 7.56 28.60 12.33
C ILE C 377 8.40 27.31 12.29
N ALA C 378 8.16 26.41 13.25
CA ALA C 378 8.82 25.11 13.39
C ALA C 378 8.00 23.98 12.75
N THR C 379 8.68 22.84 12.55
CA THR C 379 8.07 21.64 12.01
C THR C 379 7.33 20.84 13.10
N LEU C 380 6.34 20.06 12.68
CA LEU C 380 5.59 19.13 13.54
C LEU C 380 5.64 17.76 12.87
N GLU C 381 6.44 16.86 13.42
CA GLU C 381 6.63 15.54 12.85
C GLU C 381 5.58 14.58 13.38
N ALA C 382 5.08 13.70 12.51
CA ALA C 382 4.17 12.67 12.98
C ALA C 382 4.98 11.56 13.62
N GLU C 383 4.51 11.07 14.76
CA GLU C 383 5.25 10.03 15.47
C GLU C 383 5.00 8.64 14.90
N MET C 384 3.88 8.41 14.21
CA MET C 384 3.52 7.10 13.70
C MET C 384 3.36 7.12 12.19
N ALA C 385 3.26 5.91 11.62
CA ALA C 385 2.88 5.70 10.23
C ALA C 385 1.90 4.55 10.20
N THR C 386 1.03 4.52 9.20
CA THR C 386 -0.09 3.59 9.15
C THR C 386 0.15 2.53 8.09
N LEU C 387 0.14 1.26 8.51
CA LEU C 387 0.08 0.14 7.58
C LEU C 387 -1.37 -0.23 7.33
N CYS C 388 -1.70 -0.49 6.07
CA CYS C 388 -3.03 -0.93 5.67
C CYS C 388 -2.92 -2.35 5.13
N ILE C 389 -3.47 -3.31 5.86
CA ILE C 389 -3.45 -4.72 5.48
C ILE C 389 -4.78 -5.07 4.83
N ASP C 390 -4.73 -5.86 3.75
CA ASP C 390 -5.94 -6.26 3.07
C ASP C 390 -6.58 -7.46 3.77
N GLY C 391 -7.90 -7.43 3.88
CA GLY C 391 -8.63 -8.49 4.53
C GLY C 391 -9.73 -8.00 5.45
N GLY C 392 -9.35 -7.50 6.62
CA GLY C 392 -10.31 -6.94 7.55
C GLY C 392 -11.16 -8.03 8.19
N LYS C 393 -12.40 -7.65 8.51
CA LYS C 393 -13.32 -8.61 9.12
C LYS C 393 -13.78 -9.67 8.14
N LYS C 394 -13.79 -9.36 6.83
CA LYS C 394 -14.10 -10.39 5.85
C LYS C 394 -13.12 -11.55 5.91
N ALA C 395 -11.86 -11.28 6.22
CA ALA C 395 -10.81 -12.29 6.32
C ALA C 395 -10.62 -12.81 7.74
N LYS C 396 -11.57 -12.53 8.64
CA LYS C 396 -11.54 -13.00 10.02
C LYS C 396 -10.28 -12.53 10.76
N MET C 397 -9.77 -11.35 10.43
CA MET C 397 -8.59 -10.82 11.10
C MET C 397 -8.99 -10.05 12.35
N ARG C 398 -8.57 -10.54 13.48
CA ARG C 398 -8.80 -9.87 14.74
C ARG C 398 -7.53 -9.15 15.16
N PRO C 399 -7.64 -8.11 16.00
CA PRO C 399 -6.43 -7.34 16.36
C PRO C 399 -5.31 -8.20 16.91
N GLY C 400 -5.65 -9.26 17.64
CA GLY C 400 -4.64 -10.15 18.18
C GLY C 400 -3.81 -10.84 17.10
N ASP C 401 -4.42 -11.14 15.96
CA ASP C 401 -3.66 -11.76 14.86
C ASP C 401 -2.60 -10.82 14.33
N VAL C 402 -2.96 -9.55 14.10
CA VAL C 402 -2.00 -8.58 13.58
C VAL C 402 -0.87 -8.37 14.59
N LEU C 403 -1.22 -8.16 15.86
CA LEU C 403 -0.19 -7.98 16.88
C LEU C 403 0.67 -9.23 17.02
N GLY C 404 0.05 -10.41 16.91
CA GLY C 404 0.81 -11.64 17.02
C GLY C 404 1.82 -11.80 15.89
N ALA C 405 1.40 -11.48 14.67
CA ALA C 405 2.33 -11.56 13.54
C ALA C 405 3.45 -10.52 13.67
N LEU C 406 3.10 -9.30 14.09
CA LEU C 406 4.11 -8.25 14.16
C LEU C 406 5.14 -8.54 15.24
N THR C 407 4.71 -9.06 16.38
CA THR C 407 5.61 -9.27 17.51
C THR C 407 6.36 -10.59 17.46
N GLY C 408 5.85 -11.58 16.72
CA GLY C 408 6.42 -12.91 16.69
C GLY C 408 7.36 -13.08 15.52
N ASP C 409 6.83 -13.52 14.39
CA ASP C 409 7.66 -13.85 13.24
C ASP C 409 8.41 -12.64 12.71
N ILE C 410 7.71 -11.51 12.53
CA ILE C 410 8.32 -10.30 12.01
C ILE C 410 9.25 -9.67 13.04
N GLY C 411 9.04 -9.94 14.32
CA GLY C 411 10.03 -9.59 15.32
C GLY C 411 10.01 -8.11 15.63
N LEU C 412 8.84 -7.59 15.97
CA LEU C 412 8.65 -6.20 16.34
C LEU C 412 8.40 -6.07 17.83
N ASP C 413 8.85 -4.96 18.40
CA ASP C 413 8.56 -4.68 19.79
C ASP C 413 7.10 -4.28 19.94
N GLY C 414 6.43 -4.83 20.95
CA GLY C 414 5.03 -4.52 21.17
C GLY C 414 4.79 -3.06 21.50
N ALA C 415 5.80 -2.34 21.96
CA ALA C 415 5.67 -0.93 22.28
C ALA C 415 5.83 -0.03 21.06
N ASP C 416 6.17 -0.58 19.90
CA ASP C 416 6.23 0.18 18.66
C ASP C 416 4.96 0.08 17.84
N ILE C 417 3.95 -0.66 18.30
CA ILE C 417 2.68 -0.82 17.61
C ILE C 417 1.61 -0.11 18.42
N GLY C 418 0.90 0.82 17.76
CA GLY C 418 -0.17 1.56 18.40
C GLY C 418 -1.55 1.02 18.09
N LYS C 419 -2.45 1.92 17.68
CA LYS C 419 -3.84 1.54 17.44
C LYS C 419 -3.94 0.52 16.30
N ILE C 420 -4.78 -0.50 16.52
CA ILE C 420 -5.16 -1.45 15.49
C ILE C 420 -6.66 -1.32 15.27
N ALA C 421 -7.06 -1.03 14.04
CA ALA C 421 -8.47 -0.82 13.69
C ALA C 421 -8.86 -1.85 12.64
N VAL C 422 -9.80 -2.74 13.00
CA VAL C 422 -10.31 -3.74 12.08
C VAL C 422 -11.53 -3.14 11.37
N HIS C 423 -11.39 -2.89 10.07
CA HIS C 423 -12.47 -2.46 9.20
C HIS C 423 -13.06 -3.64 8.45
N PRO C 424 -14.17 -3.46 7.74
CA PRO C 424 -14.80 -4.63 7.08
C PRO C 424 -13.90 -5.33 6.08
N ALA C 425 -13.07 -4.59 5.34
CA ALA C 425 -12.20 -5.17 4.33
C ALA C 425 -10.72 -4.91 4.56
N HIS C 426 -10.35 -4.15 5.59
CA HIS C 426 -8.96 -3.82 5.85
C HIS C 426 -8.69 -3.77 7.34
N VAL C 427 -7.40 -3.84 7.67
CA VAL C 427 -6.92 -3.62 9.03
C VAL C 427 -5.85 -2.54 8.98
N TYR C 428 -6.01 -1.51 9.79
CA TYR C 428 -5.05 -0.41 9.88
C TYR C 428 -4.24 -0.57 11.16
N VAL C 429 -2.92 -0.47 11.03
CA VAL C 429 -2.02 -0.58 12.18
C VAL C 429 -1.12 0.64 12.21
N ALA C 430 -0.93 1.20 13.39
CA ALA C 430 -0.01 2.31 13.59
C ALA C 430 1.31 1.79 14.16
N VAL C 431 2.41 2.12 13.51
CA VAL C 431 3.74 1.79 13.99
C VAL C 431 4.57 3.06 13.94
N ARG C 432 5.50 3.20 14.88
CA ARG C 432 6.39 4.36 14.86
C ARG C 432 7.15 4.44 13.54
N GLN C 433 7.31 5.68 13.04
CA GLN C 433 7.88 5.88 11.72
C GLN C 433 9.27 5.28 11.57
N ALA C 434 10.06 5.27 12.65
CA ALA C 434 11.43 4.77 12.53
C ALA C 434 11.45 3.29 12.13
N VAL C 435 10.42 2.54 12.49
CA VAL C 435 10.35 1.11 12.19
C VAL C 435 9.32 0.80 11.11
N ALA C 436 8.63 1.83 10.59
CA ALA C 436 7.50 1.61 9.70
C ALA C 436 7.90 0.90 8.42
N HIS C 437 8.98 1.35 7.78
CA HIS C 437 9.39 0.74 6.52
C HIS C 437 9.83 -0.71 6.71
N LYS C 438 10.60 -0.99 7.75
CA LYS C 438 10.96 -2.37 8.06
C LYS C 438 9.72 -3.23 8.33
N ALA C 439 8.77 -2.71 9.11
CA ALA C 439 7.55 -3.47 9.39
C ALA C 439 6.78 -3.77 8.11
N TRP C 440 6.62 -2.76 7.24
CA TRP C 440 5.90 -2.95 5.99
C TRP C 440 6.57 -4.00 5.11
N LYS C 441 7.87 -3.88 4.87
CA LYS C 441 8.54 -4.79 3.95
C LYS C 441 8.52 -6.22 4.49
N GLN C 442 8.79 -6.42 5.79
CA GLN C 442 8.83 -7.77 6.32
C GLN C 442 7.44 -8.37 6.46
N LEU C 443 6.42 -7.55 6.72
CA LEU C 443 5.06 -8.08 6.73
C LEU C 443 4.57 -8.34 5.31
N GLN C 444 5.13 -7.63 4.32
CA GLN C 444 4.79 -7.87 2.93
C GLN C 444 5.14 -9.29 2.51
N GLY C 445 6.32 -9.76 2.89
CA GLY C 445 6.75 -11.10 2.59
C GLY C 445 6.58 -12.09 3.72
N GLY C 446 5.93 -11.70 4.81
CA GLY C 446 5.60 -12.60 5.89
C GLY C 446 4.18 -13.11 5.76
N LYS C 447 3.69 -13.72 6.83
CA LYS C 447 2.33 -14.22 6.84
C LYS C 447 1.66 -13.94 8.18
N ILE C 448 0.38 -13.58 8.09
CA ILE C 448 -0.48 -13.33 9.24
C ILE C 448 -1.53 -14.42 9.27
N LYS C 449 -1.72 -15.05 10.44
CA LYS C 449 -2.73 -16.09 10.60
C LYS C 449 -2.46 -17.28 9.68
N GLY C 450 -1.19 -17.56 9.39
CA GLY C 450 -0.88 -18.67 8.52
C GLY C 450 -0.94 -18.34 7.03
N LYS C 451 -1.79 -17.39 6.65
CA LYS C 451 -1.99 -17.01 5.27
C LYS C 451 -1.13 -15.81 4.91
N THR C 452 -0.86 -15.66 3.62
CA THR C 452 -0.09 -14.52 3.12
C THR C 452 -0.96 -13.27 3.11
N CYS C 453 -0.31 -12.12 3.24
CA CYS C 453 -1.01 -10.85 3.25
C CYS C 453 -0.38 -9.93 2.23
N ARG C 454 -1.14 -8.92 1.82
CA ARG C 454 -0.64 -7.87 0.96
C ARG C 454 -0.78 -6.56 1.74
N VAL C 455 0.35 -5.90 1.99
CA VAL C 455 0.43 -4.79 2.92
C VAL C 455 0.86 -3.54 2.16
N ARG C 456 0.18 -2.43 2.44
CA ARG C 456 0.57 -1.13 1.91
C ARG C 456 0.89 -0.19 3.06
N LEU C 457 1.75 0.77 2.79
CA LEU C 457 2.13 1.82 3.73
C LEU C 457 1.54 3.13 3.23
N LEU C 458 0.69 3.75 4.04
CA LEU C 458 -0.10 4.87 3.53
C LEU C 458 0.77 6.11 3.34
N LYS C 459 1.38 6.60 4.43
CA LYS C 459 2.23 7.80 4.37
C LYS C 459 1.63 8.91 3.51
N MET E 3 11.75 -73.04 -0.65
CA MET E 3 13.05 -73.05 0.01
C MET E 3 13.17 -71.90 1.02
N THR E 4 12.64 -70.73 0.67
CA THR E 4 12.78 -69.54 1.50
C THR E 4 11.44 -68.96 1.92
N ALA E 5 10.42 -69.80 2.08
CA ALA E 5 9.17 -69.39 2.70
C ALA E 5 9.19 -69.81 4.16
N PHE E 6 8.63 -68.95 5.03
CA PHE E 6 8.60 -69.27 6.45
C PHE E 6 7.82 -70.55 6.75
N SER E 7 6.90 -70.95 5.86
CA SER E 7 6.17 -72.20 6.07
C SER E 7 7.09 -73.41 5.97
N THR E 8 8.16 -73.32 5.17
CA THR E 8 9.09 -74.43 4.99
C THR E 8 9.84 -74.80 6.26
N LEU E 9 9.79 -73.95 7.30
CA LEU E 9 10.43 -74.30 8.55
C LEU E 9 9.67 -75.38 9.31
N ASN E 10 8.36 -75.52 9.04
CA ASN E 10 7.53 -76.57 9.65
C ASN E 10 7.55 -76.48 11.17
N VAL E 11 7.56 -75.26 11.70
CA VAL E 11 7.57 -75.03 13.14
C VAL E 11 6.55 -73.96 13.50
N LEU E 12 6.50 -72.88 12.70
CA LEU E 12 5.68 -71.75 13.06
C LEU E 12 4.19 -72.08 12.96
N PRO E 13 3.39 -71.66 13.93
CA PRO E 13 1.94 -71.89 13.86
C PRO E 13 1.31 -71.05 12.77
N PRO E 14 0.09 -71.41 12.32
CA PRO E 14 -0.54 -70.63 11.24
C PRO E 14 -0.77 -69.17 11.59
N ALA E 15 -1.11 -68.87 12.85
CA ALA E 15 -1.31 -67.49 13.25
C ALA E 15 -0.04 -66.66 13.04
N GLN E 16 1.13 -67.27 13.26
CA GLN E 16 2.38 -66.55 13.03
C GLN E 16 2.66 -66.40 11.53
N LEU E 17 2.29 -67.38 10.71
CA LEU E 17 2.45 -67.24 9.27
C LEU E 17 1.59 -66.12 8.74
N THR E 18 0.34 -66.02 9.21
CA THR E 18 -0.52 -64.90 8.82
C THR E 18 0.05 -63.58 9.30
N ASN E 19 0.57 -63.55 10.53
CA ASN E 19 1.16 -62.33 11.07
C ASN E 19 2.33 -61.86 10.23
N LEU E 20 3.24 -62.78 9.88
CA LEU E 20 4.40 -62.41 9.07
C LEU E 20 3.97 -61.89 7.70
N ASN E 21 2.94 -62.49 7.11
CA ASN E 21 2.45 -62.05 5.82
C ASN E 21 1.77 -60.69 5.92
N GLU E 22 0.99 -60.47 6.99
CA GLU E 22 0.37 -59.17 7.18
C GLU E 22 1.42 -58.09 7.49
N LEU E 23 2.55 -58.47 8.10
CA LEU E 23 3.59 -57.51 8.45
C LEU E 23 4.50 -57.17 7.28
N GLY E 24 4.42 -57.90 6.17
CA GLY E 24 5.31 -57.69 5.05
C GLY E 24 6.52 -58.59 5.02
N TYR E 25 6.63 -59.56 5.94
CA TYR E 25 7.70 -60.55 5.91
C TYR E 25 7.27 -61.67 4.95
N LEU E 26 7.50 -61.42 3.65
CA LEU E 26 6.99 -62.33 2.63
C LEU E 26 7.96 -63.45 2.27
N THR E 27 9.26 -63.21 2.39
CA THR E 27 10.28 -64.20 2.13
C THR E 27 11.29 -64.18 3.26
N MET E 28 11.87 -65.35 3.57
CA MET E 28 12.97 -65.38 4.51
C MET E 28 14.21 -64.78 3.88
N THR E 29 14.88 -63.91 4.61
CA THR E 29 16.17 -63.40 4.18
C THR E 29 17.20 -64.52 4.37
N PRO E 30 18.39 -64.38 3.77
CA PRO E 30 19.40 -65.45 3.91
C PRO E 30 19.69 -65.85 5.35
N VAL E 31 19.90 -64.87 6.24
CA VAL E 31 20.22 -65.19 7.63
C VAL E 31 19.03 -65.89 8.30
N GLN E 32 17.81 -65.48 7.95
CA GLN E 32 16.63 -66.15 8.50
C GLN E 32 16.53 -67.58 8.03
N ALA E 33 16.73 -67.83 6.74
CA ALA E 33 16.65 -69.18 6.22
C ALA E 33 17.75 -70.08 6.79
N ALA E 34 18.92 -69.52 7.07
CA ALA E 34 20.05 -70.33 7.51
C ALA E 34 20.08 -70.56 9.01
N ALA E 35 19.54 -69.64 9.81
CA ALA E 35 19.66 -69.71 11.25
C ALA E 35 18.39 -70.16 11.95
N LEU E 36 17.22 -69.92 11.36
CA LEU E 36 15.97 -70.27 12.03
C LEU E 36 15.82 -71.77 12.24
N PRO E 37 16.15 -72.66 11.29
CA PRO E 37 16.07 -74.10 11.59
C PRO E 37 16.88 -74.52 12.81
N ALA E 38 18.12 -74.03 12.92
CA ALA E 38 18.95 -74.40 14.06
C ALA E 38 18.43 -73.82 15.36
N ILE E 39 17.98 -72.56 15.35
CA ILE E 39 17.50 -71.92 16.57
C ILE E 39 16.22 -72.60 17.06
N LEU E 40 15.28 -72.84 16.14
CA LEU E 40 14.04 -73.51 16.52
C LEU E 40 14.29 -74.94 17.01
N ALA E 41 15.41 -75.55 16.61
CA ALA E 41 15.78 -76.86 17.13
C ALA E 41 16.48 -76.78 18.47
N GLY E 42 16.71 -75.57 18.98
CA GLY E 42 17.25 -75.36 20.31
C GLY E 42 18.75 -75.25 20.43
N LYS E 43 19.48 -75.13 19.33
CA LYS E 43 20.93 -75.06 19.43
C LYS E 43 21.41 -73.61 19.61
N ASP E 44 22.54 -73.48 20.29
CA ASP E 44 23.22 -72.20 20.38
C ASP E 44 23.90 -71.88 19.05
N VAL E 45 23.82 -70.62 18.63
CA VAL E 45 24.37 -70.21 17.34
C VAL E 45 25.15 -68.92 17.50
N ARG E 46 26.22 -68.80 16.70
CA ARG E 46 26.92 -67.53 16.49
C ARG E 46 26.82 -67.20 15.01
N VAL E 47 26.13 -66.12 14.69
CA VAL E 47 25.72 -65.79 13.33
C VAL E 47 26.46 -64.54 12.85
N GLN E 48 26.87 -64.55 11.58
CA GLN E 48 27.42 -63.36 10.93
C GLN E 48 26.66 -63.15 9.61
N ALA E 49 25.89 -62.07 9.55
CA ALA E 49 25.19 -61.69 8.33
C ALA E 49 25.33 -60.18 8.14
N LYS E 50 25.23 -59.73 6.90
CA LYS E 50 25.47 -58.34 6.60
C LYS E 50 24.40 -57.45 7.25
N THR E 51 24.67 -56.14 7.26
CA THR E 51 23.76 -55.20 7.90
C THR E 51 22.45 -55.11 7.12
N GLY E 52 21.37 -54.87 7.86
CA GLY E 52 20.05 -54.69 7.27
C GLY E 52 19.51 -55.90 6.55
N SER E 53 19.93 -57.10 6.94
CA SER E 53 19.48 -58.33 6.28
C SER E 53 18.56 -59.17 7.15
N GLY E 54 18.08 -58.61 8.27
CA GLY E 54 17.02 -59.25 9.03
C GLY E 54 17.42 -60.05 10.24
N LYS E 55 18.53 -59.71 10.91
CA LYS E 55 18.92 -60.47 12.09
C LYS E 55 17.91 -60.38 13.21
N THR E 56 17.25 -59.23 13.35
CA THR E 56 16.30 -59.04 14.45
C THR E 56 15.17 -60.06 14.39
N ALA E 57 14.55 -60.20 13.22
CA ALA E 57 13.49 -61.19 13.05
C ALA E 57 14.03 -62.61 13.12
N ALA E 58 15.31 -62.80 12.75
CA ALA E 58 15.91 -64.13 12.81
C ALA E 58 15.88 -64.70 14.24
N PHE E 59 16.40 -63.94 15.21
CA PHE E 59 16.35 -64.41 16.58
C PHE E 59 15.01 -64.13 17.25
N GLY E 60 14.23 -63.19 16.72
CA GLY E 60 12.93 -62.89 17.32
C GLY E 60 11.93 -64.02 17.11
N LEU E 61 11.81 -64.51 15.88
CA LEU E 61 10.92 -65.63 15.60
C LEU E 61 11.32 -66.87 16.39
N GLY E 62 12.62 -67.08 16.58
CA GLY E 62 13.11 -68.18 17.39
C GLY E 62 12.63 -68.14 18.82
N LEU E 63 12.91 -67.03 19.51
CA LEU E 63 12.58 -66.94 20.94
C LEU E 63 11.08 -66.83 21.16
N LEU E 64 10.34 -66.24 20.22
CA LEU E 64 8.90 -66.14 20.39
C LEU E 64 8.22 -67.50 20.28
N GLN E 65 8.84 -68.44 19.55
CA GLN E 65 8.28 -69.78 19.44
C GLN E 65 8.31 -70.52 20.77
N GLN E 66 9.22 -70.17 21.68
CA GLN E 66 9.33 -70.82 22.97
C GLN E 66 8.81 -69.94 24.11
N ILE E 67 7.77 -69.16 23.85
CA ILE E 67 7.17 -68.30 24.86
C ILE E 67 5.83 -68.88 25.27
N ASP E 68 5.64 -69.07 26.56
CA ASP E 68 4.37 -69.52 27.13
C ASP E 68 3.69 -68.27 27.69
N ALA E 69 2.61 -67.85 27.03
CA ALA E 69 1.96 -66.60 27.38
C ALA E 69 1.25 -66.68 28.74
N SER E 70 0.81 -67.87 29.13
CA SER E 70 0.14 -68.02 30.43
C SER E 70 1.11 -67.93 31.59
N LEU E 71 2.40 -68.19 31.36
CA LEU E 71 3.41 -68.14 32.41
C LEU E 71 3.98 -66.73 32.47
N PHE E 72 3.58 -65.98 33.50
CA PHE E 72 3.99 -64.58 33.64
C PHE E 72 5.34 -64.48 34.36
N GLN E 73 6.34 -65.05 33.69
CA GLN E 73 7.74 -64.91 34.10
C GLN E 73 8.58 -64.63 32.87
N THR E 74 9.78 -64.12 33.10
CA THR E 74 10.69 -63.76 32.01
C THR E 74 11.30 -65.02 31.41
N GLN E 75 11.10 -65.21 30.10
CA GLN E 75 11.57 -66.40 29.42
C GLN E 75 12.62 -66.11 28.35
N ALA E 76 12.71 -64.89 27.85
CA ALA E 76 13.72 -64.51 26.87
C ALA E 76 14.31 -63.16 27.23
N LEU E 77 15.61 -63.01 27.00
CA LEU E 77 16.34 -61.77 27.28
C LEU E 77 17.21 -61.42 26.08
N VAL E 78 17.06 -60.18 25.60
CA VAL E 78 17.89 -59.67 24.50
C VAL E 78 18.71 -58.50 25.05
N LEU E 79 20.02 -58.56 24.82
CA LEU E 79 20.95 -57.52 25.27
C LEU E 79 21.41 -56.71 24.07
N CYS E 80 21.40 -55.39 24.23
CA CYS E 80 21.79 -54.46 23.18
C CYS E 80 22.81 -53.46 23.70
N PRO E 81 23.66 -52.93 22.81
CA PRO E 81 24.69 -51.98 23.27
C PRO E 81 24.23 -50.55 23.47
N THR E 82 23.05 -50.17 22.98
CA THR E 82 22.57 -48.79 23.12
C THR E 82 21.09 -48.79 23.49
N ARG E 83 20.68 -47.73 24.19
CA ARG E 83 19.30 -47.63 24.63
C ARG E 83 18.35 -47.52 23.44
N GLU E 84 18.73 -46.74 22.42
CA GLU E 84 17.87 -46.58 21.25
C GLU E 84 17.71 -47.89 20.49
N LEU E 85 18.79 -48.69 20.40
CA LEU E 85 18.68 -49.98 19.75
C LEU E 85 17.77 -50.92 20.52
N ALA E 86 17.90 -50.94 21.85
CA ALA E 86 17.02 -51.78 22.67
C ALA E 86 15.56 -51.42 22.43
N ASP E 87 15.26 -50.11 22.38
CA ASP E 87 13.89 -49.69 22.07
C ASP E 87 13.48 -50.16 20.68
N GLN E 88 14.40 -50.13 19.72
CA GLN E 88 14.06 -50.52 18.35
C GLN E 88 13.77 -52.01 18.23
N VAL E 89 14.65 -52.87 18.75
CA VAL E 89 14.42 -54.31 18.58
C VAL E 89 13.18 -54.74 19.36
N ALA E 90 12.93 -54.13 20.53
CA ALA E 90 11.71 -54.46 21.27
C ALA E 90 10.47 -54.07 20.48
N GLY E 91 10.54 -52.94 19.75
CA GLY E 91 9.40 -52.56 18.92
C GLY E 91 9.09 -53.59 17.85
N GLU E 92 10.12 -54.16 17.23
CA GLU E 92 9.89 -55.18 16.22
C GLU E 92 9.49 -56.52 16.85
N LEU E 93 10.01 -56.83 18.04
CA LEU E 93 9.57 -58.04 18.73
C LEU E 93 8.08 -57.99 19.05
N ARG E 94 7.58 -56.83 19.46
CA ARG E 94 6.15 -56.70 19.74
C ARG E 94 5.31 -56.93 18.49
N ARG E 95 5.77 -56.42 17.34
CA ARG E 95 5.06 -56.66 16.10
C ARG E 95 5.14 -58.12 15.68
N LEU E 96 6.28 -58.77 15.92
CA LEU E 96 6.36 -60.21 15.65
C LEU E 96 5.52 -61.01 16.64
N ALA E 97 5.21 -60.43 17.80
CA ALA E 97 4.44 -61.12 18.83
C ALA E 97 2.93 -60.90 18.70
N ARG E 98 2.46 -60.22 17.65
CA ARG E 98 1.03 -60.01 17.48
C ARG E 98 0.27 -61.32 17.39
N PHE E 99 0.91 -62.38 16.89
CA PHE E 99 0.24 -63.67 16.79
C PHE E 99 -0.12 -64.24 18.14
N LEU E 100 0.61 -63.85 19.20
CA LEU E 100 0.40 -64.39 20.54
C LEU E 100 -0.16 -63.30 21.43
N PRO E 101 -1.47 -63.25 21.65
CA PRO E 101 -2.06 -62.16 22.42
C PRO E 101 -1.54 -62.09 23.85
N ASN E 102 -1.54 -60.87 24.40
CA ASN E 102 -1.20 -60.62 25.80
C ASN E 102 0.25 -61.01 26.11
N THR E 103 1.14 -60.79 25.14
CA THR E 103 2.57 -60.97 25.34
C THR E 103 3.19 -59.66 25.79
N LYS E 104 3.76 -59.65 27.00
CA LYS E 104 4.36 -58.44 27.55
C LYS E 104 5.86 -58.43 27.24
N ILE E 105 6.29 -57.45 26.45
CA ILE E 105 7.71 -57.22 26.15
C ILE E 105 8.10 -55.88 26.75
N LEU E 106 9.05 -55.89 27.68
CA LEU E 106 9.45 -54.69 28.42
C LEU E 106 10.91 -54.36 28.12
N THR E 107 11.20 -53.06 28.03
CA THR E 107 12.55 -52.55 27.85
C THR E 107 13.11 -52.06 29.17
N LEU E 108 14.38 -52.36 29.43
CA LEU E 108 15.07 -51.95 30.65
C LEU E 108 16.34 -51.21 30.25
N CYS E 109 16.28 -49.87 30.26
CA CYS E 109 17.42 -49.07 29.87
C CYS E 109 17.62 -47.93 30.86
N GLY E 110 18.85 -47.39 30.85
CA GLY E 110 19.12 -46.17 31.59
C GLY E 110 18.49 -44.97 30.92
N GLY E 111 18.50 -43.85 31.66
CA GLY E 111 17.89 -42.62 31.22
C GLY E 111 16.41 -42.50 31.57
N GLN E 112 15.74 -43.64 31.73
CA GLN E 112 14.39 -43.82 32.24
C GLN E 112 14.44 -43.99 33.76
N PRO E 113 13.47 -43.45 34.51
CA PRO E 113 13.53 -43.57 35.96
C PRO E 113 13.33 -45.00 36.43
N PHE E 114 14.13 -45.40 37.42
CA PHE E 114 14.15 -46.79 37.87
C PHE E 114 12.80 -47.19 38.47
N GLY E 115 12.14 -46.28 39.18
CA GLY E 115 10.94 -46.63 39.91
C GLY E 115 9.81 -47.07 39.01
N MET E 116 9.63 -46.36 37.89
CA MET E 116 8.57 -46.72 36.95
C MET E 116 8.80 -48.10 36.38
N GLN E 117 10.07 -48.47 36.16
CA GLN E 117 10.38 -49.83 35.70
C GLN E 117 10.12 -50.87 36.80
N ARG E 118 10.46 -50.54 38.06
CA ARG E 118 10.15 -51.46 39.15
C ARG E 118 8.67 -51.77 39.23
N ASP E 119 7.83 -50.75 39.06
CA ASP E 119 6.39 -50.95 39.12
C ASP E 119 5.91 -51.86 38.00
N SER E 120 6.41 -51.64 36.78
CA SER E 120 6.03 -52.48 35.64
C SER E 120 6.50 -53.92 35.81
N LEU E 121 7.61 -54.12 36.52
CA LEU E 121 8.20 -55.45 36.69
C LEU E 121 7.47 -56.29 37.73
N GLN E 122 6.47 -55.74 38.39
CA GLN E 122 5.66 -56.52 39.33
C GLN E 122 4.88 -57.60 38.61
N HIS E 123 4.30 -57.27 37.45
CA HIS E 123 3.70 -58.28 36.59
C HIS E 123 4.79 -58.63 35.57
N ALA E 124 5.51 -59.72 35.85
CA ALA E 124 6.75 -60.04 35.14
C ALA E 124 6.54 -60.16 33.64
N PRO E 125 7.38 -59.51 32.83
CA PRO E 125 7.22 -59.59 31.37
C PRO E 125 7.76 -60.90 30.84
N HIS E 126 7.14 -61.34 29.74
CA HIS E 126 7.61 -62.56 29.06
C HIS E 126 8.99 -62.36 28.47
N ILE E 127 9.24 -61.19 27.86
CA ILE E 127 10.51 -60.90 27.20
C ILE E 127 11.03 -59.57 27.72
N ILE E 128 12.34 -59.52 27.99
CA ILE E 128 13.03 -58.29 28.36
C ILE E 128 14.07 -57.99 27.28
N VAL E 129 14.04 -56.77 26.77
CA VAL E 129 15.11 -56.22 25.95
C VAL E 129 15.79 -55.14 26.77
N ALA E 130 17.12 -55.19 26.85
CA ALA E 130 17.79 -54.33 27.80
C ALA E 130 19.21 -54.03 27.36
N THR E 131 19.72 -52.94 27.87
CA THR E 131 21.13 -52.61 27.96
C THR E 131 21.68 -53.12 29.29
N PRO E 132 22.96 -53.49 29.33
CA PRO E 132 23.46 -54.22 30.52
C PRO E 132 23.37 -53.43 31.82
N GLY E 133 23.63 -52.13 31.79
CA GLY E 133 23.68 -51.33 33.01
C GLY E 133 22.42 -51.34 33.84
N ARG E 134 21.31 -50.87 33.25
CA ARG E 134 20.05 -50.82 33.99
C ARG E 134 19.56 -52.23 34.34
N LEU E 135 19.81 -53.20 33.47
CA LEU E 135 19.41 -54.57 33.75
C LEU E 135 20.14 -55.12 34.97
N LEU E 136 21.45 -54.88 35.07
CA LEU E 136 22.21 -55.40 36.20
C LEU E 136 21.72 -54.82 37.51
N ASP E 137 21.35 -53.53 37.52
CA ASP E 137 20.80 -52.91 38.71
C ASP E 137 19.53 -53.62 39.17
N HIS E 138 18.63 -53.91 38.24
CA HIS E 138 17.39 -54.61 38.59
C HIS E 138 17.67 -56.00 39.13
N LEU E 139 18.63 -56.71 38.53
CA LEU E 139 18.97 -58.05 39.00
C LEU E 139 19.53 -58.02 40.42
N GLN E 140 20.42 -57.06 40.71
CA GLN E 140 21.02 -56.98 42.03
C GLN E 140 20.00 -56.59 43.10
N LYS E 141 18.95 -55.88 42.72
CA LYS E 141 17.91 -55.49 43.66
C LYS E 141 16.72 -56.45 43.67
N GLY E 142 16.76 -57.51 42.87
CA GLY E 142 15.74 -58.54 42.94
C GLY E 142 14.40 -58.17 42.35
N THR E 143 14.37 -57.26 41.38
CA THR E 143 13.13 -56.93 40.70
C THR E 143 12.95 -57.73 39.40
N VAL E 144 14.00 -58.39 38.93
CA VAL E 144 13.93 -59.24 37.75
C VAL E 144 14.57 -60.58 38.10
N SER E 145 13.92 -61.66 37.69
CA SER E 145 14.46 -63.00 37.86
C SER E 145 14.58 -63.64 36.48
N LEU E 146 15.76 -64.22 36.21
CA LEU E 146 16.02 -64.92 34.96
C LEU E 146 15.93 -66.43 35.14
N ASP E 147 15.34 -66.89 36.24
CA ASP E 147 15.33 -68.31 36.56
C ASP E 147 14.59 -69.14 35.50
N ALA E 148 13.56 -68.56 34.88
CA ALA E 148 12.79 -69.25 33.86
C ALA E 148 13.22 -68.90 32.45
N LEU E 149 14.44 -68.39 32.29
CA LEU E 149 14.90 -67.92 30.99
C LEU E 149 15.14 -69.12 30.08
N ASN E 150 14.56 -69.11 28.89
CA ASN E 150 14.78 -70.18 27.90
C ASN E 150 15.86 -69.73 26.94
N THR E 151 15.78 -68.47 26.48
CA THR E 151 16.72 -67.98 25.44
C THR E 151 17.43 -66.69 25.85
N LEU E 152 18.73 -66.60 25.62
CA LEU E 152 19.50 -65.35 25.86
C LEU E 152 20.06 -64.91 24.52
N VAL E 153 19.72 -63.72 24.08
CA VAL E 153 20.19 -63.17 22.81
C VAL E 153 21.12 -62.00 23.11
N MET E 154 22.26 -61.96 22.44
CA MET E 154 23.16 -60.82 22.45
C MET E 154 23.19 -60.26 21.04
N ASP E 155 22.44 -59.19 20.80
CA ASP E 155 22.51 -58.49 19.54
C ASP E 155 23.79 -57.67 19.50
N GLU E 156 24.33 -57.50 18.29
CA GLU E 156 25.64 -56.86 18.11
C GLU E 156 26.67 -57.49 19.07
N ALA E 157 26.73 -58.82 19.03
CA ALA E 157 27.38 -59.58 20.09
C ALA E 157 28.89 -59.33 20.16
N ASP E 158 29.52 -58.98 19.05
CA ASP E 158 30.95 -58.70 19.10
C ASP E 158 31.23 -57.43 19.90
N ARG E 159 30.28 -56.49 19.91
CA ARG E 159 30.39 -55.32 20.77
C ARG E 159 30.06 -55.64 22.22
N MET E 160 29.08 -56.52 22.44
CA MET E 160 28.72 -56.89 23.81
C MET E 160 29.82 -57.70 24.50
N LEU E 161 30.73 -58.30 23.73
CA LEU E 161 31.78 -59.13 24.29
C LEU E 161 33.14 -58.44 24.34
N ASP E 162 33.21 -57.15 24.01
CA ASP E 162 34.49 -56.46 24.08
C ASP E 162 34.82 -56.12 25.53
N MET E 163 36.00 -55.53 25.74
CA MET E 163 36.46 -55.28 27.10
C MET E 163 35.60 -54.27 27.85
N GLY E 164 34.99 -53.32 27.14
CA GLY E 164 34.19 -52.30 27.81
C GLY E 164 32.93 -52.85 28.43
N PHE E 165 32.35 -53.90 27.84
CA PHE E 165 31.12 -54.52 28.32
C PHE E 165 31.34 -55.83 29.06
N SER E 166 32.57 -56.36 29.03
CA SER E 166 32.81 -57.73 29.51
C SER E 166 32.37 -57.93 30.95
N ASP E 167 32.71 -56.99 31.83
CA ASP E 167 32.37 -57.14 33.25
C ASP E 167 30.87 -57.18 33.46
N ALA E 168 30.14 -56.23 32.87
CA ALA E 168 28.68 -56.20 33.04
C ALA E 168 28.04 -57.45 32.45
N ILE E 169 28.53 -57.90 31.30
CA ILE E 169 28.02 -59.14 30.71
C ILE E 169 28.29 -60.31 31.64
N ASP E 170 29.48 -60.34 32.25
CA ASP E 170 29.80 -61.41 33.20
C ASP E 170 28.87 -61.37 34.41
N ASP E 171 28.59 -60.19 34.98
CA ASP E 171 27.67 -60.13 36.11
C ASP E 171 26.25 -60.51 35.71
N VAL E 172 25.83 -60.15 34.51
CA VAL E 172 24.47 -60.47 34.09
C VAL E 172 24.29 -61.97 33.89
N ILE E 173 25.27 -62.63 33.26
CA ILE E 173 25.14 -64.05 32.95
C ILE E 173 25.10 -64.90 34.22
N ARG E 174 25.73 -64.44 35.30
CA ARG E 174 25.68 -65.16 36.57
C ARG E 174 24.26 -65.28 37.09
N PHE E 175 23.39 -64.33 36.71
CA PHE E 175 21.98 -64.42 37.04
C PHE E 175 21.22 -65.32 36.09
N ALA E 176 21.79 -65.67 34.96
CA ALA E 176 21.11 -66.47 33.97
C ALA E 176 21.40 -67.94 34.22
N PRO E 177 20.47 -68.82 33.87
CA PRO E 177 20.76 -70.26 33.98
C PRO E 177 21.84 -70.66 33.01
N ALA E 178 22.59 -71.70 33.39
CA ALA E 178 23.54 -72.28 32.45
C ALA E 178 22.82 -73.08 31.38
N SER E 179 21.68 -73.68 31.74
CA SER E 179 20.85 -74.44 30.81
C SER E 179 19.96 -73.45 30.06
N ARG E 180 20.56 -72.80 29.07
CA ARG E 180 19.87 -71.81 28.28
C ARG E 180 20.38 -71.86 26.84
N GLN E 181 19.51 -71.50 25.92
CA GLN E 181 19.95 -71.24 24.55
C GLN E 181 20.53 -69.84 24.49
N THR E 182 21.75 -69.73 23.95
CA THR E 182 22.43 -68.43 23.86
C THR E 182 22.70 -68.14 22.39
N LEU E 183 22.12 -67.04 21.91
CA LEU E 183 22.18 -66.65 20.51
C LEU E 183 23.07 -65.42 20.38
N LEU E 184 24.01 -65.47 19.44
CA LEU E 184 24.95 -64.37 19.18
C LEU E 184 24.83 -63.95 17.72
N PHE E 185 24.48 -62.68 17.51
CA PHE E 185 24.29 -62.10 16.18
C PHE E 185 25.15 -60.85 16.04
N SER E 186 25.76 -60.69 14.87
CA SER E 186 26.46 -59.47 14.52
C SER E 186 26.83 -59.53 13.05
N ALA E 187 27.09 -58.36 12.48
CA ALA E 187 27.59 -58.26 11.11
C ALA E 187 29.11 -58.36 11.02
N THR E 188 29.81 -58.23 12.14
CA THR E 188 31.26 -58.28 12.18
C THR E 188 31.70 -59.18 13.32
N TRP E 189 32.75 -59.96 13.08
CA TRP E 189 33.28 -60.84 14.12
C TRP E 189 34.81 -60.83 14.05
N PRO E 190 35.45 -59.91 14.77
CA PRO E 190 36.91 -60.01 14.91
C PRO E 190 37.28 -61.33 15.55
N GLU E 191 38.29 -62.00 14.98
CA GLU E 191 38.65 -63.35 15.44
C GLU E 191 38.94 -63.38 16.94
N ALA E 192 39.59 -62.35 17.48
CA ALA E 192 39.85 -62.31 18.91
C ALA E 192 38.55 -62.35 19.68
N ILE E 193 37.56 -61.57 19.26
CA ILE E 193 36.26 -61.59 19.90
C ILE E 193 35.53 -62.90 19.61
N ALA E 194 35.66 -63.41 18.38
CA ALA E 194 34.96 -64.64 18.02
C ALA E 194 35.53 -65.85 18.74
N ALA E 195 36.85 -65.86 18.98
CA ALA E 195 37.47 -66.99 19.66
C ALA E 195 37.00 -67.09 21.11
N ILE E 196 36.80 -65.95 21.76
CA ILE E 196 36.35 -65.93 23.16
C ILE E 196 34.83 -66.00 23.27
N SER E 197 34.11 -65.99 22.15
CA SER E 197 32.65 -65.97 22.20
C SER E 197 32.08 -67.25 22.79
N GLY E 198 32.84 -68.35 22.75
CA GLY E 198 32.39 -69.61 23.30
C GLY E 198 32.26 -69.61 24.81
N ARG E 199 32.76 -68.57 25.47
CA ARG E 199 32.70 -68.48 26.93
C ARG E 199 31.26 -68.41 27.43
N VAL E 200 30.33 -67.97 26.59
CA VAL E 200 28.95 -67.78 26.98
C VAL E 200 28.02 -68.77 26.29
N GLN E 201 28.55 -69.72 25.53
CA GLN E 201 27.72 -70.62 24.75
C GLN E 201 27.98 -72.08 25.12
N ARG E 202 27.07 -72.94 24.67
CA ARG E 202 27.14 -74.39 24.89
C ARG E 202 27.03 -75.10 23.54
N ASP E 203 28.17 -75.63 23.07
CA ASP E 203 28.33 -76.35 21.81
C ASP E 203 27.70 -75.53 20.70
N PRO E 204 28.25 -74.37 20.34
CA PRO E 204 27.51 -73.51 19.39
C PRO E 204 27.82 -73.83 17.92
N LEU E 205 26.80 -73.63 17.08
CA LEU E 205 26.94 -73.74 15.64
C LEU E 205 27.33 -72.39 15.05
N ALA E 206 28.37 -72.38 14.22
CA ALA E 206 28.82 -71.18 13.54
C ALA E 206 28.09 -71.05 12.20
N ILE E 207 27.34 -69.97 12.04
CA ILE E 207 26.54 -69.72 10.85
C ILE E 207 27.05 -68.41 10.23
N GLU E 208 27.99 -68.50 9.31
CA GLU E 208 28.57 -67.33 8.65
C GLU E 208 28.05 -67.27 7.22
N ILE E 209 26.92 -66.57 7.04
CA ILE E 209 26.28 -66.54 5.72
C ILE E 209 26.82 -65.41 4.86
N ASP E 210 27.38 -64.36 5.47
CA ASP E 210 28.04 -63.27 4.77
C ASP E 210 29.41 -63.06 5.38
N SER E 211 30.46 -63.17 4.57
CA SER E 211 31.77 -62.78 5.03
C SER E 211 31.81 -61.27 5.27
N THR E 212 32.84 -60.83 6.00
CA THR E 212 32.89 -59.43 6.42
C THR E 212 33.03 -58.47 5.26
N ASP E 213 33.54 -58.92 4.12
CA ASP E 213 33.70 -58.09 2.93
C ASP E 213 32.51 -58.15 1.98
N ALA E 214 31.46 -58.88 2.34
CA ALA E 214 30.26 -59.00 1.50
C ALA E 214 29.24 -57.98 2.01
N LEU E 215 29.41 -56.73 1.58
CA LEU E 215 28.60 -55.64 2.07
C LEU E 215 27.26 -55.58 1.35
N PRO E 216 26.29 -54.87 1.92
CA PRO E 216 25.10 -54.50 1.15
C PRO E 216 25.46 -53.57 0.02
N PRO E 217 24.57 -53.33 -0.94
CA PRO E 217 24.94 -52.49 -2.09
C PRO E 217 25.16 -51.04 -1.70
N ILE E 218 26.34 -50.74 -1.15
CA ILE E 218 26.70 -49.41 -0.69
C ILE E 218 27.79 -48.88 -1.60
N GLU E 219 27.52 -47.77 -2.29
CA GLU E 219 28.58 -47.08 -3.00
C GLU E 219 29.39 -46.25 -2.02
N GLN E 220 30.71 -46.33 -2.12
CA GLN E 220 31.59 -45.63 -1.20
C GLN E 220 32.44 -44.62 -1.95
N GLN E 221 32.51 -43.41 -1.43
CA GLN E 221 33.34 -42.34 -1.95
C GLN E 221 34.20 -41.79 -0.84
N PHE E 222 35.42 -41.41 -1.17
CA PHE E 222 36.37 -40.89 -0.21
C PHE E 222 36.90 -39.54 -0.68
N TYR E 223 37.02 -38.60 0.25
CA TYR E 223 37.52 -37.26 -0.05
C TYR E 223 38.75 -36.98 0.80
N GLU E 224 39.83 -36.58 0.15
CA GLU E 224 40.96 -36.00 0.87
C GLU E 224 40.62 -34.58 1.30
N THR E 225 40.93 -34.27 2.56
CA THR E 225 40.64 -32.95 3.09
C THR E 225 41.42 -32.73 4.37
N SER E 226 41.80 -31.47 4.62
CA SER E 226 42.32 -31.10 5.92
C SER E 226 41.22 -31.17 6.97
N SER E 227 41.62 -31.22 8.24
CA SER E 227 40.65 -31.17 9.33
C SER E 227 39.86 -29.87 9.30
N LYS E 228 40.53 -28.76 8.96
CA LYS E 228 39.84 -27.47 8.90
C LYS E 228 38.86 -27.39 7.75
N GLY E 229 39.17 -28.05 6.63
CA GLY E 229 38.28 -28.03 5.50
C GLY E 229 37.12 -28.98 5.52
N LYS E 230 36.98 -29.77 6.59
CA LYS E 230 35.96 -30.82 6.61
C LYS E 230 34.55 -30.23 6.64
N ILE E 231 34.31 -29.25 7.50
CA ILE E 231 32.97 -28.69 7.67
C ILE E 231 32.53 -27.96 6.39
N PRO E 232 33.35 -27.08 5.78
CA PRO E 232 32.93 -26.54 4.47
C PRO E 232 32.71 -27.63 3.44
N LEU E 233 33.56 -28.66 3.43
CA LEU E 233 33.37 -29.78 2.51
C LEU E 233 32.02 -30.45 2.75
N LEU E 234 31.71 -30.72 4.01
CA LEU E 234 30.42 -31.34 4.34
C LEU E 234 29.26 -30.46 3.90
N GLN E 235 29.36 -29.15 4.16
CA GLN E 235 28.29 -28.23 3.74
C GLN E 235 28.16 -28.18 2.23
N ARG E 236 29.29 -28.22 1.51
CA ARG E 236 29.22 -28.19 0.04
C ARG E 236 28.65 -29.49 -0.51
N LEU E 237 28.98 -30.62 0.11
CA LEU E 237 28.46 -31.90 -0.34
C LEU E 237 26.96 -32.02 -0.07
N LEU E 238 26.49 -31.48 1.05
CA LEU E 238 25.06 -31.47 1.31
C LEU E 238 24.32 -30.57 0.33
N SER E 239 24.95 -29.49 -0.12
CA SER E 239 24.34 -28.66 -1.16
C SER E 239 24.29 -29.39 -2.50
N LEU E 240 25.32 -30.19 -2.80
CA LEU E 240 25.32 -30.97 -4.04
C LEU E 240 24.28 -32.09 -4.00
N HIS E 241 24.35 -32.93 -2.97
CA HIS E 241 23.52 -34.13 -2.97
C HIS E 241 22.09 -33.84 -2.53
N GLN E 242 21.91 -32.81 -1.70
CA GLN E 242 20.61 -32.45 -1.16
C GLN E 242 19.85 -33.68 -0.67
N PRO E 243 20.47 -34.51 0.17
CA PRO E 243 19.84 -35.78 0.54
C PRO E 243 18.56 -35.59 1.34
N SER E 244 17.58 -36.44 1.07
CA SER E 244 16.35 -36.43 1.85
C SER E 244 16.63 -36.74 3.32
N SER E 245 17.61 -37.60 3.58
CA SER E 245 18.04 -37.90 4.94
C SER E 245 19.52 -38.26 4.93
N CYS E 246 20.22 -37.90 6.00
CA CYS E 246 21.66 -38.11 6.07
C CYS E 246 22.10 -38.26 7.51
N VAL E 247 23.01 -39.20 7.76
CA VAL E 247 23.62 -39.40 9.07
C VAL E 247 25.10 -39.07 8.95
N VAL E 248 25.58 -38.15 9.78
CA VAL E 248 26.99 -37.75 9.81
C VAL E 248 27.61 -38.30 11.09
N PHE E 249 28.66 -39.10 10.95
CA PHE E 249 29.31 -39.76 12.08
C PHE E 249 30.60 -39.05 12.46
N CYS E 250 30.78 -38.81 13.75
CA CYS E 250 31.99 -38.23 14.30
C CYS E 250 32.54 -39.14 15.39
N ASN E 251 33.83 -38.95 15.71
CA ASN E 251 34.52 -39.78 16.68
C ASN E 251 34.42 -39.26 18.12
N THR E 252 33.96 -38.03 18.32
CA THR E 252 33.85 -37.48 19.66
C THR E 252 32.53 -36.77 19.83
N LYS E 253 32.04 -36.72 21.07
CA LYS E 253 30.80 -36.01 21.34
C LYS E 253 30.94 -34.51 21.11
N LYS E 254 32.13 -33.95 21.34
CA LYS E 254 32.30 -32.52 21.13
C LYS E 254 32.28 -32.18 19.64
N ASP E 255 33.04 -32.93 18.83
CA ASP E 255 32.96 -32.73 17.39
C ASP E 255 31.55 -32.96 16.86
N CYS E 256 30.82 -33.92 17.45
CA CYS E 256 29.45 -34.18 17.04
C CYS E 256 28.58 -32.94 17.18
N GLN E 257 28.65 -32.28 18.34
CA GLN E 257 27.84 -31.10 18.57
C GLN E 257 28.34 -29.92 17.74
N ALA E 258 29.65 -29.82 17.53
CA ALA E 258 30.20 -28.73 16.72
C ALA E 258 29.71 -28.81 15.28
N VAL E 259 29.73 -30.00 14.69
CA VAL E 259 29.28 -30.16 13.31
C VAL E 259 27.80 -29.84 13.17
N CYS E 260 26.98 -30.32 14.11
CA CYS E 260 25.55 -30.04 14.08
C CYS E 260 25.29 -28.53 14.11
N ASP E 261 26.01 -27.81 14.97
CA ASP E 261 25.81 -26.37 15.05
C ASP E 261 26.28 -25.68 13.78
N ALA E 262 27.37 -26.17 13.17
CA ALA E 262 27.84 -25.57 11.92
C ALA E 262 26.85 -25.78 10.78
N LEU E 263 26.22 -26.95 10.73
CA LEU E 263 25.22 -27.20 9.70
C LEU E 263 23.98 -26.34 9.90
N ASN E 264 23.57 -26.14 11.16
CA ASN E 264 22.36 -25.36 11.42
C ASN E 264 22.57 -23.87 11.20
N GLU E 265 23.82 -23.40 11.28
CA GLU E 265 24.11 -22.00 11.01
C GLU E 265 23.95 -21.67 9.53
N VAL E 266 24.14 -22.64 8.65
CA VAL E 266 23.92 -22.44 7.21
C VAL E 266 22.54 -22.96 6.76
N GLY E 267 21.69 -23.33 7.71
CA GLY E 267 20.31 -23.66 7.40
C GLY E 267 20.03 -25.08 6.95
N GLN E 268 20.93 -26.01 7.21
CA GLN E 268 20.74 -27.42 6.84
C GLN E 268 20.23 -28.14 8.09
N SER E 269 18.90 -28.33 8.15
CA SER E 269 18.22 -28.81 9.35
C SER E 269 18.88 -30.07 9.90
N ALA E 270 19.56 -29.94 11.03
CA ALA E 270 20.37 -31.01 11.58
C ALA E 270 20.09 -31.14 13.05
N LEU E 271 20.07 -32.39 13.53
CA LEU E 271 19.98 -32.70 14.94
C LEU E 271 21.19 -33.52 15.33
N SER E 272 21.44 -33.62 16.63
CA SER E 272 22.58 -34.36 17.15
C SER E 272 22.10 -35.47 18.06
N LEU E 273 22.88 -36.55 18.11
CA LEU E 273 22.56 -37.72 18.92
C LEU E 273 23.87 -38.21 19.52
N HIS E 274 24.03 -38.01 20.83
CA HIS E 274 25.24 -38.43 21.52
C HIS E 274 24.94 -38.59 23.00
N GLY E 275 25.94 -39.09 23.73
CA GLY E 275 25.69 -39.52 25.10
C GLY E 275 25.40 -38.36 26.05
N ASP E 276 26.05 -37.21 25.83
CA ASP E 276 25.87 -36.09 26.74
C ASP E 276 24.49 -35.46 26.65
N LEU E 277 23.64 -35.91 25.74
CA LEU E 277 22.26 -35.44 25.69
C LEU E 277 21.44 -36.19 26.73
N GLU E 278 20.42 -35.54 27.27
CA GLU E 278 19.48 -36.27 28.09
C GLU E 278 18.69 -37.27 27.26
N GLN E 279 18.30 -38.37 27.91
CA GLN E 279 17.66 -39.46 27.19
C GLN E 279 16.41 -38.99 26.48
N ARG E 280 15.65 -38.07 27.07
CA ARG E 280 14.46 -37.53 26.42
C ARG E 280 14.82 -36.84 25.11
N ASP E 281 15.95 -36.11 25.10
CA ASP E 281 16.40 -35.44 23.89
C ASP E 281 16.84 -36.46 22.84
N ARG E 282 17.55 -37.50 23.29
CA ARG E 282 18.00 -38.56 22.40
C ARG E 282 16.82 -39.28 21.76
N ASP E 283 15.81 -39.63 22.56
CA ASP E 283 14.66 -40.36 22.05
C ASP E 283 13.88 -39.52 21.04
N GLN E 284 13.61 -38.27 21.38
CA GLN E 284 12.84 -37.41 20.49
C GLN E 284 13.64 -37.04 19.24
N THR E 285 14.96 -36.89 19.36
CA THR E 285 15.78 -36.61 18.19
C THR E 285 15.70 -37.75 17.17
N LEU E 286 15.78 -38.99 17.65
CA LEU E 286 15.69 -40.14 16.75
C LEU E 286 14.31 -40.23 16.11
N VAL E 287 13.26 -39.96 16.90
CA VAL E 287 11.90 -39.92 16.34
C VAL E 287 11.81 -38.88 15.23
N ARG E 288 12.30 -37.66 15.52
CA ARG E 288 12.17 -36.55 14.59
C ARG E 288 12.97 -36.78 13.31
N PHE E 289 14.15 -37.39 13.43
CA PHE E 289 14.94 -37.68 12.22
C PHE E 289 14.30 -38.79 11.40
N ALA E 290 13.84 -39.85 12.07
CA ALA E 290 13.31 -41.00 11.34
C ALA E 290 12.03 -40.66 10.57
N ASN E 291 11.22 -39.73 11.07
CA ASN E 291 9.96 -39.42 10.42
C ASN E 291 10.06 -38.25 9.45
N GLY E 292 11.25 -37.69 9.25
CA GLY E 292 11.43 -36.61 8.29
C GLY E 292 11.35 -35.21 8.86
N SER E 293 11.38 -35.05 10.18
CA SER E 293 11.37 -33.72 10.78
C SER E 293 12.76 -33.10 10.86
N ALA E 294 13.77 -33.79 10.34
CA ALA E 294 15.11 -33.23 10.20
C ALA E 294 15.79 -33.92 9.04
N ARG E 295 16.65 -33.19 8.33
CA ARG E 295 17.31 -33.73 7.16
C ARG E 295 18.61 -34.45 7.51
N VAL E 296 19.37 -33.94 8.46
CA VAL E 296 20.67 -34.48 8.80
C VAL E 296 20.68 -34.85 10.28
N LEU E 297 21.20 -36.03 10.59
CA LEU E 297 21.46 -36.44 11.96
C LEU E 297 22.97 -36.57 12.13
N VAL E 298 23.54 -35.77 13.03
CA VAL E 298 24.95 -35.84 13.35
C VAL E 298 25.09 -36.64 14.65
N ALA E 299 25.85 -37.73 14.60
CA ALA E 299 25.86 -38.66 15.71
C ALA E 299 27.28 -39.18 15.96
N THR E 300 27.49 -39.62 17.19
CA THR E 300 28.64 -40.45 17.52
C THR E 300 28.30 -41.91 17.20
N ASP E 301 29.18 -42.83 17.58
CA ASP E 301 28.93 -44.25 17.31
C ASP E 301 27.81 -44.84 18.16
N VAL E 302 27.11 -44.04 18.98
CA VAL E 302 25.90 -44.52 19.63
C VAL E 302 24.84 -44.89 18.60
N ALA E 303 24.96 -44.37 17.38
CA ALA E 303 24.04 -44.68 16.29
C ALA E 303 24.71 -45.54 15.22
N ALA E 304 25.90 -46.08 15.51
CA ALA E 304 26.64 -46.84 14.51
C ALA E 304 26.01 -48.21 14.23
N ARG E 305 25.39 -48.82 15.24
CA ARG E 305 24.96 -50.22 15.14
C ARG E 305 23.45 -50.34 15.22
N GLY E 306 22.88 -51.15 14.34
CA GLY E 306 21.55 -51.69 14.47
C GLY E 306 20.36 -50.79 14.15
N LEU E 307 20.54 -49.47 14.24
CA LEU E 307 19.43 -48.56 13.98
C LEU E 307 18.90 -48.73 12.56
N ASP E 308 17.58 -48.86 12.44
CA ASP E 308 16.92 -49.17 11.17
C ASP E 308 16.12 -47.95 10.73
N ILE E 309 16.78 -47.04 10.05
CA ILE E 309 16.14 -45.84 9.50
C ILE E 309 15.70 -46.13 8.08
N LYS E 310 14.40 -45.98 7.81
CA LYS E 310 13.87 -46.35 6.52
C LYS E 310 14.35 -45.41 5.43
N SER E 311 14.95 -45.98 4.38
CA SER E 311 15.36 -45.24 3.19
C SER E 311 16.35 -44.12 3.53
N LEU E 312 17.23 -44.38 4.48
CA LEU E 312 18.31 -43.43 4.74
C LEU E 312 19.15 -43.30 3.49
N GLU E 313 19.24 -42.07 2.97
CA GLU E 313 19.84 -41.88 1.65
C GLU E 313 21.36 -41.78 1.70
N LEU E 314 21.93 -41.22 2.75
CA LEU E 314 23.36 -40.90 2.73
C LEU E 314 23.95 -41.08 4.12
N VAL E 315 25.13 -41.69 4.18
CA VAL E 315 25.96 -41.75 5.37
C VAL E 315 27.26 -41.03 5.07
N VAL E 316 27.70 -40.16 5.98
CA VAL E 316 28.96 -39.44 5.85
C VAL E 316 29.81 -39.75 7.07
N ASN E 317 31.05 -40.16 6.83
CA ASN E 317 32.04 -40.31 7.89
C ASN E 317 32.82 -39.00 7.97
N PHE E 318 32.41 -38.13 8.90
CA PHE E 318 33.17 -36.91 9.15
C PHE E 318 34.61 -37.25 9.51
N GLU E 319 34.79 -38.27 10.36
CA GLU E 319 36.10 -38.85 10.63
C GLU E 319 35.95 -40.36 10.61
N LEU E 320 36.94 -41.06 10.05
CA LEU E 320 36.90 -42.51 10.00
C LEU E 320 36.95 -43.11 11.39
N ALA E 321 36.19 -44.18 11.59
CA ALA E 321 36.13 -44.81 12.90
C ALA E 321 37.47 -45.41 13.28
N TRP E 322 37.70 -45.54 14.59
CA TRP E 322 38.95 -46.10 15.08
C TRP E 322 39.13 -47.54 14.61
N ASP E 323 38.06 -48.33 14.66
CA ASP E 323 38.14 -49.73 14.25
C ASP E 323 37.44 -49.93 12.92
N PRO E 324 37.97 -50.79 12.03
CA PRO E 324 37.32 -50.99 10.73
C PRO E 324 35.93 -51.59 10.82
N GLU E 325 35.67 -52.43 11.83
CA GLU E 325 34.33 -53.00 12.00
C GLU E 325 33.28 -51.92 12.21
N VAL E 326 33.63 -50.86 12.93
CA VAL E 326 32.68 -49.79 13.17
C VAL E 326 32.34 -49.07 11.87
N HIS E 327 33.33 -48.95 10.98
CA HIS E 327 33.05 -48.39 9.64
C HIS E 327 32.02 -49.23 8.90
N VAL E 328 32.09 -50.55 9.06
CA VAL E 328 31.10 -51.44 8.42
C VAL E 328 29.71 -51.16 8.96
N HIS E 329 29.58 -50.98 10.27
CA HIS E 329 28.27 -50.75 10.87
C HIS E 329 27.73 -49.37 10.53
N ARG E 330 28.62 -48.37 10.46
CA ARG E 330 28.19 -47.01 10.14
C ARG E 330 27.53 -46.93 8.77
N ILE E 331 28.27 -47.36 7.74
CA ILE E 331 27.72 -47.31 6.38
C ILE E 331 26.53 -48.24 6.23
N GLY E 332 26.41 -49.24 7.11
CA GLY E 332 25.25 -50.11 7.12
C GLY E 332 23.96 -49.44 7.51
N ARG E 333 24.00 -48.19 7.99
CA ARG E 333 22.76 -47.47 8.25
C ARG E 333 21.98 -47.17 6.98
N THR E 334 22.66 -47.13 5.84
CA THR E 334 22.00 -47.06 4.54
C THR E 334 22.06 -48.43 3.87
N ALA E 335 21.35 -48.54 2.75
CA ALA E 335 21.27 -49.78 1.96
C ALA E 335 20.79 -50.94 2.83
N ARG E 336 19.59 -50.79 3.39
CA ARG E 336 18.99 -51.80 4.24
C ARG E 336 17.82 -52.45 3.53
N ALA E 337 17.58 -53.72 3.87
CA ALA E 337 16.41 -54.47 3.41
C ALA E 337 16.26 -54.44 1.89
N GLY E 338 17.39 -54.52 1.18
CA GLY E 338 17.39 -54.60 -0.27
C GLY E 338 17.58 -53.29 -0.99
N ASN E 339 17.61 -52.17 -0.26
CA ASN E 339 17.81 -50.86 -0.86
C ASN E 339 19.30 -50.63 -1.16
N SER E 340 19.57 -49.58 -1.94
CA SER E 340 20.92 -49.10 -2.17
C SER E 340 21.18 -47.86 -1.31
N GLY E 341 22.45 -47.45 -1.29
CA GLY E 341 22.81 -46.26 -0.52
C GLY E 341 24.19 -45.78 -0.89
N LEU E 342 24.50 -44.56 -0.43
CA LEU E 342 25.77 -43.91 -0.70
C LEU E 342 26.43 -43.56 0.63
N ALA E 343 27.73 -43.85 0.73
CA ALA E 343 28.51 -43.56 1.93
C ALA E 343 29.76 -42.79 1.55
N ILE E 344 29.83 -41.53 1.96
CA ILE E 344 30.99 -40.67 1.72
C ILE E 344 31.85 -40.67 2.97
N SER E 345 33.17 -40.72 2.79
CA SER E 345 34.10 -40.72 3.91
C SER E 345 35.14 -39.62 3.72
N PHE E 346 35.39 -38.87 4.79
CA PHE E 346 36.43 -37.86 4.79
C PHE E 346 37.72 -38.47 5.34
N CYS E 347 38.85 -38.09 4.76
CA CYS E 347 40.14 -38.63 5.16
C CYS E 347 41.16 -37.50 5.23
N ALA E 348 41.54 -37.11 6.43
CA ALA E 348 42.66 -36.23 6.65
C ALA E 348 43.97 -37.03 6.69
N PRO E 349 45.12 -36.37 6.52
CA PRO E 349 46.38 -37.13 6.51
C PRO E 349 46.61 -37.99 7.75
N GLU E 350 46.08 -37.58 8.91
CA GLU E 350 46.21 -38.40 10.11
C GLU E 350 45.38 -39.67 10.03
N GLU E 351 44.38 -39.71 9.15
CA GLU E 351 43.46 -40.83 9.05
C GLU E 351 43.81 -41.76 7.88
N ALA E 352 44.94 -41.54 7.22
CA ALA E 352 45.34 -42.40 6.11
C ALA E 352 45.51 -43.85 6.56
N GLN E 353 46.01 -44.04 7.78
CA GLN E 353 46.21 -45.40 8.30
C GLN E 353 44.88 -46.13 8.47
N ARG E 354 43.85 -45.44 8.96
CA ARG E 354 42.55 -46.09 9.07
C ARG E 354 41.95 -46.39 7.70
N ALA E 355 42.24 -45.55 6.69
CA ALA E 355 41.69 -45.79 5.36
C ALA E 355 42.28 -47.05 4.72
N ASN E 356 43.57 -47.31 4.93
CA ASN E 356 44.16 -48.52 4.38
C ASN E 356 43.60 -49.77 5.05
N ILE E 357 43.38 -49.70 6.37
CA ILE E 357 42.82 -50.84 7.08
C ILE E 357 41.44 -51.18 6.54
N ILE E 358 40.64 -50.14 6.24
CA ILE E 358 39.35 -50.37 5.61
C ILE E 358 39.51 -50.94 4.22
N SER E 359 40.48 -50.42 3.46
CA SER E 359 40.75 -50.93 2.12
C SER E 359 41.13 -52.40 2.14
N ASP E 360 42.03 -52.77 3.07
CA ASP E 360 42.47 -54.16 3.17
C ASP E 360 41.31 -55.08 3.56
N MET E 361 40.61 -54.76 4.65
CA MET E 361 39.58 -55.66 5.18
C MET E 361 38.46 -55.89 4.18
N LEU E 362 38.02 -54.86 3.48
CA LEU E 362 36.91 -54.98 2.54
C LEU E 362 37.35 -55.40 1.15
N GLN E 363 38.65 -55.51 0.90
CA GLN E 363 39.20 -55.90 -0.40
C GLN E 363 38.63 -55.08 -1.55
N ILE E 364 38.57 -53.77 -1.34
CA ILE E 364 38.12 -52.82 -2.35
C ILE E 364 39.17 -51.73 -2.51
N LYS E 365 39.19 -51.11 -3.68
CA LYS E 365 40.01 -49.93 -3.93
C LYS E 365 39.20 -48.69 -3.60
N LEU E 366 39.79 -47.80 -2.79
CA LEU E 366 39.06 -46.63 -2.33
C LEU E 366 38.88 -45.67 -3.50
N ASN E 367 37.65 -45.22 -3.71
CA ASN E 367 37.30 -44.36 -4.84
C ASN E 367 37.43 -42.90 -4.42
N TRP E 368 38.60 -42.33 -4.63
CA TRP E 368 38.86 -40.94 -4.26
C TRP E 368 38.17 -40.00 -5.24
N GLN E 369 37.47 -39.02 -4.69
CA GLN E 369 36.68 -38.07 -5.47
C GLN E 369 37.35 -36.70 -5.49
N THR E 370 37.07 -35.94 -6.56
CA THR E 370 37.53 -34.57 -6.58
C THR E 370 36.53 -33.67 -5.84
N PRO E 371 37.01 -32.71 -5.06
CA PRO E 371 36.12 -31.98 -4.14
C PRO E 371 35.08 -31.16 -4.89
N PRO E 372 33.96 -30.84 -4.22
CA PRO E 372 32.98 -29.90 -4.78
C PRO E 372 33.63 -28.64 -5.32
N ALA E 373 33.70 -28.55 -6.66
CA ALA E 373 34.51 -27.52 -7.31
C ALA E 373 34.06 -26.11 -6.97
N ASN E 374 32.80 -25.91 -6.59
CA ASN E 374 32.37 -24.57 -6.24
C ASN E 374 31.74 -24.52 -4.86
N SER E 375 31.15 -23.38 -4.51
CA SER E 375 30.60 -23.18 -3.18
C SER E 375 29.09 -23.11 -3.17
N SER E 376 28.55 -21.90 -2.97
CA SER E 376 27.11 -21.68 -2.90
C SER E 376 26.48 -22.70 -1.97
N ILE E 377 26.45 -22.38 -0.68
CA ILE E 377 25.95 -23.31 0.35
C ILE E 377 24.44 -23.19 0.41
N ALA E 378 23.75 -24.28 0.08
CA ALA E 378 22.30 -24.26 0.03
C ALA E 378 21.67 -24.61 1.37
N THR E 379 20.43 -24.15 1.53
CA THR E 379 19.60 -24.43 2.69
C THR E 379 18.89 -25.77 2.50
N LEU E 380 18.54 -26.42 3.60
CA LEU E 380 17.84 -27.70 3.56
C LEU E 380 16.60 -27.66 4.45
N GLU E 381 15.42 -27.67 3.83
CA GLU E 381 14.15 -27.64 4.56
C GLU E 381 13.71 -29.04 4.93
N ALA E 382 13.19 -29.18 6.15
CA ALA E 382 12.61 -30.44 6.58
C ALA E 382 11.21 -30.59 6.02
N GLU E 383 10.87 -31.80 5.59
CA GLU E 383 9.56 -32.03 4.99
C GLU E 383 8.45 -32.11 6.04
N MET E 384 8.77 -32.55 7.25
CA MET E 384 7.79 -32.81 8.30
C MET E 384 8.10 -31.99 9.54
N ALA E 385 7.15 -32.00 10.46
CA ALA E 385 7.35 -31.57 11.82
C ALA E 385 6.62 -32.56 12.73
N THR E 386 7.11 -32.69 13.95
CA THR E 386 6.64 -33.74 14.85
C THR E 386 5.76 -33.14 15.93
N LEU E 387 4.52 -33.64 16.01
CA LEU E 387 3.63 -33.33 17.13
C LEU E 387 3.83 -34.37 18.22
N CYS E 388 3.85 -33.91 19.47
CA CYS E 388 3.98 -34.79 20.63
C CYS E 388 2.68 -34.71 21.43
N ILE E 389 1.93 -35.81 21.43
CA ILE E 389 0.67 -35.91 22.16
C ILE E 389 0.92 -36.63 23.47
N ASP E 390 0.31 -36.14 24.55
CA ASP E 390 0.47 -36.76 25.86
C ASP E 390 -0.50 -37.92 26.02
N GLY E 391 0.00 -39.00 26.63
CA GLY E 391 -0.82 -40.17 26.85
C GLY E 391 -0.08 -41.45 26.49
N GLY E 392 0.07 -41.69 25.19
CA GLY E 392 0.79 -42.85 24.69
C GLY E 392 0.00 -44.13 24.91
N LYS E 393 0.74 -45.23 25.08
CA LYS E 393 0.09 -46.52 25.30
C LYS E 393 -0.57 -46.60 26.67
N LYS E 394 -0.06 -45.86 27.65
CA LYS E 394 -0.71 -45.82 28.96
C LYS E 394 -2.13 -45.29 28.85
N ALA E 395 -2.38 -44.36 27.92
CA ALA E 395 -3.70 -43.81 27.70
C ALA E 395 -4.45 -44.56 26.60
N LYS E 396 -3.93 -45.73 26.19
CA LYS E 396 -4.56 -46.58 25.18
C LYS E 396 -4.82 -45.85 23.87
N MET E 397 -3.94 -44.92 23.51
CA MET E 397 -4.06 -44.18 22.26
C MET E 397 -3.31 -44.97 21.19
N ARG E 398 -4.05 -45.53 20.24
CA ARG E 398 -3.47 -46.32 19.17
C ARG E 398 -3.46 -45.55 17.85
N PRO E 399 -2.60 -45.93 16.90
CA PRO E 399 -2.44 -45.12 15.67
C PRO E 399 -3.73 -44.81 14.93
N GLY E 400 -4.69 -45.72 14.92
CA GLY E 400 -5.97 -45.44 14.27
C GLY E 400 -6.69 -44.27 14.91
N ASP E 401 -6.54 -44.10 16.22
CA ASP E 401 -7.18 -42.99 16.92
C ASP E 401 -6.60 -41.65 16.46
N VAL E 402 -5.27 -41.54 16.39
CA VAL E 402 -4.64 -40.28 15.99
C VAL E 402 -5.02 -39.92 14.56
N LEU E 403 -4.92 -40.89 13.65
CA LEU E 403 -5.26 -40.60 12.25
C LEU E 403 -6.72 -40.23 12.12
N GLY E 404 -7.60 -40.89 12.87
CA GLY E 404 -9.02 -40.59 12.77
C GLY E 404 -9.36 -39.19 13.25
N ALA E 405 -8.76 -38.76 14.36
CA ALA E 405 -9.00 -37.41 14.87
C ALA E 405 -8.45 -36.35 13.91
N LEU E 406 -7.25 -36.58 13.38
CA LEU E 406 -6.63 -35.59 12.51
C LEU E 406 -7.38 -35.45 11.19
N THR E 407 -7.91 -36.56 10.68
CA THR E 407 -8.56 -36.57 9.36
C THR E 407 -10.03 -36.17 9.38
N GLY E 408 -10.71 -36.27 10.52
CA GLY E 408 -12.14 -36.00 10.51
C GLY E 408 -12.53 -34.58 10.87
N ASP E 409 -12.80 -34.33 12.15
CA ASP E 409 -13.27 -33.02 12.59
C ASP E 409 -12.24 -31.94 12.28
N ILE E 410 -10.97 -32.23 12.55
CA ILE E 410 -9.90 -31.27 12.32
C ILE E 410 -9.69 -31.08 10.82
N GLY E 411 -10.03 -32.08 10.02
CA GLY E 411 -10.17 -31.90 8.59
C GLY E 411 -8.86 -31.76 7.83
N LEU E 412 -7.93 -32.69 8.06
CA LEU E 412 -6.66 -32.69 7.36
C LEU E 412 -6.64 -33.87 6.39
N ASP E 413 -5.91 -33.72 5.29
CA ASP E 413 -5.74 -34.84 4.39
C ASP E 413 -4.85 -35.89 5.03
N GLY E 414 -5.24 -37.15 4.89
CA GLY E 414 -4.47 -38.24 5.45
C GLY E 414 -3.07 -38.36 4.89
N ALA E 415 -2.84 -37.80 3.70
CA ALA E 415 -1.52 -37.83 3.08
C ALA E 415 -0.61 -36.73 3.62
N ASP E 416 -1.10 -35.87 4.51
CA ASP E 416 -0.24 -34.90 5.17
C ASP E 416 0.29 -35.44 6.49
N ILE E 417 -0.08 -36.67 6.85
CA ILE E 417 0.30 -37.30 8.10
C ILE E 417 1.26 -38.44 7.78
N GLY E 418 2.44 -38.42 8.38
CA GLY E 418 3.42 -39.47 8.18
C GLY E 418 3.47 -40.49 9.28
N LYS E 419 4.70 -40.81 9.73
CA LYS E 419 4.91 -41.84 10.73
C LYS E 419 4.23 -41.49 12.05
N ILE E 420 3.57 -42.48 12.65
CA ILE E 420 2.99 -42.38 13.99
C ILE E 420 3.70 -43.40 14.88
N ALA E 421 4.29 -42.93 15.97
CA ALA E 421 5.04 -43.77 16.91
C ALA E 421 4.37 -43.69 18.28
N VAL E 422 3.83 -44.81 18.74
CA VAL E 422 3.19 -44.90 20.06
C VAL E 422 4.22 -45.35 21.08
N HIS E 423 4.58 -44.46 21.99
CA HIS E 423 5.44 -44.73 23.12
C HIS E 423 4.60 -44.93 24.39
N PRO E 424 5.21 -45.37 25.50
CA PRO E 424 4.39 -45.65 26.70
C PRO E 424 3.65 -44.43 27.23
N ALA E 425 4.23 -43.22 27.17
CA ALA E 425 3.58 -42.06 27.72
C ALA E 425 3.27 -40.96 26.71
N HIS E 426 3.69 -41.11 25.46
CA HIS E 426 3.45 -40.10 24.44
C HIS E 426 3.22 -40.77 23.10
N VAL E 427 2.62 -40.01 22.18
CA VAL E 427 2.45 -40.41 20.80
C VAL E 427 3.04 -39.30 19.92
N TYR E 428 3.94 -39.69 19.02
CA TYR E 428 4.57 -38.76 18.09
C TYR E 428 3.94 -38.90 16.72
N VAL E 429 3.60 -37.78 16.10
CA VAL E 429 3.01 -37.73 14.78
C VAL E 429 3.85 -36.82 13.91
N ALA E 430 4.11 -37.27 12.68
CA ALA E 430 4.80 -36.45 11.70
C ALA E 430 3.75 -35.82 10.80
N VAL E 431 3.81 -34.51 10.65
CA VAL E 431 2.91 -33.79 9.77
C VAL E 431 3.76 -32.95 8.83
N ARG E 432 3.29 -32.80 7.58
CA ARG E 432 3.95 -31.95 6.60
C ARG E 432 4.11 -30.53 7.15
N GLN E 433 5.27 -29.93 6.87
CA GLN E 433 5.62 -28.65 7.47
C GLN E 433 4.56 -27.58 7.19
N ALA E 434 3.95 -27.62 6.00
CA ALA E 434 2.98 -26.60 5.63
C ALA E 434 1.73 -26.64 6.50
N VAL E 435 1.38 -27.82 7.01
CA VAL E 435 0.17 -28.03 7.81
C VAL E 435 0.49 -28.25 9.28
N ALA E 436 1.77 -28.26 9.67
CA ALA E 436 2.13 -28.68 11.02
C ALA E 436 1.56 -27.75 12.08
N HIS E 437 1.75 -26.44 11.92
CA HIS E 437 1.27 -25.52 12.95
C HIS E 437 -0.26 -25.52 13.02
N LYS E 438 -0.93 -25.54 11.87
CA LYS E 438 -2.38 -25.68 11.85
C LYS E 438 -2.83 -26.93 12.59
N ALA E 439 -2.12 -28.06 12.37
CA ALA E 439 -2.44 -29.29 13.09
C ALA E 439 -2.29 -29.09 14.60
N TRP E 440 -1.20 -28.45 15.04
CA TRP E 440 -0.95 -28.24 16.46
C TRP E 440 -2.09 -27.45 17.11
N LYS E 441 -2.41 -26.28 16.56
CA LYS E 441 -3.43 -25.42 17.13
C LYS E 441 -4.80 -26.08 17.10
N GLN E 442 -5.12 -26.75 15.99
CA GLN E 442 -6.44 -27.35 15.83
C GLN E 442 -6.65 -28.55 16.74
N LEU E 443 -5.58 -29.31 17.00
CA LEU E 443 -5.66 -30.41 17.95
C LEU E 443 -5.54 -29.95 19.40
N GLN E 444 -5.00 -28.76 19.64
CA GLN E 444 -4.91 -28.23 21.01
C GLN E 444 -6.29 -28.13 21.65
N GLY E 445 -7.26 -27.61 20.91
CA GLY E 445 -8.63 -27.51 21.37
C GLY E 445 -9.54 -28.59 20.82
N GLY E 446 -8.99 -29.62 20.19
CA GLY E 446 -9.76 -30.70 19.62
C GLY E 446 -9.91 -31.87 20.58
N LYS E 447 -10.32 -33.01 20.02
CA LYS E 447 -10.55 -34.22 20.80
C LYS E 447 -9.94 -35.43 20.10
N ILE E 448 -9.24 -36.25 20.87
CA ILE E 448 -8.77 -37.55 20.42
C ILE E 448 -9.44 -38.60 21.30
N LYS E 449 -10.06 -39.59 20.68
CA LYS E 449 -10.77 -40.66 21.41
C LYS E 449 -11.85 -40.08 22.31
N GLY E 450 -12.47 -38.99 21.90
CA GLY E 450 -13.50 -38.36 22.72
C GLY E 450 -12.95 -37.42 23.77
N LYS E 451 -11.74 -37.67 24.24
CA LYS E 451 -11.16 -36.90 25.32
C LYS E 451 -10.29 -35.77 24.75
N THR E 452 -10.11 -34.73 25.56
CA THR E 452 -9.26 -33.63 25.16
C THR E 452 -7.80 -34.04 25.34
N CYS E 453 -6.93 -33.45 24.53
CA CYS E 453 -5.52 -33.79 24.54
C CYS E 453 -4.69 -32.54 24.75
N ARG E 454 -3.46 -32.74 25.19
CA ARG E 454 -2.45 -31.69 25.25
C ARG E 454 -1.30 -32.06 24.33
N VAL E 455 -1.10 -31.25 23.31
CA VAL E 455 -0.19 -31.54 22.20
C VAL E 455 0.89 -30.47 22.17
N ARG E 456 2.13 -30.88 21.96
CA ARG E 456 3.21 -29.95 21.71
C ARG E 456 3.76 -30.13 20.32
N LEU E 457 4.38 -29.07 19.81
CA LEU E 457 5.04 -29.06 18.52
C LEU E 457 6.54 -29.00 18.78
N LEU E 458 7.25 -30.05 18.37
CA LEU E 458 8.66 -30.17 18.73
C LEU E 458 9.51 -29.25 17.87
N LYS E 459 10.33 -28.44 18.53
CA LYS E 459 11.18 -27.48 17.85
C LYS E 459 12.66 -27.77 18.12
N THR G 4 -18.50 68.33 -1.89
CA THR G 4 -17.84 67.08 -2.20
C THR G 4 -18.61 66.28 -3.24
N ALA G 5 -19.51 66.94 -3.95
CA ALA G 5 -20.26 66.35 -5.05
C ALA G 5 -19.80 66.98 -6.35
N PHE G 6 -19.50 66.14 -7.35
CA PHE G 6 -19.05 66.66 -8.64
C PHE G 6 -20.11 67.53 -9.32
N SER G 7 -21.38 67.38 -8.95
CA SER G 7 -22.40 68.26 -9.50
C SER G 7 -22.22 69.70 -9.04
N THR G 8 -21.63 69.90 -7.86
CA THR G 8 -21.43 71.24 -7.32
C THR G 8 -20.44 72.07 -8.14
N LEU G 9 -19.70 71.45 -9.06
CA LEU G 9 -18.85 72.22 -9.96
C LEU G 9 -19.66 72.95 -11.03
N ASN G 10 -20.85 72.45 -11.35
CA ASN G 10 -21.76 73.10 -12.30
C ASN G 10 -21.11 73.25 -13.67
N VAL G 11 -20.33 72.25 -14.07
CA VAL G 11 -19.65 72.29 -15.36
C VAL G 11 -19.85 70.97 -16.09
N LEU G 12 -19.76 69.87 -15.36
CA LEU G 12 -19.78 68.56 -15.99
C LEU G 12 -21.16 68.24 -16.55
N PRO G 13 -21.23 67.66 -17.75
CA PRO G 13 -22.52 67.29 -18.33
C PRO G 13 -23.13 66.13 -17.56
N PRO G 14 -24.44 65.88 -17.70
CA PRO G 14 -25.05 64.78 -16.94
C PRO G 14 -24.42 63.44 -17.27
N ALA G 15 -24.02 63.22 -18.52
CA ALA G 15 -23.39 61.95 -18.88
C ALA G 15 -22.10 61.71 -18.11
N GLN G 16 -21.33 62.76 -17.85
CA GLN G 16 -20.10 62.58 -17.08
C GLN G 16 -20.39 62.34 -15.60
N LEU G 17 -21.43 62.98 -15.05
CA LEU G 17 -21.80 62.72 -13.67
C LEU G 17 -22.26 61.28 -13.48
N THR G 18 -23.03 60.75 -14.43
CA THR G 18 -23.43 59.35 -14.38
C THR G 18 -22.21 58.43 -14.49
N ASN G 19 -21.27 58.78 -15.38
CA ASN G 19 -20.06 57.98 -15.54
C ASN G 19 -19.27 57.93 -14.24
N LEU G 20 -19.14 59.06 -13.56
CA LEU G 20 -18.37 59.12 -12.32
C LEU G 20 -18.96 58.22 -11.24
N ASN G 21 -20.29 58.14 -11.15
CA ASN G 21 -20.90 57.30 -10.13
C ASN G 21 -20.70 55.81 -10.42
N GLU G 22 -20.79 55.41 -11.69
CA GLU G 22 -20.55 54.00 -12.02
C GLU G 22 -19.09 53.62 -11.80
N LEU G 23 -18.18 54.55 -11.95
CA LEU G 23 -16.76 54.24 -11.79
C LEU G 23 -16.34 54.18 -10.33
N GLY G 24 -17.21 54.59 -9.41
CA GLY G 24 -16.87 54.63 -8.00
C GLY G 24 -16.38 55.98 -7.50
N TYR G 25 -16.40 57.01 -8.34
CA TYR G 25 -16.04 58.36 -7.93
C TYR G 25 -17.27 58.99 -7.29
N LEU G 26 -17.51 58.68 -6.01
CA LEU G 26 -18.72 59.15 -5.37
C LEU G 26 -18.57 60.50 -4.69
N THR G 27 -17.37 60.83 -4.21
CA THR G 27 -17.09 62.13 -3.61
C THR G 27 -15.79 62.67 -4.20
N MET G 28 -15.70 63.99 -4.30
CA MET G 28 -14.47 64.63 -4.72
C MET G 28 -13.42 64.52 -3.63
N THR G 29 -12.20 64.15 -4.02
CA THR G 29 -11.06 64.18 -3.13
C THR G 29 -10.65 65.63 -2.91
N PRO G 30 -9.83 65.91 -1.89
CA PRO G 30 -9.43 67.31 -1.64
C PRO G 30 -8.84 68.03 -2.84
N VAL G 31 -7.88 67.40 -3.55
CA VAL G 31 -7.26 68.06 -4.69
C VAL G 31 -8.28 68.30 -5.80
N GLN G 32 -9.22 67.37 -5.98
CA GLN G 32 -10.26 67.56 -6.99
C GLN G 32 -11.16 68.73 -6.64
N ALA G 33 -11.61 68.82 -5.39
CA ALA G 33 -12.45 69.93 -4.98
C ALA G 33 -11.72 71.27 -5.09
N ALA G 34 -10.42 71.28 -4.82
CA ALA G 34 -9.65 72.51 -4.80
C ALA G 34 -9.13 72.93 -6.16
N ALA G 35 -8.87 71.99 -7.07
CA ALA G 35 -8.22 72.32 -8.33
C ALA G 35 -9.14 72.29 -9.54
N LEU G 36 -10.22 71.51 -9.51
CA LEU G 36 -11.10 71.45 -10.68
C LEU G 36 -11.79 72.78 -10.98
N PRO G 37 -12.28 73.55 -9.99
CA PRO G 37 -12.85 74.87 -10.34
C PRO G 37 -11.90 75.75 -11.13
N ALA G 38 -10.64 75.84 -10.70
CA ALA G 38 -9.68 76.67 -11.43
C ALA G 38 -9.37 76.09 -12.81
N ILE G 39 -9.21 74.78 -12.90
CA ILE G 39 -8.87 74.16 -14.18
C ILE G 39 -10.01 74.31 -15.19
N LEU G 40 -11.24 74.04 -14.75
CA LEU G 40 -12.38 74.17 -15.66
C LEU G 40 -12.59 75.59 -16.14
N ALA G 41 -12.11 76.60 -15.40
CA ALA G 41 -12.19 77.98 -15.85
C ALA G 41 -11.05 78.38 -16.78
N GLY G 42 -10.11 77.49 -17.06
CA GLY G 42 -9.05 77.77 -18.00
C GLY G 42 -7.76 78.34 -17.42
N LYS G 43 -7.59 78.31 -16.11
CA LYS G 43 -6.41 78.89 -15.47
C LYS G 43 -5.29 77.86 -15.42
N ASP G 44 -4.06 78.36 -15.50
CA ASP G 44 -2.90 77.53 -15.22
C ASP G 44 -2.75 77.31 -13.72
N VAL G 45 -2.42 76.09 -13.33
CA VAL G 45 -2.30 75.75 -11.92
C VAL G 45 -1.02 74.95 -11.70
N ARG G 46 -0.43 75.15 -10.53
CA ARG G 46 0.61 74.28 -10.00
C ARG G 46 0.06 73.67 -8.71
N VAL G 47 -0.13 72.35 -8.72
CA VAL G 47 -0.88 71.66 -7.68
C VAL G 47 0.07 70.79 -6.87
N GLN G 48 -0.11 70.79 -5.55
CA GLN G 48 0.58 69.87 -4.65
C GLN G 48 -0.45 69.16 -3.77
N ALA G 49 -0.58 67.85 -3.99
CA ALA G 49 -1.44 67.01 -3.15
C ALA G 49 -0.69 65.72 -2.84
N LYS G 50 -1.02 65.11 -1.71
CA LYS G 50 -0.28 63.94 -1.26
C LYS G 50 -0.49 62.78 -2.23
N THR G 51 0.32 61.74 -2.07
CA THR G 51 0.25 60.60 -2.97
C THR G 51 -1.07 59.85 -2.81
N GLY G 52 -1.55 59.29 -3.92
CA GLY G 52 -2.75 58.49 -3.93
C GLY G 52 -4.02 59.23 -3.57
N SER G 53 -4.09 60.53 -3.81
CA SER G 53 -5.26 61.32 -3.44
C SER G 53 -6.04 61.81 -4.66
N GLY G 54 -5.78 61.26 -5.84
CA GLY G 54 -6.63 61.49 -6.98
C GLY G 54 -6.22 62.58 -7.94
N LYS G 55 -4.92 62.87 -8.08
CA LYS G 55 -4.50 63.92 -9.01
C LYS G 55 -4.87 63.58 -10.45
N THR G 56 -4.84 62.30 -10.81
CA THR G 56 -5.08 61.91 -12.20
C THR G 56 -6.47 62.35 -12.66
N ALA G 57 -7.50 62.00 -11.89
CA ALA G 57 -8.85 62.42 -12.24
C ALA G 57 -9.01 63.93 -12.13
N ALA G 58 -8.21 64.56 -11.25
CA ALA G 58 -8.27 66.01 -11.11
C ALA G 58 -7.95 66.71 -12.42
N PHE G 59 -6.82 66.37 -13.06
CA PHE G 59 -6.52 67.00 -14.34
C PHE G 59 -7.21 66.27 -15.50
N GLY G 60 -7.60 65.01 -15.32
CA GLY G 60 -8.24 64.29 -16.39
C GLY G 60 -9.63 64.81 -16.72
N LEU G 61 -10.44 65.04 -15.67
CA LEU G 61 -11.75 65.63 -15.88
C LEU G 61 -11.65 67.01 -16.51
N GLY G 62 -10.60 67.77 -16.17
CA GLY G 62 -10.36 69.06 -16.76
C GLY G 62 -10.17 69.01 -18.27
N LEU G 63 -9.22 68.21 -18.73
CA LEU G 63 -8.93 68.17 -20.16
C LEU G 63 -10.05 67.49 -20.95
N LEU G 64 -10.76 66.55 -20.33
CA LEU G 64 -11.86 65.90 -21.03
C LEU G 64 -13.04 66.84 -21.27
N GLN G 65 -13.21 67.85 -20.40
CA GLN G 65 -14.30 68.81 -20.59
C GLN G 65 -14.08 69.67 -21.83
N GLN G 66 -12.83 69.84 -22.24
CA GLN G 66 -12.44 70.61 -23.42
C GLN G 66 -12.05 69.74 -24.60
N ILE G 67 -12.67 68.57 -24.75
CA ILE G 67 -12.41 67.70 -25.89
C ILE G 67 -13.62 67.75 -26.81
N ASP G 68 -13.38 68.04 -28.09
CA ASP G 68 -14.41 68.00 -29.12
C ASP G 68 -14.22 66.69 -29.88
N ALA G 69 -15.17 65.76 -29.69
CA ALA G 69 -15.01 64.43 -30.26
C ALA G 69 -15.16 64.42 -31.78
N SER G 70 -15.94 65.34 -32.34
CA SER G 70 -16.12 65.37 -33.79
C SER G 70 -14.90 65.93 -34.52
N LEU G 71 -14.09 66.77 -33.85
CA LEU G 71 -12.91 67.36 -34.48
C LEU G 71 -11.74 66.42 -34.18
N PHE G 72 -11.30 65.69 -35.19
CA PHE G 72 -10.29 64.63 -35.03
C PHE G 72 -8.87 65.18 -35.13
N GLN G 73 -8.51 66.01 -34.15
CA GLN G 73 -7.13 66.47 -34.01
C GLN G 73 -6.73 66.41 -32.54
N THR G 74 -5.43 66.45 -32.28
CA THR G 74 -4.91 66.33 -30.93
C THR G 74 -5.17 67.61 -30.15
N GLN G 75 -5.90 67.49 -29.03
CA GLN G 75 -6.33 68.64 -28.26
C GLN G 75 -5.76 68.71 -26.85
N ALA G 76 -5.32 67.59 -26.28
CA ALA G 76 -4.72 67.58 -24.94
C ALA G 76 -3.50 66.67 -24.93
N LEU G 77 -2.48 67.06 -24.17
CA LEU G 77 -1.24 66.31 -24.06
C LEU G 77 -0.84 66.16 -22.60
N VAL G 78 -0.61 64.92 -22.17
CA VAL G 78 -0.15 64.61 -20.82
C VAL G 78 1.23 63.99 -20.92
N LEU G 79 2.18 64.53 -20.14
CA LEU G 79 3.56 64.06 -20.13
C LEU G 79 3.84 63.32 -18.83
N CYS G 80 4.45 62.15 -18.94
CA CYS G 80 4.79 61.32 -17.78
C CYS G 80 6.26 60.92 -17.84
N PRO G 81 6.88 60.67 -16.67
CA PRO G 81 8.31 60.33 -16.65
C PRO G 81 8.62 58.87 -16.95
N THR G 82 7.65 57.97 -16.90
CA THR G 82 7.90 56.55 -17.15
C THR G 82 6.79 55.99 -18.03
N ARG G 83 7.14 54.95 -18.79
CA ARG G 83 6.19 54.36 -19.72
C ARG G 83 5.01 53.72 -18.98
N GLU G 84 5.28 53.04 -17.87
CA GLU G 84 4.22 52.40 -17.12
C GLU G 84 3.24 53.42 -16.53
N LEU G 85 3.76 54.55 -16.06
CA LEU G 85 2.87 55.59 -15.56
C LEU G 85 2.03 56.19 -16.67
N ALA G 86 2.64 56.42 -17.84
CA ALA G 86 1.90 56.95 -18.97
C ALA G 86 0.76 56.01 -19.38
N ASP G 87 1.05 54.71 -19.46
CA ASP G 87 0.02 53.73 -19.78
C ASP G 87 -1.05 53.68 -18.71
N GLN G 88 -0.66 53.82 -17.44
CA GLN G 88 -1.63 53.81 -16.35
C GLN G 88 -2.53 55.03 -16.42
N VAL G 89 -1.94 56.21 -16.65
CA VAL G 89 -2.72 57.44 -16.71
C VAL G 89 -3.67 57.42 -17.92
N ALA G 90 -3.20 56.88 -19.05
CA ALA G 90 -4.06 56.78 -20.23
C ALA G 90 -5.24 55.85 -19.97
N GLY G 91 -5.00 54.74 -19.26
CA GLY G 91 -6.08 53.82 -18.94
C GLY G 91 -7.18 54.46 -18.12
N GLU G 92 -6.80 55.29 -17.14
CA GLU G 92 -7.81 55.96 -16.32
C GLU G 92 -8.50 57.08 -17.08
N LEU G 93 -7.78 57.76 -17.99
CA LEU G 93 -8.42 58.75 -18.82
C LEU G 93 -9.47 58.12 -19.72
N ARG G 94 -9.18 56.92 -20.25
CA ARG G 94 -10.16 56.24 -21.09
C ARG G 94 -11.42 55.90 -20.33
N ARG G 95 -11.31 55.49 -19.07
CA ARG G 95 -12.50 55.21 -18.28
C ARG G 95 -13.27 56.49 -17.96
N LEU G 96 -12.55 57.59 -17.69
CA LEU G 96 -13.22 58.87 -17.50
C LEU G 96 -13.79 59.42 -18.79
N ALA G 97 -13.29 58.98 -19.94
CA ALA G 97 -13.77 59.45 -21.24
C ALA G 97 -14.94 58.64 -21.74
N ARG G 98 -15.43 57.67 -20.96
CA ARG G 98 -16.58 56.88 -21.36
C ARG G 98 -17.81 57.73 -21.63
N PHE G 99 -17.92 58.87 -20.93
CA PHE G 99 -19.06 59.76 -21.16
C PHE G 99 -19.06 60.31 -22.57
N LEU G 100 -17.89 60.37 -23.21
CA LEU G 100 -17.75 60.94 -24.54
C LEU G 100 -17.39 59.83 -25.51
N PRO G 101 -18.35 59.25 -26.23
CA PRO G 101 -18.03 58.11 -27.10
C PRO G 101 -17.06 58.49 -28.21
N ASN G 102 -16.31 57.48 -28.67
CA ASN G 102 -15.39 57.61 -29.79
C ASN G 102 -14.28 58.62 -29.52
N THR G 103 -13.82 58.69 -28.27
CA THR G 103 -12.67 59.50 -27.89
C THR G 103 -11.42 58.64 -27.96
N LYS G 104 -10.50 58.99 -28.84
CA LYS G 104 -9.26 58.23 -29.02
C LYS G 104 -8.18 58.80 -28.11
N ILE G 105 -7.72 58.00 -27.16
CA ILE G 105 -6.60 58.33 -26.30
C ILE G 105 -5.48 57.37 -26.62
N LEU G 106 -4.35 57.91 -27.06
CA LEU G 106 -3.22 57.11 -27.54
C LEU G 106 -2.01 57.30 -26.65
N THR G 107 -1.29 56.21 -26.41
CA THR G 107 -0.06 56.23 -25.64
C THR G 107 1.13 56.21 -26.60
N LEU G 108 2.12 57.06 -26.34
CA LEU G 108 3.33 57.16 -27.16
C LEU G 108 4.54 57.02 -26.24
N CYS G 109 5.11 55.81 -26.18
CA CYS G 109 6.28 55.57 -25.34
C CYS G 109 7.29 54.74 -26.11
N GLY G 110 8.53 54.77 -25.62
CA GLY G 110 9.58 53.93 -26.14
C GLY G 110 9.37 52.47 -25.76
N GLY G 111 10.17 51.60 -26.37
CA GLY G 111 10.04 50.18 -26.18
C GLY G 111 9.07 49.51 -27.13
N GLN G 112 8.09 50.27 -27.65
CA GLN G 112 7.13 49.97 -28.70
C GLN G 112 7.70 50.32 -30.06
N PRO G 113 7.45 49.54 -31.11
CA PRO G 113 8.01 49.88 -32.43
C PRO G 113 7.39 51.15 -32.99
N PHE G 114 8.24 51.98 -33.59
CA PHE G 114 7.82 53.31 -34.06
C PHE G 114 6.76 53.19 -35.14
N GLY G 115 6.84 52.15 -35.97
CA GLY G 115 5.97 52.06 -37.14
C GLY G 115 4.49 51.95 -36.81
N MET G 116 4.14 51.12 -35.83
CA MET G 116 2.73 50.98 -35.49
C MET G 116 2.15 52.28 -34.97
N GLN G 117 2.96 53.05 -34.24
CA GLN G 117 2.49 54.34 -33.75
C GLN G 117 2.27 55.33 -34.89
N ARG G 118 3.19 55.38 -35.86
CA ARG G 118 2.96 56.23 -37.02
C ARG G 118 1.69 55.83 -37.76
N ASP G 119 1.44 54.52 -37.88
CA ASP G 119 0.17 54.08 -38.48
C ASP G 119 -1.02 54.55 -37.66
N SER G 120 -0.94 54.39 -36.34
CA SER G 120 -2.05 54.81 -35.48
C SER G 120 -2.26 56.32 -35.53
N LEU G 121 -1.20 57.08 -35.78
CA LEU G 121 -1.28 58.53 -35.81
C LEU G 121 -1.88 59.07 -37.10
N GLN G 122 -2.23 58.18 -38.04
CA GLN G 122 -2.94 58.61 -39.24
C GLN G 122 -4.30 59.19 -38.88
N HIS G 123 -5.00 58.54 -37.96
CA HIS G 123 -6.19 59.08 -37.32
C HIS G 123 -5.75 59.78 -36.04
N ALA G 124 -5.61 61.09 -36.10
CA ALA G 124 -5.03 61.84 -35.00
C ALA G 124 -5.84 61.61 -33.73
N PRO G 125 -5.21 61.24 -32.61
CA PRO G 125 -5.95 61.01 -31.37
C PRO G 125 -6.35 62.30 -30.69
N HIS G 126 -7.48 62.26 -29.99
CA HIS G 126 -7.92 63.44 -29.26
C HIS G 126 -6.96 63.77 -28.13
N ILE G 127 -6.48 62.75 -27.41
CA ILE G 127 -5.61 62.93 -26.25
C ILE G 127 -4.37 62.05 -26.43
N ILE G 128 -3.20 62.60 -26.11
CA ILE G 128 -1.95 61.85 -26.11
C ILE G 128 -1.39 61.84 -24.69
N VAL G 129 -1.07 60.65 -24.18
CA VAL G 129 -0.26 60.48 -22.99
C VAL G 129 1.07 59.87 -23.42
N ALA G 130 2.17 60.50 -23.02
CA ALA G 130 3.46 60.13 -23.59
C ALA G 130 4.56 60.43 -22.59
N THR G 131 5.70 59.76 -22.80
CA THR G 131 7.02 60.05 -22.27
C THR G 131 7.77 60.96 -23.24
N PRO G 132 8.68 61.80 -22.72
CA PRO G 132 9.26 62.84 -23.59
C PRO G 132 10.02 62.32 -24.78
N GLY G 133 10.74 61.22 -24.64
CA GLY G 133 11.57 60.71 -25.72
C GLY G 133 10.85 60.38 -27.02
N ARG G 134 9.90 59.44 -26.97
CA ARG G 134 9.20 59.03 -28.18
C ARG G 134 8.34 60.15 -28.75
N LEU G 135 7.74 60.97 -27.88
CA LEU G 135 6.93 62.08 -28.38
C LEU G 135 7.77 63.07 -29.17
N LEU G 136 8.96 63.41 -28.67
CA LEU G 136 9.83 64.34 -29.38
C LEU G 136 10.24 63.76 -30.73
N ASP G 137 10.49 62.45 -30.80
CA ASP G 137 10.77 61.80 -32.07
C ASP G 137 9.62 61.98 -33.05
N HIS G 138 8.38 61.74 -32.59
CA HIS G 138 7.22 61.90 -33.44
C HIS G 138 7.04 63.34 -33.89
N LEU G 139 7.28 64.29 -33.00
CA LEU G 139 7.17 65.70 -33.37
C LEU G 139 8.21 66.08 -34.42
N GLN G 140 9.44 65.61 -34.26
CA GLN G 140 10.49 65.93 -35.22
C GLN G 140 10.25 65.28 -36.57
N LYS G 141 9.56 64.14 -36.60
CA LYS G 141 9.24 63.47 -37.86
C LYS G 141 7.86 63.85 -38.38
N GLY G 142 7.13 64.71 -37.68
CA GLY G 142 5.87 65.24 -38.20
C GLY G 142 4.69 64.29 -38.18
N THR G 143 4.66 63.35 -37.24
CA THR G 143 3.50 62.46 -37.11
C THR G 143 2.50 62.96 -36.07
N VAL G 144 2.89 63.93 -35.24
CA VAL G 144 2.01 64.51 -34.24
C VAL G 144 2.07 66.02 -34.38
N SER G 145 0.90 66.66 -34.32
CA SER G 145 0.80 68.11 -34.34
C SER G 145 0.08 68.57 -33.08
N LEU G 146 0.66 69.57 -32.42
CA LEU G 146 0.06 70.19 -31.25
C LEU G 146 -0.60 71.53 -31.58
N ASP G 147 -0.84 71.79 -32.87
CA ASP G 147 -1.36 73.09 -33.28
C ASP G 147 -2.75 73.34 -32.68
N ALA G 148 -3.54 72.30 -32.47
CA ALA G 148 -4.88 72.42 -31.90
C ALA G 148 -4.90 72.13 -30.41
N LEU G 149 -3.76 72.24 -29.74
CA LEU G 149 -3.67 71.86 -28.33
C LEU G 149 -4.40 72.88 -27.46
N ASN G 150 -5.35 72.41 -26.66
CA ASN G 150 -6.01 73.26 -25.67
C ASN G 150 -5.24 73.27 -24.35
N THR G 151 -4.86 72.09 -23.88
CA THR G 151 -4.32 71.91 -22.54
C THR G 151 -3.07 71.04 -22.57
N LEU G 152 -2.10 71.42 -21.74
CA LEU G 152 -0.87 70.65 -21.56
C LEU G 152 -0.75 70.32 -20.08
N VAL G 153 -0.68 69.03 -19.76
CA VAL G 153 -0.57 68.56 -18.38
C VAL G 153 0.79 67.88 -18.24
N MET G 154 1.51 68.21 -17.18
CA MET G 154 2.74 67.52 -16.81
C MET G 154 2.53 66.89 -15.45
N ASP G 155 2.26 65.59 -15.44
CA ASP G 155 2.20 64.83 -14.21
C ASP G 155 3.60 64.61 -13.66
N GLU G 156 3.70 64.49 -12.34
CA GLU G 156 5.00 64.42 -11.66
C GLU G 156 5.91 65.56 -12.11
N ALA G 157 5.39 66.79 -12.04
CA ALA G 157 6.00 67.90 -12.75
C ALA G 157 7.38 68.26 -12.20
N ASP G 158 7.65 67.98 -10.93
CA ASP G 158 8.98 68.26 -10.40
C ASP G 158 10.03 67.34 -11.00
N ARG G 159 9.63 66.12 -11.39
CA ARG G 159 10.53 65.24 -12.13
C ARG G 159 10.65 65.66 -13.58
N MET G 160 9.55 66.09 -14.19
CA MET G 160 9.59 66.50 -15.60
C MET G 160 10.36 67.80 -15.80
N LEU G 161 10.53 68.60 -14.76
CA LEU G 161 11.21 69.89 -14.88
C LEU G 161 12.63 69.90 -14.34
N ASP G 162 13.18 68.74 -13.95
CA ASP G 162 14.54 68.74 -13.45
C ASP G 162 15.54 68.82 -14.60
N MET G 163 16.83 68.85 -14.25
CA MET G 163 17.89 68.99 -15.25
C MET G 163 17.91 67.82 -16.23
N GLY G 164 17.55 66.62 -15.76
CA GLY G 164 17.61 65.45 -16.63
C GLY G 164 16.61 65.46 -17.76
N PHE G 165 15.44 66.08 -17.54
CA PHE G 165 14.39 66.13 -18.53
C PHE G 165 14.26 67.49 -19.21
N SER G 166 14.96 68.51 -18.71
CA SER G 166 14.72 69.88 -19.16
C SER G 166 14.89 70.04 -20.67
N ASP G 167 15.93 69.43 -21.25
CA ASP G 167 16.17 69.58 -22.68
C ASP G 167 15.00 69.04 -23.50
N ALA G 168 14.56 67.81 -23.21
CA ALA G 168 13.44 67.23 -23.95
C ALA G 168 12.15 68.00 -23.70
N ILE G 169 11.91 68.41 -22.46
CA ILE G 169 10.70 69.18 -22.14
C ILE G 169 10.71 70.51 -22.87
N ASP G 170 11.85 71.20 -22.88
CA ASP G 170 11.93 72.47 -23.59
C ASP G 170 11.72 72.27 -25.09
N ASP G 171 12.28 71.21 -25.65
CA ASP G 171 12.09 70.95 -27.08
C ASP G 171 10.63 70.63 -27.39
N VAL G 172 9.95 69.90 -26.50
CA VAL G 172 8.55 69.55 -26.75
C VAL G 172 7.67 70.80 -26.68
N ILE G 173 7.88 71.66 -25.69
CA ILE G 173 7.04 72.83 -25.49
C ILE G 173 7.12 73.79 -26.67
N ARG G 174 8.28 73.84 -27.34
CA ARG G 174 8.40 74.66 -28.54
C ARG G 174 7.50 74.19 -29.66
N PHE G 175 7.08 72.92 -29.67
CA PHE G 175 6.09 72.46 -30.64
C PHE G 175 4.66 72.83 -30.24
N ALA G 176 4.45 73.24 -28.98
CA ALA G 176 3.14 73.54 -28.42
C ALA G 176 2.83 75.03 -28.58
N PRO G 177 1.55 75.37 -28.71
CA PRO G 177 1.17 76.78 -28.77
C PRO G 177 1.44 77.50 -27.46
N ALA G 178 1.65 78.81 -27.56
CA ALA G 178 1.74 79.62 -26.35
C ALA G 178 0.36 79.79 -25.72
N SER G 179 -0.69 79.82 -26.55
CA SER G 179 -2.07 79.91 -26.06
C SER G 179 -2.54 78.50 -25.70
N ARG G 180 -2.12 78.06 -24.52
CA ARG G 180 -2.48 76.73 -24.04
C ARG G 180 -2.66 76.80 -22.53
N GLN G 181 -3.52 75.93 -22.02
CA GLN G 181 -3.61 75.72 -20.59
C GLN G 181 -2.49 74.78 -20.17
N THR G 182 -1.72 75.17 -19.15
CA THR G 182 -0.60 74.37 -18.68
C THR G 182 -0.82 73.99 -17.22
N LEU G 183 -0.93 72.69 -16.97
CA LEU G 183 -1.24 72.15 -15.65
C LEU G 183 -0.03 71.39 -15.12
N LEU G 184 0.33 71.65 -13.87
CA LEU G 184 1.46 71.00 -13.22
C LEU G 184 0.99 70.33 -11.94
N PHE G 185 1.20 69.02 -11.83
CA PHE G 185 0.78 68.23 -10.69
C PHE G 185 1.96 67.46 -10.13
N SER G 186 2.06 67.41 -8.80
CA SER G 186 3.02 66.55 -8.12
C SER G 186 2.72 66.56 -6.62
N ALA G 187 3.21 65.53 -5.94
CA ALA G 187 3.17 65.47 -4.48
C ALA G 187 4.35 66.15 -3.82
N THR G 188 5.40 66.47 -4.58
CA THR G 188 6.62 67.07 -4.05
C THR G 188 7.01 68.26 -4.91
N TRP G 189 7.49 69.32 -4.26
CA TRP G 189 7.91 70.54 -4.94
C TRP G 189 9.14 71.08 -4.24
N PRO G 190 10.33 70.69 -4.68
CA PRO G 190 11.56 71.31 -4.20
C PRO G 190 11.56 72.81 -4.46
N GLU G 191 12.14 73.53 -3.50
CA GLU G 191 12.15 74.98 -3.53
C GLU G 191 12.71 75.51 -4.86
N ALA G 192 13.76 74.86 -5.36
CA ALA G 192 14.36 75.25 -6.63
C ALA G 192 13.43 75.01 -7.83
N ILE G 193 12.82 73.83 -7.90
CA ILE G 193 12.01 73.49 -9.07
C ILE G 193 10.76 74.35 -9.13
N ALA G 194 10.15 74.63 -7.98
CA ALA G 194 8.93 75.43 -7.97
C ALA G 194 9.20 76.86 -8.44
N ALA G 195 10.39 77.39 -8.14
CA ALA G 195 10.72 78.74 -8.56
C ALA G 195 10.83 78.84 -10.09
N ILE G 196 11.43 77.83 -10.73
CA ILE G 196 11.56 77.83 -12.19
C ILE G 196 10.35 77.23 -12.89
N SER G 197 9.37 76.73 -12.14
CA SER G 197 8.23 76.06 -12.77
C SER G 197 7.37 77.03 -13.58
N GLY G 198 7.44 78.33 -13.29
CA GLY G 198 6.68 79.32 -14.03
C GLY G 198 7.15 79.56 -15.45
N ARG G 199 8.30 79.04 -15.85
CA ARG G 199 8.80 79.32 -17.21
C ARG G 199 7.88 78.66 -18.24
N VAL G 200 7.20 77.59 -17.84
CA VAL G 200 6.37 76.86 -18.79
C VAL G 200 4.89 77.17 -18.60
N GLN G 201 4.55 78.12 -17.72
CA GLN G 201 3.18 78.48 -17.41
C GLN G 201 2.97 79.97 -17.64
N ARG G 202 1.71 80.37 -17.68
CA ARG G 202 1.31 81.75 -17.87
C ARG G 202 0.35 82.13 -16.74
N ASP G 203 0.80 83.00 -15.81
CA ASP G 203 -0.06 83.38 -14.67
C ASP G 203 -0.60 82.17 -13.93
N PRO G 204 0.25 81.41 -13.25
CA PRO G 204 -0.19 80.19 -12.60
C PRO G 204 -0.73 80.44 -11.20
N LEU G 205 -1.78 79.68 -10.87
CA LEU G 205 -2.33 79.66 -9.52
C LEU G 205 -1.65 78.54 -8.74
N ALA G 206 -1.15 78.84 -7.55
CA ALA G 206 -0.52 77.84 -6.71
C ALA G 206 -1.58 77.22 -5.79
N ILE G 207 -1.79 75.91 -5.91
CA ILE G 207 -2.79 75.20 -5.13
C ILE G 207 -2.07 74.11 -4.34
N GLU G 208 -1.64 74.37 -3.11
CA GLU G 208 -0.94 73.36 -2.33
C GLU G 208 -1.88 72.92 -1.21
N ILE G 209 -2.63 71.83 -1.45
CA ILE G 209 -3.62 71.39 -0.48
C ILE G 209 -2.98 70.55 0.62
N ASP G 210 -1.81 69.94 0.35
CA ASP G 210 -1.05 69.19 1.33
C ASP G 210 0.38 69.70 1.33
N SER G 211 0.86 70.14 2.50
CA SER G 211 2.28 70.45 2.59
C SER G 211 3.08 69.16 2.40
N THR G 212 4.38 69.31 2.11
CA THR G 212 5.18 68.16 1.73
C THR G 212 5.35 67.15 2.86
N ASP G 213 5.19 67.57 4.11
CA ASP G 213 5.31 66.68 5.27
C ASP G 213 3.98 66.08 5.71
N ALA G 214 2.88 66.36 4.99
CA ALA G 214 1.56 65.83 5.31
C ALA G 214 1.33 64.57 4.48
N LEU G 215 1.84 63.45 4.98
CA LEU G 215 1.81 62.19 4.25
C LEU G 215 0.46 61.49 4.40
N PRO G 216 0.15 60.55 3.51
CA PRO G 216 -0.98 59.64 3.74
C PRO G 216 -0.75 58.77 4.96
N PRO G 217 -1.77 58.05 5.45
CA PRO G 217 -1.57 57.26 6.67
C PRO G 217 -0.61 56.10 6.46
N ILE G 218 0.69 56.42 6.48
CA ILE G 218 1.76 55.45 6.29
C ILE G 218 2.53 55.33 7.60
N GLU G 219 2.57 54.13 8.16
CA GLU G 219 3.48 53.87 9.27
C GLU G 219 4.88 53.62 8.72
N GLN G 220 5.88 54.24 9.33
CA GLN G 220 7.25 54.12 8.87
C GLN G 220 8.09 53.46 9.96
N GLN G 221 8.89 52.47 9.56
CA GLN G 221 9.82 51.79 10.45
C GLN G 221 11.20 51.81 9.83
N PHE G 222 12.22 51.95 10.67
CA PHE G 222 13.60 52.03 10.22
C PHE G 222 14.45 50.99 10.94
N TYR G 223 15.34 50.34 10.21
CA TYR G 223 16.23 49.31 10.73
C TYR G 223 17.68 49.68 10.47
N GLU G 224 18.50 49.64 11.52
CA GLU G 224 19.95 49.64 11.32
C GLU G 224 20.40 48.30 10.78
N THR G 225 21.29 48.33 9.79
CA THR G 225 21.78 47.10 9.18
C THR G 225 23.05 47.40 8.40
N SER G 226 23.95 46.42 8.39
CA SER G 226 25.04 46.46 7.45
C SER G 226 24.51 46.19 6.04
N SER G 227 25.30 46.58 5.05
CA SER G 227 24.94 46.26 3.67
C SER G 227 24.89 44.75 3.46
N LYS G 228 25.79 44.00 4.11
CA LYS G 228 25.82 42.56 3.90
C LYS G 228 24.61 41.87 4.51
N GLY G 229 24.11 42.39 5.63
CA GLY G 229 22.96 41.82 6.30
C GLY G 229 21.62 42.21 5.74
N LYS G 230 21.61 43.01 4.66
CA LYS G 230 20.36 43.56 4.13
C LYS G 230 19.46 42.48 3.57
N ILE G 231 20.02 41.60 2.74
CA ILE G 231 19.22 40.56 2.07
C ILE G 231 18.68 39.58 3.11
N PRO G 232 19.50 39.06 4.04
CA PRO G 232 18.90 38.25 5.11
C PRO G 232 17.85 39.00 5.92
N LEU G 233 18.08 40.27 6.23
CA LEU G 233 17.09 41.05 6.96
C LEU G 233 15.78 41.15 6.19
N LEU G 234 15.86 41.45 4.89
CA LEU G 234 14.65 41.51 4.07
C LEU G 234 13.90 40.19 4.07
N GLN G 235 14.64 39.08 3.95
CA GLN G 235 14.02 37.76 3.96
C GLN G 235 13.33 37.47 5.29
N ARG G 236 13.96 37.86 6.41
CA ARG G 236 13.33 37.62 7.71
C ARG G 236 12.12 38.54 7.90
N LEU G 237 12.19 39.77 7.41
CA LEU G 237 11.04 40.67 7.53
C LEU G 237 9.88 40.22 6.65
N LEU G 238 10.17 39.72 5.44
CA LEU G 238 9.11 39.18 4.60
C LEU G 238 8.49 37.93 5.21
N SER G 239 9.30 37.13 5.92
CA SER G 239 8.76 35.98 6.63
C SER G 239 7.88 36.44 7.80
N LEU G 240 8.25 37.53 8.46
CA LEU G 240 7.47 38.03 9.57
C LEU G 240 6.12 38.58 9.12
N HIS G 241 6.12 39.51 8.17
CA HIS G 241 4.90 40.20 7.80
C HIS G 241 4.00 39.39 6.87
N GLN G 242 4.62 38.47 6.13
CA GLN G 242 3.87 37.68 5.12
C GLN G 242 2.94 38.58 4.33
N PRO G 243 3.44 39.66 3.70
CA PRO G 243 2.53 40.59 3.02
C PRO G 243 1.92 39.97 1.77
N SER G 244 0.64 40.28 1.55
CA SER G 244 -0.02 39.84 0.32
C SER G 244 0.65 40.45 -0.91
N SER G 245 1.17 41.68 -0.78
CA SER G 245 1.92 42.31 -1.85
C SER G 245 2.95 43.24 -1.23
N CYS G 246 4.11 43.35 -1.88
CA CYS G 246 5.20 44.15 -1.34
C CYS G 246 6.08 44.65 -2.48
N VAL G 247 6.51 45.92 -2.38
CA VAL G 247 7.45 46.51 -3.32
C VAL G 247 8.73 46.83 -2.56
N VAL G 248 9.84 46.30 -3.05
CA VAL G 248 11.18 46.54 -2.50
C VAL G 248 11.94 47.41 -3.49
N PHE G 249 12.41 48.58 -3.02
CA PHE G 249 13.07 49.55 -3.89
C PHE G 249 14.57 49.50 -3.71
N CYS G 250 15.29 49.51 -4.83
CA CYS G 250 16.75 49.55 -4.83
C CYS G 250 17.23 50.74 -5.65
N ASN G 251 18.47 51.14 -5.40
CA ASN G 251 19.06 52.31 -6.05
C ASN G 251 19.78 51.99 -7.35
N THR G 252 20.05 50.71 -7.64
CA THR G 252 20.73 50.32 -8.87
C THR G 252 20.02 49.13 -9.48
N LYS G 253 20.07 49.03 -10.81
CA LYS G 253 19.44 47.90 -11.49
C LYS G 253 20.14 46.59 -11.14
N LYS G 254 21.44 46.65 -10.81
CA LYS G 254 22.17 45.45 -10.43
C LYS G 254 21.70 44.93 -9.08
N ASP G 255 21.67 45.79 -8.06
CA ASP G 255 21.12 45.37 -6.77
C ASP G 255 19.65 45.00 -6.87
N CYS G 256 18.90 45.68 -7.73
CA CYS G 256 17.50 45.33 -7.94
C CYS G 256 17.37 43.88 -8.41
N GLN G 257 18.14 43.52 -9.44
CA GLN G 257 18.09 42.15 -9.96
C GLN G 257 18.71 41.16 -8.98
N ALA G 258 19.76 41.57 -8.27
CA ALA G 258 20.39 40.68 -7.30
C ALA G 258 19.45 40.36 -6.14
N VAL G 259 18.74 41.36 -5.63
CA VAL G 259 17.81 41.14 -4.53
C VAL G 259 16.65 40.25 -4.98
N CYS G 260 16.14 40.48 -6.19
CA CYS G 260 15.06 39.65 -6.70
C CYS G 260 15.45 38.18 -6.76
N ASP G 261 16.67 37.89 -7.23
CA ASP G 261 17.12 36.50 -7.33
C ASP G 261 17.29 35.87 -5.95
N ALA G 262 17.77 36.66 -4.99
CA ALA G 262 17.95 36.14 -3.63
C ALA G 262 16.61 35.79 -2.99
N LEU G 263 15.57 36.59 -3.26
CA LEU G 263 14.26 36.28 -2.70
C LEU G 263 13.68 35.00 -3.30
N ASN G 264 13.89 34.79 -4.59
CA ASN G 264 13.34 33.59 -5.24
C ASN G 264 14.13 32.33 -4.87
N GLU G 265 15.38 32.49 -4.43
CA GLU G 265 16.14 31.34 -3.98
C GLU G 265 15.59 30.77 -2.68
N VAL G 266 14.96 31.61 -1.86
CA VAL G 266 14.32 31.11 -0.64
C VAL G 266 12.82 30.91 -0.82
N GLY G 267 12.33 31.03 -2.05
CA GLY G 267 10.95 30.67 -2.33
C GLY G 267 9.92 31.76 -2.07
N GLN G 268 10.35 33.01 -1.98
CA GLN G 268 9.45 34.14 -1.78
C GLN G 268 9.18 34.76 -3.15
N SER G 269 8.04 34.40 -3.74
CA SER G 269 7.71 34.70 -5.13
C SER G 269 7.92 36.17 -5.47
N ALA G 270 8.95 36.46 -6.26
CA ALA G 270 9.38 37.83 -6.52
C ALA G 270 9.65 38.03 -8.00
N LEU G 271 9.30 39.22 -8.48
CA LEU G 271 9.64 39.68 -9.82
C LEU G 271 10.47 40.95 -9.72
N SER G 272 11.12 41.31 -10.82
CA SER G 272 11.94 42.51 -10.86
C SER G 272 11.44 43.46 -11.95
N LEU G 273 11.65 44.75 -11.73
CA LEU G 273 11.20 45.78 -12.66
C LEU G 273 12.28 46.85 -12.75
N HIS G 274 12.96 46.92 -13.90
CA HIS G 274 14.02 47.89 -14.10
C HIS G 274 14.22 48.11 -15.60
N GLY G 275 15.00 49.15 -15.91
CA GLY G 275 15.14 49.60 -17.28
C GLY G 275 15.91 48.67 -18.20
N ASP G 276 16.67 47.73 -17.64
CA ASP G 276 17.42 46.80 -18.46
C ASP G 276 16.57 45.63 -18.95
N LEU G 277 15.32 45.55 -18.51
CA LEU G 277 14.42 44.53 -19.03
C LEU G 277 13.82 45.02 -20.35
N GLU G 278 13.53 44.08 -21.24
CA GLU G 278 12.79 44.44 -22.43
C GLU G 278 11.38 44.87 -22.06
N GLN G 279 10.82 45.79 -22.85
CA GLN G 279 9.57 46.44 -22.47
C GLN G 279 8.44 45.44 -22.27
N ARG G 280 8.39 44.38 -23.08
CA ARG G 280 7.37 43.36 -22.88
C ARG G 280 7.49 42.73 -21.49
N ASP G 281 8.72 42.53 -21.01
CA ASP G 281 8.90 42.01 -19.66
C ASP G 281 8.50 43.03 -18.61
N ARG G 282 8.84 44.31 -18.82
CA ARG G 282 8.45 45.35 -17.88
C ARG G 282 6.93 45.43 -17.72
N ASP G 283 6.22 45.39 -18.84
CA ASP G 283 4.76 45.48 -18.79
C ASP G 283 4.15 44.24 -18.13
N GLN G 284 4.63 43.05 -18.50
CA GLN G 284 4.06 41.83 -17.96
C GLN G 284 4.37 41.65 -16.48
N THR G 285 5.54 42.11 -16.02
CA THR G 285 5.87 42.02 -14.60
C THR G 285 4.92 42.87 -13.77
N LEU G 286 4.61 44.09 -14.21
CA LEU G 286 3.69 44.93 -13.48
C LEU G 286 2.29 44.34 -13.47
N VAL G 287 1.87 43.74 -14.59
CA VAL G 287 0.58 43.06 -14.65
C VAL G 287 0.53 41.92 -13.64
N ARG G 288 1.56 41.07 -13.65
CA ARG G 288 1.56 39.87 -12.83
C ARG G 288 1.63 40.20 -11.34
N PHE G 289 2.37 41.25 -10.98
CA PHE G 289 2.42 41.66 -9.59
C PHE G 289 1.08 42.24 -9.14
N ALA G 290 0.49 43.11 -9.97
CA ALA G 290 -0.75 43.78 -9.58
C ALA G 290 -1.92 42.81 -9.44
N ASN G 291 -1.96 41.74 -10.23
CA ASN G 291 -3.10 40.83 -10.20
C ASN G 291 -2.92 39.67 -9.24
N GLY G 292 -1.82 39.61 -8.50
CA GLY G 292 -1.62 38.57 -7.52
C GLY G 292 -0.81 37.38 -7.99
N SER G 293 -0.16 37.47 -9.15
CA SER G 293 0.68 36.38 -9.63
C SER G 293 2.09 36.43 -9.06
N ALA G 294 2.37 37.41 -8.20
CA ALA G 294 3.63 37.46 -7.46
C ALA G 294 3.40 38.24 -6.18
N ARG G 295 4.13 37.87 -5.13
CA ARG G 295 3.97 38.51 -3.82
C ARG G 295 4.86 39.74 -3.68
N VAL G 296 6.07 39.71 -4.22
CA VAL G 296 7.05 40.78 -4.05
C VAL G 296 7.45 41.31 -5.41
N LEU G 297 7.49 42.63 -5.53
CA LEU G 297 8.05 43.31 -6.70
C LEU G 297 9.29 44.08 -6.25
N VAL G 298 10.43 43.74 -6.85
CA VAL G 298 11.68 44.44 -6.59
C VAL G 298 11.90 45.40 -7.76
N ALA G 299 12.03 46.69 -7.47
CA ALA G 299 12.03 47.69 -8.53
C ALA G 299 13.05 48.77 -8.24
N THR G 300 13.50 49.42 -9.32
CA THR G 300 14.23 50.67 -9.23
C THR G 300 13.24 51.83 -9.14
N ASP G 301 13.75 53.05 -9.18
CA ASP G 301 12.88 54.22 -9.09
C ASP G 301 12.05 54.44 -10.35
N VAL G 302 12.13 53.56 -11.35
CA VAL G 302 11.18 53.59 -12.46
C VAL G 302 9.76 53.36 -11.97
N ALA G 303 9.62 52.74 -10.78
CA ALA G 303 8.33 52.49 -10.16
C ALA G 303 8.11 53.36 -8.93
N ALA G 304 8.96 54.36 -8.71
CA ALA G 304 8.87 55.18 -7.51
C ALA G 304 7.66 56.11 -7.54
N ARG G 305 7.26 56.55 -8.72
CA ARG G 305 6.26 57.60 -8.85
C ARG G 305 5.00 57.10 -9.55
N GLY G 306 3.85 57.47 -8.99
CA GLY G 306 2.58 57.44 -9.70
C GLY G 306 1.87 56.11 -9.87
N LEU G 307 2.62 55.00 -9.85
CA LEU G 307 1.99 53.71 -10.06
C LEU G 307 0.95 53.43 -8.99
N ASP G 308 -0.24 53.01 -9.43
CA ASP G 308 -1.39 52.81 -8.55
C ASP G 308 -1.66 51.32 -8.46
N ILE G 309 -0.93 50.67 -7.57
CA ILE G 309 -1.12 49.24 -7.30
C ILE G 309 -2.14 49.13 -6.18
N LYS G 310 -3.24 48.44 -6.47
CA LYS G 310 -4.37 48.46 -5.56
C LYS G 310 -4.05 47.68 -4.30
N SER G 311 -4.21 48.33 -3.14
CA SER G 311 -4.08 47.70 -1.83
C SER G 311 -2.68 47.10 -1.62
N LEU G 312 -1.66 47.80 -2.11
CA LEU G 312 -0.28 47.40 -1.82
C LEU G 312 -0.05 47.43 -0.32
N GLU G 313 0.37 46.30 0.24
CA GLU G 313 0.44 46.17 1.69
C GLU G 313 1.74 46.70 2.28
N LEU G 314 2.87 46.57 1.57
CA LEU G 314 4.15 46.89 2.17
C LEU G 314 5.11 47.47 1.14
N VAL G 315 5.82 48.51 1.53
CA VAL G 315 6.94 49.06 0.78
C VAL G 315 8.19 48.90 1.62
N VAL G 316 9.26 48.40 1.01
CA VAL G 316 10.55 48.26 1.68
C VAL G 316 11.59 49.04 0.90
N ASN G 317 12.30 49.91 1.60
CA ASN G 317 13.45 50.61 1.03
C ASN G 317 14.69 49.78 1.30
N PHE G 318 15.09 48.96 0.34
CA PHE G 318 16.35 48.24 0.47
C PHE G 318 17.50 49.20 0.72
N GLU G 319 17.51 50.31 -0.02
CA GLU G 319 18.41 51.42 0.26
C GLU G 319 17.63 52.72 0.14
N LEU G 320 17.94 53.68 1.01
CA LEU G 320 17.27 54.97 0.97
C LEU G 320 17.60 55.69 -0.33
N ALA G 321 16.59 56.36 -0.89
CA ALA G 321 16.76 57.07 -2.15
C ALA G 321 17.73 58.24 -2.00
N TRP G 322 18.35 58.62 -3.12
CA TRP G 322 19.29 59.73 -3.10
C TRP G 322 18.61 61.03 -2.69
N ASP G 323 17.42 61.28 -3.22
CA ASP G 323 16.75 62.51 -2.87
C ASP G 323 15.57 62.23 -1.94
N PRO G 324 15.34 63.09 -0.95
CA PRO G 324 14.22 62.84 -0.02
C PRO G 324 12.86 62.88 -0.69
N GLU G 325 12.69 63.67 -1.75
CA GLU G 325 11.43 63.69 -2.47
C GLU G 325 11.08 62.32 -3.01
N VAL G 326 12.08 61.56 -3.47
CA VAL G 326 11.83 60.21 -3.97
C VAL G 326 11.35 59.29 -2.86
N HIS G 327 11.85 59.48 -1.64
CA HIS G 327 11.39 58.68 -0.50
C HIS G 327 9.88 58.84 -0.29
N VAL G 328 9.37 60.06 -0.44
CA VAL G 328 7.93 60.29 -0.30
C VAL G 328 7.16 59.53 -1.37
N HIS G 329 7.65 59.56 -2.61
CA HIS G 329 6.96 58.87 -3.69
C HIS G 329 7.05 57.36 -3.56
N ARG G 330 8.20 56.84 -3.10
CA ARG G 330 8.34 55.39 -2.95
C ARG G 330 7.32 54.85 -1.96
N ILE G 331 7.32 55.36 -0.73
CA ILE G 331 6.38 54.86 0.27
C ILE G 331 4.95 55.21 -0.11
N GLY G 332 4.76 56.21 -0.98
CA GLY G 332 3.44 56.55 -1.47
C GLY G 332 2.79 55.48 -2.34
N ARG G 333 3.52 54.43 -2.73
CA ARG G 333 2.91 53.33 -3.46
C ARG G 333 1.91 52.57 -2.61
N THR G 334 2.05 52.59 -1.29
CA THR G 334 1.05 52.05 -0.38
C THR G 334 0.23 53.17 0.25
N ALA G 335 -0.81 52.78 0.97
CA ALA G 335 -1.72 53.71 1.64
C ALA G 335 -2.28 54.73 0.65
N ARG G 336 -2.96 54.20 -0.37
CA ARG G 336 -3.55 55.01 -1.43
C ARG G 336 -5.07 55.02 -1.31
N ALA G 337 -5.66 56.12 -1.79
CA ALA G 337 -7.12 56.25 -1.90
C ALA G 337 -7.82 55.96 -0.58
N GLY G 338 -7.22 56.41 0.53
CA GLY G 338 -7.82 56.28 1.83
C GLY G 338 -7.37 55.07 2.63
N ASN G 339 -6.58 54.19 2.02
CA ASN G 339 -6.07 53.01 2.72
C ASN G 339 -4.90 53.39 3.63
N SER G 340 -4.54 52.45 4.50
CA SER G 340 -3.33 52.57 5.29
C SER G 340 -2.24 51.70 4.69
N GLY G 341 -1.03 51.85 5.19
CA GLY G 341 0.09 51.06 4.69
C GLY G 341 1.29 51.15 5.59
N LEU G 342 2.24 50.25 5.34
CA LEU G 342 3.46 50.14 6.12
C LEU G 342 4.66 50.31 5.19
N ALA G 343 5.63 51.12 5.64
CA ALA G 343 6.85 51.38 4.88
C ALA G 343 8.05 51.12 5.77
N ILE G 344 8.82 50.08 5.45
CA ILE G 344 10.06 49.76 6.17
C ILE G 344 11.24 50.29 5.36
N SER G 345 12.21 50.87 6.06
CA SER G 345 13.40 51.42 5.43
C SER G 345 14.65 50.87 6.10
N PHE G 346 15.61 50.44 5.27
CA PHE G 346 16.90 50.00 5.77
C PHE G 346 17.89 51.17 5.76
N CYS G 347 18.75 51.22 6.78
CA CYS G 347 19.72 52.30 6.89
C CYS G 347 21.07 51.70 7.30
N ALA G 348 22.00 51.66 6.35
CA ALA G 348 23.39 51.35 6.60
C ALA G 348 24.14 52.62 6.99
N PRO G 349 25.34 52.49 7.58
CA PRO G 349 26.06 53.70 8.01
C PRO G 349 26.30 54.70 6.89
N GLU G 350 26.44 54.24 5.65
CA GLU G 350 26.64 55.16 4.53
C GLU G 350 25.39 55.95 4.18
N GLU G 351 24.21 55.48 4.59
CA GLU G 351 22.95 56.11 4.23
C GLU G 351 22.35 56.92 5.37
N ALA G 352 23.08 57.08 6.48
CA ALA G 352 22.52 57.75 7.66
C ALA G 352 22.19 59.22 7.38
N GLN G 353 23.03 59.93 6.63
CA GLN G 353 22.76 61.34 6.41
C GLN G 353 21.50 61.53 5.55
N ARG G 354 21.26 60.62 4.60
CA ARG G 354 20.01 60.66 3.85
C ARG G 354 18.82 60.45 4.79
N ALA G 355 19.01 59.63 5.85
CA ALA G 355 17.94 59.42 6.81
C ALA G 355 17.64 60.68 7.60
N ASN G 356 18.66 61.48 7.91
CA ASN G 356 18.42 62.72 8.63
C ASN G 356 17.64 63.72 7.77
N ILE G 357 17.97 63.78 6.48
CA ILE G 357 17.26 64.68 5.58
C ILE G 357 15.79 64.31 5.52
N ILE G 358 15.48 63.01 5.52
CA ILE G 358 14.09 62.58 5.55
C ILE G 358 13.45 62.98 6.88
N SER G 359 14.17 62.80 7.98
CA SER G 359 13.65 63.18 9.30
C SER G 359 13.34 64.68 9.33
N ASP G 360 14.28 65.50 8.85
CA ASP G 360 14.06 66.94 8.80
C ASP G 360 12.91 67.30 7.86
N MET G 361 12.96 66.79 6.62
CA MET G 361 11.97 67.17 5.61
C MET G 361 10.55 66.82 6.07
N LEU G 362 10.37 65.64 6.66
CA LEU G 362 9.05 65.20 7.10
C LEU G 362 8.74 65.65 8.52
N GLN G 363 9.69 66.31 9.18
CA GLN G 363 9.54 66.79 10.55
C GLN G 363 9.06 65.68 11.48
N ILE G 364 9.67 64.50 11.34
CA ILE G 364 9.37 63.33 12.15
C ILE G 364 10.65 62.77 12.75
N LYS G 365 10.51 62.09 13.88
CA LYS G 365 11.60 61.32 14.47
C LYS G 365 11.49 59.88 13.98
N LEU G 366 12.60 59.33 13.49
CA LEU G 366 12.57 58.03 12.85
C LEU G 366 12.36 56.93 13.89
N ASN G 367 11.44 56.02 13.59
CA ASN G 367 11.04 54.94 14.50
C ASN G 367 11.93 53.74 14.24
N TRP G 368 13.05 53.68 14.96
CA TRP G 368 14.04 52.63 14.80
C TRP G 368 13.55 51.33 15.47
N GLN G 369 13.69 50.23 14.73
CA GLN G 369 13.20 48.92 15.15
C GLN G 369 14.33 48.00 15.58
N THR G 370 14.01 47.07 16.49
CA THR G 370 14.85 45.96 16.92
C THR G 370 14.63 44.76 15.97
N PRO G 371 15.71 44.06 15.61
CA PRO G 371 15.59 43.02 14.57
C PRO G 371 14.68 41.90 15.00
N PRO G 372 14.13 41.13 14.04
CA PRO G 372 13.26 39.99 14.35
C PRO G 372 14.00 38.86 15.07
N SER G 375 14.54 33.95 13.91
CA SER G 375 13.42 33.52 13.09
C SER G 375 13.87 32.94 11.77
N SER G 376 13.15 31.93 11.30
CA SER G 376 13.46 31.24 10.06
C SER G 376 12.80 31.92 8.85
N ILE G 377 13.28 31.55 7.67
CA ILE G 377 12.83 32.11 6.40
C ILE G 377 11.69 31.29 5.82
N ALA G 378 10.51 31.91 5.70
CA ALA G 378 9.33 31.26 5.13
C ALA G 378 9.22 31.54 3.63
N THR G 379 8.51 30.65 2.94
CA THR G 379 8.22 30.80 1.51
C THR G 379 6.95 31.62 1.32
N LEU G 380 6.82 32.23 0.14
CA LEU G 380 5.64 33.04 -0.17
C LEU G 380 5.06 32.60 -1.52
N GLU G 381 3.91 31.93 -1.50
CA GLU G 381 3.27 31.50 -2.75
C GLU G 381 2.30 32.55 -3.26
N ALA G 382 2.30 32.75 -4.57
CA ALA G 382 1.34 33.64 -5.20
C ALA G 382 0.02 32.92 -5.39
N GLU G 383 -1.09 33.62 -5.15
CA GLU G 383 -2.39 32.99 -5.27
C GLU G 383 -2.85 32.87 -6.73
N MET G 384 -2.33 33.72 -7.63
CA MET G 384 -2.83 33.74 -9.00
C MET G 384 -1.72 33.40 -9.98
N ALA G 385 -2.14 33.17 -11.22
CA ALA G 385 -1.25 33.04 -12.37
C ALA G 385 -1.88 33.80 -13.53
N THR G 386 -1.03 34.29 -14.44
CA THR G 386 -1.46 35.20 -15.49
C THR G 386 -1.47 34.47 -16.83
N LEU G 387 -2.64 34.47 -17.49
CA LEU G 387 -2.74 34.04 -18.87
C LEU G 387 -2.54 35.23 -19.80
N CYS G 388 -1.77 35.02 -20.87
CA CYS G 388 -1.53 36.03 -21.89
C CYS G 388 -2.14 35.55 -23.21
N ILE G 389 -3.21 36.21 -23.63
CA ILE G 389 -3.92 35.88 -24.86
C ILE G 389 -3.49 36.86 -25.94
N ASP G 390 -3.32 36.35 -27.17
CA ASP G 390 -2.94 37.22 -28.28
C ASP G 390 -4.18 37.88 -28.86
N GLY G 391 -4.05 39.17 -29.17
CA GLY G 391 -5.16 39.94 -29.72
C GLY G 391 -5.30 41.31 -29.11
N GLY G 392 -5.83 41.40 -27.90
CA GLY G 392 -5.97 42.68 -27.23
C GLY G 392 -7.05 43.55 -27.86
N LYS G 393 -6.85 44.85 -27.86
CA LYS G 393 -7.86 45.76 -28.44
C LYS G 393 -7.86 45.60 -29.96
N LYS G 394 -6.72 45.21 -30.55
CA LYS G 394 -6.67 45.00 -31.99
C LYS G 394 -7.72 43.99 -32.44
N ALA G 395 -7.99 42.98 -31.63
CA ALA G 395 -8.98 41.95 -31.93
C ALA G 395 -10.35 42.24 -31.34
N LYS G 396 -10.60 43.47 -30.87
CA LYS G 396 -11.87 43.85 -30.27
C LYS G 396 -12.23 42.96 -29.09
N MET G 397 -11.24 42.49 -28.34
CA MET G 397 -11.50 41.66 -27.17
C MET G 397 -11.69 42.56 -25.95
N ARG G 398 -12.89 42.54 -25.38
CA ARG G 398 -13.23 43.22 -24.15
C ARG G 398 -13.32 42.21 -23.02
N PRO G 399 -13.19 42.67 -21.76
CA PRO G 399 -13.17 41.72 -20.63
C PRO G 399 -14.34 40.75 -20.59
N GLY G 400 -15.53 41.18 -21.02
CA GLY G 400 -16.67 40.27 -21.03
C GLY G 400 -16.47 39.06 -21.92
N ASP G 401 -15.73 39.23 -23.02
CA ASP G 401 -15.46 38.11 -23.91
C ASP G 401 -14.61 37.05 -23.23
N VAL G 402 -13.54 37.47 -22.56
CA VAL G 402 -12.65 36.52 -21.87
C VAL G 402 -13.40 35.82 -20.75
N LEU G 403 -14.10 36.59 -19.91
CA LEU G 403 -14.81 36.00 -18.79
C LEU G 403 -15.88 35.02 -19.27
N GLY G 404 -16.58 35.37 -20.34
CA GLY G 404 -17.62 34.49 -20.85
C GLY G 404 -17.07 33.16 -21.32
N ALA G 405 -15.94 33.18 -22.03
CA ALA G 405 -15.31 31.94 -22.46
C ALA G 405 -14.80 31.15 -21.27
N LEU G 406 -14.19 31.83 -20.30
CA LEU G 406 -13.63 31.12 -19.15
C LEU G 406 -14.73 30.51 -18.29
N THR G 407 -15.84 31.22 -18.12
CA THR G 407 -16.92 30.77 -17.25
C THR G 407 -17.94 29.87 -17.93
N GLY G 408 -18.07 29.96 -19.25
CA GLY G 408 -19.10 29.26 -19.98
C GLY G 408 -18.58 27.95 -20.55
N ASP G 409 -18.06 27.98 -21.79
CA ASP G 409 -17.70 26.74 -22.45
C ASP G 409 -16.62 25.98 -21.69
N ILE G 410 -15.55 26.66 -21.30
CA ILE G 410 -14.45 25.99 -20.61
C ILE G 410 -14.81 25.58 -19.18
N GLY G 411 -15.79 26.23 -18.57
CA GLY G 411 -16.37 25.73 -17.34
C GLY G 411 -15.53 25.97 -16.10
N LEU G 412 -15.15 27.23 -15.90
CA LEU G 412 -14.41 27.65 -14.71
C LEU G 412 -15.35 28.45 -13.83
N ASP G 413 -15.11 28.43 -12.52
CA ASP G 413 -15.89 29.28 -11.64
C ASP G 413 -15.49 30.73 -11.82
N GLY G 414 -16.49 31.61 -11.88
CA GLY G 414 -16.22 33.04 -12.02
C GLY G 414 -15.46 33.63 -10.84
N ALA G 415 -15.51 32.98 -9.68
CA ALA G 415 -14.79 33.45 -8.50
C ALA G 415 -13.33 33.04 -8.50
N ASP G 416 -12.89 32.23 -9.47
CA ASP G 416 -11.49 31.91 -9.64
C ASP G 416 -10.80 32.82 -10.65
N ILE G 417 -11.52 33.81 -11.20
CA ILE G 417 -10.98 34.70 -12.20
C ILE G 417 -10.78 36.06 -11.54
N GLY G 418 -9.55 36.57 -11.60
CA GLY G 418 -9.25 37.86 -11.03
C GLY G 418 -9.22 38.98 -12.04
N LYS G 419 -8.17 39.80 -11.98
CA LYS G 419 -8.06 40.94 -12.87
C LYS G 419 -7.95 40.49 -14.34
N ILE G 420 -8.70 41.17 -15.20
CA ILE G 420 -8.58 41.03 -16.64
C ILE G 420 -8.14 42.38 -17.19
N ALA G 421 -7.00 42.41 -17.85
CA ALA G 421 -6.41 43.64 -18.36
C ALA G 421 -6.26 43.55 -19.87
N VAL G 422 -6.98 44.41 -20.59
CA VAL G 422 -6.92 44.46 -22.04
C VAL G 422 -5.82 45.46 -22.43
N HIS G 423 -4.76 44.95 -23.01
CA HIS G 423 -3.70 45.76 -23.62
C HIS G 423 -3.94 45.84 -25.13
N PRO G 424 -3.19 46.70 -25.84
CA PRO G 424 -3.46 46.85 -27.28
C PRO G 424 -3.26 45.58 -28.10
N ALA G 425 -2.31 44.72 -27.74
CA ALA G 425 -2.06 43.52 -28.51
C ALA G 425 -2.25 42.22 -27.74
N HIS G 426 -2.55 42.28 -26.45
CA HIS G 426 -2.75 41.09 -25.64
C HIS G 426 -3.84 41.36 -24.61
N VAL G 427 -4.38 40.27 -24.06
CA VAL G 427 -5.29 40.33 -22.92
C VAL G 427 -4.73 39.44 -21.82
N TYR G 428 -4.55 40.02 -20.63
CA TYR G 428 -4.00 39.31 -19.48
C TYR G 428 -5.12 38.98 -18.51
N VAL G 429 -5.15 37.72 -18.05
CA VAL G 429 -6.17 37.25 -17.11
C VAL G 429 -5.49 36.61 -15.91
N ALA G 430 -6.03 36.91 -14.73
CA ALA G 430 -5.57 36.29 -13.49
C ALA G 430 -6.50 35.15 -13.09
N VAL G 431 -5.91 33.97 -12.86
CA VAL G 431 -6.65 32.79 -12.41
C VAL G 431 -5.92 32.18 -11.22
N ARG G 432 -6.70 31.56 -10.33
CA ARG G 432 -6.15 30.85 -9.18
C ARG G 432 -5.16 29.78 -9.61
N GLN G 433 -4.11 29.61 -8.81
CA GLN G 433 -3.02 28.71 -9.17
C GLN G 433 -3.51 27.29 -9.41
N ALA G 434 -4.53 26.85 -8.67
CA ALA G 434 -5.04 25.49 -8.86
C ALA G 434 -5.66 25.29 -10.24
N VAL G 435 -6.16 26.37 -10.84
CA VAL G 435 -6.89 26.30 -12.10
C VAL G 435 -6.06 26.81 -13.29
N ALA G 436 -4.83 27.26 -13.05
CA ALA G 436 -4.06 27.92 -14.10
C ALA G 436 -3.79 27.00 -15.27
N HIS G 437 -3.33 25.78 -15.00
CA HIS G 437 -3.04 24.85 -16.09
C HIS G 437 -4.29 24.46 -16.85
N LYS G 438 -5.39 24.16 -16.14
CA LYS G 438 -6.62 23.79 -16.82
C LYS G 438 -7.10 24.90 -17.74
N ALA G 439 -7.07 26.15 -17.26
CA ALA G 439 -7.47 27.28 -18.09
C ALA G 439 -6.58 27.39 -19.31
N TRP G 440 -5.26 27.27 -19.12
CA TRP G 440 -4.33 27.36 -20.24
C TRP G 440 -4.60 26.27 -21.27
N LYS G 441 -4.70 25.01 -20.82
CA LYS G 441 -4.83 23.88 -21.73
C LYS G 441 -6.13 23.93 -22.53
N GLN G 442 -7.24 24.22 -21.86
CA GLN G 442 -8.54 24.20 -22.51
C GLN G 442 -8.73 25.38 -23.44
N LEU G 443 -8.10 26.51 -23.12
CA LEU G 443 -8.13 27.67 -24.01
C LEU G 443 -7.26 27.48 -25.24
N GLN G 444 -6.30 26.55 -25.19
CA GLN G 444 -5.47 26.28 -26.36
C GLN G 444 -6.32 25.84 -27.54
N GLY G 445 -7.25 24.91 -27.30
CA GLY G 445 -8.16 24.43 -28.31
C GLY G 445 -9.56 25.02 -28.25
N GLY G 446 -9.79 26.04 -27.43
CA GLY G 446 -11.07 26.68 -27.34
C GLY G 446 -11.16 27.90 -28.24
N LYS G 447 -12.22 28.67 -28.04
CA LYS G 447 -12.44 29.86 -28.86
C LYS G 447 -12.96 30.98 -27.98
N ILE G 448 -12.43 32.19 -28.21
CA ILE G 448 -12.90 33.40 -27.58
C ILE G 448 -13.50 34.26 -28.69
N LYS G 449 -14.74 34.73 -28.47
CA LYS G 449 -15.48 35.48 -29.48
C LYS G 449 -15.68 34.64 -30.75
N GLY G 450 -15.80 33.32 -30.60
CA GLY G 450 -15.99 32.46 -31.74
C GLY G 450 -14.73 32.05 -32.48
N LYS G 451 -13.70 32.87 -32.44
CA LYS G 451 -12.47 32.65 -33.18
C LYS G 451 -11.41 32.00 -32.29
N THR G 452 -10.44 31.37 -32.94
CA THR G 452 -9.37 30.68 -32.20
C THR G 452 -8.39 31.67 -31.58
N CYS G 453 -7.78 31.26 -30.49
CA CYS G 453 -6.88 32.11 -29.73
C CYS G 453 -5.54 31.43 -29.54
N ARG G 454 -4.51 32.24 -29.25
CA ARG G 454 -3.19 31.74 -28.90
C ARG G 454 -2.92 32.20 -27.47
N VAL G 455 -2.79 31.26 -26.54
CA VAL G 455 -2.71 31.58 -25.12
C VAL G 455 -1.39 31.06 -24.57
N ARG G 456 -0.72 31.90 -23.79
CA ARG G 456 0.49 31.52 -23.07
C ARG G 456 0.23 31.62 -21.58
N LEU G 457 0.94 30.80 -20.80
CA LEU G 457 0.88 30.85 -19.35
C LEU G 457 2.23 31.38 -18.87
N LEU G 458 2.21 32.53 -18.20
CA LEU G 458 3.45 33.23 -17.91
C LEU G 458 4.25 32.57 -16.79
N ALA I 5 30.65 25.52 -62.86
CA ALA I 5 30.75 25.85 -64.27
C ALA I 5 30.40 27.32 -64.50
N PHE I 6 29.92 27.98 -63.44
CA PHE I 6 29.61 29.40 -63.52
C PHE I 6 30.83 30.24 -63.87
N SER I 7 32.03 29.69 -63.62
CA SER I 7 33.26 30.38 -63.99
C SER I 7 33.40 30.52 -65.51
N THR I 8 32.81 29.61 -66.28
CA THR I 8 32.90 29.73 -67.74
C THR I 8 32.17 30.95 -68.27
N LEU I 9 31.36 31.60 -67.44
CA LEU I 9 30.69 32.83 -67.85
C LEU I 9 31.65 34.01 -67.90
N ASN I 10 32.74 33.97 -67.14
CA ASN I 10 33.77 34.99 -67.15
C ASN I 10 33.23 36.38 -66.79
N VAL I 11 32.24 36.45 -65.90
CA VAL I 11 31.67 37.75 -65.55
C VAL I 11 31.54 37.83 -64.03
N LEU I 12 31.14 36.72 -63.40
CA LEU I 12 30.84 36.73 -61.98
C LEU I 12 32.11 36.99 -61.17
N PRO I 13 32.03 37.81 -60.12
CA PRO I 13 33.22 38.05 -59.30
C PRO I 13 33.62 36.79 -58.56
N PRO I 14 34.89 36.68 -58.15
CA PRO I 14 35.34 35.44 -57.51
C PRO I 14 34.62 35.10 -56.21
N ALA I 15 34.28 36.11 -55.40
CA ALA I 15 33.55 35.84 -54.17
C ALA I 15 32.23 35.14 -54.46
N GLN I 16 31.59 35.49 -55.57
CA GLN I 16 30.35 34.81 -55.96
C GLN I 16 30.60 33.39 -56.45
N LEU I 17 31.75 33.15 -57.08
CA LEU I 17 32.08 31.79 -57.50
C LEU I 17 32.21 30.88 -56.29
N THR I 18 32.85 31.37 -55.22
CA THR I 18 32.91 30.61 -53.99
C THR I 18 31.53 30.46 -53.35
N ASN I 19 30.73 31.52 -53.35
CA ASN I 19 29.40 31.45 -52.77
C ASN I 19 28.56 30.39 -53.46
N LEU I 20 28.59 30.38 -54.80
CA LEU I 20 27.84 29.35 -55.54
C LEU I 20 28.38 27.97 -55.22
N ASN I 21 29.71 27.85 -55.07
CA ASN I 21 30.29 26.55 -54.74
C ASN I 21 29.95 26.17 -53.30
N GLU I 22 29.99 27.14 -52.39
CA GLU I 22 29.61 26.94 -51.00
C GLU I 22 28.12 26.70 -50.85
N LEU I 23 27.30 27.27 -51.74
CA LEU I 23 25.85 27.06 -51.70
C LEU I 23 25.43 25.74 -52.32
N GLY I 24 26.32 25.07 -53.05
CA GLY I 24 25.97 23.87 -53.75
C GLY I 24 25.57 24.03 -55.20
N TYR I 25 25.68 25.24 -55.77
CA TYR I 25 25.43 25.44 -57.20
C TYR I 25 26.69 25.07 -57.96
N LEU I 26 26.87 23.77 -58.20
CA LEU I 26 28.09 23.27 -58.83
C LEU I 26 27.99 23.20 -60.35
N THR I 27 26.79 23.02 -60.89
CA THR I 27 26.57 23.01 -62.33
C THR I 27 25.45 23.97 -62.70
N MET I 28 25.60 24.58 -63.87
CA MET I 28 24.54 25.42 -64.41
C MET I 28 23.42 24.55 -64.95
N THR I 29 22.18 24.89 -64.61
CA THR I 29 21.03 24.27 -65.22
C THR I 29 20.90 24.79 -66.65
N PRO I 30 20.09 24.14 -67.49
CA PRO I 30 19.96 24.62 -68.88
C PRO I 30 19.59 26.09 -68.99
N VAL I 31 18.58 26.56 -68.26
CA VAL I 31 18.16 27.95 -68.38
C VAL I 31 19.26 28.90 -67.88
N GLN I 32 19.99 28.50 -66.83
CA GLN I 32 21.08 29.33 -66.35
C GLN I 32 22.19 29.44 -67.39
N ALA I 33 22.60 28.30 -67.97
CA ALA I 33 23.64 28.32 -69.00
C ALA I 33 23.18 29.06 -70.25
N ALA I 34 21.89 28.97 -70.58
CA ALA I 34 21.40 29.53 -71.83
C ALA I 34 21.08 31.02 -71.73
N ALA I 35 20.70 31.50 -70.55
CA ALA I 35 20.21 32.87 -70.41
C ALA I 35 21.20 33.81 -69.73
N LEU I 36 22.09 33.31 -68.88
CA LEU I 36 22.98 34.19 -68.13
C LEU I 36 23.94 35.00 -68.99
N PRO I 37 24.57 34.46 -70.05
CA PRO I 37 25.45 35.31 -70.87
C PRO I 37 24.76 36.58 -71.37
N ALA I 38 23.53 36.47 -71.88
CA ALA I 38 22.82 37.67 -72.34
C ALA I 38 22.46 38.58 -71.18
N ILE I 39 22.00 38.00 -70.06
CA ILE I 39 21.57 38.80 -68.93
C ILE I 39 22.75 39.56 -68.32
N LEU I 40 23.86 38.87 -68.11
CA LEU I 40 25.05 39.52 -67.58
C LEU I 40 25.59 40.59 -68.51
N ALA I 41 25.28 40.51 -69.81
CA ALA I 41 25.67 41.52 -70.77
C ALA I 41 24.70 42.69 -70.82
N GLY I 42 23.63 42.67 -70.02
CA GLY I 42 22.71 43.78 -69.93
C GLY I 42 21.53 43.75 -70.86
N LYS I 43 21.26 42.62 -71.52
CA LYS I 43 20.19 42.53 -72.50
C LYS I 43 18.87 42.20 -71.82
N ASP I 44 17.78 42.68 -72.42
CA ASP I 44 16.45 42.22 -72.04
C ASP I 44 16.21 40.82 -72.60
N VAL I 45 15.61 39.96 -71.79
CA VAL I 45 15.34 38.59 -72.20
C VAL I 45 13.93 38.21 -71.78
N ARG I 46 13.29 37.38 -72.61
CA ARG I 46 12.06 36.68 -72.26
C ARG I 46 12.34 35.19 -72.31
N VAL I 47 12.24 34.52 -71.16
CA VAL I 47 12.71 33.15 -70.99
C VAL I 47 11.53 32.22 -70.80
N GLN I 48 11.60 31.05 -71.44
CA GLN I 48 10.67 29.96 -71.22
C GLN I 48 11.49 28.71 -70.91
N ALA I 49 11.44 28.25 -69.67
CA ALA I 49 12.09 27.02 -69.25
C ALA I 49 11.16 26.25 -68.34
N LYS I 50 11.34 24.93 -68.28
CA LYS I 50 10.41 24.11 -67.53
C LYS I 50 10.48 24.43 -66.04
N THR I 51 9.49 23.95 -65.30
CA THR I 51 9.41 24.23 -63.88
C THR I 51 10.53 23.53 -63.11
N GLY I 52 10.96 24.17 -62.02
CA GLY I 52 11.97 23.60 -61.15
C GLY I 52 13.34 23.43 -61.76
N SER I 53 13.68 24.25 -62.76
CA SER I 53 14.97 24.15 -63.44
C SER I 53 15.88 25.33 -63.15
N GLY I 54 15.57 26.16 -62.16
CA GLY I 54 16.50 27.15 -61.68
C GLY I 54 16.36 28.56 -62.24
N LYS I 55 15.16 28.97 -62.63
CA LYS I 55 14.99 30.31 -63.18
C LYS I 55 15.34 31.39 -62.15
N THR I 56 15.09 31.12 -60.87
CA THR I 56 15.33 32.13 -59.84
C THR I 56 16.79 32.54 -59.81
N ALA I 57 17.70 31.56 -59.78
CA ALA I 57 19.13 31.87 -59.80
C ALA I 57 19.54 32.46 -61.14
N ALA I 58 18.84 32.11 -62.22
CA ALA I 58 19.15 32.68 -63.53
C ALA I 58 18.99 34.20 -63.52
N PHE I 59 17.82 34.70 -63.09
CA PHE I 59 17.66 36.14 -63.01
C PHE I 59 18.24 36.71 -61.71
N GLY I 60 18.42 35.88 -60.68
CA GLY I 60 18.99 36.37 -59.45
C GLY I 60 20.46 36.74 -59.59
N LEU I 61 21.25 35.85 -60.21
CA LEU I 61 22.63 36.18 -60.50
C LEU I 61 22.74 37.38 -61.43
N GLY I 62 21.80 37.52 -62.35
CA GLY I 62 21.77 38.67 -63.24
C GLY I 62 21.65 39.99 -62.51
N LEU I 63 20.62 40.14 -61.68
CA LEU I 63 20.40 41.41 -61.00
C LEU I 63 21.46 41.68 -59.94
N LEU I 64 22.01 40.63 -59.34
CA LEU I 64 23.06 40.81 -58.33
C LEU I 64 24.37 41.30 -58.96
N GLN I 65 24.59 41.02 -60.25
CA GLN I 65 25.83 41.43 -60.90
C GLN I 65 25.96 42.95 -60.99
N GLN I 66 24.84 43.66 -61.05
CA GLN I 66 24.83 45.13 -61.12
C GLN I 66 24.34 45.79 -59.83
N ILE I 67 24.70 45.25 -58.67
CA ILE I 67 24.31 45.83 -57.38
C ILE I 67 25.52 46.51 -56.77
N ASP I 68 25.36 47.79 -56.42
CA ASP I 68 26.36 48.57 -55.70
C ASP I 68 25.95 48.66 -54.24
N ALA I 69 26.72 48.02 -53.36
CA ALA I 69 26.36 47.99 -51.95
C ALA I 69 26.56 49.36 -51.30
N SER I 70 27.48 50.17 -51.81
CA SER I 70 27.70 51.50 -51.26
C SER I 70 26.57 52.45 -51.61
N LEU I 71 25.82 52.16 -52.67
CA LEU I 71 24.71 53.00 -53.12
C LEU I 71 23.44 52.52 -52.43
N PHE I 72 22.98 53.26 -51.42
CA PHE I 72 21.81 52.86 -50.64
C PHE I 72 20.53 53.39 -51.29
N GLN I 73 20.28 52.91 -52.50
CA GLN I 73 19.02 53.13 -53.20
C GLN I 73 18.59 51.82 -53.83
N THR I 74 17.31 51.74 -54.18
CA THR I 74 16.76 50.52 -54.76
C THR I 74 17.23 50.39 -56.20
N GLN I 75 17.91 49.28 -56.49
CA GLN I 75 18.52 49.07 -57.80
C GLN I 75 17.94 47.90 -58.58
N ALA I 76 17.27 46.96 -57.93
CA ALA I 76 16.63 45.84 -58.62
C ALA I 76 15.25 45.61 -58.01
N LEU I 77 14.28 45.26 -58.86
CA LEU I 77 12.92 45.01 -58.41
C LEU I 77 12.42 43.72 -59.05
N VAL I 78 11.94 42.80 -58.21
CA VAL I 78 11.38 41.53 -58.65
C VAL I 78 9.91 41.50 -58.26
N LEU I 79 9.05 41.18 -59.23
CA LEU I 79 7.61 41.10 -59.02
C LEU I 79 7.17 39.65 -59.05
N CYS I 80 6.34 39.27 -58.07
CA CYS I 80 5.83 37.92 -57.97
C CYS I 80 4.31 37.95 -57.83
N PRO I 81 3.62 36.90 -58.30
CA PRO I 81 2.16 36.87 -58.22
C PRO I 81 1.62 36.46 -56.86
N THR I 82 2.45 35.94 -55.96
CA THR I 82 1.99 35.43 -54.68
C THR I 82 2.91 35.92 -53.57
N ARG I 83 2.35 36.16 -52.39
CA ARG I 83 3.13 36.62 -51.23
C ARG I 83 4.11 35.55 -50.78
N GLU I 84 3.70 34.30 -50.74
CA GLU I 84 4.62 33.23 -50.35
C GLU I 84 5.73 33.08 -51.39
N LEU I 85 5.40 33.23 -52.67
CA LEU I 85 6.43 33.17 -53.70
C LEU I 85 7.41 34.32 -53.57
N ALA I 86 6.91 35.54 -53.32
CA ALA I 86 7.80 36.68 -53.13
C ALA I 86 8.74 36.45 -51.96
N ASP I 87 8.22 35.91 -50.85
CA ASP I 87 9.08 35.60 -49.71
C ASP I 87 10.11 34.55 -50.06
N GLN I 88 9.76 33.60 -50.93
CA GLN I 88 10.69 32.53 -51.29
C GLN I 88 11.87 33.04 -52.13
N VAL I 89 11.59 33.81 -53.19
CA VAL I 89 12.70 34.29 -54.03
C VAL I 89 13.59 35.25 -53.26
N ALA I 90 13.00 36.07 -52.38
CA ALA I 90 13.81 36.95 -51.56
C ALA I 90 14.73 36.14 -50.66
N GLY I 91 14.24 35.01 -50.15
CA GLY I 91 15.09 34.14 -49.37
C GLY I 91 16.25 33.58 -50.18
N GLU I 92 15.98 33.17 -51.43
CA GLU I 92 17.06 32.65 -52.26
C GLU I 92 17.97 33.75 -52.79
N LEU I 93 17.44 34.94 -53.06
CA LEU I 93 18.31 36.05 -53.45
C LEU I 93 19.29 36.40 -52.33
N ARG I 94 18.81 36.38 -51.08
CA ARG I 94 19.70 36.68 -49.95
C ARG I 94 20.83 35.66 -49.86
N ARG I 95 20.53 34.39 -50.14
CA ARG I 95 21.58 33.38 -50.16
C ARG I 95 22.55 33.59 -51.33
N LEU I 96 22.04 34.01 -52.49
CA LEU I 96 22.94 34.35 -53.59
C LEU I 96 23.70 35.65 -53.34
N ALA I 97 23.18 36.51 -52.46
CA ALA I 97 23.82 37.79 -52.18
C ALA I 97 24.87 37.72 -51.10
N ARG I 98 25.17 36.53 -50.59
CA ARG I 98 26.19 36.40 -49.54
C ARG I 98 27.55 36.91 -50.01
N PHE I 99 27.83 36.83 -51.32
CA PHE I 99 29.12 37.31 -51.82
C PHE I 99 29.31 38.79 -51.58
N LEU I 100 28.22 39.55 -51.48
CA LEU I 100 28.27 41.00 -51.32
C LEU I 100 27.77 41.39 -49.95
N PRO I 101 28.64 41.66 -48.99
CA PRO I 101 28.19 41.97 -47.62
C PRO I 101 27.32 43.22 -47.58
N ASN I 102 26.42 43.25 -46.59
CA ASN I 102 25.59 44.42 -46.31
C ASN I 102 24.65 44.74 -47.49
N THR I 103 24.18 43.69 -48.15
CA THR I 103 23.16 43.81 -49.19
C THR I 103 21.79 43.66 -48.56
N LYS I 104 20.99 44.72 -48.62
CA LYS I 104 19.64 44.69 -48.02
C LYS I 104 18.62 44.30 -49.08
N ILE I 105 17.98 43.15 -48.89
CA ILE I 105 16.90 42.69 -49.75
C ILE I 105 15.62 42.68 -48.92
N LEU I 106 14.64 43.46 -49.35
CA LEU I 106 13.40 43.65 -48.61
C LEU I 106 12.21 43.11 -49.38
N THR I 107 11.28 42.49 -48.67
CA THR I 107 10.03 42.01 -49.23
C THR I 107 8.91 42.99 -48.89
N LEU I 108 8.07 43.28 -49.89
CA LEU I 108 6.93 44.19 -49.72
C LEU I 108 5.66 43.47 -50.16
N CYS I 109 4.91 42.93 -49.19
CA CYS I 109 3.69 42.22 -49.48
C CYS I 109 2.60 42.64 -48.51
N GLY I 110 1.35 42.33 -48.88
CA GLY I 110 0.24 42.48 -47.98
C GLY I 110 0.24 41.43 -46.89
N GLY I 111 -0.63 41.65 -45.90
CA GLY I 111 -0.74 40.79 -44.75
C GLY I 111 0.18 41.18 -43.59
N GLN I 112 1.30 41.81 -43.88
CA GLN I 112 2.17 42.41 -42.88
C GLN I 112 1.73 43.85 -42.66
N PRO I 113 1.79 44.39 -41.44
CA PRO I 113 1.33 45.77 -41.23
C PRO I 113 2.21 46.78 -41.96
N PHE I 114 1.55 47.80 -42.53
CA PHE I 114 2.21 48.78 -43.38
C PHE I 114 3.29 49.54 -42.64
N GLY I 115 3.10 49.81 -41.34
CA GLY I 115 4.01 50.69 -40.63
C GLY I 115 5.43 50.15 -40.55
N MET I 116 5.57 48.85 -40.29
CA MET I 116 6.91 48.27 -40.20
C MET I 116 7.66 48.35 -41.53
N GLN I 117 6.96 48.23 -42.65
CA GLN I 117 7.62 48.36 -43.94
C GLN I 117 8.14 49.77 -44.14
N ARG I 118 7.35 50.79 -43.78
CA ARG I 118 7.84 52.15 -43.88
C ARG I 118 9.07 52.38 -43.00
N ASP I 119 9.08 51.83 -41.78
CA ASP I 119 10.26 51.97 -40.93
C ASP I 119 11.48 51.31 -41.56
N SER I 120 11.30 50.10 -42.10
CA SER I 120 12.41 49.42 -42.77
C SER I 120 12.86 50.18 -44.00
N LEU I 121 11.96 50.95 -44.62
CA LEU I 121 12.27 51.67 -45.84
C LEU I 121 13.04 52.97 -45.60
N GLN I 122 13.31 53.37 -44.35
CA GLN I 122 14.18 54.52 -44.13
C GLN I 122 15.56 54.24 -44.66
N HIS I 123 16.06 53.02 -44.44
CA HIS I 123 17.23 52.48 -45.10
C HIS I 123 16.77 51.78 -46.36
N ALA I 124 16.85 52.48 -47.49
CA ALA I 124 16.31 51.95 -48.73
C ALA I 124 16.99 50.61 -49.07
N PRO I 125 16.25 49.57 -49.38
CA PRO I 125 16.87 48.29 -49.72
C PRO I 125 17.45 48.30 -51.12
N HIS I 126 18.54 47.54 -51.28
CA HIS I 126 19.16 47.42 -52.60
C HIS I 126 18.23 46.71 -53.58
N ILE I 127 17.55 45.67 -53.12
CA ILE I 127 16.66 44.86 -53.96
C ILE I 127 15.30 44.80 -53.27
N ILE I 128 14.24 44.95 -54.06
CA ILE I 128 12.88 44.79 -53.57
C ILE I 128 12.25 43.61 -54.29
N VAL I 129 11.71 42.67 -53.52
CA VAL I 129 10.83 41.62 -54.02
C VAL I 129 9.44 41.90 -53.46
N ALA I 130 8.43 41.93 -54.33
CA ALA I 130 7.14 42.41 -53.90
C ALA I 130 6.03 41.78 -54.72
N THR I 131 4.86 41.78 -54.14
CA THR I 131 3.63 41.60 -54.88
C THR I 131 3.12 42.98 -55.32
N PRO I 132 2.43 43.06 -56.47
CA PRO I 132 2.16 44.39 -57.04
C PRO I 132 1.35 45.31 -56.14
N GLY I 133 0.38 44.77 -55.42
CA GLY I 133 -0.50 45.59 -54.60
C GLY I 133 0.19 46.44 -53.54
N ARG I 134 0.89 45.79 -52.61
CA ARG I 134 1.55 46.54 -51.53
C ARG I 134 2.65 47.44 -52.08
N LEU I 135 3.32 47.02 -53.16
CA LEU I 135 4.34 47.86 -53.78
C LEU I 135 3.73 49.15 -54.32
N LEU I 136 2.61 49.04 -55.03
CA LEU I 136 1.95 50.23 -55.56
C LEU I 136 1.51 51.14 -54.42
N ASP I 137 1.09 50.55 -53.30
CA ASP I 137 0.75 51.32 -52.11
C ASP I 137 1.93 52.16 -51.67
N HIS I 138 3.11 51.56 -51.56
CA HIS I 138 4.31 52.29 -51.16
C HIS I 138 4.74 53.30 -52.21
N LEU I 139 4.65 52.94 -53.49
CA LEU I 139 5.07 53.84 -54.55
C LEU I 139 4.23 55.11 -54.57
N GLN I 140 2.91 54.97 -54.41
CA GLN I 140 2.03 56.14 -54.44
C GLN I 140 2.26 57.03 -53.23
N LYS I 141 2.74 56.48 -52.12
CA LYS I 141 3.01 57.23 -50.90
C LYS I 141 4.46 57.68 -50.79
N GLY I 142 5.31 57.35 -51.77
CA GLY I 142 6.67 57.89 -51.80
C GLY I 142 7.61 57.30 -50.78
N THR I 143 7.36 56.08 -50.32
CA THR I 143 8.28 55.40 -49.41
C THR I 143 9.26 54.50 -50.15
N VAL I 144 9.01 54.26 -51.44
CA VAL I 144 9.89 53.48 -52.30
C VAL I 144 10.12 54.32 -53.55
N SER I 145 11.38 54.40 -53.98
CA SER I 145 11.75 55.09 -55.21
C SER I 145 12.45 54.11 -56.12
N LEU I 146 12.02 54.07 -57.39
CA LEU I 146 12.65 53.24 -58.40
C LEU I 146 13.56 54.03 -59.32
N ASP I 147 13.92 55.27 -58.94
CA ASP I 147 14.65 56.14 -59.85
C ASP I 147 16.02 55.57 -60.20
N ALA I 148 16.65 54.83 -59.29
CA ALA I 148 17.96 54.25 -59.52
C ALA I 148 17.89 52.79 -59.96
N LEU I 149 16.75 52.35 -60.49
CA LEU I 149 16.56 50.94 -60.82
C LEU I 149 17.40 50.54 -62.03
N ASN I 150 18.22 49.50 -61.87
CA ASN I 150 18.95 48.92 -62.99
C ASN I 150 18.14 47.86 -63.71
N THR I 151 17.54 46.93 -62.96
CA THR I 151 16.89 45.77 -63.53
C THR I 151 15.55 45.55 -62.88
N LEU I 152 14.57 45.12 -63.68
CA LEU I 152 13.23 44.78 -63.21
C LEU I 152 12.93 43.36 -63.67
N VAL I 153 12.59 42.49 -62.72
CA VAL I 153 12.31 41.08 -63.00
C VAL I 153 10.84 40.83 -62.73
N MET I 154 10.18 40.15 -63.67
CA MET I 154 8.81 39.66 -63.48
C MET I 154 8.90 38.14 -63.52
N ASP I 155 8.91 37.51 -62.35
CA ASP I 155 8.80 36.06 -62.26
C ASP I 155 7.36 35.65 -62.53
N GLU I 156 7.20 34.44 -63.09
CA GLU I 156 5.90 33.95 -63.53
C GLU I 156 5.23 35.02 -64.40
N ALA I 157 5.98 35.48 -65.41
CA ALA I 157 5.64 36.71 -66.10
C ALA I 157 4.33 36.60 -66.89
N ASP I 158 3.96 35.40 -67.32
CA ASP I 158 2.70 35.25 -68.04
C ASP I 158 1.49 35.49 -67.14
N ARG I 159 1.64 35.27 -65.84
CA ARG I 159 0.55 35.59 -64.90
C ARG I 159 0.61 37.08 -64.58
N MET I 160 1.81 37.64 -64.47
CA MET I 160 1.95 39.05 -64.16
C MET I 160 1.49 39.95 -65.30
N LEU I 161 1.43 39.43 -66.51
CA LEU I 161 1.06 40.21 -67.69
C LEU I 161 -0.37 39.94 -68.15
N ASP I 162 -1.14 39.17 -67.38
CA ASP I 162 -2.52 38.89 -67.76
C ASP I 162 -3.41 40.09 -67.44
N MET I 163 -4.69 39.98 -67.81
CA MET I 163 -5.62 41.08 -67.59
C MET I 163 -5.89 41.34 -66.11
N GLY I 164 -5.80 40.29 -65.28
CA GLY I 164 -6.10 40.47 -63.86
C GLY I 164 -5.11 41.36 -63.14
N PHE I 165 -3.87 41.37 -63.61
CA PHE I 165 -2.81 42.18 -63.00
C PHE I 165 -2.49 43.45 -63.79
N SER I 166 -3.03 43.60 -65.00
CA SER I 166 -2.56 44.65 -65.91
C SER I 166 -2.66 46.04 -65.28
N ASP I 167 -3.78 46.35 -64.61
CA ASP I 167 -3.94 47.69 -64.04
C ASP I 167 -2.85 48.01 -63.02
N ALA I 168 -2.64 47.10 -62.06
CA ALA I 168 -1.60 47.31 -61.06
C ALA I 168 -0.21 47.34 -61.69
N ILE I 169 0.06 46.44 -62.64
CA ILE I 169 1.37 46.39 -63.29
C ILE I 169 1.62 47.66 -64.09
N ASP I 170 0.62 48.15 -64.81
CA ASP I 170 0.79 49.37 -65.61
C ASP I 170 1.17 50.56 -64.72
N ASP I 171 0.51 50.69 -63.57
CA ASP I 171 0.82 51.76 -62.63
C ASP I 171 2.22 51.60 -62.03
N VAL I 172 2.67 50.37 -61.80
CA VAL I 172 4.00 50.18 -61.22
C VAL I 172 5.10 50.58 -62.21
N ILE I 173 4.97 50.17 -63.47
CA ILE I 173 6.01 50.47 -64.47
C ILE I 173 6.14 51.95 -64.71
N ARG I 174 5.05 52.68 -64.52
CA ARG I 174 5.06 54.15 -64.72
C ARG I 174 6.06 54.77 -63.74
N PHE I 175 6.23 54.16 -62.57
CA PHE I 175 7.23 54.61 -61.62
C PHE I 175 8.65 54.18 -61.98
N ALA I 176 8.82 53.24 -62.94
CA ALA I 176 10.14 52.71 -63.25
C ALA I 176 10.81 53.51 -64.36
N PRO I 177 12.15 53.57 -64.35
CA PRO I 177 12.85 54.22 -65.47
C PRO I 177 12.68 53.42 -66.75
N ALA I 178 12.72 54.13 -67.88
CA ALA I 178 12.70 53.46 -69.17
C ALA I 178 14.03 52.81 -69.51
N SER I 179 15.15 53.40 -69.08
CA SER I 179 16.48 52.86 -69.33
C SER I 179 16.78 51.81 -68.26
N ARG I 180 16.23 50.61 -68.45
CA ARG I 180 16.39 49.54 -67.50
C ARG I 180 16.42 48.21 -68.23
N GLN I 181 17.10 47.25 -67.62
CA GLN I 181 17.01 45.85 -68.04
C GLN I 181 15.73 45.24 -67.49
N THR I 182 14.96 44.59 -68.36
CA THR I 182 13.70 43.98 -67.97
C THR I 182 13.76 42.49 -68.28
N LEU I 183 13.62 41.66 -67.26
CA LEU I 183 13.71 40.21 -67.37
C LEU I 183 12.33 39.59 -67.16
N LEU I 184 11.94 38.70 -68.06
CA LEU I 184 10.65 38.02 -67.97
C LEU I 184 10.89 36.52 -67.96
N PHE I 185 10.45 35.85 -66.90
CA PHE I 185 10.65 34.42 -66.71
C PHE I 185 9.31 33.74 -66.46
N SER I 186 9.12 32.58 -67.07
CA SER I 186 7.97 31.72 -66.80
C SER I 186 8.21 30.38 -67.49
N ALA I 187 7.50 29.36 -66.99
CA ALA I 187 7.47 28.06 -67.65
C ALA I 187 6.39 27.98 -68.71
N THR I 188 5.48 28.94 -68.75
CA THR I 188 4.37 28.95 -69.69
C THR I 188 4.25 30.34 -70.31
N TRP I 189 3.94 30.37 -71.60
CA TRP I 189 3.74 31.63 -72.32
C TRP I 189 2.57 31.42 -73.28
N PRO I 190 1.36 31.70 -72.84
CA PRO I 190 0.23 31.74 -73.78
C PRO I 190 0.53 32.77 -74.86
N GLU I 191 0.22 32.42 -76.10
CA GLU I 191 0.58 33.28 -77.22
C GLU I 191 0.05 34.69 -77.03
N ALA I 192 -1.16 34.82 -76.47
CA ALA I 192 -1.72 36.15 -76.22
C ALA I 192 -0.83 36.96 -75.31
N ILE I 193 -0.36 36.35 -74.21
CA ILE I 193 0.50 37.07 -73.26
C ILE I 193 1.87 37.36 -73.86
N ALA I 194 2.40 36.41 -74.63
CA ALA I 194 3.74 36.60 -75.20
C ALA I 194 3.77 37.73 -76.23
N ALA I 195 2.67 37.92 -76.97
CA ALA I 195 2.63 38.97 -77.98
C ALA I 195 2.70 40.36 -77.34
N ILE I 196 2.04 40.55 -76.20
CA ILE I 196 2.04 41.84 -75.53
C ILE I 196 3.22 42.03 -74.60
N SER I 197 4.07 41.01 -74.43
CA SER I 197 5.16 41.10 -73.48
C SER I 197 6.21 42.14 -73.87
N GLY I 198 6.30 42.50 -75.16
CA GLY I 198 7.27 43.49 -75.60
C GLY I 198 6.95 44.90 -75.15
N ARG I 199 5.73 45.14 -74.65
CA ARG I 199 5.33 46.46 -74.20
C ARG I 199 6.15 46.94 -73.02
N VAL I 200 6.73 46.02 -72.25
CA VAL I 200 7.48 46.35 -71.04
C VAL I 200 8.98 46.11 -71.21
N GLN I 201 9.43 45.75 -72.41
CA GLN I 201 10.82 45.38 -72.64
C GLN I 201 11.44 46.27 -73.71
N ARG I 202 12.76 46.22 -73.80
CA ARG I 202 13.51 46.98 -74.80
C ARG I 202 14.36 46.00 -75.59
N ASP I 203 13.96 45.73 -76.82
CA ASP I 203 14.70 44.87 -77.74
C ASP I 203 15.06 43.53 -77.09
N PRO I 204 14.08 42.69 -76.75
CA PRO I 204 14.34 41.48 -76.00
C PRO I 204 14.72 40.28 -76.85
N LEU I 205 15.60 39.46 -76.28
CA LEU I 205 15.95 38.16 -76.84
C LEU I 205 14.98 37.12 -76.31
N ALA I 206 14.42 36.32 -77.20
CA ALA I 206 13.55 35.21 -76.82
C ALA I 206 14.41 33.97 -76.62
N ILE I 207 14.42 33.45 -75.40
CA ILE I 207 15.19 32.25 -75.05
C ILE I 207 14.17 31.22 -74.58
N GLU I 208 13.66 30.44 -75.52
CA GLU I 208 12.62 29.45 -75.29
C GLU I 208 13.25 28.07 -75.45
N ILE I 209 13.85 27.56 -74.37
CA ILE I 209 14.59 26.31 -74.45
C ILE I 209 13.74 25.08 -74.17
N ASP I 210 12.62 25.24 -73.48
CA ASP I 210 11.70 24.14 -73.22
C ASP I 210 10.32 24.55 -73.73
N SER I 211 9.78 23.79 -74.68
CA SER I 211 8.41 24.00 -75.07
C SER I 211 7.49 23.64 -73.92
N THR I 212 6.22 24.07 -74.02
CA THR I 212 5.32 23.92 -72.90
C THR I 212 5.03 22.46 -72.56
N ASP I 213 5.20 21.54 -73.52
CA ASP I 213 4.98 20.13 -73.26
C ASP I 213 6.25 19.39 -72.83
N ALA I 214 7.36 20.10 -72.64
CA ALA I 214 8.61 19.47 -72.23
C ALA I 214 8.69 19.54 -70.71
N LEU I 215 8.01 18.61 -70.08
CA LEU I 215 7.88 18.61 -68.63
C LEU I 215 9.11 17.99 -67.98
N PRO I 216 9.32 18.26 -66.69
CA PRO I 216 10.28 17.47 -65.92
C PRO I 216 9.81 16.03 -65.79
N PRO I 217 10.65 15.12 -65.32
CA PRO I 217 10.23 13.71 -65.25
C PRO I 217 9.12 13.49 -64.22
N ILE I 218 7.90 13.81 -64.61
CA ILE I 218 6.73 13.65 -63.76
C ILE I 218 5.86 12.56 -64.36
N GLU I 219 5.61 11.50 -63.60
CA GLU I 219 4.63 10.51 -64.01
C GLU I 219 3.23 11.03 -63.70
N GLN I 220 2.32 10.88 -64.65
CA GLN I 220 0.96 11.36 -64.50
C GLN I 220 0.01 10.16 -64.50
N GLN I 221 -0.88 10.14 -63.53
CA GLN I 221 -1.93 9.12 -63.43
C GLN I 221 -3.26 9.84 -63.28
N PHE I 222 -4.30 9.27 -63.90
CA PHE I 222 -5.62 9.86 -63.86
C PHE I 222 -6.63 8.81 -63.40
N TYR I 223 -7.53 9.24 -62.52
CA TYR I 223 -8.58 8.38 -61.98
C TYR I 223 -9.93 9.01 -62.30
N GLU I 224 -10.83 8.26 -62.91
CA GLU I 224 -12.22 8.68 -62.94
C GLU I 224 -12.84 8.47 -61.56
N THR I 225 -13.62 9.45 -61.13
CA THR I 225 -14.24 9.39 -59.81
C THR I 225 -15.41 10.35 -59.76
N SER I 226 -16.42 9.96 -58.99
CA SER I 226 -17.52 10.86 -58.68
C SER I 226 -17.03 12.01 -57.80
N SER I 227 -17.81 13.08 -57.76
CA SER I 227 -17.48 14.22 -56.91
C SER I 227 -17.44 13.83 -55.43
N LYS I 228 -18.42 13.05 -54.97
CA LYS I 228 -18.45 12.68 -53.56
C LYS I 228 -17.43 11.61 -53.18
N GLY I 229 -17.09 10.69 -54.07
CA GLY I 229 -16.15 9.64 -53.72
C GLY I 229 -14.70 10.07 -53.72
N LYS I 230 -14.44 11.34 -54.01
CA LYS I 230 -13.08 11.84 -54.13
C LYS I 230 -12.36 11.81 -52.79
N ILE I 231 -13.03 12.26 -51.73
CA ILE I 231 -12.42 12.44 -50.41
C ILE I 231 -11.99 11.11 -49.79
N PRO I 232 -12.84 10.08 -49.71
CA PRO I 232 -12.32 8.77 -49.26
C PRO I 232 -11.23 8.21 -50.17
N LEU I 233 -11.39 8.39 -51.49
CA LEU I 233 -10.38 7.92 -52.43
C LEU I 233 -9.02 8.52 -52.12
N LEU I 234 -8.99 9.83 -51.88
CA LEU I 234 -7.74 10.50 -51.54
C LEU I 234 -7.14 9.90 -50.27
N GLN I 235 -7.98 9.61 -49.27
CA GLN I 235 -7.50 9.06 -48.01
C GLN I 235 -6.88 7.68 -48.19
N ARG I 236 -7.48 6.80 -49.00
CA ARG I 236 -6.83 5.52 -49.24
C ARG I 236 -5.60 5.66 -50.14
N LEU I 237 -5.63 6.58 -51.10
CA LEU I 237 -4.46 6.77 -51.95
C LEU I 237 -3.27 7.27 -51.13
N LEU I 238 -3.53 8.12 -50.15
CA LEU I 238 -2.46 8.52 -49.25
C LEU I 238 -1.99 7.34 -48.40
N SER I 239 -2.89 6.42 -48.06
CA SER I 239 -2.48 5.22 -47.35
C SER I 239 -1.68 4.27 -48.24
N LEU I 240 -2.07 4.16 -49.52
CA LEU I 240 -1.34 3.29 -50.43
C LEU I 240 0.04 3.86 -50.74
N HIS I 241 0.08 5.11 -51.20
CA HIS I 241 1.34 5.67 -51.66
C HIS I 241 2.22 6.11 -50.51
N GLN I 242 1.62 6.40 -49.35
CA GLN I 242 2.34 6.90 -48.18
C GLN I 242 3.33 8.02 -48.49
N PRO I 243 2.87 9.11 -49.08
CA PRO I 243 3.82 10.16 -49.45
C PRO I 243 4.43 10.76 -48.19
N SER I 244 5.76 10.92 -48.21
CA SER I 244 6.42 11.62 -47.13
C SER I 244 5.95 13.06 -47.09
N SER I 245 5.63 13.61 -48.24
CA SER I 245 5.06 14.95 -48.40
C SER I 245 4.14 14.93 -49.61
N CYS I 246 3.07 15.70 -49.54
CA CYS I 246 2.08 15.72 -50.61
C CYS I 246 1.38 17.07 -50.62
N VAL I 247 1.14 17.58 -51.83
CA VAL I 247 0.38 18.81 -52.03
C VAL I 247 -0.89 18.44 -52.77
N VAL I 248 -2.04 18.76 -52.17
CA VAL I 248 -3.34 18.49 -52.76
C VAL I 248 -3.96 19.82 -53.19
N PHE I 249 -4.31 19.91 -54.47
CA PHE I 249 -4.79 21.15 -55.07
C PHE I 249 -6.30 21.15 -55.22
N CYS I 250 -6.94 22.27 -54.83
CA CYS I 250 -8.35 22.50 -55.02
C CYS I 250 -8.58 23.82 -55.77
N ASN I 251 -9.76 23.96 -56.37
CA ASN I 251 -10.05 25.13 -57.19
C ASN I 251 -10.75 26.25 -56.43
N THR I 252 -11.23 26.00 -55.22
CA THR I 252 -11.90 27.03 -54.43
C THR I 252 -11.41 26.95 -53.00
N LYS I 253 -11.50 28.09 -52.31
CA LYS I 253 -11.04 28.21 -50.93
C LYS I 253 -11.84 27.34 -49.96
N LYS I 254 -13.14 27.17 -50.22
CA LYS I 254 -13.95 26.30 -49.37
C LYS I 254 -13.60 24.83 -49.58
N ASP I 255 -13.50 24.42 -50.85
CA ASP I 255 -13.11 23.04 -51.15
C ASP I 255 -11.76 22.72 -50.52
N CYS I 256 -10.86 23.70 -50.48
CA CYS I 256 -9.55 23.52 -49.87
C CYS I 256 -9.66 23.18 -48.38
N GLN I 257 -10.41 23.98 -47.64
CA GLN I 257 -10.53 23.76 -46.19
C GLN I 257 -11.33 22.51 -45.87
N ALA I 258 -12.32 22.16 -46.70
CA ALA I 258 -13.10 20.95 -46.46
C ALA I 258 -12.24 19.70 -46.57
N VAL I 259 -11.37 19.63 -47.58
CA VAL I 259 -10.52 18.47 -47.76
C VAL I 259 -9.53 18.35 -46.60
N CYS I 260 -8.96 19.47 -46.16
CA CYS I 260 -8.00 19.44 -45.06
C CYS I 260 -8.62 18.84 -43.80
N ASP I 261 -9.85 19.22 -43.47
CA ASP I 261 -10.49 18.71 -42.26
C ASP I 261 -10.83 17.22 -42.38
N ALA I 262 -11.22 16.78 -43.58
CA ALA I 262 -11.56 15.37 -43.78
C ALA I 262 -10.33 14.48 -43.58
N LEU I 263 -9.17 14.95 -44.01
CA LEU I 263 -7.94 14.18 -43.86
C LEU I 263 -7.53 14.07 -42.39
N ASN I 264 -7.71 15.15 -41.62
CA ASN I 264 -7.21 15.14 -40.24
C ASN I 264 -8.05 14.29 -39.29
N GLU I 265 -9.35 14.13 -39.55
CA GLU I 265 -10.14 13.32 -38.63
C GLU I 265 -9.87 11.83 -38.81
N VAL I 266 -9.43 11.42 -40.00
CA VAL I 266 -9.09 10.02 -40.24
C VAL I 266 -7.61 9.85 -39.94
N GLY I 267 -7.01 10.88 -39.36
CA GLY I 267 -5.65 10.81 -38.87
C GLY I 267 -4.56 11.08 -39.89
N GLN I 268 -4.89 11.67 -41.02
CA GLN I 268 -3.89 12.01 -42.03
C GLN I 268 -3.55 13.48 -41.85
N SER I 269 -2.50 13.75 -41.06
CA SER I 269 -2.12 15.08 -40.63
C SER I 269 -1.93 16.05 -41.79
N ALA I 270 -2.85 17.01 -41.93
CA ALA I 270 -2.88 17.90 -43.09
C ALA I 270 -3.12 19.34 -42.64
N LEU I 271 -2.52 20.28 -43.36
CA LEU I 271 -2.77 21.70 -43.20
C LEU I 271 -3.34 22.28 -44.49
N SER I 272 -3.90 23.49 -44.39
CA SER I 272 -4.50 24.17 -45.52
C SER I 272 -3.80 25.50 -45.77
N LEU I 273 -3.80 25.91 -47.04
CA LEU I 273 -3.15 27.16 -47.46
C LEU I 273 -4.01 27.84 -48.51
N HIS I 274 -4.64 28.95 -48.14
CA HIS I 274 -5.44 29.73 -49.08
C HIS I 274 -5.58 31.15 -48.56
N GLY I 275 -6.22 31.99 -49.38
CA GLY I 275 -6.25 33.43 -49.16
C GLY I 275 -7.17 33.91 -48.06
N ASP I 276 -8.06 33.05 -47.56
CA ASP I 276 -8.90 33.44 -46.44
C ASP I 276 -8.23 33.23 -45.08
N LEU I 277 -7.03 32.65 -45.05
CA LEU I 277 -6.29 32.58 -43.79
C LEU I 277 -5.60 33.90 -43.51
N GLU I 278 -5.39 34.17 -42.23
CA GLU I 278 -4.54 35.28 -41.84
C GLU I 278 -3.12 35.00 -42.35
N GLN I 279 -2.41 36.07 -42.71
CA GLN I 279 -1.11 35.88 -43.35
C GLN I 279 -0.16 35.09 -42.46
N ARG I 280 -0.23 35.32 -41.13
CA ARG I 280 0.57 34.52 -40.21
C ARG I 280 0.24 33.04 -40.34
N ASP I 281 -1.04 32.71 -40.53
CA ASP I 281 -1.41 31.32 -40.72
C ASP I 281 -0.93 30.80 -42.06
N ARG I 282 -1.04 31.61 -43.11
CA ARG I 282 -0.52 31.22 -44.41
C ARG I 282 0.99 30.98 -44.34
N ASP I 283 1.72 31.88 -43.70
CA ASP I 283 3.17 31.75 -43.60
C ASP I 283 3.57 30.53 -42.77
N GLN I 284 2.92 30.34 -41.62
CA GLN I 284 3.28 29.23 -40.75
C GLN I 284 2.87 27.89 -41.33
N THR I 285 1.77 27.84 -42.09
CA THR I 285 1.37 26.57 -42.71
C THR I 285 2.42 26.08 -43.69
N LEU I 286 2.97 26.98 -44.50
CA LEU I 286 3.99 26.60 -45.46
C LEU I 286 5.28 26.17 -44.74
N VAL I 287 5.64 26.86 -43.66
CA VAL I 287 6.81 26.47 -42.87
C VAL I 287 6.64 25.06 -42.33
N ARG I 288 5.48 24.79 -41.72
CA ARG I 288 5.25 23.51 -41.06
C ARG I 288 5.20 22.36 -42.06
N PHE I 289 4.64 22.60 -43.24
CA PHE I 289 4.61 21.57 -44.28
C PHE I 289 6.00 21.29 -44.83
N ALA I 290 6.77 22.34 -45.13
CA ALA I 290 8.07 22.16 -45.75
C ALA I 290 9.06 21.45 -44.84
N ASN I 291 8.95 21.64 -43.52
CA ASN I 291 9.93 21.08 -42.59
C ASN I 291 9.52 19.73 -42.03
N GLY I 292 8.38 19.18 -42.46
CA GLY I 292 7.97 17.87 -42.02
C GLY I 292 7.04 17.84 -40.82
N SER I 293 6.49 18.99 -40.42
CA SER I 293 5.54 19.03 -39.32
C SER I 293 4.11 18.73 -39.75
N ALA I 294 3.91 18.45 -41.04
CA ALA I 294 2.64 17.98 -41.56
C ALA I 294 2.92 17.17 -42.82
N ARG I 295 2.10 16.16 -43.07
CA ARG I 295 2.33 15.28 -44.21
C ARG I 295 1.68 15.78 -45.49
N VAL I 296 0.50 16.37 -45.38
CA VAL I 296 -0.27 16.81 -46.56
C VAL I 296 -0.52 18.30 -46.45
N LEU I 297 -0.29 19.01 -47.54
CA LEU I 297 -0.67 20.41 -47.67
C LEU I 297 -1.79 20.49 -48.70
N VAL I 298 -2.96 20.95 -48.28
CA VAL I 298 -4.09 21.14 -49.18
C VAL I 298 -4.14 22.62 -49.51
N ALA I 299 -4.16 22.94 -50.79
CA ALA I 299 -4.08 24.36 -51.15
C ALA I 299 -4.84 24.66 -52.40
N THR I 300 -5.00 25.94 -52.66
CA THR I 300 -5.63 26.31 -53.94
C THR I 300 -4.48 26.68 -54.87
N ASP I 301 -4.78 27.50 -55.86
CA ASP I 301 -3.75 27.94 -56.80
C ASP I 301 -2.85 29.05 -56.27
N VAL I 302 -3.02 29.47 -55.01
CA VAL I 302 -2.04 30.35 -54.38
C VAL I 302 -0.69 29.66 -54.30
N ALA I 303 -0.67 28.33 -54.38
CA ALA I 303 0.55 27.53 -54.35
C ALA I 303 0.86 26.89 -55.69
N ALA I 304 0.16 27.29 -56.76
CA ALA I 304 0.35 26.63 -58.05
C ALA I 304 1.69 26.97 -58.68
N ARG I 305 2.21 28.17 -58.44
CA ARG I 305 3.37 28.68 -59.17
C ARG I 305 4.55 28.90 -58.23
N GLY I 306 5.72 28.46 -58.68
CA GLY I 306 6.98 28.90 -58.13
C GLY I 306 7.41 28.32 -56.80
N LEU I 307 6.47 27.87 -55.97
CA LEU I 307 6.82 27.36 -54.66
C LEU I 307 7.73 26.14 -54.81
N ASP I 308 8.86 26.17 -54.09
CA ASP I 308 9.91 25.16 -54.19
C ASP I 308 9.95 24.37 -52.88
N ILE I 309 9.14 23.34 -52.80
CA ILE I 309 9.14 22.44 -51.66
C ILE I 309 10.12 21.31 -51.96
N LYS I 310 11.13 21.17 -51.08
CA LYS I 310 12.25 20.26 -51.33
C LYS I 310 11.78 18.81 -51.27
N SER I 311 12.07 18.05 -52.32
CA SER I 311 11.80 16.61 -52.36
C SER I 311 10.32 16.28 -52.17
N LEU I 312 9.45 17.12 -52.71
CA LEU I 312 8.02 16.82 -52.70
C LEU I 312 7.76 15.54 -53.48
N GLU I 313 7.16 14.56 -52.82
CA GLU I 313 6.99 13.22 -53.37
C GLU I 313 5.75 13.08 -54.25
N LEU I 314 4.67 13.80 -53.93
CA LEU I 314 3.39 13.57 -54.59
C LEU I 314 2.63 14.88 -54.73
N VAL I 315 2.03 15.08 -55.89
CA VAL I 315 1.08 16.16 -56.14
C VAL I 315 -0.26 15.51 -56.50
N VAL I 316 -1.33 16.01 -55.91
CA VAL I 316 -2.67 15.49 -56.17
C VAL I 316 -3.56 16.62 -56.68
N ASN I 317 -4.17 16.41 -57.84
CA ASN I 317 -5.22 17.30 -58.35
C ASN I 317 -6.57 16.76 -57.93
N PHE I 318 -7.09 17.29 -56.83
CA PHE I 318 -8.46 16.98 -56.42
C PHE I 318 -9.45 17.35 -57.52
N GLU I 319 -9.25 18.51 -58.14
CA GLU I 319 -9.98 18.95 -59.32
C GLU I 319 -9.02 19.53 -60.34
N LEU I 320 -9.25 19.24 -61.62
CA LEU I 320 -8.42 19.79 -62.68
C LEU I 320 -8.55 21.31 -62.76
N ALA I 321 -7.44 21.97 -63.03
CA ALA I 321 -7.39 23.43 -63.10
C ALA I 321 -8.23 23.96 -64.25
N TRP I 322 -8.70 25.20 -64.10
CA TRP I 322 -9.49 25.83 -65.16
C TRP I 322 -8.66 26.00 -66.42
N ASP I 323 -7.39 26.42 -66.28
CA ASP I 323 -6.51 26.64 -67.41
C ASP I 323 -5.46 25.55 -67.50
N PRO I 324 -5.11 25.12 -68.71
CA PRO I 324 -4.10 24.06 -68.85
C PRO I 324 -2.72 24.48 -68.41
N GLU I 325 -2.35 25.75 -68.58
CA GLU I 325 -1.04 26.22 -68.12
C GLU I 325 -0.90 26.04 -66.61
N VAL I 326 -1.99 26.29 -65.87
CA VAL I 326 -1.95 26.15 -64.42
C VAL I 326 -1.72 24.69 -64.03
N HIS I 327 -2.25 23.75 -64.82
CA HIS I 327 -1.96 22.33 -64.59
C HIS I 327 -0.46 22.06 -64.66
N VAL I 328 0.22 22.69 -65.62
CA VAL I 328 1.67 22.51 -65.74
C VAL I 328 2.37 23.01 -64.49
N HIS I 329 1.92 24.15 -63.97
CA HIS I 329 2.56 24.72 -62.78
C HIS I 329 2.27 23.89 -61.54
N ARG I 330 1.06 23.35 -61.40
CA ARG I 330 0.73 22.55 -60.22
C ARG I 330 1.61 21.32 -60.14
N ILE I 331 1.60 20.50 -61.21
CA ILE I 331 2.38 19.27 -61.19
C ILE I 331 3.87 19.56 -61.10
N GLY I 332 4.28 20.77 -61.49
CA GLY I 332 5.65 21.20 -61.33
C GLY I 332 6.11 21.37 -59.89
N ARG I 333 5.19 21.28 -58.93
CA ARG I 333 5.62 21.35 -57.53
C ARG I 333 6.47 20.14 -57.14
N THR I 334 6.30 19.01 -57.83
CA THR I 334 7.17 17.86 -57.65
C THR I 334 8.13 17.76 -58.83
N ALA I 335 9.09 16.83 -58.69
CA ALA I 335 10.12 16.58 -59.70
C ALA I 335 10.87 17.87 -60.04
N ARG I 336 11.48 18.45 -59.03
CA ARG I 336 12.24 19.68 -59.16
C ARG I 336 13.73 19.39 -59.02
N ALA I 337 14.54 20.21 -59.69
CA ALA I 337 16.00 20.17 -59.56
C ALA I 337 16.57 18.76 -59.77
N GLY I 338 16.02 18.04 -60.74
CA GLY I 338 16.53 16.73 -61.09
C GLY I 338 15.80 15.58 -60.43
N ASN I 339 14.87 15.86 -59.54
CA ASN I 339 14.10 14.80 -58.90
C ASN I 339 13.01 14.31 -59.85
N SER I 340 12.43 13.16 -59.50
CA SER I 340 11.24 12.66 -60.16
C SER I 340 10.05 12.95 -59.26
N GLY I 341 8.86 12.68 -59.79
CA GLY I 341 7.68 12.91 -58.98
C GLY I 341 6.47 12.24 -59.59
N LEU I 342 5.43 12.16 -58.77
CA LEU I 342 4.16 11.55 -59.16
C LEU I 342 3.08 12.59 -58.99
N ALA I 343 2.23 12.73 -60.01
CA ALA I 343 1.12 13.67 -59.97
C ALA I 343 -0.14 12.90 -60.34
N ILE I 344 -1.00 12.70 -59.36
CA ILE I 344 -2.28 12.02 -59.56
C ILE I 344 -3.36 13.07 -59.73
N SER I 345 -4.26 12.85 -60.68
CA SER I 345 -5.34 13.79 -60.96
C SER I 345 -6.66 13.06 -60.92
N PHE I 346 -7.64 13.65 -60.26
CA PHE I 346 -8.99 13.13 -60.24
C PHE I 346 -9.77 13.79 -61.38
N CYS I 347 -10.62 13.00 -62.04
CA CYS I 347 -11.37 13.51 -63.19
C CYS I 347 -12.81 13.04 -63.08
N ALA I 348 -13.70 13.95 -62.71
CA ALA I 348 -15.15 13.79 -62.76
C ALA I 348 -15.67 14.17 -64.15
N PRO I 349 -16.90 13.78 -64.48
CA PRO I 349 -17.41 14.07 -65.84
C PRO I 349 -17.38 15.55 -66.22
N GLU I 350 -17.50 16.49 -65.27
CA GLU I 350 -17.43 17.90 -65.65
C GLU I 350 -16.03 18.28 -66.09
N GLU I 351 -15.04 17.52 -65.67
CA GLU I 351 -13.64 17.82 -65.91
C GLU I 351 -13.06 17.01 -67.06
N ALA I 352 -13.90 16.28 -67.79
CA ALA I 352 -13.41 15.48 -68.91
C ALA I 352 -12.79 16.38 -69.97
N GLN I 353 -13.40 17.54 -70.25
CA GLN I 353 -12.83 18.44 -71.24
C GLN I 353 -11.54 19.06 -70.74
N ARG I 354 -11.47 19.39 -69.44
CA ARG I 354 -10.21 19.90 -68.89
C ARG I 354 -9.12 18.84 -68.98
N ALA I 355 -9.49 17.57 -68.83
CA ALA I 355 -8.51 16.50 -69.02
C ALA I 355 -8.11 16.41 -70.49
N ASN I 356 -9.07 16.66 -71.39
CA ASN I 356 -8.77 16.63 -72.83
C ASN I 356 -7.85 17.78 -73.21
N ILE I 357 -8.06 18.97 -72.62
CA ILE I 357 -7.20 20.11 -72.90
C ILE I 357 -5.76 19.78 -72.52
N ILE I 358 -5.58 19.09 -71.39
CA ILE I 358 -4.25 18.68 -70.95
C ILE I 358 -3.62 17.70 -71.94
N SER I 359 -4.43 16.78 -72.47
CA SER I 359 -3.92 15.79 -73.42
C SER I 359 -3.30 16.45 -74.65
N ASP I 360 -4.01 17.41 -75.25
CA ASP I 360 -3.47 18.10 -76.42
C ASP I 360 -2.23 18.92 -76.09
N MET I 361 -2.31 19.77 -75.06
CA MET I 361 -1.21 20.68 -74.77
C MET I 361 0.08 19.90 -74.54
N LEU I 362 -0.01 18.80 -73.82
CA LEU I 362 1.16 17.99 -73.51
C LEU I 362 1.42 16.91 -74.56
N GLN I 363 0.51 16.75 -75.53
CA GLN I 363 0.64 15.74 -76.60
C GLN I 363 0.94 14.35 -76.04
N ILE I 364 0.22 13.98 -74.99
CA ILE I 364 0.34 12.67 -74.37
C ILE I 364 -1.03 12.03 -74.25
N LYS I 365 -1.04 10.70 -74.22
CA LYS I 365 -2.24 9.93 -73.94
C LYS I 365 -2.31 9.69 -72.44
N LEU I 366 -3.45 10.04 -71.86
CA LEU I 366 -3.58 10.03 -70.40
C LEU I 366 -3.62 8.60 -69.89
N ASN I 367 -2.81 8.31 -68.87
CA ASN I 367 -2.69 6.95 -68.34
C ASN I 367 -3.70 6.78 -67.23
N TRP I 368 -4.90 6.33 -67.60
CA TRP I 368 -5.98 6.13 -66.64
C TRP I 368 -5.71 4.89 -65.81
N GLN I 369 -5.79 5.03 -64.49
CA GLN I 369 -5.56 3.92 -63.58
C GLN I 369 -6.88 3.47 -62.98
N THR I 370 -7.02 2.16 -62.77
CA THR I 370 -8.19 1.70 -62.03
C THR I 370 -7.87 1.60 -60.55
N PRO I 371 -8.75 2.10 -59.66
CA PRO I 371 -8.48 2.13 -58.22
C PRO I 371 -8.43 0.74 -57.60
N SER I 375 -7.63 0.06 -49.95
CA SER I 375 -8.12 -1.05 -49.16
C SER I 375 -8.57 -0.58 -47.78
N SER I 376 -7.71 0.15 -47.08
CA SER I 376 -8.05 0.67 -45.77
C SER I 376 -7.48 2.07 -45.62
N ILE I 377 -8.14 2.89 -44.81
CA ILE I 377 -7.68 4.25 -44.59
C ILE I 377 -6.77 4.23 -43.37
N ALA I 378 -5.49 4.40 -43.61
CA ALA I 378 -4.44 4.40 -42.60
C ALA I 378 -4.14 5.82 -42.13
N THR I 379 -3.46 5.92 -41.01
CA THR I 379 -3.04 7.21 -40.50
C THR I 379 -1.76 7.65 -41.20
N LEU I 380 -1.55 8.96 -41.23
CA LEU I 380 -0.31 9.56 -41.74
C LEU I 380 0.19 10.50 -40.66
N GLU I 381 1.24 10.07 -39.97
CA GLU I 381 1.84 10.81 -38.88
C GLU I 381 2.91 11.75 -39.41
N ALA I 382 2.95 12.97 -38.86
CA ALA I 382 4.02 13.89 -39.17
C ALA I 382 5.24 13.50 -38.37
N GLU I 383 6.41 13.52 -39.02
CA GLU I 383 7.62 13.10 -38.33
C GLU I 383 8.16 14.20 -37.44
N MET I 384 7.83 15.45 -37.73
CA MET I 384 8.36 16.60 -37.04
C MET I 384 7.22 17.42 -36.43
N ALA I 385 7.62 18.36 -35.57
CA ALA I 385 6.75 19.41 -35.05
C ALA I 385 7.56 20.69 -35.03
N THR I 386 6.88 21.83 -35.13
CA THR I 386 7.54 23.12 -35.29
C THR I 386 7.43 23.92 -34.00
N LEU I 387 8.59 24.29 -33.46
CA LEU I 387 8.66 25.28 -32.39
C LEU I 387 8.82 26.66 -33.01
N CYS I 388 8.10 27.63 -32.45
CA CYS I 388 8.16 29.01 -32.89
C CYS I 388 8.82 29.84 -31.80
N ILE I 389 10.02 30.34 -32.07
CA ILE I 389 10.75 31.18 -31.15
C ILE I 389 10.56 32.63 -31.56
N ASP I 390 10.32 33.50 -30.59
CA ASP I 390 10.11 34.92 -30.89
C ASP I 390 11.45 35.64 -31.03
N GLY I 391 11.52 36.52 -32.02
CA GLY I 391 12.72 37.29 -32.26
C GLY I 391 13.06 37.35 -33.73
N GLY I 392 13.58 36.25 -34.25
CA GLY I 392 13.89 36.25 -35.66
C GLY I 392 15.11 37.09 -35.97
N LYS I 393 15.09 37.69 -37.15
CA LYS I 393 16.20 38.53 -37.60
C LYS I 393 16.28 39.81 -36.77
N LYS I 394 15.13 40.26 -36.25
CA LYS I 394 15.10 41.43 -35.37
C LYS I 394 15.93 41.19 -34.10
N ALA I 395 15.95 39.96 -33.60
CA ALA I 395 16.75 39.61 -32.43
C ALA I 395 18.12 39.03 -32.80
N LYS I 396 18.53 39.16 -34.06
CA LYS I 396 19.83 38.67 -34.53
C LYS I 396 20.05 37.18 -34.29
N MET I 397 18.97 36.41 -34.39
CA MET I 397 19.06 34.97 -34.19
C MET I 397 19.47 34.30 -35.50
N ARG I 398 20.65 33.67 -35.52
CA ARG I 398 21.13 32.93 -36.67
C ARG I 398 20.97 31.43 -36.44
N PRO I 399 20.94 30.63 -37.51
CA PRO I 399 20.74 29.18 -37.34
C PRO I 399 21.72 28.54 -36.38
N GLY I 400 22.96 29.02 -36.34
CA GLY I 400 23.92 28.51 -35.39
C GLY I 400 23.53 28.78 -33.94
N ASP I 401 22.89 29.91 -33.68
CA ASP I 401 22.46 30.21 -32.31
C ASP I 401 21.35 29.26 -31.86
N VAL I 402 20.34 29.06 -32.70
CA VAL I 402 19.24 28.17 -32.34
C VAL I 402 19.75 26.75 -32.15
N LEU I 403 20.56 26.27 -33.11
CA LEU I 403 21.11 24.92 -33.01
C LEU I 403 22.04 24.79 -31.80
N GLY I 404 22.84 25.84 -31.53
CA GLY I 404 23.79 25.75 -30.43
C GLY I 404 23.15 25.60 -29.07
N ALA I 405 22.10 26.38 -28.80
CA ALA I 405 21.38 26.24 -27.53
C ALA I 405 20.66 24.89 -27.47
N LEU I 406 20.06 24.48 -28.58
CA LEU I 406 19.26 23.26 -28.58
C LEU I 406 20.10 22.02 -28.33
N THR I 407 21.32 21.97 -28.86
CA THR I 407 22.12 20.76 -28.77
C THR I 407 22.92 20.63 -27.48
N GLY I 408 23.31 21.75 -26.88
CA GLY I 408 24.17 21.79 -25.72
C GLY I 408 23.36 21.96 -24.45
N ASP I 409 23.10 23.23 -24.12
CA ASP I 409 22.46 23.60 -22.85
C ASP I 409 21.10 22.94 -22.68
N ILE I 410 20.24 23.02 -23.71
CA ILE I 410 18.92 22.38 -23.65
C ILE I 410 19.05 20.86 -23.78
N GLY I 411 20.16 20.35 -24.33
CA GLY I 411 20.41 18.93 -24.24
C GLY I 411 19.55 18.09 -25.18
N LEU I 412 19.55 18.50 -26.45
CA LEU I 412 18.88 17.76 -27.50
C LEU I 412 19.97 17.20 -28.41
N ASP I 413 19.73 16.04 -29.02
CA ASP I 413 20.71 15.57 -29.98
C ASP I 413 20.60 16.37 -31.27
N GLY I 414 21.76 16.69 -31.86
CA GLY I 414 21.79 17.43 -33.10
C GLY I 414 21.06 16.73 -34.23
N ALA I 415 20.84 15.43 -34.12
CA ALA I 415 20.08 14.69 -35.11
C ALA I 415 18.56 14.80 -34.89
N ASP I 416 18.12 15.46 -33.84
CA ASP I 416 16.71 15.71 -33.58
C ASP I 416 16.21 17.01 -34.15
N ILE I 417 17.07 17.80 -34.79
CA ILE I 417 16.69 19.10 -35.32
C ILE I 417 16.69 19.07 -36.83
N GLY I 418 15.56 19.44 -37.43
CA GLY I 418 15.44 19.51 -38.87
C GLY I 418 15.63 20.92 -39.41
N LYS I 419 14.74 21.34 -40.30
CA LYS I 419 14.88 22.65 -40.91
C LYS I 419 14.73 23.77 -39.88
N ILE I 420 15.61 24.76 -39.96
CA ILE I 420 15.51 26.00 -39.19
C ILE I 420 15.31 27.15 -40.17
N ALA I 421 14.22 27.89 -40.01
CA ALA I 421 13.88 29.01 -40.88
C ALA I 421 13.82 30.28 -40.06
N VAL I 422 14.73 31.22 -40.34
CA VAL I 422 14.77 32.49 -39.64
C VAL I 422 13.92 33.49 -40.41
N HIS I 423 12.80 33.89 -39.81
CA HIS I 423 11.91 34.92 -40.33
C HIS I 423 12.21 36.25 -39.67
N PRO I 424 11.61 37.36 -40.16
CA PRO I 424 11.93 38.66 -39.57
C PRO I 424 11.56 38.78 -38.11
N ALA I 425 10.48 38.16 -37.67
CA ALA I 425 10.04 38.25 -36.29
C ALA I 425 10.02 36.92 -35.55
N HIS I 426 10.31 35.81 -36.24
CA HIS I 426 10.25 34.50 -35.60
C HIS I 426 11.36 33.62 -36.17
N VAL I 427 11.69 32.57 -35.44
CA VAL I 427 12.56 31.50 -35.92
C VAL I 427 11.80 30.20 -35.73
N TYR I 428 11.62 29.44 -36.80
CA TYR I 428 10.90 28.18 -36.75
C TYR I 428 11.88 27.03 -36.82
N VAL I 429 11.72 26.06 -35.92
CA VAL I 429 12.58 24.89 -35.84
C VAL I 429 11.72 23.65 -35.94
N ALA I 430 12.19 22.68 -36.73
CA ALA I 430 11.55 21.39 -36.83
C ALA I 430 12.28 20.38 -35.95
N VAL I 431 11.53 19.72 -35.08
CA VAL I 431 12.05 18.65 -34.25
C VAL I 431 11.11 17.47 -34.39
N ARG I 432 11.69 16.29 -34.33
CA ARG I 432 10.93 15.06 -34.40
C ARG I 432 9.90 15.05 -33.25
N GLN I 433 8.69 14.56 -33.54
CA GLN I 433 7.60 14.71 -32.57
C GLN I 433 7.93 14.11 -31.21
N ALA I 434 8.71 13.03 -31.19
CA ALA I 434 9.02 12.37 -29.93
C ALA I 434 9.79 13.30 -28.98
N VAL I 435 10.53 14.28 -29.53
CA VAL I 435 11.32 15.19 -28.71
C VAL I 435 10.71 16.58 -28.64
N ALA I 436 9.56 16.79 -29.31
CA ALA I 436 8.97 18.11 -29.40
C ALA I 436 8.50 18.61 -28.03
N HIS I 437 7.79 17.78 -27.29
CA HIS I 437 7.29 18.19 -25.98
C HIS I 437 8.44 18.45 -25.02
N LYS I 438 9.45 17.57 -25.04
CA LYS I 438 10.64 17.76 -24.23
C LYS I 438 11.38 19.04 -24.59
N ALA I 439 11.57 19.29 -25.90
CA ALA I 439 12.25 20.50 -26.35
C ALA I 439 11.51 21.76 -25.94
N TRP I 440 10.19 21.79 -26.18
CA TRP I 440 9.40 22.96 -25.85
C TRP I 440 9.47 23.29 -24.35
N LYS I 441 9.20 22.29 -23.49
CA LYS I 441 9.15 22.56 -22.06
C LYS I 441 10.52 22.97 -21.54
N GLN I 442 11.58 22.33 -22.03
CA GLN I 442 12.91 22.65 -21.51
C GLN I 442 13.40 24.02 -21.97
N LEU I 443 12.96 24.49 -23.14
CA LEU I 443 13.29 25.84 -23.56
C LEU I 443 12.46 26.91 -22.87
N GLN I 444 11.36 26.51 -22.20
CA GLN I 444 10.44 27.49 -21.60
C GLN I 444 11.16 28.43 -20.65
N GLY I 445 11.98 27.90 -19.76
CA GLY I 445 12.73 28.72 -18.83
C GLY I 445 14.20 28.92 -19.17
N GLY I 446 14.65 28.50 -20.35
CA GLY I 446 16.04 28.64 -20.73
C GLY I 446 16.31 29.90 -21.51
N LYS I 447 17.49 29.94 -22.11
CA LYS I 447 17.94 31.10 -22.87
C LYS I 447 18.65 30.69 -24.15
N ILE I 448 18.33 31.41 -25.22
CA ILE I 448 18.95 31.27 -26.53
C ILE I 448 19.72 32.55 -26.80
N LYS I 449 20.98 32.41 -27.22
CA LYS I 449 21.86 33.56 -27.44
C LYS I 449 22.06 34.33 -26.13
N GLY I 450 22.05 33.62 -25.02
CA GLY I 450 22.23 34.22 -23.71
C GLY I 450 20.98 34.82 -23.12
N LYS I 451 20.09 35.34 -23.97
CA LYS I 451 18.87 35.98 -23.51
C LYS I 451 17.70 35.00 -23.54
N THR I 452 16.70 35.28 -22.72
CA THR I 452 15.53 34.41 -22.60
C THR I 452 14.62 34.56 -23.80
N CYS I 453 13.91 33.48 -24.11
CA CYS I 453 13.05 33.40 -25.28
C CYS I 453 11.63 33.01 -24.89
N ARG I 454 10.72 33.24 -25.82
CA ARG I 454 9.34 32.78 -25.72
C ARG I 454 9.10 31.78 -26.83
N VAL I 455 8.83 30.53 -26.47
CA VAL I 455 8.72 29.45 -27.43
C VAL I 455 7.31 28.89 -27.34
N ARG I 456 6.67 28.73 -28.49
CA ARG I 456 5.37 28.11 -28.61
C ARG I 456 5.47 26.89 -29.52
N LEU I 457 4.59 25.92 -29.31
CA LEU I 457 4.57 24.70 -30.08
C LEU I 457 3.33 24.70 -30.99
N LEU I 458 3.56 24.71 -32.29
CA LEU I 458 2.54 24.85 -33.30
C LEU I 458 1.78 23.55 -33.53
N THR K 4 11.17 -13.80 70.09
CA THR K 4 9.83 -14.39 70.09
C THR K 4 9.48 -14.94 71.47
N ALA K 5 8.19 -15.01 71.77
CA ALA K 5 7.74 -15.55 73.05
C ALA K 5 8.07 -17.03 73.18
N PHE K 6 8.39 -17.70 72.08
CA PHE K 6 8.78 -19.11 72.14
C PHE K 6 10.03 -19.33 72.98
N SER K 7 10.82 -18.27 73.19
CA SER K 7 12.00 -18.37 74.04
C SER K 7 11.63 -18.67 75.49
N THR K 8 10.43 -18.24 75.92
CA THR K 8 9.99 -18.48 77.29
C THR K 8 9.77 -19.96 77.58
N LEU K 9 9.76 -20.82 76.56
CA LEU K 9 9.65 -22.25 76.80
C LEU K 9 10.95 -22.84 77.35
N ASN K 10 12.08 -22.17 77.12
CA ASN K 10 13.38 -22.58 77.67
C ASN K 10 13.76 -24.00 77.26
N VAL K 11 13.40 -24.38 76.03
CA VAL K 11 13.70 -25.72 75.52
C VAL K 11 14.24 -25.64 74.10
N LEU K 12 13.66 -24.76 73.29
CA LEU K 12 13.95 -24.73 71.86
C LEU K 12 15.38 -24.28 71.58
N PRO K 13 16.06 -24.94 70.63
CA PRO K 13 17.43 -24.54 70.25
C PRO K 13 17.44 -23.22 69.52
N PRO K 14 18.61 -22.56 69.44
CA PRO K 14 18.65 -21.21 68.83
C PRO K 14 18.25 -21.19 67.37
N ALA K 15 18.67 -22.21 66.63
CA ALA K 15 18.34 -22.31 65.22
C ALA K 15 16.83 -22.32 65.00
N GLN K 16 16.10 -22.95 65.93
CA GLN K 16 14.65 -22.94 65.84
C GLN K 16 14.09 -21.56 66.20
N LEU K 17 14.75 -20.85 67.11
CA LEU K 17 14.32 -19.49 67.43
C LEU K 17 14.45 -18.58 66.22
N THR K 18 15.56 -18.71 65.47
CA THR K 18 15.71 -17.94 64.24
C THR K 18 14.67 -18.36 63.21
N ASN K 19 14.45 -19.67 63.09
CA ASN K 19 13.51 -20.21 62.12
C ASN K 19 12.10 -19.71 62.37
N LEU K 20 11.64 -19.76 63.62
CA LEU K 20 10.29 -19.31 63.94
C LEU K 20 10.09 -17.84 63.63
N ASN K 21 11.11 -17.01 63.88
CA ASN K 21 10.98 -15.57 63.68
C ASN K 21 10.93 -15.20 62.20
N GLU K 22 11.77 -15.84 61.37
CA GLU K 22 11.75 -15.59 59.94
C GLU K 22 10.42 -16.02 59.34
N LEU K 23 9.75 -16.97 60.00
CA LEU K 23 8.46 -17.49 59.56
C LEU K 23 7.28 -16.60 59.92
N GLY K 24 7.47 -15.62 60.79
CA GLY K 24 6.36 -14.81 61.24
C GLY K 24 5.72 -15.31 62.52
N TYR K 25 6.26 -16.37 63.13
CA TYR K 25 5.77 -16.85 64.43
C TYR K 25 6.40 -15.98 65.51
N LEU K 26 5.78 -14.82 65.70
CA LEU K 26 6.28 -13.81 66.64
C LEU K 26 5.67 -13.95 68.02
N THR K 27 4.45 -14.50 68.10
CA THR K 27 3.74 -14.74 69.34
C THR K 27 3.25 -16.17 69.40
N MET K 28 3.25 -16.73 70.60
CA MET K 28 2.61 -18.02 70.83
C MET K 28 1.10 -17.79 70.89
N THR K 29 0.36 -18.64 70.18
CA THR K 29 -1.09 -18.66 70.33
C THR K 29 -1.42 -19.32 71.66
N PRO K 30 -2.66 -19.17 72.14
CA PRO K 30 -3.02 -19.79 73.43
C PRO K 30 -2.72 -21.28 73.50
N VAL K 31 -3.12 -22.05 72.49
CA VAL K 31 -2.88 -23.49 72.52
C VAL K 31 -1.39 -23.79 72.49
N GLN K 32 -0.61 -22.98 71.78
CA GLN K 32 0.84 -23.17 71.77
C GLN K 32 1.43 -22.91 73.16
N ALA K 33 1.02 -21.82 73.80
CA ALA K 33 1.49 -21.54 75.15
C ALA K 33 1.01 -22.58 76.15
N ALA K 34 -0.18 -23.14 75.94
CA ALA K 34 -0.77 -24.04 76.93
C ALA K 34 -0.28 -25.48 76.79
N ALA K 35 0.07 -25.91 75.58
CA ALA K 35 0.39 -27.31 75.34
C ALA K 35 1.87 -27.60 75.14
N LEU K 36 2.65 -26.62 74.67
CA LEU K 36 4.06 -26.89 74.37
C LEU K 36 4.90 -27.26 75.58
N PRO K 37 4.77 -26.62 76.76
CA PRO K 37 5.57 -27.07 77.91
C PRO K 37 5.43 -28.55 78.22
N ALA K 38 4.19 -29.07 78.22
CA ALA K 38 3.98 -30.48 78.50
C ALA K 38 4.52 -31.36 77.38
N ILE K 39 4.30 -30.97 76.12
CA ILE K 39 4.73 -31.80 74.99
C ILE K 39 6.24 -31.88 74.93
N LEU K 40 6.92 -30.72 75.05
CA LEU K 40 8.37 -30.72 75.05
C LEU K 40 8.94 -31.49 76.22
N ALA K 41 8.17 -31.65 77.30
CA ALA K 41 8.56 -32.46 78.44
C ALA K 41 8.24 -33.95 78.27
N GLY K 42 7.64 -34.34 77.14
CA GLY K 42 7.39 -35.74 76.86
C GLY K 42 6.06 -36.29 77.31
N LYS K 43 5.12 -35.43 77.70
CA LYS K 43 3.83 -35.86 78.22
C LYS K 43 2.84 -36.11 77.10
N ASP K 44 1.92 -37.05 77.33
CA ASP K 44 0.75 -37.21 76.49
C ASP K 44 -0.27 -36.13 76.81
N VAL K 45 -0.88 -35.56 75.77
CA VAL K 45 -1.87 -34.50 75.93
C VAL K 45 -3.07 -34.78 75.04
N ARG K 46 -4.24 -34.38 75.53
CA ARG K 46 -5.46 -34.27 74.72
C ARG K 46 -5.92 -32.82 74.78
N VAL K 47 -5.90 -32.15 73.63
CA VAL K 47 -6.07 -30.70 73.57
C VAL K 47 -7.40 -30.37 72.89
N GLN K 48 -8.09 -29.37 73.43
CA GLN K 48 -9.28 -28.79 72.81
C GLN K 48 -9.08 -27.29 72.68
N ALA K 49 -8.89 -26.81 71.46
CA ALA K 49 -8.76 -25.39 71.16
C ALA K 49 -9.53 -25.09 69.89
N LYS K 50 -9.98 -23.84 69.75
CA LYS K 50 -10.85 -23.46 68.64
C LYS K 50 -10.12 -23.60 67.29
N THR K 51 -10.91 -23.54 66.22
CA THR K 51 -10.35 -23.71 64.89
C THR K 51 -9.46 -22.53 64.50
N GLY K 52 -8.44 -22.81 63.69
CA GLY K 52 -7.56 -21.78 63.19
C GLY K 52 -6.74 -21.06 64.24
N SER K 53 -6.43 -21.71 65.35
CA SER K 53 -5.66 -21.08 66.42
C SER K 53 -4.27 -21.66 66.59
N GLY K 54 -3.79 -22.46 65.64
CA GLY K 54 -2.40 -22.87 65.62
C GLY K 54 -2.07 -24.22 66.22
N LYS K 55 -2.99 -25.19 66.17
CA LYS K 55 -2.70 -26.51 66.72
C LYS K 55 -1.56 -27.19 65.97
N THR K 56 -1.43 -26.92 64.68
CA THR K 56 -0.43 -27.60 63.87
C THR K 56 0.98 -27.36 64.40
N ALA K 57 1.33 -26.09 64.64
CA ALA K 57 2.64 -25.79 65.22
C ALA K 57 2.75 -26.26 66.66
N ALA K 58 1.63 -26.34 67.37
CA ALA K 58 1.65 -26.83 68.75
C ALA K 58 2.23 -28.23 68.83
N PHE K 59 1.70 -29.17 68.04
CA PHE K 59 2.29 -30.50 68.03
C PHE K 59 3.49 -30.58 67.09
N GLY K 60 3.61 -29.66 66.15
CA GLY K 60 4.73 -29.71 65.22
C GLY K 60 6.05 -29.34 65.87
N LEU K 61 6.08 -28.22 66.60
CA LEU K 61 7.28 -27.88 67.35
C LEU K 61 7.60 -28.92 68.41
N GLY K 62 6.57 -29.54 68.99
CA GLY K 62 6.75 -30.61 69.95
C GLY K 62 7.51 -31.79 69.37
N LEU K 63 7.01 -32.34 68.26
CA LEU K 63 7.64 -33.54 67.70
C LEU K 63 9.00 -33.23 67.08
N LEU K 64 9.19 -32.02 66.56
CA LEU K 64 10.48 -31.69 65.93
C LEU K 64 11.59 -31.58 66.96
N GLN K 65 11.26 -31.21 68.20
CA GLN K 65 12.29 -31.15 69.24
C GLN K 65 12.82 -32.54 69.58
N GLN K 66 12.02 -33.59 69.36
CA GLN K 66 12.44 -34.94 69.66
C GLN K 66 12.79 -35.72 68.39
N ILE K 67 13.36 -35.03 67.40
CA ILE K 67 13.82 -35.64 66.16
C ILE K 67 15.34 -35.64 66.16
N ASP K 68 15.93 -36.80 65.93
CA ASP K 68 17.38 -36.93 65.77
C ASP K 68 17.64 -37.06 64.27
N ALA K 69 18.25 -36.03 63.69
CA ALA K 69 18.45 -35.98 62.24
C ALA K 69 19.43 -37.03 61.77
N SER K 70 20.37 -37.45 62.63
CA SER K 70 21.35 -38.45 62.24
C SER K 70 20.77 -39.85 62.14
N LEU K 71 19.67 -40.13 62.85
CA LEU K 71 19.06 -41.46 62.85
C LEU K 71 18.03 -41.52 61.73
N PHE K 72 18.38 -42.22 60.65
CA PHE K 72 17.53 -42.27 59.47
C PHE K 72 16.52 -43.42 59.59
N GLN K 73 15.66 -43.28 60.60
CA GLN K 73 14.51 -44.14 60.80
C GLN K 73 13.32 -43.27 61.16
N THR K 74 12.12 -43.83 61.03
CA THR K 74 10.92 -43.05 61.30
C THR K 74 10.75 -42.85 62.81
N GLN K 75 10.71 -41.59 63.22
CA GLN K 75 10.66 -41.24 64.64
C GLN K 75 9.38 -40.52 65.07
N ALA K 76 8.64 -39.91 64.14
CA ALA K 76 7.38 -39.25 64.45
C ALA K 76 6.36 -39.58 63.38
N LEU K 77 5.11 -39.77 63.80
CA LEU K 77 4.03 -40.12 62.88
C LEU K 77 2.80 -39.26 63.17
N VAL K 78 2.29 -38.61 62.13
CA VAL K 78 1.10 -37.77 62.21
C VAL K 78 0.02 -38.38 61.32
N LEU K 79 -1.18 -38.55 61.87
CA LEU K 79 -2.32 -39.10 61.16
C LEU K 79 -3.36 -38.02 60.91
N CYS K 80 -3.87 -37.95 59.69
CA CYS K 80 -4.87 -36.97 59.30
C CYS K 80 -6.07 -37.65 58.65
N PRO K 81 -7.26 -37.04 58.74
CA PRO K 81 -8.46 -37.67 58.18
C PRO K 81 -8.63 -37.50 56.67
N THR K 82 -7.92 -36.58 56.03
CA THR K 82 -8.07 -36.35 54.61
C THR K 82 -6.70 -36.19 53.97
N ARG K 83 -6.61 -36.54 52.69
CA ARG K 83 -5.33 -36.47 51.98
C ARG K 83 -4.85 -35.03 51.86
N GLU K 84 -5.76 -34.09 51.55
CA GLU K 84 -5.37 -32.69 51.42
C GLU K 84 -4.90 -32.13 52.75
N LEU K 85 -5.53 -32.53 53.86
CA LEU K 85 -5.08 -32.07 55.16
C LEU K 85 -3.69 -32.62 55.49
N ALA K 86 -3.46 -33.90 55.17
CA ALA K 86 -2.14 -34.49 55.38
C ALA K 86 -1.09 -33.73 54.59
N ASP K 87 -1.41 -33.35 53.36
CA ASP K 87 -0.50 -32.56 52.55
C ASP K 87 -0.21 -31.21 53.19
N GLN K 88 -1.23 -30.60 53.78
CA GLN K 88 -1.07 -29.27 54.36
C GLN K 88 -0.20 -29.29 55.63
N VAL K 89 -0.49 -30.19 56.56
CA VAL K 89 0.27 -30.19 57.81
C VAL K 89 1.72 -30.58 57.55
N ALA K 90 1.96 -31.49 56.60
CA ALA K 90 3.33 -31.87 56.27
C ALA K 90 4.12 -30.69 55.72
N GLY K 91 3.47 -29.84 54.92
CA GLY K 91 4.15 -28.67 54.42
C GLY K 91 4.61 -27.74 55.53
N GLU K 92 3.77 -27.54 56.54
CA GLU K 92 4.15 -26.67 57.66
C GLU K 92 5.19 -27.31 58.55
N LEU K 93 5.15 -28.64 58.69
CA LEU K 93 6.21 -29.33 59.43
C LEU K 93 7.55 -29.12 58.76
N ARG K 94 7.57 -29.13 57.42
CA ARG K 94 8.82 -28.92 56.68
C ARG K 94 9.38 -27.53 56.93
N ARG K 95 8.51 -26.51 56.97
CA ARG K 95 8.96 -25.15 57.25
C ARG K 95 9.39 -25.01 58.70
N LEU K 96 8.69 -25.67 59.62
CA LEU K 96 9.16 -25.62 61.00
C LEU K 96 10.45 -26.39 61.17
N ALA K 97 10.77 -27.32 60.26
CA ALA K 97 11.97 -28.15 60.32
C ALA K 97 13.18 -27.49 59.65
N ARG K 98 13.02 -26.25 59.23
CA ARG K 98 14.13 -25.56 58.54
C ARG K 98 15.33 -25.50 59.49
N PHE K 99 15.08 -25.33 60.79
CA PHE K 99 16.18 -25.22 61.75
C PHE K 99 17.06 -26.46 61.74
N LEU K 100 16.52 -27.61 61.35
CA LEU K 100 17.26 -28.88 61.39
C LEU K 100 17.51 -29.39 59.98
N PRO K 101 18.70 -29.17 59.40
CA PRO K 101 18.95 -29.55 58.01
C PRO K 101 18.81 -31.06 57.79
N ASN K 102 18.46 -31.41 56.54
CA ASN K 102 18.37 -32.79 56.09
C ASN K 102 17.34 -33.59 56.87
N THR K 103 16.25 -32.94 57.27
CA THR K 103 15.13 -33.59 57.91
C THR K 103 14.14 -34.03 56.84
N LYS K 104 13.96 -35.33 56.68
CA LYS K 104 13.07 -35.87 55.65
C LYS K 104 11.67 -36.08 56.22
N ILE K 105 10.71 -35.33 55.70
CA ILE K 105 9.30 -35.48 56.05
C ILE K 105 8.58 -35.97 54.80
N LEU K 106 7.99 -37.15 54.89
CA LEU K 106 7.36 -37.79 53.75
C LEU K 106 5.87 -37.96 54.00
N THR K 107 5.06 -37.71 52.96
CA THR K 107 3.58 -37.86 53.05
C THR K 107 3.17 -39.19 52.43
N LEU K 108 2.40 -40.00 53.13
CA LEU K 108 1.91 -41.28 52.57
C LEU K 108 0.40 -41.20 52.49
N CYS K 109 -0.10 -40.71 51.36
CA CYS K 109 -1.56 -40.58 51.20
C CYS K 109 -2.07 -41.42 50.03
N GLY K 110 -3.37 -41.69 50.01
CA GLY K 110 -3.97 -42.44 48.89
C GLY K 110 -4.12 -41.58 47.66
N GLY K 111 -4.42 -42.19 46.52
CA GLY K 111 -4.47 -41.44 45.25
C GLY K 111 -3.09 -41.32 44.64
N GLN K 112 -2.05 -41.31 45.46
CA GLN K 112 -0.67 -41.29 44.96
C GLN K 112 -0.24 -42.71 44.63
N PRO K 113 0.51 -42.91 43.55
CA PRO K 113 0.93 -44.28 43.19
C PRO K 113 1.89 -44.85 44.21
N PHE K 114 1.64 -46.07 44.67
CA PHE K 114 2.41 -46.70 45.76
C PHE K 114 3.88 -46.84 45.42
N GLY K 115 4.19 -47.04 44.16
CA GLY K 115 5.59 -47.35 43.82
C GLY K 115 6.55 -46.28 44.28
N MET K 116 6.26 -45.03 43.94
CA MET K 116 7.18 -43.93 44.29
C MET K 116 7.40 -44.00 45.81
N GLN K 117 6.31 -44.14 46.55
CA GLN K 117 6.43 -44.19 48.01
C GLN K 117 7.39 -45.31 48.38
N ARG K 118 7.11 -46.55 47.95
CA ARG K 118 7.98 -47.71 48.29
C ARG K 118 9.45 -47.36 48.03
N ASP K 119 9.75 -46.80 46.85
CA ASP K 119 11.13 -46.46 46.50
C ASP K 119 11.69 -45.41 47.45
N SER K 120 10.91 -44.35 47.72
CA SER K 120 11.35 -43.29 48.61
C SER K 120 11.48 -43.76 50.07
N LEU K 121 10.68 -44.74 50.48
CA LEU K 121 10.69 -45.16 51.88
C LEU K 121 11.87 -46.07 52.23
N GLN K 122 12.63 -46.53 51.24
CA GLN K 122 13.87 -47.24 51.54
C GLN K 122 14.89 -46.28 52.15
N HIS K 123 14.84 -45.02 51.75
CA HIS K 123 15.51 -43.92 52.46
C HIS K 123 14.52 -43.47 53.53
N ALA K 124 14.66 -44.01 54.73
CA ALA K 124 13.66 -43.84 55.77
C ALA K 124 13.48 -42.37 56.14
N PRO K 125 12.25 -41.85 56.13
CA PRO K 125 12.03 -40.47 56.55
C PRO K 125 11.98 -40.35 58.06
N HIS K 126 12.41 -39.19 58.56
CA HIS K 126 12.32 -38.94 60.00
C HIS K 126 10.88 -38.86 60.45
N ILE K 127 10.03 -38.20 59.67
CA ILE K 127 8.63 -37.96 60.02
C ILE K 127 7.76 -38.43 58.86
N ILE K 128 6.68 -39.12 59.20
CA ILE K 128 5.66 -39.51 58.22
C ILE K 128 4.35 -38.85 58.60
N VAL K 129 3.73 -38.18 57.64
CA VAL K 129 2.36 -37.72 57.75
C VAL K 129 1.53 -38.54 56.78
N ALA K 130 0.43 -39.13 57.26
CA ALA K 130 -0.27 -40.13 56.47
C ALA K 130 -1.74 -40.16 56.84
N THR K 131 -2.52 -40.66 55.91
CA THR K 131 -3.89 -41.13 56.09
C THR K 131 -3.88 -42.62 56.43
N PRO K 132 -4.86 -43.10 57.19
CA PRO K 132 -4.76 -44.47 57.71
C PRO K 132 -4.71 -45.54 56.64
N GLY K 133 -5.46 -45.38 55.55
CA GLY K 133 -5.54 -46.38 54.50
C GLY K 133 -4.21 -46.73 53.86
N ARG K 134 -3.56 -45.73 53.25
CA ARG K 134 -2.29 -46.00 52.58
C ARG K 134 -1.20 -46.39 53.56
N LEU K 135 -1.19 -45.78 54.75
CA LEU K 135 -0.20 -46.16 55.76
C LEU K 135 -0.38 -47.62 56.17
N LEU K 136 -1.62 -48.05 56.35
CA LEU K 136 -1.89 -49.42 56.75
C LEU K 136 -1.37 -50.41 55.72
N ASP K 137 -1.51 -50.09 54.43
CA ASP K 137 -0.96 -50.92 53.38
C ASP K 137 0.56 -51.03 53.50
N HIS K 138 1.24 -49.90 53.71
CA HIS K 138 2.70 -49.90 53.82
C HIS K 138 3.16 -50.71 55.03
N LEU K 139 2.44 -50.61 56.14
CA LEU K 139 2.83 -51.36 57.34
C LEU K 139 2.72 -52.87 57.11
N GLN K 140 1.62 -53.30 56.48
CA GLN K 140 1.45 -54.73 56.21
C GLN K 140 2.42 -55.24 55.15
N LYS K 141 2.92 -54.37 54.28
CA LYS K 141 3.91 -54.79 53.29
C LYS K 141 5.34 -54.53 53.75
N GLY K 142 5.52 -53.99 54.95
CA GLY K 142 6.86 -53.88 55.53
C GLY K 142 7.76 -52.83 54.93
N THR K 143 7.19 -51.74 54.38
CA THR K 143 8.01 -50.65 53.85
C THR K 143 8.23 -49.54 54.86
N VAL K 144 7.48 -49.54 55.95
CA VAL K 144 7.58 -48.52 56.98
C VAL K 144 7.73 -49.21 58.33
N SER K 145 8.65 -48.71 59.16
CA SER K 145 8.85 -49.22 60.50
C SER K 145 8.61 -48.11 61.51
N LEU K 146 7.81 -48.41 62.53
CA LEU K 146 7.54 -47.49 63.61
C LEU K 146 8.30 -47.85 64.89
N ASP K 147 9.27 -48.76 64.81
CA ASP K 147 9.95 -49.22 66.02
C ASP K 147 10.73 -48.11 66.71
N ALA K 148 11.22 -47.13 65.97
CA ALA K 148 11.96 -46.02 66.54
C ALA K 148 11.09 -44.79 66.79
N LEU K 149 9.77 -44.99 66.87
CA LEU K 149 8.84 -43.88 66.99
C LEU K 149 8.94 -43.24 68.37
N ASN K 150 9.17 -41.94 68.40
CA ASN K 150 9.13 -41.18 69.65
C ASN K 150 7.72 -40.69 69.97
N THR K 151 7.04 -40.12 68.98
CA THR K 151 5.77 -39.44 69.21
C THR K 151 4.77 -39.81 68.13
N LEU K 152 3.50 -39.92 68.53
CA LEU K 152 2.40 -40.18 67.61
C LEU K 152 1.38 -39.06 67.77
N VAL K 153 1.08 -38.36 66.67
CA VAL K 153 0.15 -37.25 66.66
C VAL K 153 -1.07 -37.64 65.85
N MET K 154 -2.25 -37.37 66.40
CA MET K 154 -3.52 -37.55 65.69
C MET K 154 -4.21 -36.20 65.61
N ASP K 155 -4.09 -35.54 64.45
CA ASP K 155 -4.82 -34.31 64.21
C ASP K 155 -6.28 -34.64 63.91
N GLU K 156 -7.17 -33.70 64.26
CA GLU K 156 -8.61 -33.91 64.19
C GLU K 156 -8.98 -35.24 64.86
N ALA K 157 -8.47 -35.42 66.10
CA ALA K 157 -8.44 -36.74 66.71
C ALA K 157 -9.84 -37.28 67.01
N ASP K 158 -10.81 -36.40 67.23
CA ASP K 158 -12.17 -36.89 67.47
C ASP K 158 -12.76 -37.54 66.22
N ARG K 159 -12.33 -37.09 65.04
CA ARG K 159 -12.72 -37.75 63.81
C ARG K 159 -11.93 -39.04 63.61
N MET K 160 -10.64 -39.02 63.97
CA MET K 160 -9.79 -40.20 63.81
C MET K 160 -10.16 -41.31 64.78
N LEU K 161 -10.83 -41.00 65.88
CA LEU K 161 -11.22 -42.00 66.86
C LEU K 161 -12.69 -42.39 66.75
N ASP K 162 -13.38 -41.94 65.71
CA ASP K 162 -14.78 -42.29 65.56
C ASP K 162 -14.92 -43.72 65.08
N MET K 163 -16.17 -44.16 64.92
CA MET K 163 -16.44 -45.55 64.60
C MET K 163 -15.93 -45.94 63.22
N GLY K 164 -15.95 -45.00 62.27
CA GLY K 164 -15.52 -45.31 60.91
C GLY K 164 -14.03 -45.54 60.76
N PHE K 165 -13.22 -44.87 61.59
CA PHE K 165 -11.77 -44.97 61.50
C PHE K 165 -11.16 -45.88 62.56
N SER K 166 -11.93 -46.27 63.59
CA SER K 166 -11.37 -46.98 64.73
C SER K 166 -10.66 -48.26 64.28
N ASP K 167 -11.25 -48.99 63.35
CA ASP K 167 -10.65 -50.24 62.88
C ASP K 167 -9.27 -49.99 62.28
N ALA K 168 -9.18 -49.03 61.37
CA ALA K 168 -7.89 -48.70 60.76
C ALA K 168 -6.93 -48.13 61.80
N ILE K 169 -7.43 -47.28 62.71
CA ILE K 169 -6.58 -46.72 63.75
C ILE K 169 -6.03 -47.80 64.67
N ASP K 170 -6.88 -48.77 65.05
CA ASP K 170 -6.39 -49.89 65.85
C ASP K 170 -5.31 -50.68 65.11
N ASP K 171 -5.48 -50.85 63.80
CA ASP K 171 -4.50 -51.62 63.05
C ASP K 171 -3.14 -50.91 63.07
N VAL K 172 -3.15 -49.58 63.02
CA VAL K 172 -1.89 -48.83 63.02
C VAL K 172 -1.21 -48.89 64.38
N ILE K 173 -1.99 -48.71 65.45
CA ILE K 173 -1.39 -48.66 66.79
C ILE K 173 -0.76 -50.00 67.16
N ARG K 174 -1.31 -51.11 66.65
CA ARG K 174 -0.67 -52.39 66.92
C ARG K 174 0.74 -52.47 66.31
N PHE K 175 1.03 -51.67 65.30
CA PHE K 175 2.40 -51.57 64.79
C PHE K 175 3.26 -50.61 65.60
N ALA K 176 2.67 -49.78 66.43
CA ALA K 176 3.40 -48.75 67.14
C ALA K 176 3.90 -49.27 68.49
N PRO K 177 5.01 -48.74 68.97
CA PRO K 177 5.47 -49.09 70.31
C PRO K 177 4.49 -48.56 71.35
N ALA K 178 4.43 -49.25 72.48
CA ALA K 178 3.64 -48.75 73.60
C ALA K 178 4.34 -47.58 74.28
N SER K 179 5.67 -47.58 74.30
CA SER K 179 6.46 -46.50 74.89
C SER K 179 6.60 -45.39 73.85
N ARG K 180 5.54 -44.59 73.73
CA ARG K 180 5.50 -43.50 72.78
C ARG K 180 4.70 -42.35 73.37
N GLN K 181 5.05 -41.14 72.96
CA GLN K 181 4.23 -39.98 73.24
C GLN K 181 3.07 -39.94 72.25
N THR K 182 1.85 -39.80 72.76
CA THR K 182 0.65 -39.79 71.91
C THR K 182 -0.10 -38.48 72.12
N LEU K 183 -0.23 -37.71 71.04
CA LEU K 183 -0.82 -36.39 71.05
C LEU K 183 -2.15 -36.40 70.30
N LEU K 184 -3.19 -35.84 70.92
CA LEU K 184 -4.52 -35.76 70.31
C LEU K 184 -4.97 -34.31 70.31
N PHE K 185 -5.24 -33.77 69.12
CA PHE K 185 -5.63 -32.38 68.92
C PHE K 185 -6.93 -32.31 68.14
N SER K 186 -7.82 -31.42 68.56
CA SER K 186 -9.05 -31.12 67.81
C SER K 186 -9.72 -29.91 68.41
N ALA K 187 -10.60 -29.29 67.62
CA ALA K 187 -11.45 -28.20 68.09
C ALA K 187 -12.74 -28.69 68.70
N THR K 188 -13.11 -29.95 68.50
CA THR K 188 -14.35 -30.51 69.02
C THR K 188 -14.05 -31.87 69.64
N TRP K 189 -14.73 -32.15 70.75
CA TRP K 189 -14.55 -33.41 71.47
C TRP K 189 -15.91 -33.89 71.98
N PRO K 190 -16.59 -34.73 71.20
CA PRO K 190 -17.79 -35.39 71.74
C PRO K 190 -17.42 -36.16 73.00
N GLU K 191 -18.23 -36.00 74.05
CA GLU K 191 -17.89 -36.57 75.34
C GLU K 191 -17.70 -38.08 75.24
N ALA K 192 -18.51 -38.74 74.42
CA ALA K 192 -18.35 -40.17 74.21
C ALA K 192 -17.00 -40.49 73.58
N ILE K 193 -16.60 -39.72 72.56
CA ILE K 193 -15.31 -39.94 71.92
C ILE K 193 -14.17 -39.58 72.87
N ALA K 194 -14.35 -38.50 73.64
CA ALA K 194 -13.30 -38.11 74.59
C ALA K 194 -13.14 -39.13 75.71
N ALA K 195 -14.24 -39.78 76.12
CA ALA K 195 -14.15 -40.75 77.19
C ALA K 195 -13.31 -41.96 76.79
N ILE K 196 -13.43 -42.39 75.53
CA ILE K 196 -12.66 -43.53 75.04
C ILE K 196 -11.29 -43.14 74.51
N SER K 197 -10.95 -41.84 74.50
CA SER K 197 -9.70 -41.38 73.92
C SER K 197 -8.48 -41.89 74.69
N GLY K 198 -8.66 -42.28 75.94
CA GLY K 198 -7.53 -42.76 76.73
C GLY K 198 -6.98 -44.11 76.31
N ARG K 199 -7.67 -44.87 75.47
CA ARG K 199 -7.14 -46.16 75.06
C ARG K 199 -5.82 -46.07 74.29
N VAL K 200 -5.54 -44.91 73.72
CA VAL K 200 -4.36 -44.74 72.89
C VAL K 200 -3.32 -43.92 73.60
N GLN K 201 -3.58 -43.54 74.84
CA GLN K 201 -2.71 -42.67 75.63
C GLN K 201 -2.34 -43.32 76.95
N ARG K 202 -1.31 -42.74 77.57
CA ARG K 202 -0.82 -43.16 78.89
C ARG K 202 -0.77 -41.95 79.79
N ASP K 203 -1.67 -41.88 80.75
CA ASP K 203 -1.77 -40.80 81.72
C ASP K 203 -1.74 -39.44 81.04
N PRO K 204 -2.77 -39.10 80.26
CA PRO K 204 -2.72 -37.86 79.48
C PRO K 204 -3.24 -36.65 80.23
N LEU K 205 -2.67 -35.51 79.89
CA LEU K 205 -3.14 -34.23 80.42
C LEU K 205 -4.25 -33.70 79.53
N ALA K 206 -5.37 -33.32 80.14
CA ALA K 206 -6.48 -32.71 79.44
C ALA K 206 -6.28 -31.20 79.44
N ILE K 207 -6.12 -30.62 78.25
CA ILE K 207 -5.90 -29.19 78.08
C ILE K 207 -7.05 -28.67 77.22
N GLU K 208 -8.12 -28.25 77.90
CA GLU K 208 -9.35 -27.79 77.26
C GLU K 208 -9.44 -26.28 77.47
N ILE K 209 -8.80 -25.52 76.59
CA ILE K 209 -8.73 -24.08 76.77
C ILE K 209 -9.88 -23.31 76.12
N ASP K 210 -10.56 -23.91 75.15
CA ASP K 210 -11.73 -23.31 74.53
C ASP K 210 -12.89 -24.28 74.63
N SER K 211 -13.96 -23.85 75.29
CA SER K 211 -15.18 -24.64 75.30
C SER K 211 -15.75 -24.69 73.88
N THR K 212 -16.70 -25.61 73.68
CA THR K 212 -17.22 -25.85 72.34
C THR K 212 -17.92 -24.64 71.75
N ASP K 213 -18.39 -23.72 72.59
CA ASP K 213 -19.05 -22.51 72.13
C ASP K 213 -18.10 -21.33 71.95
N ALA K 214 -16.80 -21.53 72.12
CA ALA K 214 -15.82 -20.44 71.98
C ALA K 214 -15.25 -20.46 70.56
N LEU K 215 -16.03 -19.90 69.63
CA LEU K 215 -15.64 -19.88 68.24
C LEU K 215 -14.72 -18.70 67.97
N PRO K 216 -13.98 -18.72 66.86
CA PRO K 216 -13.31 -17.50 66.40
C PRO K 216 -14.36 -16.46 66.01
N PRO K 217 -13.95 -15.20 65.79
CA PRO K 217 -14.96 -14.18 65.49
C PRO K 217 -15.62 -14.41 64.14
N ILE K 218 -16.60 -15.31 64.12
CA ILE K 218 -17.33 -15.67 62.91
C ILE K 218 -18.75 -15.14 63.06
N GLU K 219 -19.14 -14.24 62.17
CA GLU K 219 -20.54 -13.81 62.11
C GLU K 219 -21.36 -14.84 61.36
N GLN K 220 -22.52 -15.20 61.91
CA GLN K 220 -23.37 -16.22 61.34
C GLN K 220 -24.70 -15.63 60.93
N GLN K 221 -25.15 -15.96 59.72
CA GLN K 221 -26.44 -15.56 59.21
C GLN K 221 -27.17 -16.78 58.68
N PHE K 222 -28.49 -16.80 58.84
CA PHE K 222 -29.29 -17.93 58.42
C PHE K 222 -30.40 -17.44 57.49
N TYR K 223 -30.65 -18.20 56.43
CA TYR K 223 -31.69 -17.89 55.46
C TYR K 223 -32.69 -19.02 55.41
N GLU K 224 -33.96 -18.69 55.58
CA GLU K 224 -35.03 -19.64 55.33
C GLU K 224 -35.21 -19.81 53.81
N THR K 225 -35.29 -21.06 53.36
CA THR K 225 -35.42 -21.35 51.94
C THR K 225 -35.85 -22.79 51.77
N SER K 226 -36.66 -23.04 50.74
CA SER K 226 -36.95 -24.40 50.32
C SER K 226 -35.72 -25.03 49.65
N SER K 227 -35.72 -26.36 49.59
CA SER K 227 -34.71 -27.07 48.81
C SER K 227 -34.80 -26.63 47.35
N LYS K 228 -36.02 -26.33 46.91
CA LYS K 228 -36.28 -25.91 45.54
C LYS K 228 -35.67 -24.53 45.26
N GLY K 229 -35.63 -23.66 46.26
CA GLY K 229 -35.04 -22.33 46.15
C GLY K 229 -33.58 -22.15 46.51
N LYS K 230 -32.85 -23.20 46.90
CA LYS K 230 -31.51 -23.02 47.46
C LYS K 230 -30.51 -22.50 46.43
N ILE K 231 -30.48 -23.11 45.25
CA ILE K 231 -29.50 -22.75 44.23
C ILE K 231 -29.74 -21.31 43.76
N PRO K 232 -30.99 -20.91 43.45
CA PRO K 232 -31.21 -19.48 43.16
C PRO K 232 -30.78 -18.55 44.28
N LEU K 233 -31.04 -18.92 45.54
CA LEU K 233 -30.63 -18.09 46.67
C LEU K 233 -29.11 -17.95 46.74
N LEU K 234 -28.39 -19.06 46.59
CA LEU K 234 -26.93 -19.02 46.64
C LEU K 234 -26.37 -18.11 45.56
N GLN K 235 -26.89 -18.22 44.34
CA GLN K 235 -26.41 -17.39 43.24
C GLN K 235 -26.66 -15.92 43.51
N ARG K 236 -27.80 -15.58 44.11
CA ARG K 236 -28.09 -14.18 44.40
C ARG K 236 -27.22 -13.66 45.54
N LEU K 237 -26.92 -14.52 46.52
CA LEU K 237 -26.07 -14.10 47.64
C LEU K 237 -24.62 -13.91 47.20
N LEU K 238 -24.13 -14.75 46.29
CA LEU K 238 -22.78 -14.55 45.78
C LEU K 238 -22.66 -13.25 44.98
N SER K 239 -23.73 -12.86 44.29
CA SER K 239 -23.73 -11.58 43.60
C SER K 239 -23.75 -10.42 44.58
N LEU K 240 -24.45 -10.57 45.70
CA LEU K 240 -24.53 -9.50 46.69
C LEU K 240 -23.19 -9.28 47.39
N HIS K 241 -22.63 -10.34 47.97
CA HIS K 241 -21.45 -10.19 48.82
C HIS K 241 -20.16 -10.07 48.03
N GLN K 242 -20.12 -10.67 46.83
CA GLN K 242 -18.94 -10.70 45.99
C GLN K 242 -17.66 -11.09 46.73
N PRO K 243 -17.66 -12.23 47.42
CA PRO K 243 -16.48 -12.60 48.22
C PRO K 243 -15.28 -12.88 47.32
N SER K 244 -14.09 -12.47 47.79
CA SER K 244 -12.87 -12.80 47.07
C SER K 244 -12.67 -14.31 46.97
N SER K 245 -13.09 -15.06 47.99
CA SER K 245 -13.05 -16.51 47.98
C SER K 245 -14.19 -17.03 48.85
N CYS K 246 -14.73 -18.19 48.47
CA CYS K 246 -15.89 -18.73 49.16
C CYS K 246 -15.91 -20.25 49.08
N VAL K 247 -16.29 -20.89 50.18
CA VAL K 247 -16.47 -22.34 50.26
C VAL K 247 -17.94 -22.65 50.52
N VAL K 248 -18.54 -23.45 49.65
CA VAL K 248 -19.94 -23.87 49.79
C VAL K 248 -19.94 -25.35 50.16
N PHE K 249 -20.60 -25.67 51.27
CA PHE K 249 -20.60 -27.02 51.82
C PHE K 249 -21.93 -27.71 51.51
N CYS K 250 -21.84 -28.96 51.03
CA CYS K 250 -23.01 -29.79 50.79
C CYS K 250 -22.87 -31.10 51.54
N ASN K 251 -24.00 -31.78 51.76
CA ASN K 251 -24.03 -33.02 52.51
C ASN K 251 -23.87 -34.26 51.63
N THR K 252 -23.95 -34.13 50.31
CA THR K 252 -23.80 -35.26 49.40
C THR K 252 -22.86 -34.89 48.27
N LYS K 253 -22.12 -35.88 47.76
CA LYS K 253 -21.20 -35.65 46.65
C LYS K 253 -21.93 -35.28 45.37
N LYS K 254 -23.15 -35.80 45.18
CA LYS K 254 -23.90 -35.54 43.97
C LYS K 254 -24.33 -34.08 43.90
N ASP K 255 -24.93 -33.58 44.99
CA ASP K 255 -25.27 -32.16 45.07
C ASP K 255 -24.05 -31.27 44.94
N CYS K 256 -22.89 -31.73 45.44
CA CYS K 256 -21.67 -30.95 45.35
C CYS K 256 -21.36 -30.60 43.90
N GLN K 257 -21.35 -31.60 43.02
CA GLN K 257 -21.09 -31.33 41.61
C GLN K 257 -22.27 -30.60 40.96
N ALA K 258 -23.50 -30.91 41.38
CA ALA K 258 -24.67 -30.23 40.83
C ALA K 258 -24.63 -28.75 41.15
N VAL K 259 -24.31 -28.40 42.40
CA VAL K 259 -24.19 -27.00 42.79
C VAL K 259 -23.03 -26.35 42.04
N CYS K 260 -21.92 -27.08 41.90
CA CYS K 260 -20.77 -26.57 41.16
C CYS K 260 -21.13 -26.23 39.72
N ASP K 261 -21.88 -27.11 39.05
CA ASP K 261 -22.24 -26.86 37.67
C ASP K 261 -23.23 -25.70 37.54
N ALA K 262 -24.15 -25.56 38.50
CA ALA K 262 -25.09 -24.46 38.45
C ALA K 262 -24.39 -23.11 38.60
N LEU K 263 -23.35 -23.06 39.45
CA LEU K 263 -22.60 -21.82 39.61
C LEU K 263 -21.83 -21.48 38.33
N ASN K 264 -21.30 -22.51 37.66
CA ASN K 264 -20.51 -22.25 36.45
C ASN K 264 -21.36 -21.83 35.26
N GLU K 265 -22.63 -22.24 35.23
CA GLU K 265 -23.49 -21.86 34.10
C GLU K 265 -23.86 -20.39 34.14
N VAL K 266 -23.93 -19.79 35.34
CA VAL K 266 -24.18 -18.36 35.46
C VAL K 266 -22.88 -17.58 35.58
N GLY K 267 -21.74 -18.23 35.40
CA GLY K 267 -20.47 -17.55 35.38
C GLY K 267 -19.84 -17.29 36.72
N GLN K 268 -20.28 -17.98 37.77
CA GLN K 268 -19.72 -17.83 39.11
C GLN K 268 -18.68 -18.93 39.27
N SER K 269 -17.42 -18.58 39.01
CA SER K 269 -16.33 -19.54 38.91
C SER K 269 -16.25 -20.48 40.11
N ALA K 270 -16.60 -21.74 39.88
CA ALA K 270 -16.68 -22.72 40.95
C ALA K 270 -16.00 -24.00 40.50
N LEU K 271 -15.33 -24.65 41.45
CA LEU K 271 -14.78 -25.98 41.26
C LEU K 271 -15.39 -26.91 42.28
N SER K 272 -15.22 -28.20 42.07
CA SER K 272 -15.78 -29.20 42.97
C SER K 272 -14.65 -30.00 43.60
N LEU K 273 -14.89 -30.43 44.84
CA LEU K 273 -13.89 -31.19 45.60
C LEU K 273 -14.64 -32.23 46.43
N HIS K 274 -14.53 -33.50 46.05
CA HIS K 274 -15.14 -34.54 46.87
C HIS K 274 -14.48 -35.88 46.56
N ASP K 276 -15.19 -38.75 44.75
CA ASP K 276 -15.23 -39.53 43.52
C ASP K 276 -14.41 -38.85 42.44
N LEU K 277 -13.85 -37.69 42.77
CA LEU K 277 -12.91 -37.07 41.85
C LEU K 277 -11.57 -37.76 41.92
N GLU K 278 -10.89 -37.77 40.79
CA GLU K 278 -9.53 -38.28 40.74
C GLU K 278 -8.60 -37.41 41.57
N GLN K 279 -7.64 -38.07 42.21
CA GLN K 279 -6.80 -37.38 43.19
C GLN K 279 -6.02 -36.23 42.55
N ARG K 280 -5.58 -36.42 41.30
CA ARG K 280 -4.90 -35.33 40.60
C ARG K 280 -5.79 -34.11 40.50
N ASP K 281 -7.07 -34.33 40.21
CA ASP K 281 -8.02 -33.23 40.12
C ASP K 281 -8.33 -32.64 41.49
N ARG K 282 -8.46 -33.50 42.51
CA ARG K 282 -8.68 -32.99 43.86
C ARG K 282 -7.52 -32.11 44.31
N ASP K 283 -6.29 -32.58 44.12
CA ASP K 283 -5.13 -31.80 44.54
C ASP K 283 -5.00 -30.52 43.75
N GLN K 284 -5.20 -30.59 42.43
CA GLN K 284 -5.07 -29.41 41.59
C GLN K 284 -6.20 -28.41 41.86
N THR K 285 -7.38 -28.91 42.22
CA THR K 285 -8.50 -28.02 42.56
C THR K 285 -8.18 -27.18 43.79
N LEU K 286 -7.59 -27.80 44.82
CA LEU K 286 -7.26 -27.06 46.04
C LEU K 286 -6.19 -25.99 45.77
N VAL K 287 -5.19 -26.33 44.96
CA VAL K 287 -4.19 -25.33 44.58
C VAL K 287 -4.84 -24.15 43.89
N ARG K 288 -5.70 -24.44 42.90
CA ARG K 288 -6.30 -23.37 42.11
C ARG K 288 -7.23 -22.50 42.95
N PHE K 289 -7.93 -23.08 43.92
CA PHE K 289 -8.79 -22.29 44.79
C PHE K 289 -7.96 -21.42 45.73
N ALA K 290 -6.91 -22.01 46.34
CA ALA K 290 -6.13 -21.28 47.33
C ALA K 290 -5.35 -20.11 46.72
N ASN K 291 -4.87 -20.26 45.49
CA ASN K 291 -4.06 -19.22 44.88
C ASN K 291 -4.86 -18.27 43.99
N GLY K 292 -6.18 -18.41 43.94
CA GLY K 292 -7.02 -17.49 43.21
C GLY K 292 -7.41 -17.87 41.80
N SER K 293 -7.20 -19.12 41.39
CA SER K 293 -7.63 -19.54 40.06
C SER K 293 -9.09 -19.95 40.02
N ALA K 294 -9.80 -19.87 41.15
CA ALA K 294 -11.24 -20.04 41.22
C ALA K 294 -11.74 -19.27 42.42
N ARG K 295 -12.96 -18.73 42.31
CA ARG K 295 -13.52 -17.90 43.38
C ARG K 295 -14.27 -18.72 44.43
N VAL K 296 -15.02 -19.73 44.02
CA VAL K 296 -15.85 -20.50 44.93
C VAL K 296 -15.44 -21.97 44.83
N LEU K 297 -15.32 -22.62 45.99
CA LEU K 297 -15.09 -24.06 46.08
C LEU K 297 -16.32 -24.72 46.69
N VAL K 298 -16.94 -25.63 45.96
CA VAL K 298 -18.05 -26.42 46.46
C VAL K 298 -17.49 -27.78 46.84
N ALA K 299 -17.66 -28.15 48.11
CA ALA K 299 -17.00 -29.32 48.65
C ALA K 299 -17.93 -30.08 49.57
N THR K 300 -17.63 -31.36 49.74
CA THR K 300 -18.19 -32.17 50.81
C THR K 300 -17.37 -31.93 52.08
N ASP K 301 -17.64 -32.72 53.12
CA ASP K 301 -16.92 -32.57 54.37
C ASP K 301 -15.47 -33.04 54.27
N VAL K 302 -15.02 -33.44 53.08
CA VAL K 302 -13.61 -33.66 52.83
C VAL K 302 -12.80 -32.39 53.02
N ALA K 303 -13.46 -31.23 52.94
CA ALA K 303 -12.82 -29.94 53.16
C ALA K 303 -13.31 -29.27 54.46
N ALA K 304 -14.03 -30.00 55.30
CA ALA K 304 -14.60 -29.41 56.50
C ALA K 304 -13.55 -29.13 57.55
N ARG K 305 -12.49 -29.94 57.61
CA ARG K 305 -11.54 -29.92 58.72
C ARG K 305 -10.15 -29.53 58.26
N GLY K 306 -9.52 -28.65 59.04
CA GLY K 306 -8.08 -28.46 58.98
C GLY K 306 -7.55 -27.68 57.81
N LEU K 307 -8.27 -27.63 56.69
CA LEU K 307 -7.75 -26.89 55.54
C LEU K 307 -7.56 -25.43 55.92
N ASP K 308 -6.37 -24.92 55.65
CA ASP K 308 -5.99 -23.57 56.06
C ASP K 308 -5.83 -22.74 54.80
N ILE K 309 -6.95 -22.19 54.33
CA ILE K 309 -6.95 -21.32 53.17
C ILE K 309 -6.79 -19.89 53.68
N LYS K 310 -5.74 -19.21 53.20
CA LYS K 310 -5.42 -17.88 53.73
C LYS K 310 -6.48 -16.87 53.31
N SER K 311 -7.02 -16.17 54.31
CA SER K 311 -7.96 -15.07 54.10
C SER K 311 -9.21 -15.54 53.37
N LEU K 312 -9.66 -16.76 53.65
CA LEU K 312 -10.95 -17.20 53.13
C LEU K 312 -12.03 -16.29 53.68
N GLU K 313 -12.76 -15.64 52.77
CA GLU K 313 -13.66 -14.56 53.18
C GLU K 313 -15.05 -15.04 53.56
N LEU K 314 -15.55 -16.12 52.95
CA LEU K 314 -16.95 -16.49 53.14
C LEU K 314 -17.12 -17.99 53.13
N VAL K 315 -17.94 -18.49 54.06
CA VAL K 315 -18.38 -19.89 54.08
C VAL K 315 -19.90 -19.92 53.92
N VAL K 316 -20.38 -20.81 53.06
CA VAL K 316 -21.82 -21.00 52.84
C VAL K 316 -22.15 -22.45 53.14
N ASN K 317 -23.15 -22.67 54.00
CA ASN K 317 -23.71 -23.99 54.22
C ASN K 317 -24.92 -24.12 53.30
N PHE K 318 -24.72 -24.73 52.13
CA PHE K 318 -25.83 -25.03 51.24
C PHE K 318 -26.87 -25.89 51.96
N GLU K 319 -26.40 -26.88 52.70
CA GLU K 319 -27.21 -27.68 53.60
C GLU K 319 -26.46 -27.82 54.91
N LEU K 320 -27.18 -27.72 56.03
CA LEU K 320 -26.54 -27.88 57.33
C LEU K 320 -25.99 -29.29 57.48
N ALA K 321 -24.82 -29.39 58.09
CA ALA K 321 -24.19 -30.69 58.28
C ALA K 321 -25.04 -31.55 59.21
N TRP K 322 -24.89 -32.88 59.07
CA TRP K 322 -25.65 -33.79 59.92
C TRP K 322 -25.30 -33.59 61.38
N ASP K 323 -24.03 -33.40 61.68
CA ASP K 323 -23.58 -33.23 63.05
C ASP K 323 -23.20 -31.80 63.33
N PRO K 324 -23.56 -31.27 64.50
CA PRO K 324 -23.19 -29.89 64.84
C PRO K 324 -21.69 -29.69 64.97
N GLU K 325 -20.95 -30.72 65.36
CA GLU K 325 -19.50 -30.61 65.44
C GLU K 325 -18.91 -30.24 64.10
N VAL K 326 -19.45 -30.81 63.02
CA VAL K 326 -18.96 -30.53 61.68
C VAL K 326 -19.27 -29.10 61.29
N HIS K 327 -20.42 -28.58 61.73
CA HIS K 327 -20.75 -27.18 61.48
C HIS K 327 -19.68 -26.24 62.04
N VAL K 328 -19.15 -26.57 63.22
CA VAL K 328 -18.08 -25.77 63.79
C VAL K 328 -16.83 -25.83 62.91
N HIS K 329 -16.51 -27.02 62.40
CA HIS K 329 -15.34 -27.13 61.53
C HIS K 329 -15.56 -26.46 60.19
N ARG K 330 -16.78 -26.56 59.65
CA ARG K 330 -17.06 -25.93 58.36
C ARG K 330 -16.88 -24.42 58.43
N ILE K 331 -17.59 -23.76 59.34
CA ILE K 331 -17.45 -22.31 59.46
C ILE K 331 -16.06 -21.94 59.93
N GLY K 332 -15.32 -22.86 60.54
CA GLY K 332 -13.94 -22.63 60.92
C GLY K 332 -12.99 -22.46 59.76
N ARG K 333 -13.44 -22.72 58.52
CA ARG K 333 -12.60 -22.46 57.37
C ARG K 333 -12.34 -20.97 57.18
N THR K 334 -13.21 -20.12 57.69
CA THR K 334 -12.99 -18.69 57.74
C THR K 334 -12.61 -18.26 59.15
N ALA K 335 -12.21 -16.99 59.27
CA ALA K 335 -11.79 -16.39 60.54
C ALA K 335 -10.69 -17.22 61.20
N ARG K 336 -9.58 -17.36 60.47
CA ARG K 336 -8.44 -18.12 60.95
C ARG K 336 -7.29 -17.17 61.29
N ALA K 337 -6.48 -17.58 62.27
CA ALA K 337 -5.25 -16.89 62.64
C ALA K 337 -5.49 -15.40 62.91
N GLY K 338 -6.64 -15.09 63.54
CA GLY K 338 -6.94 -13.75 63.94
C GLY K 338 -7.83 -12.97 62.99
N ASN K 339 -8.12 -13.51 61.81
CA ASN K 339 -8.99 -12.82 60.87
C ASN K 339 -10.45 -12.97 61.30
N SER K 340 -11.31 -12.18 60.67
CA SER K 340 -12.75 -12.33 60.82
C SER K 340 -13.31 -13.08 59.61
N GLY K 341 -14.59 -13.43 59.69
CA GLY K 341 -15.21 -14.12 58.59
C GLY K 341 -16.70 -14.15 58.72
N LEU K 342 -17.36 -14.50 57.62
CA LEU K 342 -18.80 -14.55 57.53
C LEU K 342 -19.22 -15.96 57.14
N ALA K 343 -20.23 -16.48 57.83
CA ALA K 343 -20.74 -17.83 57.56
C ALA K 343 -22.25 -17.72 57.37
N ILE K 344 -22.70 -17.95 56.14
CA ILE K 344 -24.12 -17.97 55.80
C ILE K 344 -24.57 -19.42 55.75
N SER K 345 -25.74 -19.69 56.30
CA SER K 345 -26.27 -21.05 56.33
C SER K 345 -27.68 -21.05 55.77
N PHE K 346 -27.96 -22.01 54.89
CA PHE K 346 -29.31 -22.20 54.39
C PHE K 346 -30.02 -23.19 55.28
N CYS K 347 -31.31 -22.93 55.53
CA CYS K 347 -32.09 -23.76 56.43
C CYS K 347 -33.43 -24.02 55.76
N ALA K 348 -33.62 -25.21 55.27
CA ALA K 348 -34.93 -25.65 54.83
C ALA K 348 -35.71 -26.19 56.01
N PRO K 349 -37.03 -26.30 55.89
CA PRO K 349 -37.82 -26.77 57.04
C PRO K 349 -37.37 -28.10 57.62
N GLU K 350 -36.81 -28.99 56.78
CA GLU K 350 -36.30 -30.26 57.29
C GLU K 350 -35.06 -30.08 58.14
N GLU K 351 -34.36 -28.97 57.99
CA GLU K 351 -33.11 -28.71 58.68
C GLU K 351 -33.29 -27.82 59.89
N ALA K 352 -34.54 -27.52 60.26
CA ALA K 352 -34.80 -26.70 61.44
C ALA K 352 -34.25 -27.36 62.69
N GLN K 353 -34.31 -28.70 62.77
CA GLN K 353 -33.81 -29.41 63.93
C GLN K 353 -32.30 -29.28 64.07
N ARG K 354 -31.55 -29.38 62.96
CA ARG K 354 -30.11 -29.16 63.03
C ARG K 354 -29.76 -27.71 63.34
N ALA K 355 -30.58 -26.75 62.89
CA ALA K 355 -30.33 -25.35 63.23
C ALA K 355 -30.51 -25.12 64.72
N ASN K 356 -31.49 -25.78 65.33
CA ASN K 356 -31.71 -25.63 66.77
C ASN K 356 -30.57 -26.27 67.58
N ILE K 357 -30.08 -27.43 67.15
CA ILE K 357 -28.97 -28.07 67.85
C ILE K 357 -27.75 -27.15 67.85
N ILE K 358 -27.49 -26.49 66.72
CA ILE K 358 -26.40 -25.53 66.65
C ILE K 358 -26.66 -24.36 67.58
N SER K 359 -27.91 -23.90 67.65
CA SER K 359 -28.26 -22.81 68.56
C SER K 359 -27.94 -23.18 70.00
N ASP K 360 -28.31 -24.40 70.39
CA ASP K 360 -28.03 -24.86 71.75
C ASP K 360 -26.52 -24.99 71.97
N MET K 361 -25.84 -25.73 71.08
CA MET K 361 -24.42 -26.01 71.27
C MET K 361 -23.58 -24.74 71.34
N LEU K 362 -23.87 -23.79 70.45
CA LEU K 362 -23.11 -22.55 70.42
C LEU K 362 -23.68 -21.48 71.33
N GLN K 363 -24.83 -21.73 71.95
CA GLN K 363 -25.48 -20.78 72.86
C GLN K 363 -25.55 -19.39 72.22
N ILE K 364 -25.98 -19.35 70.96
CA ILE K 364 -26.09 -18.12 70.20
C ILE K 364 -27.52 -18.01 69.67
N LYS K 365 -27.93 -16.78 69.41
CA LYS K 365 -29.23 -16.52 68.79
C LYS K 365 -29.03 -16.56 67.28
N LEU K 366 -29.82 -17.36 66.58
CA LEU K 366 -29.59 -17.48 65.14
C LEU K 366 -30.09 -16.22 64.47
N ASN K 367 -29.24 -15.60 63.64
CA ASN K 367 -29.53 -14.33 62.99
C ASN K 367 -30.17 -14.63 61.64
N TRP K 368 -31.49 -14.69 61.63
CA TRP K 368 -32.22 -14.97 60.40
C TRP K 368 -32.24 -13.75 59.52
N GLN K 369 -31.85 -13.92 58.25
CA GLN K 369 -31.78 -12.82 57.30
C GLN K 369 -32.92 -12.94 56.29
N THR K 370 -33.43 -11.80 55.88
CA THR K 370 -34.37 -11.82 54.77
C THR K 370 -33.61 -11.63 53.45
N PRO K 371 -33.95 -12.40 52.40
CA PRO K 371 -33.18 -12.40 51.16
C PRO K 371 -33.22 -11.05 50.42
N SER K 375 -32.17 -7.80 41.20
CA SER K 375 -30.75 -7.89 40.88
C SER K 375 -30.46 -9.07 39.98
N SER K 376 -29.67 -8.87 38.94
CA SER K 376 -29.35 -9.96 38.04
C SER K 376 -28.22 -10.78 38.63
N ILE K 377 -28.18 -12.07 38.33
CA ILE K 377 -27.13 -12.95 38.90
C ILE K 377 -25.79 -12.65 38.22
N ALA K 378 -25.05 -11.65 38.71
CA ALA K 378 -23.71 -11.30 38.16
C ALA K 378 -22.75 -12.50 38.23
N THR K 379 -21.67 -12.44 37.45
CA THR K 379 -20.72 -13.58 37.40
C THR K 379 -19.60 -13.35 38.40
N LEU K 380 -18.80 -14.40 38.65
CA LEU K 380 -17.71 -14.28 39.64
C LEU K 380 -16.41 -14.80 39.00
N GLU K 381 -15.71 -13.96 38.26
CA GLU K 381 -14.51 -14.40 37.56
C GLU K 381 -13.34 -14.41 38.53
N ALA K 382 -12.47 -15.40 38.38
CA ALA K 382 -11.25 -15.54 39.18
C ALA K 382 -10.22 -14.49 38.77
N GLU K 383 -9.41 -14.06 39.73
CA GLU K 383 -8.39 -13.06 39.40
C GLU K 383 -7.11 -13.68 38.85
N MET K 384 -6.85 -14.95 39.12
CA MET K 384 -5.58 -15.60 38.78
C MET K 384 -5.80 -16.80 37.87
N ALA K 385 -4.68 -17.31 37.35
CA ALA K 385 -4.64 -18.58 36.64
C ALA K 385 -3.40 -19.34 37.09
N THR K 386 -3.43 -20.66 36.96
CA THR K 386 -2.34 -21.50 37.52
C THR K 386 -1.58 -22.28 36.44
N LEU K 387 -0.27 -22.09 36.41
CA LEU K 387 0.59 -22.83 35.46
C LEU K 387 1.17 -24.05 36.16
N CYS K 388 1.03 -25.23 35.57
CA CYS K 388 1.59 -26.47 36.13
C CYS K 388 2.93 -26.76 35.45
N ILE K 389 4.03 -26.41 36.09
CA ILE K 389 5.38 -26.61 35.58
C ILE K 389 5.82 -28.01 36.01
N ASP K 390 6.47 -28.72 35.10
CA ASP K 390 6.90 -30.08 35.40
C ASP K 390 8.29 -30.11 36.04
N GLY K 391 8.45 -30.98 37.02
CA GLY K 391 9.70 -31.13 37.73
C GLY K 391 9.47 -31.22 39.23
N GLY K 392 9.22 -30.08 39.86
CA GLY K 392 8.93 -30.11 41.27
C GLY K 392 10.17 -30.42 42.10
N LYS K 393 9.94 -31.11 43.22
CA LYS K 393 11.06 -31.48 44.09
C LYS K 393 11.97 -32.51 43.41
N LYS K 394 11.41 -33.31 42.50
CA LYS K 394 12.23 -34.23 41.72
C LYS K 394 13.28 -33.51 40.90
N ALA K 395 12.95 -32.32 40.37
CA ALA K 395 13.86 -31.55 39.55
C ALA K 395 14.61 -30.48 40.35
N LYS K 396 14.59 -30.55 41.68
CA LYS K 396 15.26 -29.57 42.53
C LYS K 396 14.84 -28.15 42.22
N MET K 397 13.58 -27.98 41.84
CA MET K 397 13.06 -26.61 41.56
C MET K 397 12.46 -26.01 42.82
N ARG K 398 13.10 -24.98 43.38
CA ARG K 398 12.60 -24.28 44.55
C ARG K 398 11.96 -22.96 44.12
N PRO K 399 11.12 -22.35 44.97
CA PRO K 399 10.42 -21.13 44.56
C PRO K 399 11.30 -20.04 44.00
N GLY K 400 12.54 -19.90 44.49
CA GLY K 400 13.43 -18.89 43.94
C GLY K 400 13.74 -19.09 42.46
N ASP K 401 13.81 -20.35 42.06
CA ASP K 401 14.11 -20.64 40.64
C ASP K 401 12.95 -20.12 39.81
N VAL K 402 11.74 -20.44 40.23
CA VAL K 402 10.53 -20.03 39.46
C VAL K 402 10.47 -18.51 39.41
N LEU K 403 10.46 -17.83 40.56
CA LEU K 403 10.28 -16.36 40.49
C LEU K 403 11.39 -15.81 39.60
N GLY K 404 12.62 -16.29 39.76
CA GLY K 404 13.70 -15.69 39.01
C GLY K 404 13.51 -15.80 37.51
N ALA K 405 13.05 -16.97 37.04
CA ALA K 405 12.83 -17.13 35.61
C ALA K 405 11.71 -16.23 35.12
N LEU K 406 10.60 -16.17 35.86
CA LEU K 406 9.43 -15.43 35.39
C LEU K 406 9.70 -13.94 35.26
N THR K 407 10.51 -13.37 36.16
CA THR K 407 10.75 -11.94 36.14
C THR K 407 11.86 -11.53 35.18
N GLY K 408 12.80 -12.42 34.89
CA GLY K 408 13.99 -12.13 34.11
C GLY K 408 13.80 -12.55 32.67
N ASP K 409 14.14 -13.81 32.36
CA ASP K 409 14.08 -14.33 31.00
C ASP K 409 12.70 -14.17 30.42
N ILE K 410 11.68 -14.58 31.18
CA ILE K 410 10.30 -14.52 30.74
C ILE K 410 9.72 -13.11 30.84
N GLY K 411 10.25 -12.26 31.72
CA GLY K 411 9.97 -10.83 31.67
C GLY K 411 8.57 -10.51 32.15
N LEU K 412 8.21 -10.99 33.32
CA LEU K 412 6.93 -10.69 33.91
C LEU K 412 7.15 -9.78 35.11
N ASP K 413 6.17 -8.92 35.39
CA ASP K 413 6.30 -8.07 36.57
C ASP K 413 6.12 -8.96 37.80
N GLY K 414 6.97 -8.76 38.80
CA GLY K 414 6.97 -9.64 39.97
C GLY K 414 5.68 -9.64 40.77
N ALA K 415 4.87 -8.60 40.66
CA ALA K 415 3.59 -8.54 41.37
C ALA K 415 2.48 -9.28 40.64
N ASP K 416 2.76 -9.82 39.46
CA ASP K 416 1.76 -10.61 38.74
C ASP K 416 1.85 -12.09 39.06
N ILE K 417 2.73 -12.48 39.98
CA ILE K 417 2.92 -13.87 40.38
C ILE K 417 2.41 -14.02 41.80
N GLY K 418 1.49 -14.95 42.01
CA GLY K 418 0.96 -15.21 43.34
C GLY K 418 1.63 -16.38 44.01
N LYS K 419 0.82 -17.28 44.58
CA LYS K 419 1.36 -18.41 45.31
C LYS K 419 2.17 -19.32 44.39
N ILE K 420 3.32 -19.76 44.88
CA ILE K 420 4.11 -20.80 44.23
C ILE K 420 4.11 -22.00 45.16
N ALA K 421 3.65 -23.14 44.66
CA ALA K 421 3.57 -24.36 45.44
C ALA K 421 4.46 -25.38 44.77
N VAL K 422 5.54 -25.76 45.43
CA VAL K 422 6.46 -26.78 44.91
C VAL K 422 5.97 -28.12 45.42
N HIS K 423 5.44 -28.93 44.52
CA HIS K 423 5.03 -30.30 44.79
C HIS K 423 6.11 -31.25 44.30
N PRO K 424 6.02 -32.54 44.62
CA PRO K 424 7.12 -33.46 44.24
C PRO K 424 7.37 -33.59 42.75
N ALA K 425 6.32 -33.56 41.92
CA ALA K 425 6.48 -33.74 40.48
C ALA K 425 6.03 -32.55 39.67
N HIS K 426 5.47 -31.52 40.30
CA HIS K 426 5.01 -30.34 39.60
C HIS K 426 5.28 -29.12 40.47
N VAL K 427 5.29 -27.96 39.84
CA VAL K 427 5.31 -26.68 40.55
C VAL K 427 4.14 -25.88 40.04
N TYR K 428 3.28 -25.44 40.94
CA TYR K 428 2.11 -24.66 40.58
C TYR K 428 2.37 -23.20 40.91
N VAL K 429 2.08 -22.32 39.95
CA VAL K 429 2.32 -20.89 40.07
C VAL K 429 1.01 -20.16 39.81
N ALA K 430 0.75 -19.13 40.60
CA ALA K 430 -0.40 -18.26 40.41
C ALA K 430 0.05 -17.03 39.64
N VAL K 431 -0.63 -16.74 38.53
CA VAL K 431 -0.35 -15.57 37.71
C VAL K 431 -1.68 -14.86 37.45
N ARG K 432 -1.63 -13.53 37.37
CA ARG K 432 -2.82 -12.77 37.01
C ARG K 432 -3.34 -13.21 35.66
N GLN K 433 -4.67 -13.22 35.52
CA GLN K 433 -5.32 -13.75 34.34
C GLN K 433 -4.85 -13.06 33.06
N ALA K 434 -4.58 -11.76 33.13
CA ALA K 434 -4.19 -11.04 31.94
C ALA K 434 -2.87 -11.53 31.38
N VAL K 435 -2.01 -12.09 32.23
CA VAL K 435 -0.65 -12.47 31.83
C VAL K 435 -0.50 -13.98 31.65
N ALA K 436 -1.56 -14.76 31.83
CA ALA K 436 -1.43 -16.22 31.84
C ALA K 436 -0.97 -16.74 30.48
N HIS K 437 -1.60 -16.29 29.38
CA HIS K 437 -1.18 -16.72 28.06
C HIS K 437 0.23 -16.28 27.74
N LYS K 438 0.59 -15.05 28.10
CA LYS K 438 1.96 -14.60 27.89
C LYS K 438 2.94 -15.50 28.63
N ALA K 439 2.62 -15.87 29.88
CA ALA K 439 3.47 -16.79 30.61
C ALA K 439 3.52 -18.17 29.95
N TRP K 440 2.35 -18.71 29.59
CA TRP K 440 2.29 -20.05 29.00
C TRP K 440 3.06 -20.10 27.68
N LYS K 441 2.82 -19.13 26.78
CA LYS K 441 3.47 -19.14 25.48
C LYS K 441 4.98 -19.00 25.58
N GLN K 442 5.45 -18.06 26.41
CA GLN K 442 6.89 -17.81 26.49
C GLN K 442 7.63 -18.93 27.21
N LEU K 443 6.95 -19.60 28.14
CA LEU K 443 7.56 -20.74 28.82
C LEU K 443 7.62 -21.98 27.94
N GLN K 444 6.82 -22.01 26.86
CA GLN K 444 6.85 -23.14 25.94
C GLN K 444 8.26 -23.33 25.39
N GLY K 445 8.89 -22.24 24.97
CA GLY K 445 10.26 -22.22 24.48
C GLY K 445 11.30 -21.65 25.42
N GLY K 446 10.98 -21.41 26.69
CA GLY K 446 11.92 -20.83 27.62
C GLY K 446 12.67 -21.87 28.44
N LYS K 447 13.36 -21.38 29.48
CA LYS K 447 14.17 -22.25 30.32
C LYS K 447 14.01 -21.87 31.78
N ILE K 448 13.89 -22.89 32.64
CA ILE K 448 13.94 -22.72 34.08
C ILE K 448 15.14 -23.51 34.59
N LYS K 449 15.98 -22.84 35.39
CA LYS K 449 17.20 -23.45 35.92
C LYS K 449 18.13 -23.92 34.81
N GLY K 450 18.14 -23.20 33.69
CA GLY K 450 19.00 -23.55 32.57
C GLY K 450 18.42 -24.62 31.66
N LYS K 451 17.63 -25.52 32.21
CA LYS K 451 17.08 -26.62 31.44
C LYS K 451 15.69 -26.25 30.94
N THR K 452 15.28 -26.89 29.86
CA THR K 452 13.96 -26.64 29.29
C THR K 452 12.88 -27.31 30.13
N CYS K 453 11.69 -26.74 30.08
CA CYS K 453 10.56 -27.19 30.88
C CYS K 453 9.38 -27.53 29.99
N ARG K 454 8.46 -28.32 30.55
CA ARG K 454 7.17 -28.61 29.89
C ARG K 454 6.17 -27.94 30.81
N VAL K 455 5.36 -27.03 30.30
CA VAL K 455 4.44 -26.21 31.08
C VAL K 455 3.03 -26.38 30.55
N ARG K 456 2.08 -26.52 31.47
CA ARG K 456 0.66 -26.60 31.21
C ARG K 456 -0.07 -25.44 31.87
N LEU K 457 -1.18 -25.02 31.27
CA LEU K 457 -2.08 -24.05 31.86
C LEU K 457 -3.39 -24.78 32.15
N LEU K 458 -3.77 -24.84 33.42
CA LEU K 458 -4.91 -25.67 33.83
C LEU K 458 -6.25 -25.04 33.47
#